data_7ECV
#
_entry.id   7ECV
#
_cell.length_a   1.00
_cell.length_b   1.00
_cell.length_c   1.00
_cell.angle_alpha   90.00
_cell.angle_beta   90.00
_cell.angle_gamma   90.00
#
_symmetry.space_group_name_H-M   'P 1'
#
loop_
_entity.id
_entity.type
_entity.pdbx_description
1 polymer 'Type I-F CRISPR-associated endoribonuclease Cas6/Csy4'
2 polymer 'Type I-F CRISPR-associated protein Csy1'
3 polymer 'CRISPR type I-F/YPEST-associated protein Csy2'
4 polymer 'CRISPR-associated protein Csy3'
5 polymer AcrIF14
6 polymer 'RNA (60-MER)'
#
loop_
_entity_poly.entity_id
_entity_poly.type
_entity_poly.pdbx_seq_one_letter_code
_entity_poly.pdbx_strand_id
1 'polypeptide(L)'
;MDHYLDIRLRPDPEFPPAQLMSVLFGKLHQALVAQGGDRIGVSFPDLDESRSRLGERLRIHASADDLRALLARPWLEGLR
DHLQFGEPAVVPHPTPYRQVSRVQAKSNPERLRRRLMRRHDLSEEEARKRIPDTVARALDLPFVTLRSQSTGQHFRLFIR
HGPLQATAEEGGFTCYGLSKGGFVPWF
;
L
2 'polypeptide(L)'
;MTSPLPTPTWQELRQFIESFIQERLQGKLDKLHPDEDDKRQTLLATHRREAWLADAARRVGQLQLVTHTLKPIHPDARGS
NLHSLPQAPGQPGLAGSHELGDRLVSDVVGNAAALDVFKFLSLQYQGKNLLNWLTEDSAEAVQALSDNAEQAREWRQAFI
GITAVKGAPASHSLAKQLYFPLPGSGYHLLAPLFPTSLVHHVHALLREARFGDAAKAAREARSRQESWPHGFSEYPNLAI
QKFGGTKPQNISQLNSERYGENWLLPSLPPHWQRQDQRAPIRHSSVFEHDFGRSPEVSRLTRTLQRLLAKTRHNNFTIRR
YRAQLVGQICDEALQYAARLRELEPGWSATPGCQLHDAEQLWLDPLRAQTDETFLQRRLRGDWPAEVGNRFANWLNRAVS
SDSQILGSPEAAQWSQELSKELTMFKEILEDERD
;
A
3 'polypeptide(L)'
;MSVTDPEALLLLPRLSIQNANAISSPLTWGFPSPGAFTGFVHALQRRVGISLDIELDGVGIVCHRFEAQISQPAGKRTKV
FNLTRNPLNRDGSTAAIVEEGRAHLEVSLLLGVHGDGLDDHPAQEIARQVQEQAGAMRLAGGSILPWCNERFPAPNAELL
MLGGSDEQRRKNQRRLTRRLLPGFALVSREALLQQHLETLRTTLPEATTLDALLDLCRINFEPPATSSEEEASPPDAAWQ
VRDKPGWLVPIPAGYNALSPLYLPGEVRNARDRETPLRFVENLFGLGEWLSPHRVAALSDLLWYHHAEPDKGLYRWSTPR
FVEHAIA
;
B
4 'polypeptide(L)'
;MSKPILSTASVLAFERKLDPSDALMSAGAWAQRDASQEWPAVTVREKSVRGTISNRLKTKDRDPAKLDASIQSPNLQTVD
VANLPSDADTLKVRFTLRVLGGAGTPSACNDAAYRDKLLQTVATYVNEQGFAELARRYAHNLANARFLWRNRVGAEAVEV
RINHIRQGEVARTWRFDALAIGLRDFKADAELDALAELIASGLSGSGHVLLEVVAFARIGDGQEVFPSQELILDKGDKKG
QKSKTLYSVRDAAAIHSQKIGNALRTIDTWYPDEDGLGPIAVEPYGSVTSQGKAYRQPKQKLDFYTLLDNWVLRDEAPAV
EQQHYVIANLIRGGVFGEAEEK
;
C,D,E,F,G,H
5 'polypeptide(L)'
;MKKIEMIEISQNRQNLTAFLHISEIKAINAKLADGVDVDKKSFDEICSIVLEQYQAKQISNKQASEIFETLAKANKSFKI
EKFRCSHGYNEIYKYSPDHEAYLFYCKGGQGQLNKLIAENGRFM
;
I,J
6 'polyribonucleotide' CUAAGAAAUUCACGGCGGGCUUGAUGUCCGCGUCUACCUGGUUCACUGCCGUGUAGGCAG M
#
loop_
_chem_comp.id
_chem_comp.type
_chem_comp.name
_chem_comp.formula
A RNA linking ADENOSINE-5'-MONOPHOSPHATE 'C10 H14 N5 O7 P'
C RNA linking CYTIDINE-5'-MONOPHOSPHATE 'C9 H14 N3 O8 P'
G RNA linking GUANOSINE-5'-MONOPHOSPHATE 'C10 H14 N5 O8 P'
U RNA linking URIDINE-5'-MONOPHOSPHATE 'C9 H13 N2 O9 P'
#
# COMPACT_ATOMS: atom_id res chain seq x y z
N MET A 1 -45.55 39.92 -47.54
CA MET A 1 -46.22 40.94 -48.34
C MET A 1 -45.38 41.34 -49.55
N ASP A 2 -45.69 42.49 -50.13
CA ASP A 2 -45.08 42.92 -51.38
C ASP A 2 -43.80 43.72 -51.20
N HIS A 3 -43.59 44.34 -50.06
CA HIS A 3 -42.40 45.13 -49.81
C HIS A 3 -41.52 44.46 -48.75
N TYR A 4 -40.23 44.43 -49.04
CA TYR A 4 -39.25 43.79 -48.17
C TYR A 4 -38.10 44.74 -47.92
N LEU A 5 -37.50 44.60 -46.74
CA LEU A 5 -36.29 45.33 -46.38
C LEU A 5 -35.26 44.33 -45.89
N ASP A 6 -34.07 44.39 -46.47
CA ASP A 6 -32.96 43.54 -46.07
C ASP A 6 -32.08 44.33 -45.11
N ILE A 7 -31.99 43.87 -43.87
CA ILE A 7 -31.12 44.44 -42.87
C ILE A 7 -29.99 43.43 -42.68
N ARG A 8 -28.78 43.79 -43.11
CA ARG A 8 -27.65 42.88 -43.07
C ARG A 8 -26.84 43.13 -41.81
N LEU A 9 -26.50 42.04 -41.13
CA LEU A 9 -25.57 42.12 -40.01
C LEU A 9 -24.19 42.48 -40.53
N ARG A 10 -23.70 43.65 -40.15
CA ARG A 10 -22.28 43.89 -40.25
C ARG A 10 -21.58 42.97 -39.25
N PRO A 11 -20.52 42.28 -39.67
CA PRO A 11 -19.78 41.43 -38.72
C PRO A 11 -19.13 42.27 -37.64
N ASP A 12 -19.19 41.77 -36.42
CA ASP A 12 -18.80 42.57 -35.27
C ASP A 12 -17.59 41.93 -34.60
N PRO A 13 -16.54 42.70 -34.31
CA PRO A 13 -15.41 42.14 -33.56
C PRO A 13 -15.74 41.84 -32.11
N GLU A 14 -16.78 42.49 -31.56
CA GLU A 14 -17.18 42.28 -30.17
C GLU A 14 -18.18 41.14 -30.00
N PHE A 15 -19.02 40.87 -31.01
CA PHE A 15 -20.10 39.91 -30.83
C PHE A 15 -20.19 38.99 -32.05
N PRO A 16 -20.60 37.74 -31.85
CA PRO A 16 -20.89 36.85 -32.99
C PRO A 16 -22.14 37.31 -33.74
N PRO A 17 -22.38 36.79 -34.95
CA PRO A 17 -23.63 37.15 -35.65
C PRO A 17 -24.90 36.69 -34.95
N ALA A 18 -24.84 35.60 -34.18
CA ALA A 18 -26.03 35.14 -33.47
C ALA A 18 -26.45 36.11 -32.39
N GLN A 19 -25.47 36.80 -31.78
CA GLN A 19 -25.74 37.79 -30.74
C GLN A 19 -26.48 39.01 -31.28
N LEU A 20 -25.95 39.61 -32.35
CA LEU A 20 -26.60 40.76 -32.97
C LEU A 20 -27.91 40.37 -33.64
N MET A 21 -28.00 39.13 -34.13
CA MET A 21 -29.26 38.62 -34.68
C MET A 21 -30.34 38.55 -33.60
N SER A 22 -29.97 38.05 -32.42
CA SER A 22 -30.92 37.97 -31.31
C SER A 22 -31.31 39.34 -30.78
N VAL A 23 -30.35 40.28 -30.75
CA VAL A 23 -30.65 41.63 -30.28
C VAL A 23 -31.59 42.35 -31.24
N LEU A 24 -31.32 42.24 -32.56
CA LEU A 24 -32.20 42.85 -33.54
C LEU A 24 -33.55 42.16 -33.59
N PHE A 25 -33.59 40.86 -33.30
CA PHE A 25 -34.87 40.16 -33.28
C PHE A 25 -35.71 40.58 -32.09
N GLY A 26 -35.07 40.80 -30.94
CA GLY A 26 -35.78 41.31 -29.78
C GLY A 26 -36.28 42.74 -30.00
N LYS A 27 -35.46 43.58 -30.63
CA LYS A 27 -35.91 44.93 -30.97
C LYS A 27 -37.00 44.91 -32.04
N LEU A 28 -36.98 43.90 -32.92
CA LEU A 28 -38.04 43.72 -33.90
C LEU A 28 -39.35 43.32 -33.24
N HIS A 29 -39.30 42.44 -32.24
CA HIS A 29 -40.51 42.06 -31.51
C HIS A 29 -41.04 43.24 -30.68
N GLN A 30 -40.15 44.04 -30.11
CA GLN A 30 -40.58 45.24 -29.39
C GLN A 30 -41.20 46.26 -30.33
N ALA A 31 -40.65 46.42 -31.53
CA ALA A 31 -41.25 47.34 -32.50
C ALA A 31 -42.56 46.80 -33.04
N LEU A 32 -42.71 45.49 -33.15
CA LEU A 32 -43.97 44.92 -33.63
C LEU A 32 -45.06 44.96 -32.57
N VAL A 33 -44.71 44.84 -31.29
CA VAL A 33 -45.73 45.00 -30.24
C VAL A 33 -46.04 46.48 -30.02
N ALA A 34 -45.09 47.37 -30.30
CA ALA A 34 -45.40 48.79 -30.27
C ALA A 34 -46.18 49.22 -31.51
N GLN A 35 -46.09 48.44 -32.59
CA GLN A 35 -46.88 48.74 -33.78
C GLN A 35 -48.21 47.98 -33.80
N GLY A 36 -48.20 46.71 -33.42
CA GLY A 36 -49.37 45.89 -33.53
C GLY A 36 -49.52 45.27 -34.91
N GLY A 37 -50.70 44.73 -35.16
CA GLY A 37 -51.03 44.18 -36.45
C GLY A 37 -50.44 42.80 -36.67
N ASP A 38 -51.00 42.09 -37.64
CA ASP A 38 -50.61 40.72 -37.97
C ASP A 38 -50.09 40.57 -39.39
N ARG A 39 -49.60 41.67 -39.98
CA ARG A 39 -49.29 41.69 -41.40
C ARG A 39 -47.78 41.70 -41.69
N ILE A 40 -46.93 41.61 -40.68
CA ILE A 40 -45.49 41.79 -40.84
C ILE A 40 -44.81 40.46 -40.56
N GLY A 41 -44.06 39.94 -41.55
CA GLY A 41 -43.36 38.69 -41.39
C GLY A 41 -41.87 38.88 -41.60
N VAL A 42 -41.09 37.86 -41.24
CA VAL A 42 -39.64 37.91 -41.36
C VAL A 42 -39.19 36.69 -42.15
N SER A 43 -38.00 36.79 -42.76
CA SER A 43 -37.37 35.68 -43.47
C SER A 43 -35.86 35.82 -43.33
N PHE A 44 -35.18 34.69 -43.49
CA PHE A 44 -33.72 34.63 -43.35
C PHE A 44 -33.11 34.17 -44.67
N PRO A 45 -32.58 35.09 -45.48
CA PRO A 45 -32.12 34.71 -46.83
C PRO A 45 -30.87 33.85 -46.82
N ASP A 46 -30.02 33.99 -45.80
CA ASP A 46 -28.80 33.19 -45.68
C ASP A 46 -28.97 31.99 -44.75
N LEU A 47 -30.12 31.33 -44.81
CA LEU A 47 -30.32 30.10 -44.04
C LEU A 47 -29.39 28.99 -44.53
N ASP A 48 -28.84 28.25 -43.59
CA ASP A 48 -28.12 27.02 -43.85
C ASP A 48 -28.76 25.93 -43.01
N GLU A 49 -29.45 24.99 -43.66
CA GLU A 49 -30.06 23.89 -42.93
C GLU A 49 -29.03 22.87 -42.46
N SER A 50 -27.90 22.76 -43.16
CA SER A 50 -26.88 21.80 -42.78
C SER A 50 -26.14 22.23 -41.53
N ARG A 51 -25.72 23.50 -41.46
CA ARG A 51 -24.96 24.00 -40.33
C ARG A 51 -25.86 24.62 -39.25
N SER A 52 -27.18 24.66 -39.49
CA SER A 52 -28.19 25.19 -38.59
C SER A 52 -27.89 26.64 -38.21
N ARG A 53 -27.63 27.44 -39.24
CA ARG A 53 -27.19 28.82 -39.09
C ARG A 53 -28.18 29.76 -39.77
N LEU A 54 -28.41 30.91 -39.13
CA LEU A 54 -29.34 31.92 -39.62
C LEU A 54 -28.71 32.95 -40.53
N GLY A 55 -27.39 32.90 -40.71
CA GLY A 55 -26.76 33.85 -41.61
C GLY A 55 -26.69 35.25 -41.02
N GLU A 56 -26.51 36.22 -41.91
CA GLU A 56 -26.25 37.61 -41.52
C GLU A 56 -27.27 38.58 -42.09
N ARG A 57 -28.39 38.10 -42.63
CA ARG A 57 -29.40 38.96 -43.21
C ARG A 57 -30.76 38.70 -42.57
N LEU A 58 -31.52 39.77 -42.36
CA LEU A 58 -32.89 39.71 -41.85
C LEU A 58 -33.79 40.45 -42.81
N ARG A 59 -34.73 39.74 -43.44
CA ARG A 59 -35.54 40.30 -44.50
C ARG A 59 -36.97 40.45 -43.98
N ILE A 60 -37.39 41.67 -43.76
CA ILE A 60 -38.71 41.93 -43.21
C ILE A 60 -39.68 42.20 -44.35
N HIS A 61 -40.89 41.63 -44.26
CA HIS A 61 -41.95 41.77 -45.26
C HIS A 61 -43.13 42.48 -44.62
N ALA A 62 -43.56 43.58 -45.24
CA ALA A 62 -44.76 44.30 -44.88
C ALA A 62 -45.17 45.18 -46.05
N SER A 63 -46.07 46.13 -45.82
CA SER A 63 -46.33 47.15 -46.82
C SER A 63 -45.21 48.20 -46.78
N ALA A 64 -45.25 49.12 -47.74
CA ALA A 64 -44.22 50.16 -47.83
C ALA A 64 -44.30 51.12 -46.64
N ASP A 65 -45.52 51.40 -46.17
CA ASP A 65 -45.70 52.34 -45.07
C ASP A 65 -45.19 51.78 -43.74
N ASP A 66 -45.27 50.46 -43.55
CA ASP A 66 -44.77 49.86 -42.32
C ASP A 66 -43.25 49.88 -42.27
N LEU A 67 -42.60 49.60 -43.40
CA LEU A 67 -41.15 49.73 -43.51
C LEU A 67 -40.69 51.17 -43.33
N ARG A 68 -41.41 52.12 -43.94
CA ARG A 68 -41.04 53.52 -43.80
C ARG A 68 -41.33 54.07 -42.40
N ALA A 69 -42.26 53.46 -41.66
CA ALA A 69 -42.47 53.84 -40.27
C ALA A 69 -41.41 53.21 -39.36
N LEU A 70 -41.07 51.94 -39.59
CA LEU A 70 -40.05 51.28 -38.79
C LEU A 70 -38.65 51.78 -39.07
N LEU A 71 -38.42 52.46 -40.19
CA LEU A 71 -37.11 53.06 -40.41
C LEU A 71 -36.90 54.26 -39.51
N ALA A 72 -37.97 54.99 -39.17
CA ALA A 72 -37.86 56.25 -38.44
C ALA A 72 -38.29 56.12 -36.97
N ARG A 73 -38.31 54.91 -36.45
CA ARG A 73 -38.60 54.64 -35.05
C ARG A 73 -37.29 54.39 -34.30
N PRO A 74 -37.22 54.71 -32.99
CA PRO A 74 -35.99 54.40 -32.23
C PRO A 74 -35.81 52.93 -31.84
N TRP A 75 -36.46 52.00 -32.54
CA TRP A 75 -36.14 50.59 -32.39
C TRP A 75 -34.84 50.21 -33.10
N LEU A 76 -34.28 51.10 -33.90
CA LEU A 76 -32.92 50.96 -34.41
C LEU A 76 -31.92 51.86 -33.69
N GLU A 77 -32.35 52.58 -32.66
CA GLU A 77 -31.47 53.53 -31.98
C GLU A 77 -30.39 52.78 -31.19
N GLY A 78 -29.13 53.11 -31.46
CA GLY A 78 -28.00 52.38 -30.92
C GLY A 78 -27.53 51.22 -31.77
N LEU A 79 -28.33 50.81 -32.75
CA LEU A 79 -27.98 49.71 -33.64
C LEU A 79 -27.78 50.15 -35.08
N ARG A 80 -27.80 51.45 -35.36
CA ARG A 80 -27.51 51.93 -36.71
C ARG A 80 -26.04 51.74 -37.09
N ASP A 81 -25.16 51.67 -36.10
CA ASP A 81 -23.74 51.45 -36.32
C ASP A 81 -23.34 49.98 -36.28
N HIS A 82 -24.26 49.09 -35.91
CA HIS A 82 -23.99 47.66 -35.95
C HIS A 82 -24.53 46.98 -37.20
N LEU A 83 -25.39 47.64 -37.97
CA LEU A 83 -26.11 47.01 -39.07
C LEU A 83 -25.88 47.80 -40.36
N GLN A 84 -26.33 47.23 -41.49
CA GLN A 84 -26.40 47.97 -42.74
C GLN A 84 -27.72 47.70 -43.43
N PHE A 85 -28.37 48.77 -43.87
CA PHE A 85 -29.73 48.70 -44.42
C PHE A 85 -29.72 48.91 -45.92
N GLY A 86 -30.70 48.31 -46.58
CA GLY A 86 -30.99 48.58 -47.98
C GLY A 86 -32.13 49.56 -48.14
N GLU A 87 -32.82 49.45 -49.26
CA GLU A 87 -33.97 50.32 -49.52
C GLU A 87 -35.25 49.49 -49.53
N PRO A 88 -36.41 50.11 -49.20
CA PRO A 88 -37.68 49.41 -49.40
C PRO A 88 -37.97 49.17 -50.87
N ALA A 89 -37.86 47.93 -51.32
CA ALA A 89 -38.05 47.60 -52.72
C ALA A 89 -39.09 46.50 -52.86
N VAL A 90 -39.60 46.35 -54.07
CA VAL A 90 -40.61 45.34 -54.38
C VAL A 90 -39.94 43.98 -54.51
N VAL A 91 -40.62 42.94 -54.06
CA VAL A 91 -40.16 41.56 -54.16
C VAL A 91 -40.08 41.15 -55.64
N PRO A 92 -39.13 40.28 -56.00
CA PRO A 92 -39.07 39.82 -57.40
C PRO A 92 -40.19 38.84 -57.73
N THR A 95 -41.21 34.07 -57.24
CA THR A 95 -40.60 33.44 -56.08
C THR A 95 -41.63 32.50 -55.48
N PRO A 96 -41.21 31.33 -55.00
CA PRO A 96 -42.12 30.48 -54.22
C PRO A 96 -42.31 31.04 -52.82
N TYR A 97 -43.24 30.42 -52.09
CA TYR A 97 -43.60 30.85 -50.75
C TYR A 97 -43.34 29.74 -49.75
N ARG A 98 -43.05 30.13 -48.50
CA ARG A 98 -42.91 29.18 -47.41
C ARG A 98 -43.30 29.85 -46.11
N GLN A 99 -43.41 29.07 -45.05
CA GLN A 99 -43.77 29.61 -43.75
C GLN A 99 -42.57 29.66 -42.81
N VAL A 100 -42.69 30.49 -41.78
CA VAL A 100 -41.65 30.68 -40.76
C VAL A 100 -42.28 30.31 -39.41
N SER A 101 -42.02 29.09 -38.95
CA SER A 101 -42.75 28.54 -37.81
C SER A 101 -41.84 28.39 -36.60
N ARG A 102 -42.38 28.71 -35.43
CA ARG A 102 -41.71 28.41 -34.18
C ARG A 102 -42.05 27.00 -33.74
N VAL A 103 -41.02 26.20 -33.48
CA VAL A 103 -41.19 24.81 -33.09
C VAL A 103 -40.83 24.69 -31.61
N GLN A 104 -41.83 24.57 -30.76
CA GLN A 104 -41.59 24.31 -29.35
C GLN A 104 -41.33 22.83 -29.13
N ALA A 105 -40.91 22.50 -27.91
CA ALA A 105 -40.65 21.11 -27.57
C ALA A 105 -40.86 20.90 -26.08
N LYS A 106 -41.26 19.67 -25.74
CA LYS A 106 -41.26 19.20 -24.36
C LYS A 106 -39.96 18.47 -24.05
N SER A 107 -38.84 19.17 -24.28
CA SER A 107 -37.51 18.60 -24.09
C SER A 107 -37.10 18.46 -22.64
N ASN A 108 -37.92 18.93 -21.70
CA ASN A 108 -37.65 18.79 -20.27
C ASN A 108 -38.77 17.97 -19.64
N PRO A 109 -38.49 16.79 -19.08
CA PRO A 109 -39.54 16.04 -18.39
C PRO A 109 -40.03 16.69 -17.11
N GLU A 110 -39.23 17.58 -16.51
CA GLU A 110 -39.59 18.16 -15.22
C GLU A 110 -40.74 19.15 -15.33
N ARG A 111 -40.81 19.92 -16.43
CA ARG A 111 -41.92 20.84 -16.62
C ARG A 111 -43.24 20.10 -16.85
N LEU A 112 -43.19 18.97 -17.58
CA LEU A 112 -44.40 18.16 -17.76
C LEU A 112 -44.75 17.41 -16.47
N ARG A 113 -43.75 17.10 -15.65
CA ARG A 113 -44.02 16.48 -14.36
C ARG A 113 -44.74 17.44 -13.42
N ARG A 114 -44.28 18.69 -13.35
CA ARG A 114 -44.99 19.69 -12.55
C ARG A 114 -46.34 20.05 -13.17
N ARG A 115 -46.45 19.96 -14.49
CA ARG A 115 -47.73 20.15 -15.16
C ARG A 115 -48.73 19.07 -14.77
N LEU A 116 -48.30 17.80 -14.73
CA LEU A 116 -49.20 16.72 -14.33
C LEU A 116 -49.52 16.79 -12.84
N MET A 117 -48.56 17.24 -12.00
CA MET A 117 -48.85 17.44 -10.59
C MET A 117 -49.88 18.54 -10.38
N ARG A 118 -49.78 19.63 -11.15
CA ARG A 118 -50.72 20.74 -11.00
C ARG A 118 -52.07 20.41 -11.63
N ARG A 119 -52.12 19.50 -12.60
CA ARG A 119 -53.37 19.23 -13.31
C ARG A 119 -54.13 18.02 -12.77
N HIS A 120 -53.48 17.10 -12.07
CA HIS A 120 -54.20 15.93 -11.57
C HIS A 120 -53.91 15.60 -10.10
N ASP A 121 -53.20 16.47 -9.38
CA ASP A 121 -52.90 16.34 -7.94
C ASP A 121 -52.16 15.04 -7.62
N LEU A 122 -51.30 14.59 -8.52
CA LEU A 122 -50.58 13.34 -8.35
C LEU A 122 -49.30 13.57 -7.55
N SER A 123 -48.50 12.52 -7.43
CA SER A 123 -47.25 12.56 -6.68
C SER A 123 -46.07 12.73 -7.64
N GLU A 124 -44.87 12.85 -7.06
CA GLU A 124 -43.67 12.96 -7.87
C GLU A 124 -43.30 11.62 -8.49
N GLU A 125 -43.52 10.53 -7.77
CA GLU A 125 -43.15 9.21 -8.28
C GLU A 125 -44.14 8.73 -9.36
N GLU A 126 -45.42 9.05 -9.21
CA GLU A 126 -46.39 8.71 -10.25
C GLU A 126 -46.17 9.56 -11.50
N ALA A 127 -45.79 10.83 -11.32
CA ALA A 127 -45.44 11.66 -12.47
C ALA A 127 -44.12 11.22 -13.10
N ARG A 128 -43.24 10.61 -12.31
CA ARG A 128 -42.01 10.06 -12.84
C ARG A 128 -42.27 8.81 -13.66
N LYS A 129 -43.22 7.97 -13.23
CA LYS A 129 -43.60 6.82 -14.03
C LYS A 129 -44.36 7.22 -15.28
N ARG A 130 -45.22 8.25 -15.17
CA ARG A 130 -46.04 8.66 -16.31
C ARG A 130 -45.21 9.44 -17.33
N ILE A 131 -44.34 10.32 -16.87
CA ILE A 131 -43.47 11.10 -17.73
C ILE A 131 -42.03 10.67 -17.48
N PRO A 132 -41.49 9.79 -18.31
CA PRO A 132 -40.10 9.36 -18.15
C PRO A 132 -39.15 10.37 -18.80
N ASP A 133 -37.87 10.03 -18.80
CA ASP A 133 -36.86 10.93 -19.33
C ASP A 133 -36.61 10.76 -20.82
N THR A 134 -37.25 9.79 -21.47
CA THR A 134 -37.12 9.63 -22.91
C THR A 134 -38.08 10.51 -23.70
N VAL A 135 -38.85 11.38 -23.03
CA VAL A 135 -39.78 12.27 -23.72
C VAL A 135 -39.10 13.52 -24.22
N ALA A 136 -37.79 13.67 -23.97
CA ALA A 136 -37.06 14.86 -24.38
C ALA A 136 -36.92 14.90 -25.90
N ARG A 137 -37.22 16.06 -26.49
CA ARG A 137 -37.29 16.23 -27.94
C ARG A 137 -36.04 16.94 -28.42
N ALA A 138 -35.33 16.31 -29.36
CA ALA A 138 -34.15 16.90 -29.97
C ALA A 138 -34.52 17.64 -31.26
N LEU A 139 -33.97 18.84 -31.42
CA LEU A 139 -34.25 19.66 -32.58
C LEU A 139 -32.95 20.06 -33.27
N ASP A 140 -32.86 19.79 -34.57
CA ASP A 140 -31.76 20.25 -35.40
C ASP A 140 -32.14 21.55 -36.11
N LEU A 141 -32.51 22.53 -35.31
CA LEU A 141 -33.05 23.80 -35.82
C LEU A 141 -32.21 24.95 -35.29
N PRO A 142 -32.06 26.03 -36.07
CA PRO A 142 -31.35 27.21 -35.57
C PRO A 142 -32.16 27.94 -34.52
N PHE A 143 -31.48 28.80 -33.77
CA PHE A 143 -32.10 29.39 -32.58
C PHE A 143 -31.54 30.78 -32.33
N VAL A 144 -32.38 31.60 -31.69
CA VAL A 144 -31.99 32.91 -31.18
C VAL A 144 -32.25 32.95 -29.69
N THR A 145 -31.46 33.75 -28.97
CA THR A 145 -31.52 33.79 -27.51
C THR A 145 -32.02 35.16 -27.06
N LEU A 146 -33.18 35.19 -26.41
CA LEU A 146 -33.76 36.43 -25.92
C LEU A 146 -34.04 36.34 -24.42
N ARG A 147 -34.49 37.45 -23.87
CA ARG A 147 -34.80 37.59 -22.45
C ARG A 147 -36.28 37.29 -22.24
N SER A 148 -36.63 36.74 -21.08
CA SER A 148 -38.01 36.37 -20.76
C SER A 148 -38.71 37.44 -19.93
N GLN A 149 -40.04 37.37 -19.92
CA GLN A 149 -40.83 38.42 -19.27
C GLN A 149 -41.21 38.10 -17.83
N SER A 150 -42.06 37.09 -17.60
CA SER A 150 -42.55 36.83 -16.25
C SER A 150 -41.48 36.14 -15.43
N THR A 151 -41.00 35.00 -15.90
CA THR A 151 -39.71 34.48 -15.51
C THR A 151 -38.62 35.33 -16.17
N GLY A 152 -37.39 35.16 -15.70
CA GLY A 152 -36.33 36.02 -16.21
C GLY A 152 -35.15 35.25 -16.78
N GLN A 153 -35.38 34.03 -17.24
CA GLN A 153 -34.31 33.18 -17.74
C GLN A 153 -34.32 33.21 -19.26
N HIS A 154 -33.12 33.30 -19.85
CA HIS A 154 -32.95 33.51 -21.27
C HIS A 154 -33.41 32.28 -22.03
N PHE A 155 -34.21 32.48 -23.07
CA PHE A 155 -34.71 31.35 -23.83
C PHE A 155 -34.32 31.40 -25.29
N ARG A 156 -34.19 30.22 -25.88
CA ARG A 156 -33.89 30.11 -27.30
C ARG A 156 -35.18 29.83 -28.07
N LEU A 157 -35.41 30.62 -29.10
CA LEU A 157 -36.47 30.42 -30.07
C LEU A 157 -35.88 29.61 -31.21
N PHE A 158 -36.42 28.41 -31.41
CA PHE A 158 -36.16 27.62 -32.59
C PHE A 158 -37.04 28.09 -33.74
N ILE A 159 -36.46 28.15 -34.94
CA ILE A 159 -37.15 28.62 -36.14
C ILE A 159 -37.03 27.56 -37.22
N ARG A 160 -38.15 27.26 -37.90
CA ARG A 160 -38.19 26.30 -38.98
C ARG A 160 -38.79 26.97 -40.21
N HIS A 161 -38.05 26.96 -41.31
CA HIS A 161 -38.59 27.45 -42.57
C HIS A 161 -39.33 26.30 -43.25
N GLY A 162 -40.61 26.52 -43.56
CA GLY A 162 -41.48 25.46 -43.96
C GLY A 162 -41.28 25.02 -45.40
N PRO A 163 -42.20 24.20 -45.90
CA PRO A 163 -42.08 23.69 -47.27
C PRO A 163 -42.33 24.78 -48.30
N LEU A 164 -41.55 24.72 -49.37
CA LEU A 164 -41.68 25.72 -50.44
C LEU A 164 -42.89 25.38 -51.31
N GLN A 165 -43.87 26.28 -51.30
CA GLN A 165 -45.07 26.16 -52.11
C GLN A 165 -45.08 27.29 -53.13
N ALA A 166 -45.60 26.99 -54.33
CA ALA A 166 -45.55 27.93 -55.45
C ALA A 166 -46.45 29.15 -55.22
N THR A 167 -47.50 29.02 -54.39
CA THR A 167 -48.44 30.09 -54.18
C THR A 167 -48.61 30.33 -52.69
N ALA A 168 -49.20 31.49 -52.36
CA ALA A 168 -49.35 31.92 -50.98
C ALA A 168 -50.80 31.80 -50.55
N GLU A 169 -51.00 31.62 -49.24
CA GLU A 169 -52.32 31.57 -48.63
C GLU A 169 -52.53 32.78 -47.74
N GLU A 170 -53.79 33.12 -47.52
CA GLU A 170 -54.14 34.25 -46.67
C GLU A 170 -53.99 33.89 -45.21
N GLY A 171 -53.29 34.74 -44.46
CA GLY A 171 -53.05 34.47 -43.05
C GLY A 171 -52.28 35.56 -42.32
N GLY A 172 -52.48 35.65 -41.00
CA GLY A 172 -51.82 36.66 -40.21
C GLY A 172 -50.47 36.21 -39.67
N PHE A 173 -49.80 37.14 -39.00
CA PHE A 173 -48.49 36.92 -38.41
C PHE A 173 -48.53 37.23 -36.92
N THR A 174 -47.54 36.71 -36.20
CA THR A 174 -47.39 37.03 -34.79
C THR A 174 -46.55 38.29 -34.62
N CYS A 175 -46.21 38.61 -33.37
CA CYS A 175 -45.43 39.78 -33.04
CA CYS A 175 -45.42 39.79 -33.06
C CYS A 175 -43.92 39.55 -33.21
N TYR A 176 -43.51 38.43 -33.79
CA TYR A 176 -42.12 38.13 -34.02
C TYR A 176 -41.77 38.05 -35.50
N GLY A 177 -42.74 38.32 -36.37
CA GLY A 177 -42.55 38.11 -37.79
C GLY A 177 -42.66 36.68 -38.25
N LEU A 178 -43.21 35.80 -37.42
CA LEU A 178 -43.29 34.38 -37.74
C LEU A 178 -44.69 34.03 -38.22
N SER A 179 -44.79 32.88 -38.88
CA SER A 179 -46.03 32.50 -39.55
C SER A 179 -47.07 32.01 -38.55
N LYS A 180 -48.21 32.69 -38.53
CA LYS A 180 -49.41 32.21 -37.85
C LYS A 180 -50.53 32.00 -38.87
N GLY A 181 -50.16 31.48 -40.04
CA GLY A 181 -51.08 31.32 -41.14
C GLY A 181 -50.57 31.99 -42.39
N GLY A 182 -49.79 33.06 -42.22
CA GLY A 182 -49.24 33.77 -43.34
C GLY A 182 -48.07 33.04 -43.98
N PHE A 183 -47.82 33.39 -45.23
CA PHE A 183 -46.68 32.85 -45.97
C PHE A 183 -45.79 33.99 -46.43
N VAL A 184 -44.49 33.74 -46.41
CA VAL A 184 -43.52 34.74 -46.85
C VAL A 184 -42.81 34.25 -48.11
N PRO A 185 -42.54 35.13 -49.07
CA PRO A 185 -41.84 34.72 -50.29
C PRO A 185 -40.36 34.47 -50.03
N TRP A 186 -39.86 33.36 -50.56
CA TRP A 186 -38.47 32.94 -50.38
C TRP A 186 -37.69 33.28 -51.64
N PHE A 187 -36.69 34.14 -51.51
CA PHE A 187 -35.74 34.40 -52.58
C PHE A 187 -34.39 34.79 -51.98
N GLN B 11 44.02 -55.82 -23.46
CA GLN B 11 43.08 -56.93 -23.48
C GLN B 11 42.13 -56.85 -22.30
N GLU B 12 40.97 -56.23 -22.53
CA GLU B 12 39.98 -56.04 -21.47
C GLU B 12 38.94 -57.17 -21.45
N LEU B 13 39.41 -58.39 -21.40
CA LEU B 13 38.53 -59.55 -21.25
C LEU B 13 38.94 -60.46 -20.10
N ARG B 14 40.23 -60.65 -19.88
CA ARG B 14 40.75 -61.42 -18.77
C ARG B 14 41.79 -60.66 -17.96
N GLN B 15 42.63 -59.85 -18.61
CA GLN B 15 43.61 -59.05 -17.89
C GLN B 15 43.00 -57.81 -17.27
N PHE B 16 41.81 -57.42 -17.68
CA PHE B 16 41.14 -56.26 -17.11
C PHE B 16 39.75 -56.58 -16.59
N ILE B 17 39.03 -57.48 -17.25
CA ILE B 17 37.66 -57.82 -16.83
C ILE B 17 37.60 -58.86 -15.72
N GLU B 18 38.76 -59.32 -15.23
CA GLU B 18 38.78 -60.35 -14.20
C GLU B 18 38.24 -59.80 -12.88
N SER B 19 38.63 -58.58 -12.51
CA SER B 19 38.11 -57.97 -11.28
C SER B 19 36.65 -57.58 -11.42
N PHE B 20 36.25 -57.17 -12.63
CA PHE B 20 34.84 -56.85 -12.88
C PHE B 20 33.97 -58.10 -12.77
N ILE B 21 34.48 -59.24 -13.24
CA ILE B 21 33.74 -60.49 -13.12
C ILE B 21 33.76 -61.01 -11.68
N GLN B 22 34.88 -60.81 -10.97
CA GLN B 22 34.98 -61.28 -9.60
C GLN B 22 34.25 -60.38 -8.60
N GLU B 23 33.83 -59.19 -9.02
CA GLU B 23 32.95 -58.37 -8.18
C GLU B 23 31.64 -59.09 -7.89
N ARG B 24 31.08 -59.79 -8.88
CA ARG B 24 29.87 -60.58 -8.66
C ARG B 24 30.13 -61.80 -7.78
N LEU B 25 31.27 -62.47 -7.96
CA LEU B 25 31.60 -63.61 -7.11
C LEU B 25 32.02 -63.21 -5.70
N GLN B 26 32.30 -61.93 -5.46
CA GLN B 26 32.51 -61.40 -4.12
C GLN B 26 31.23 -60.90 -3.49
N GLY B 27 30.31 -60.35 -4.29
CA GLY B 27 28.99 -60.01 -3.78
C GLY B 27 28.13 -61.22 -3.49
N LYS B 28 28.40 -62.34 -4.18
CA LYS B 28 27.71 -63.59 -3.92
C LYS B 28 28.21 -64.31 -2.68
N LEU B 29 29.26 -63.80 -2.03
CA LEU B 29 29.72 -64.34 -0.76
C LEU B 29 29.11 -63.66 0.45
N ASP B 30 28.46 -62.51 0.26
CA ASP B 30 27.81 -61.83 1.37
C ASP B 30 26.54 -62.54 1.79
N LYS B 31 25.69 -62.92 0.83
CA LYS B 31 24.50 -63.72 1.10
C LYS B 31 24.85 -65.20 0.92
N LEU B 32 25.51 -65.74 1.94
CA LEU B 32 26.04 -67.10 1.91
C LEU B 32 25.14 -68.00 2.75
N HIS B 33 24.69 -69.10 2.14
CA HIS B 33 23.85 -70.08 2.81
C HIS B 33 24.51 -71.46 2.73
N PRO B 34 23.93 -72.49 3.38
CA PRO B 34 24.55 -73.82 3.35
C PRO B 34 24.50 -74.50 1.99
N ASP B 35 23.32 -74.57 1.39
CA ASP B 35 23.14 -75.20 0.08
C ASP B 35 22.84 -74.19 -1.02
N GLU B 36 22.02 -73.18 -0.73
CA GLU B 36 21.71 -72.17 -1.73
C GLU B 36 22.90 -71.24 -1.97
N ASP B 37 23.69 -70.99 -0.93
CA ASP B 37 24.86 -70.14 -1.08
C ASP B 37 25.94 -70.83 -1.91
N ASP B 38 26.11 -72.14 -1.73
CA ASP B 38 27.05 -72.89 -2.55
C ASP B 38 26.58 -72.95 -4.00
N LYS B 39 25.26 -73.04 -4.22
CA LYS B 39 24.72 -73.05 -5.58
C LYS B 39 24.88 -71.70 -6.25
N ARG B 40 24.68 -70.61 -5.51
CA ARG B 40 24.90 -69.27 -6.05
C ARG B 40 26.36 -69.02 -6.35
N GLN B 41 27.25 -69.51 -5.48
CA GLN B 41 28.69 -69.39 -5.73
C GLN B 41 29.12 -70.24 -6.92
N THR B 42 28.48 -71.41 -7.11
CA THR B 42 28.79 -72.25 -8.26
C THR B 42 28.30 -71.61 -9.56
N LEU B 43 27.13 -70.98 -9.53
CA LEU B 43 26.64 -70.26 -10.71
C LEU B 43 27.51 -69.06 -11.03
N LEU B 44 27.96 -68.33 -9.99
CA LEU B 44 28.84 -67.18 -10.20
C LEU B 44 30.22 -67.62 -10.67
N ALA B 45 30.67 -68.81 -10.26
CA ALA B 45 31.94 -69.32 -10.74
C ALA B 45 31.85 -69.82 -12.18
N THR B 46 30.71 -70.41 -12.55
CA THR B 46 30.52 -70.87 -13.92
C THR B 46 30.34 -69.70 -14.89
N HIS B 47 29.67 -68.63 -14.43
CA HIS B 47 29.39 -67.48 -15.29
C HIS B 47 30.31 -66.30 -15.06
N ARG B 48 31.31 -66.42 -14.18
CA ARG B 48 32.19 -65.30 -13.86
C ARG B 48 33.67 -65.62 -14.04
N ARG B 49 34.03 -66.91 -14.10
CA ARG B 49 35.41 -67.29 -14.36
C ARG B 49 35.77 -67.07 -15.83
N GLU B 50 34.97 -67.65 -16.72
CA GLU B 50 35.10 -67.40 -18.15
C GLU B 50 33.78 -67.16 -18.86
N ALA B 51 32.64 -67.42 -18.19
CA ALA B 51 31.33 -67.35 -18.81
C ALA B 51 30.66 -65.98 -18.62
N TRP B 52 31.46 -64.91 -18.54
CA TRP B 52 30.90 -63.57 -18.44
C TRP B 52 30.18 -63.17 -19.73
N LEU B 53 30.59 -63.76 -20.86
CA LEU B 53 29.91 -63.50 -22.13
C LEU B 53 28.48 -64.01 -22.12
N ALA B 54 28.23 -65.15 -21.44
CA ALA B 54 26.88 -65.69 -21.37
C ALA B 54 25.97 -64.84 -20.49
N ASP B 55 26.49 -64.38 -19.35
CA ASP B 55 25.72 -63.48 -18.49
C ASP B 55 25.49 -62.13 -19.14
N ALA B 56 26.48 -61.66 -19.91
CA ALA B 56 26.30 -60.41 -20.67
C ALA B 56 25.26 -60.58 -21.77
N ALA B 57 25.20 -61.77 -22.37
CA ALA B 57 24.18 -62.05 -23.38
C ALA B 57 22.79 -62.10 -22.77
N ARG B 58 22.67 -62.71 -21.58
CA ARG B 58 21.39 -62.73 -20.88
C ARG B 58 20.94 -61.34 -20.46
N ARG B 59 21.87 -60.52 -19.98
CA ARG B 59 21.54 -59.15 -19.58
C ARG B 59 21.18 -58.29 -20.78
N VAL B 60 21.84 -58.51 -21.92
CA VAL B 60 21.51 -57.76 -23.13
C VAL B 60 20.16 -58.20 -23.67
N GLY B 61 19.83 -59.47 -23.53
CA GLY B 61 18.52 -59.94 -23.95
C GLY B 61 17.40 -59.52 -23.02
N GLN B 62 17.75 -59.17 -21.78
CA GLN B 62 16.73 -58.85 -20.77
C GLN B 62 16.00 -57.54 -21.08
N LEU B 63 16.73 -56.46 -21.30
CA LEU B 63 16.13 -55.14 -21.45
C LEU B 63 16.72 -54.40 -22.64
N GLN B 64 15.97 -53.40 -23.12
CA GLN B 64 16.39 -52.60 -24.25
C GLN B 64 17.09 -51.32 -23.78
N LEU B 65 17.73 -50.64 -24.73
CA LEU B 65 18.45 -49.41 -24.46
C LEU B 65 17.75 -48.26 -25.16
N VAL B 66 17.33 -47.26 -24.39
CA VAL B 66 16.52 -46.15 -24.87
C VAL B 66 17.32 -44.87 -24.70
N THR B 67 17.27 -44.01 -25.71
CA THR B 67 17.81 -42.66 -25.64
C THR B 67 16.73 -41.59 -25.60
N HIS B 68 15.50 -41.93 -25.98
CA HIS B 68 14.33 -41.08 -25.81
C HIS B 68 13.11 -41.98 -25.78
N THR B 69 12.56 -42.24 -24.58
CA THR B 69 11.56 -43.27 -24.37
C THR B 69 10.19 -42.63 -24.15
N LEU B 70 9.18 -43.18 -24.82
CA LEU B 70 7.82 -42.65 -24.77
C LEU B 70 6.96 -43.33 -23.71
N LYS B 71 7.59 -43.84 -22.67
CA LYS B 71 6.90 -44.40 -21.50
C LYS B 71 6.41 -43.28 -20.60
N PRO B 72 7.15 -42.17 -20.48
CA PRO B 72 6.79 -41.14 -19.51
C PRO B 72 5.60 -40.27 -19.91
N ILE B 73 5.02 -40.47 -21.10
CA ILE B 73 3.88 -39.67 -21.52
C ILE B 73 2.54 -40.28 -21.14
N HIS B 74 2.51 -41.56 -20.79
CA HIS B 74 1.32 -42.25 -20.30
C HIS B 74 1.84 -43.46 -19.52
N PRO B 75 1.48 -43.60 -18.25
CA PRO B 75 2.11 -44.65 -17.42
C PRO B 75 1.74 -46.08 -17.79
N ASP B 76 0.71 -46.28 -18.60
CA ASP B 76 0.31 -47.61 -19.04
C ASP B 76 0.33 -47.68 -20.57
N ALA B 77 1.29 -47.00 -21.18
CA ALA B 77 1.45 -46.98 -22.63
C ALA B 77 2.64 -47.87 -22.99
N ARG B 78 2.36 -49.00 -23.64
CA ARG B 78 3.38 -49.96 -24.07
C ARG B 78 3.49 -49.83 -25.59
N GLY B 79 4.50 -49.11 -26.05
CA GLY B 79 4.75 -48.95 -27.46
C GLY B 79 6.23 -48.92 -27.78
N SER B 80 6.58 -48.42 -28.96
CA SER B 80 7.97 -48.38 -29.39
C SER B 80 8.63 -47.11 -28.85
N ASN B 81 9.83 -47.28 -28.31
CA ASN B 81 10.61 -46.17 -27.76
C ASN B 81 12.02 -46.31 -28.35
N LEU B 82 12.29 -45.57 -29.41
CA LEU B 82 13.53 -45.68 -30.16
C LEU B 82 14.51 -44.63 -29.68
N HIS B 83 15.78 -45.01 -29.62
CA HIS B 83 16.85 -44.17 -29.06
C HIS B 83 17.73 -43.57 -30.14
N SER B 84 17.15 -43.17 -31.27
CA SER B 84 17.91 -42.66 -32.40
C SER B 84 18.48 -41.28 -32.09
N LEU B 85 19.34 -40.80 -33.00
CA LEU B 85 19.97 -39.51 -32.84
C LEU B 85 19.04 -38.40 -33.30
N PRO B 86 18.75 -37.42 -32.46
CA PRO B 86 17.77 -36.38 -32.83
C PRO B 86 18.38 -35.21 -33.61
N GLN B 87 19.55 -35.42 -34.21
CA GLN B 87 20.39 -34.37 -34.77
C GLN B 87 19.69 -33.60 -35.89
N ALA B 88 19.59 -32.28 -35.70
CA ALA B 88 18.92 -31.38 -36.63
C ALA B 88 19.86 -30.22 -36.93
N PRO B 89 20.63 -30.33 -38.00
CA PRO B 89 21.66 -29.32 -38.28
C PRO B 89 21.17 -28.07 -39.01
N GLY B 90 19.88 -27.79 -38.98
CA GLY B 90 19.30 -26.75 -39.81
C GLY B 90 19.51 -25.33 -39.32
N GLN B 91 18.44 -24.52 -39.36
CA GLN B 91 18.44 -23.08 -39.09
C GLN B 91 18.97 -22.73 -37.71
N PRO B 92 19.60 -21.57 -37.54
CA PRO B 92 20.24 -21.23 -36.27
C PRO B 92 19.29 -20.53 -35.30
N GLY B 93 18.20 -21.20 -34.95
CA GLY B 93 17.33 -20.70 -33.91
C GLY B 93 16.73 -21.76 -33.02
N LEU B 94 17.08 -23.02 -33.26
CA LEU B 94 16.50 -24.15 -32.57
C LEU B 94 17.55 -24.82 -31.69
N ALA B 95 17.15 -25.20 -30.49
CA ALA B 95 17.99 -25.93 -29.56
C ALA B 95 17.18 -27.07 -28.96
N GLY B 96 17.77 -28.24 -28.89
CA GLY B 96 17.09 -29.41 -28.37
C GLY B 96 18.08 -30.47 -27.98
N SER B 97 17.68 -31.72 -28.14
CA SER B 97 18.54 -32.86 -27.86
C SER B 97 19.30 -33.32 -29.10
N HIS B 98 19.51 -32.44 -30.07
CA HIS B 98 20.14 -32.85 -31.32
C HIS B 98 21.66 -32.93 -31.22
N GLU B 99 22.26 -32.18 -30.29
CA GLU B 99 23.72 -32.17 -30.13
C GLU B 99 24.02 -32.19 -28.64
N LEU B 100 24.19 -33.40 -28.10
CA LEU B 100 24.68 -33.57 -26.74
C LEU B 100 26.13 -34.05 -26.72
N GLY B 101 26.42 -35.18 -27.36
CA GLY B 101 27.78 -35.66 -27.55
C GLY B 101 28.42 -36.18 -26.28
N ASP B 102 28.74 -35.26 -25.37
CA ASP B 102 29.21 -35.60 -24.04
C ASP B 102 28.09 -35.34 -23.05
N ARG B 103 27.94 -36.23 -22.07
CA ARG B 103 26.84 -36.23 -21.12
C ARG B 103 25.57 -36.83 -21.69
N LEU B 104 25.64 -37.45 -22.87
CA LEU B 104 24.48 -38.14 -23.44
C LEU B 104 24.27 -39.46 -22.71
N VAL B 105 23.70 -39.39 -21.51
CA VAL B 105 23.48 -40.60 -20.70
C VAL B 105 22.30 -41.36 -21.29
N SER B 106 22.56 -42.57 -21.79
CA SER B 106 21.53 -43.41 -22.37
C SER B 106 20.78 -44.09 -21.23
N ASP B 107 19.55 -43.66 -20.99
CA ASP B 107 18.73 -44.18 -19.91
C ASP B 107 17.95 -45.38 -20.43
N VAL B 108 18.48 -46.57 -20.18
CA VAL B 108 17.92 -47.82 -20.69
C VAL B 108 16.87 -48.26 -19.70
N VAL B 109 15.60 -48.00 -20.00
CA VAL B 109 14.49 -48.27 -19.10
C VAL B 109 13.36 -49.02 -19.80
N GLY B 110 13.67 -49.77 -20.85
CA GLY B 110 12.69 -50.57 -21.54
C GLY B 110 12.01 -51.64 -20.70
N ASN B 111 12.78 -52.66 -20.31
CA ASN B 111 12.27 -53.79 -19.55
C ASN B 111 13.22 -54.17 -18.42
N ALA B 112 13.68 -53.16 -17.69
CA ALA B 112 14.72 -53.34 -16.68
C ALA B 112 14.17 -54.10 -15.48
N ALA B 113 14.34 -55.42 -15.49
CA ALA B 113 14.06 -56.25 -14.32
C ALA B 113 15.32 -56.61 -13.55
N ALA B 114 16.49 -56.51 -14.18
CA ALA B 114 17.78 -56.75 -13.54
C ALA B 114 18.70 -55.61 -13.92
N LEU B 115 19.11 -54.81 -12.93
CA LEU B 115 19.97 -53.66 -13.19
C LEU B 115 21.40 -54.05 -13.52
N ASP B 116 21.80 -55.29 -13.22
CA ASP B 116 23.14 -55.77 -13.53
C ASP B 116 23.34 -56.16 -14.98
N VAL B 117 22.32 -55.98 -15.83
CA VAL B 117 22.46 -56.30 -17.25
C VAL B 117 23.40 -55.31 -17.93
N PHE B 118 23.10 -54.03 -17.82
CA PHE B 118 23.94 -52.99 -18.42
C PHE B 118 25.21 -52.72 -17.64
N LYS B 119 25.30 -53.20 -16.40
CA LYS B 119 26.45 -52.95 -15.53
C LYS B 119 27.48 -54.07 -15.59
N PHE B 120 27.62 -54.73 -16.73
CA PHE B 120 28.61 -55.79 -16.92
C PHE B 120 29.88 -55.31 -17.60
N LEU B 121 29.74 -54.48 -18.64
CA LEU B 121 30.89 -53.93 -19.36
C LEU B 121 30.96 -52.40 -19.24
N SER B 122 30.50 -51.86 -18.11
CA SER B 122 30.52 -50.42 -17.87
C SER B 122 31.83 -49.92 -17.29
N LEU B 123 32.84 -50.78 -17.18
CA LEU B 123 34.14 -50.40 -16.65
C LEU B 123 35.28 -50.53 -17.65
N GLN B 124 35.14 -51.38 -18.66
CA GLN B 124 36.16 -51.56 -19.69
C GLN B 124 36.12 -50.49 -20.77
N TYR B 125 35.15 -49.57 -20.71
CA TYR B 125 35.07 -48.48 -21.68
C TYR B 125 35.77 -47.22 -21.20
N GLN B 126 36.10 -47.12 -19.91
CA GLN B 126 36.76 -45.94 -19.36
C GLN B 126 38.26 -46.10 -19.54
N GLY B 127 38.71 -45.81 -20.76
CA GLY B 127 40.11 -45.91 -21.11
C GLY B 127 40.49 -47.13 -21.93
N LYS B 128 39.53 -47.98 -22.26
CA LYS B 128 39.77 -49.18 -23.06
C LYS B 128 39.16 -48.99 -24.46
N ASN B 129 39.20 -50.06 -25.26
CA ASN B 129 38.61 -50.06 -26.59
C ASN B 129 37.50 -51.09 -26.72
N LEU B 130 36.95 -51.57 -25.60
CA LEU B 130 35.90 -52.57 -25.60
C LEU B 130 34.50 -51.99 -25.49
N LEU B 131 34.36 -50.82 -24.84
CA LEU B 131 33.06 -50.15 -24.79
C LEU B 131 32.63 -49.62 -26.15
N ASN B 132 33.59 -49.30 -27.03
CA ASN B 132 33.29 -48.98 -28.41
C ASN B 132 33.40 -50.19 -29.33
N TRP B 133 34.13 -51.22 -28.91
CA TRP B 133 34.21 -52.48 -29.64
C TRP B 133 33.09 -53.45 -29.28
N LEU B 134 32.14 -53.02 -28.44
CA LEU B 134 31.00 -53.83 -28.06
C LEU B 134 29.90 -53.86 -29.12
N THR B 135 30.11 -53.22 -30.27
CA THR B 135 29.21 -53.31 -31.41
C THR B 135 29.84 -53.99 -32.61
N GLU B 136 31.04 -53.59 -33.00
CA GLU B 136 31.74 -54.19 -34.13
C GLU B 136 33.23 -53.98 -33.95
N ASP B 137 34.00 -54.63 -34.83
CA ASP B 137 35.47 -54.62 -34.78
C ASP B 137 35.99 -55.27 -33.50
N SER B 138 35.59 -56.53 -33.29
CA SER B 138 35.87 -57.23 -32.04
C SER B 138 37.32 -57.64 -31.92
N ALA B 139 38.16 -56.76 -31.35
CA ALA B 139 39.54 -57.12 -31.07
C ALA B 139 39.61 -58.10 -29.90
N GLU B 140 38.84 -57.85 -28.85
CA GLU B 140 38.71 -58.75 -27.72
C GLU B 140 37.36 -59.43 -27.65
N ALA B 141 36.57 -59.38 -28.73
CA ALA B 141 35.23 -59.95 -28.71
C ALA B 141 35.24 -61.47 -28.73
N VAL B 142 36.29 -62.08 -29.28
CA VAL B 142 36.37 -63.53 -29.34
C VAL B 142 37.21 -64.10 -28.21
N GLN B 143 38.20 -63.36 -27.73
CA GLN B 143 39.08 -63.82 -26.66
C GLN B 143 38.70 -63.28 -25.29
N ALA B 144 37.71 -62.39 -25.21
CA ALA B 144 37.24 -61.90 -23.91
C ALA B 144 36.50 -63.00 -23.16
N LEU B 145 35.62 -63.73 -23.84
CA LEU B 145 35.00 -64.89 -23.23
C LEU B 145 35.99 -66.04 -23.06
N SER B 146 36.92 -66.19 -24.00
CA SER B 146 37.94 -67.24 -24.01
C SER B 146 37.39 -68.62 -24.33
N ASP B 147 36.11 -68.72 -24.68
CA ASP B 147 35.44 -69.97 -24.98
C ASP B 147 35.30 -70.13 -26.50
N ASN B 148 34.52 -71.12 -26.91
CA ASN B 148 34.31 -71.39 -28.32
C ASN B 148 33.35 -70.35 -28.93
N ALA B 149 32.94 -70.62 -30.17
CA ALA B 149 32.11 -69.69 -30.92
C ALA B 149 30.73 -69.48 -30.34
N GLU B 150 30.23 -70.43 -29.54
CA GLU B 150 28.90 -70.30 -28.94
C GLU B 150 28.86 -69.20 -27.89
N GLN B 151 29.81 -69.22 -26.95
CA GLN B 151 29.83 -68.23 -25.87
C GLN B 151 30.17 -66.84 -26.40
N ALA B 152 31.14 -66.75 -27.32
CA ALA B 152 31.49 -65.46 -27.91
C ALA B 152 30.37 -64.93 -28.79
N ARG B 153 29.65 -65.82 -29.47
CA ARG B 153 28.51 -65.39 -30.28
C ARG B 153 27.36 -64.90 -29.42
N GLU B 154 27.12 -65.56 -28.28
CA GLU B 154 26.10 -65.10 -27.34
C GLU B 154 26.48 -63.76 -26.73
N TRP B 155 27.77 -63.58 -26.41
CA TRP B 155 28.24 -62.30 -25.87
C TRP B 155 28.11 -61.18 -26.90
N ARG B 156 28.39 -61.47 -28.16
CA ARG B 156 28.26 -60.47 -29.21
C ARG B 156 26.80 -60.11 -29.48
N GLN B 157 25.92 -61.12 -29.50
CA GLN B 157 24.50 -60.86 -29.72
C GLN B 157 23.85 -60.16 -28.52
N ALA B 158 24.40 -60.33 -27.32
CA ALA B 158 23.89 -59.61 -26.16
C ALA B 158 24.40 -58.18 -26.13
N PHE B 159 25.68 -57.98 -26.45
CA PHE B 159 26.24 -56.63 -26.48
C PHE B 159 25.74 -55.80 -27.65
N ILE B 160 25.22 -56.44 -28.70
CA ILE B 160 24.55 -55.69 -29.75
C ILE B 160 23.13 -55.30 -29.36
N GLY B 161 22.56 -55.96 -28.35
CA GLY B 161 21.19 -55.68 -27.93
C GLY B 161 21.04 -54.44 -27.07
N ILE B 162 22.14 -53.79 -26.69
CA ILE B 162 22.06 -52.53 -25.96
C ILE B 162 21.69 -51.36 -26.86
N THR B 163 21.76 -51.54 -28.18
CA THR B 163 21.30 -50.54 -29.13
C THR B 163 20.48 -51.18 -30.23
N ALA B 164 19.96 -52.38 -29.98
CA ALA B 164 19.15 -53.12 -30.95
C ALA B 164 17.68 -52.81 -30.67
N VAL B 165 17.10 -51.97 -31.53
CA VAL B 165 15.71 -51.58 -31.38
C VAL B 165 14.77 -52.76 -31.67
N LYS B 166 13.48 -52.55 -31.38
CA LYS B 166 12.47 -53.57 -31.63
C LYS B 166 12.28 -53.84 -33.12
N GLY B 167 12.65 -52.89 -33.98
CA GLY B 167 12.60 -53.08 -35.41
C GLY B 167 11.29 -52.66 -36.02
N ALA B 168 10.20 -53.22 -35.52
CA ALA B 168 8.87 -52.83 -35.96
C ALA B 168 8.42 -51.61 -35.19
N PRO B 169 8.16 -50.48 -35.85
CA PRO B 169 7.71 -49.29 -35.12
C PRO B 169 6.26 -49.45 -34.67
N ALA B 170 5.98 -48.87 -33.51
CA ALA B 170 4.66 -49.02 -32.90
C ALA B 170 4.39 -47.89 -31.91
N SER B 171 3.22 -47.29 -32.03
CA SER B 171 2.77 -46.27 -31.09
C SER B 171 1.62 -46.84 -30.26
N HIS B 172 0.98 -45.99 -29.47
CA HIS B 172 -0.17 -46.36 -28.67
C HIS B 172 -1.28 -45.35 -28.92
N SER B 173 -2.48 -45.68 -28.44
CA SER B 173 -3.61 -44.77 -28.48
C SER B 173 -3.56 -43.71 -27.39
N LEU B 174 -2.57 -43.78 -26.49
CA LEU B 174 -2.38 -42.80 -25.42
C LEU B 174 -1.01 -42.16 -25.52
N ALA B 175 -0.51 -41.94 -26.74
CA ALA B 175 0.90 -41.60 -26.92
C ALA B 175 1.10 -40.35 -27.76
N LYS B 176 0.08 -39.48 -27.83
CA LYS B 176 0.17 -38.10 -28.31
C LYS B 176 0.64 -38.02 -29.76
N GLN B 177 -0.21 -38.50 -30.67
CA GLN B 177 0.04 -38.41 -32.10
C GLN B 177 -0.72 -37.22 -32.67
N LEU B 178 0.01 -36.22 -33.14
CA LEU B 178 -0.55 -34.96 -33.62
C LEU B 178 -0.41 -34.86 -35.14
N TYR B 179 -1.00 -33.80 -35.69
CA TYR B 179 -1.02 -33.55 -37.12
C TYR B 179 -0.34 -32.24 -37.50
N PHE B 180 0.69 -32.31 -38.34
CA PHE B 180 1.35 -31.12 -38.81
C PHE B 180 0.98 -30.91 -40.27
N PRO B 181 0.43 -29.75 -40.63
CA PRO B 181 0.06 -29.54 -42.03
C PRO B 181 1.20 -28.98 -42.86
N LEU B 182 1.45 -29.61 -43.99
CA LEU B 182 2.47 -29.16 -44.91
C LEU B 182 1.93 -28.00 -45.76
N PRO B 183 2.82 -27.19 -46.35
CA PRO B 183 2.34 -26.18 -47.29
C PRO B 183 1.87 -26.78 -48.60
N GLY B 184 0.55 -26.84 -48.77
CA GLY B 184 -0.09 -27.39 -49.96
C GLY B 184 0.24 -28.84 -50.24
N SER B 185 0.08 -29.70 -49.24
CA SER B 185 0.36 -31.13 -49.37
C SER B 185 -0.46 -31.85 -48.30
N GLY B 186 -0.30 -33.17 -48.26
CA GLY B 186 -0.87 -33.95 -47.18
C GLY B 186 -0.16 -33.69 -45.87
N TYR B 187 -0.77 -34.16 -44.78
CA TYR B 187 -0.22 -33.91 -43.47
C TYR B 187 0.94 -34.84 -43.17
N HIS B 188 1.61 -34.57 -42.05
CA HIS B 188 2.52 -35.53 -41.43
C HIS B 188 2.07 -35.69 -39.99
N LEU B 189 1.85 -36.93 -39.58
CA LEU B 189 1.46 -37.27 -38.22
C LEU B 189 2.74 -37.36 -37.42
N LEU B 190 2.84 -36.62 -36.33
CA LEU B 190 4.05 -36.66 -35.53
C LEU B 190 3.74 -37.25 -34.16
N ALA B 191 4.53 -38.23 -33.75
CA ALA B 191 4.40 -38.84 -32.43
C ALA B 191 5.63 -38.50 -31.62
N PRO B 192 5.63 -37.42 -30.85
CA PRO B 192 6.80 -37.10 -30.04
C PRO B 192 6.98 -38.08 -28.89
N LEU B 193 8.25 -38.32 -28.56
CA LEU B 193 8.63 -39.12 -27.42
C LEU B 193 9.29 -38.23 -26.38
N PHE B 194 9.41 -38.74 -25.18
CA PHE B 194 9.94 -37.93 -24.09
C PHE B 194 11.46 -37.94 -24.14
N PRO B 195 12.12 -36.79 -24.29
CA PRO B 195 13.58 -36.79 -24.40
C PRO B 195 14.28 -37.02 -23.08
N THR B 196 14.42 -38.30 -22.70
CA THR B 196 14.87 -38.66 -21.35
C THR B 196 16.32 -38.23 -21.10
N SER B 197 17.18 -38.43 -22.10
CA SER B 197 18.59 -38.07 -21.94
C SER B 197 18.77 -36.56 -21.86
N LEU B 198 18.02 -35.82 -22.69
CA LEU B 198 18.09 -34.37 -22.63
C LEU B 198 17.47 -33.82 -21.34
N VAL B 199 16.38 -34.44 -20.88
CA VAL B 199 15.72 -34.01 -19.64
C VAL B 199 16.63 -34.24 -18.46
N HIS B 200 17.34 -35.36 -18.43
CA HIS B 200 18.25 -35.58 -17.31
C HIS B 200 19.54 -34.79 -17.44
N HIS B 201 19.95 -34.42 -18.66
CA HIS B 201 21.06 -33.49 -18.83
C HIS B 201 20.73 -32.12 -18.27
N VAL B 202 19.56 -31.59 -18.63
CA VAL B 202 19.13 -30.29 -18.12
C VAL B 202 18.83 -30.36 -16.63
N HIS B 203 18.35 -31.50 -16.14
CA HIS B 203 18.11 -31.68 -14.72
C HIS B 203 19.42 -31.72 -13.93
N ALA B 204 20.46 -32.32 -14.50
CA ALA B 204 21.76 -32.30 -13.85
C ALA B 204 22.35 -30.89 -13.85
N LEU B 205 22.11 -30.13 -14.92
CA LEU B 205 22.50 -28.72 -14.95
C LEU B 205 21.79 -27.93 -13.85
N LEU B 206 20.49 -28.14 -13.70
CA LEU B 206 19.71 -27.41 -12.71
C LEU B 206 20.08 -27.82 -11.29
N ARG B 207 20.41 -29.09 -11.08
CA ARG B 207 20.84 -29.55 -9.77
C ARG B 207 22.20 -28.97 -9.40
N GLU B 208 23.17 -29.07 -10.31
CA GLU B 208 24.50 -28.54 -10.03
C GLU B 208 24.57 -27.02 -10.12
N ALA B 209 23.49 -26.34 -10.52
CA ALA B 209 23.42 -24.89 -10.40
C ALA B 209 22.58 -24.41 -9.22
N ARG B 210 21.66 -25.24 -8.70
CA ARG B 210 20.80 -24.79 -7.61
C ARG B 210 21.38 -25.07 -6.24
N PHE B 211 21.89 -26.29 -6.01
CA PHE B 211 22.50 -26.60 -4.72
C PHE B 211 23.53 -27.70 -4.92
N GLY B 212 24.67 -27.53 -4.27
CA GLY B 212 25.78 -28.44 -4.42
C GLY B 212 27.00 -28.00 -3.64
N ASP B 213 28.16 -28.01 -4.30
CA ASP B 213 29.43 -27.61 -3.66
C ASP B 213 29.80 -26.17 -4.02
N ALA B 214 29.91 -25.87 -5.31
CA ALA B 214 30.18 -24.51 -5.75
C ALA B 214 28.98 -23.59 -5.53
N ALA B 215 27.79 -24.16 -5.41
CA ALA B 215 26.59 -23.37 -5.11
C ALA B 215 26.68 -22.73 -3.73
N LYS B 216 27.01 -23.52 -2.71
CA LYS B 216 27.10 -22.99 -1.34
C LYS B 216 28.29 -22.04 -1.19
N ALA B 217 29.40 -22.34 -1.86
CA ALA B 217 30.54 -21.43 -1.85
C ALA B 217 30.20 -20.12 -2.54
N ALA B 218 29.40 -20.17 -3.59
CA ALA B 218 28.97 -18.95 -4.24
C ALA B 218 27.95 -18.19 -3.40
N ARG B 219 27.15 -18.90 -2.60
CA ARG B 219 26.29 -18.24 -1.62
C ARG B 219 27.12 -17.47 -0.59
N GLU B 220 28.22 -18.08 -0.14
CA GLU B 220 29.13 -17.40 0.78
C GLU B 220 29.83 -16.21 0.11
N ALA B 221 30.15 -16.35 -1.18
CA ALA B 221 30.75 -15.24 -1.92
C ALA B 221 29.73 -14.15 -2.26
N ARG B 222 28.44 -14.45 -2.18
CA ARG B 222 27.42 -13.42 -2.32
C ARG B 222 27.13 -12.72 -1.00
N SER B 223 27.14 -13.46 0.10
CA SER B 223 26.75 -12.89 1.39
C SER B 223 27.88 -12.07 1.99
N ARG B 224 29.03 -12.70 2.25
CA ARG B 224 30.08 -12.08 3.04
C ARG B 224 30.88 -11.07 2.21
N GLN B 225 31.96 -10.57 2.84
CA GLN B 225 32.83 -9.60 2.19
C GLN B 225 33.61 -10.21 1.03
N GLU B 226 33.92 -11.51 1.14
CA GLU B 226 34.58 -12.24 0.05
C GLU B 226 33.68 -12.25 -1.18
N SER B 227 34.27 -11.95 -2.34
CA SER B 227 33.50 -11.73 -3.56
C SER B 227 34.17 -12.44 -4.72
N TRP B 228 33.53 -13.49 -5.23
CA TRP B 228 33.95 -14.18 -6.43
C TRP B 228 32.77 -14.24 -7.40
N PRO B 229 32.69 -13.33 -8.36
CA PRO B 229 31.61 -13.38 -9.35
C PRO B 229 31.91 -14.42 -10.43
N HIS B 230 30.95 -15.31 -10.66
CA HIS B 230 31.04 -16.31 -11.72
C HIS B 230 29.63 -16.70 -12.11
N GLY B 231 29.51 -17.71 -12.97
CA GLY B 231 28.24 -18.08 -13.53
C GLY B 231 27.36 -18.95 -12.64
N PHE B 232 27.00 -18.45 -11.47
CA PHE B 232 26.04 -19.11 -10.59
C PHE B 232 24.75 -18.30 -10.58
N SER B 233 23.63 -19.00 -10.55
CA SER B 233 22.33 -18.38 -10.72
C SER B 233 21.29 -19.13 -9.90
N GLU B 234 20.16 -18.47 -9.68
CA GLU B 234 19.01 -19.10 -9.05
C GLU B 234 17.87 -19.12 -10.06
N TYR B 235 17.24 -20.27 -10.21
CA TYR B 235 16.14 -20.44 -11.13
C TYR B 235 14.83 -20.22 -10.40
N PRO B 236 14.05 -19.20 -10.74
CA PRO B 236 12.77 -18.99 -10.07
C PRO B 236 11.62 -19.68 -10.79
N ASN B 237 10.58 -19.95 -10.01
CA ASN B 237 9.26 -20.38 -10.46
C ASN B 237 9.27 -21.71 -11.22
N LEU B 238 10.22 -22.59 -10.96
CA LEU B 238 10.20 -23.85 -11.70
C LEU B 238 9.28 -24.85 -11.02
N ALA B 239 8.39 -25.47 -11.79
CA ALA B 239 7.42 -26.40 -11.26
C ALA B 239 8.00 -27.80 -11.24
N ILE B 240 7.32 -28.71 -10.54
CA ILE B 240 7.74 -30.10 -10.44
C ILE B 240 6.66 -30.96 -11.09
N GLN B 241 7.09 -31.86 -11.98
CA GLN B 241 6.21 -32.84 -12.59
C GLN B 241 6.77 -34.22 -12.27
N LYS B 242 6.00 -35.04 -11.58
CA LYS B 242 6.48 -36.33 -11.11
C LYS B 242 6.02 -37.45 -12.03
N PHE B 243 6.95 -38.32 -12.39
CA PHE B 243 6.68 -39.47 -13.25
C PHE B 243 6.67 -40.75 -12.42
N GLY B 244 5.59 -41.51 -12.53
CA GLY B 244 5.47 -42.76 -11.80
C GLY B 244 4.82 -42.61 -10.45
N GLY B 245 5.16 -41.53 -9.75
CA GLY B 245 4.54 -41.25 -8.47
C GLY B 245 5.09 -42.06 -7.32
N THR B 246 4.31 -43.04 -6.86
CA THR B 246 4.73 -43.84 -5.71
C THR B 246 5.82 -44.83 -6.07
N LYS B 247 5.86 -45.31 -7.31
CA LYS B 247 6.82 -46.33 -7.73
C LYS B 247 7.42 -45.90 -9.06
N PRO B 248 8.47 -45.07 -9.04
CA PRO B 248 9.02 -44.55 -10.29
C PRO B 248 9.90 -45.54 -11.03
N GLN B 249 9.28 -46.49 -11.74
CA GLN B 249 9.99 -47.41 -12.61
C GLN B 249 9.51 -47.32 -14.05
N ASN B 250 9.26 -46.09 -14.52
CA ASN B 250 8.94 -45.89 -15.93
C ASN B 250 10.17 -46.15 -16.80
N ILE B 251 11.23 -45.37 -16.60
CA ILE B 251 12.50 -45.52 -17.28
C ILE B 251 13.53 -45.48 -16.15
N SER B 252 14.72 -46.03 -16.41
CA SER B 252 15.85 -45.77 -15.52
C SER B 252 16.28 -44.30 -15.63
N GLN B 253 17.24 -43.93 -14.79
CA GLN B 253 17.65 -42.58 -14.36
C GLN B 253 16.62 -41.92 -13.45
N LEU B 254 15.53 -42.61 -13.11
CA LEU B 254 14.65 -42.16 -12.02
C LEU B 254 15.17 -42.82 -10.74
N ASN B 255 16.23 -42.24 -10.20
CA ASN B 255 16.96 -42.84 -9.08
C ASN B 255 16.30 -42.44 -7.76
N SER B 256 17.01 -42.68 -6.65
CA SER B 256 16.42 -42.63 -5.32
C SER B 256 16.00 -41.23 -4.90
N GLU B 257 16.68 -40.20 -5.40
CA GLU B 257 16.29 -38.82 -5.17
C GLU B 257 15.74 -38.16 -6.43
N ARG B 258 15.56 -38.93 -7.49
CA ARG B 258 15.04 -38.47 -8.77
C ARG B 258 13.72 -39.18 -9.04
N TYR B 259 12.84 -39.21 -8.04
CA TYR B 259 11.63 -40.03 -8.10
C TYR B 259 10.63 -39.47 -9.10
N GLY B 260 10.96 -39.59 -10.39
CA GLY B 260 10.19 -38.95 -11.43
C GLY B 260 10.26 -37.45 -11.43
N GLU B 261 11.24 -36.87 -10.75
CA GLU B 261 11.16 -35.48 -10.28
C GLU B 261 11.69 -34.48 -11.29
N ASN B 262 11.47 -34.74 -12.58
CA ASN B 262 11.80 -33.81 -13.66
C ASN B 262 11.11 -32.47 -13.45
N TRP B 263 11.91 -31.43 -13.22
CA TRP B 263 11.38 -30.11 -12.97
C TRP B 263 11.53 -29.21 -14.19
N LEU B 264 10.58 -28.30 -14.34
CA LEU B 264 10.28 -27.65 -15.61
C LEU B 264 10.61 -26.17 -15.53
N LEU B 265 11.29 -25.64 -16.55
CA LEU B 265 11.74 -24.26 -16.54
C LEU B 265 10.55 -23.31 -16.69
N PRO B 266 10.63 -22.11 -16.11
CA PRO B 266 9.48 -21.20 -16.13
C PRO B 266 9.33 -20.53 -17.48
N SER B 267 8.13 -20.60 -18.04
CA SER B 267 7.80 -19.97 -19.32
C SER B 267 6.47 -19.26 -19.24
N LEU B 268 6.17 -18.65 -18.09
CA LEU B 268 4.86 -18.07 -17.81
C LEU B 268 4.66 -16.77 -18.56
N PRO B 269 3.48 -16.17 -18.45
CA PRO B 269 3.17 -14.94 -19.20
C PRO B 269 3.89 -13.74 -18.59
N PRO B 270 3.68 -12.54 -19.15
CA PRO B 270 4.35 -11.36 -18.59
C PRO B 270 3.81 -10.94 -17.23
N HIS B 271 2.54 -11.21 -16.97
CA HIS B 271 1.92 -10.89 -15.68
C HIS B 271 1.32 -12.16 -15.10
N TRP B 272 2.12 -13.22 -15.06
CA TRP B 272 1.69 -14.55 -14.64
C TRP B 272 1.63 -14.72 -13.13
N GLN B 273 1.63 -13.63 -12.38
CA GLN B 273 1.36 -13.60 -10.96
C GLN B 273 -0.08 -13.14 -10.74
N ARG B 274 -0.43 -12.85 -9.49
CA ARG B 274 -1.78 -12.41 -9.15
C ARG B 274 -1.96 -10.92 -9.49
N GLN B 275 -3.06 -10.35 -9.02
CA GLN B 275 -3.38 -8.95 -9.26
C GLN B 275 -3.15 -8.13 -8.00
N ASP B 276 -2.85 -6.85 -8.20
CA ASP B 276 -2.63 -5.93 -7.09
C ASP B 276 -2.53 -4.52 -7.63
N GLN B 277 -3.06 -3.56 -6.88
CA GLN B 277 -3.02 -2.15 -7.26
C GLN B 277 -3.25 -1.30 -6.01
N ARG B 278 -2.98 0.00 -6.14
CA ARG B 278 -3.16 0.92 -5.03
C ARG B 278 -3.74 2.28 -5.42
N ALA B 279 -4.13 2.48 -6.67
CA ALA B 279 -4.62 3.77 -7.16
C ALA B 279 -6.06 3.59 -7.66
N PRO B 280 -7.03 3.44 -6.74
CA PRO B 280 -8.43 3.34 -7.17
C PRO B 280 -9.08 4.69 -7.38
N ILE B 281 -10.37 4.70 -7.68
CA ILE B 281 -11.12 5.94 -7.89
C ILE B 281 -11.44 6.51 -6.50
N ARG B 282 -10.63 7.46 -6.05
CA ARG B 282 -10.75 8.06 -4.73
C ARG B 282 -9.81 9.26 -4.66
N HIS B 283 -9.70 9.86 -3.47
CA HIS B 283 -8.76 10.97 -3.30
C HIS B 283 -7.36 10.48 -2.98
N SER B 284 -7.24 9.42 -2.18
CA SER B 284 -5.93 8.87 -1.88
C SER B 284 -5.37 8.08 -3.07
N SER B 285 -6.24 7.56 -3.93
CA SER B 285 -5.82 6.79 -5.10
C SER B 285 -5.74 7.65 -6.36
N VAL B 286 -6.86 8.25 -6.76
CA VAL B 286 -6.91 9.00 -8.02
C VAL B 286 -6.79 10.51 -7.85
N PHE B 287 -6.92 11.03 -6.62
CA PHE B 287 -6.79 12.46 -6.42
C PHE B 287 -5.35 12.93 -6.49
N GLU B 288 -4.40 12.02 -6.27
CA GLU B 288 -2.98 12.36 -6.31
C GLU B 288 -2.56 12.59 -7.76
N HIS B 289 -2.56 13.86 -8.18
CA HIS B 289 -2.43 14.23 -9.59
C HIS B 289 -1.06 13.89 -10.20
N ASP B 290 -0.06 13.58 -9.38
CA ASP B 290 1.24 13.10 -9.87
C ASP B 290 1.78 12.09 -8.85
N PHE B 291 1.51 10.80 -9.09
CA PHE B 291 1.95 9.75 -8.19
C PHE B 291 2.99 8.82 -8.80
N GLY B 292 2.66 8.15 -9.91
CA GLY B 292 3.58 7.29 -10.64
C GLY B 292 4.28 6.19 -9.87
N ARG B 293 3.53 5.18 -9.40
CA ARG B 293 4.11 4.13 -8.58
C ARG B 293 3.56 2.76 -8.96
N SER B 294 4.32 1.72 -8.61
CA SER B 294 3.97 0.32 -8.82
C SER B 294 5.04 -0.56 -8.20
N PRO B 295 4.73 -1.82 -7.85
CA PRO B 295 5.77 -2.71 -7.32
C PRO B 295 6.72 -3.24 -8.38
N GLU B 296 6.16 -3.72 -9.49
CA GLU B 296 6.98 -4.19 -10.59
C GLU B 296 7.66 -3.04 -11.32
N VAL B 297 6.93 -1.93 -11.49
CA VAL B 297 7.53 -0.70 -12.02
C VAL B 297 8.56 -0.14 -11.06
N SER B 298 8.38 -0.37 -9.76
CA SER B 298 9.38 0.07 -8.78
C SER B 298 10.65 -0.75 -8.90
N ARG B 299 10.52 -2.05 -9.13
CA ARG B 299 11.70 -2.89 -9.36
C ARG B 299 12.41 -2.52 -10.66
N LEU B 300 11.62 -2.23 -11.71
CA LEU B 300 12.20 -1.81 -12.98
C LEU B 300 12.88 -0.45 -12.86
N THR B 301 12.33 0.45 -12.04
CA THR B 301 12.95 1.75 -11.85
C THR B 301 14.22 1.64 -11.02
N ARG B 302 14.24 0.75 -10.02
CA ARG B 302 15.46 0.51 -9.26
C ARG B 302 16.55 -0.10 -10.12
N THR B 303 16.17 -1.01 -11.02
CA THR B 303 17.13 -1.59 -11.96
C THR B 303 17.66 -0.54 -12.93
N LEU B 304 16.78 0.31 -13.45
CA LEU B 304 17.19 1.35 -14.40
C LEU B 304 17.95 2.48 -13.73
N GLN B 305 17.83 2.65 -12.42
CA GLN B 305 18.55 3.70 -11.72
C GLN B 305 19.81 3.22 -11.01
N ARG B 306 20.00 1.91 -10.87
CA ARG B 306 21.23 1.39 -10.27
C ARG B 306 22.44 1.71 -11.13
N LEU B 307 22.48 1.20 -12.35
CA LEU B 307 23.56 1.52 -13.30
C LEU B 307 23.09 2.64 -14.22
N LEU B 308 23.00 3.83 -13.64
CA LEU B 308 22.41 5.00 -14.29
C LEU B 308 23.45 6.00 -14.78
N ALA B 309 24.57 5.51 -15.31
CA ALA B 309 25.64 6.36 -15.82
C ALA B 309 25.72 6.26 -17.33
N LYS B 310 26.56 7.10 -17.93
CA LYS B 310 26.80 7.11 -19.37
C LYS B 310 28.31 7.16 -19.59
N THR B 311 28.92 5.99 -19.69
CA THR B 311 30.37 5.88 -19.83
C THR B 311 30.77 5.76 -21.30
N ARG B 312 32.07 5.60 -21.53
CA ARG B 312 32.63 5.49 -22.88
C ARG B 312 32.87 4.06 -23.31
N HIS B 313 33.38 3.20 -22.42
CA HIS B 313 33.51 1.78 -22.71
C HIS B 313 32.23 1.00 -22.42
N ASN B 314 31.34 1.56 -21.60
CA ASN B 314 30.03 0.97 -21.35
C ASN B 314 28.96 1.53 -22.29
N ASN B 315 29.31 2.50 -23.13
CA ASN B 315 28.35 3.05 -24.08
C ASN B 315 27.98 2.06 -25.17
N PHE B 316 28.86 1.12 -25.50
CA PHE B 316 28.60 0.12 -26.53
C PHE B 316 27.49 -0.85 -26.14
N THR B 317 27.18 -0.96 -24.85
CA THR B 317 26.01 -1.68 -24.37
C THR B 317 24.96 -0.75 -23.78
N ILE B 318 25.37 0.42 -23.30
CA ILE B 318 24.45 1.39 -22.68
C ILE B 318 23.71 2.19 -23.74
N ARG B 319 24.04 1.96 -25.02
CA ARG B 319 23.25 2.55 -26.09
C ARG B 319 21.87 1.94 -26.16
N ARG B 320 21.74 0.66 -25.79
CA ARG B 320 20.44 -0.01 -25.73
C ARG B 320 19.99 -0.34 -24.32
N TYR B 321 20.92 -0.62 -23.40
CA TYR B 321 20.55 -1.00 -22.04
C TYR B 321 20.07 0.18 -21.21
N ARG B 322 20.25 1.41 -21.67
CA ARG B 322 19.75 2.59 -20.98
C ARG B 322 18.40 3.05 -21.49
N ALA B 323 18.19 3.02 -22.81
CA ALA B 323 16.89 3.34 -23.37
C ALA B 323 15.90 2.19 -23.24
N GLN B 324 16.40 0.96 -23.07
CA GLN B 324 15.53 -0.18 -22.87
C GLN B 324 14.82 -0.09 -21.53
N LEU B 325 15.50 0.43 -20.50
CA LEU B 325 14.88 0.59 -19.19
C LEU B 325 13.80 1.67 -19.21
N VAL B 326 14.05 2.76 -19.93
CA VAL B 326 13.05 3.83 -20.03
C VAL B 326 11.85 3.37 -20.85
N GLY B 327 12.10 2.58 -21.90
CA GLY B 327 11.00 2.01 -22.66
C GLY B 327 10.18 1.02 -21.85
N GLN B 328 10.85 0.21 -21.02
CA GLN B 328 10.16 -0.72 -20.14
C GLN B 328 9.37 0.01 -19.06
N ILE B 329 9.88 1.14 -18.58
CA ILE B 329 9.16 1.93 -17.59
C ILE B 329 7.92 2.58 -18.20
N CYS B 330 8.04 3.10 -19.42
CA CYS B 330 6.88 3.66 -20.12
C CYS B 330 5.85 2.59 -20.44
N ASP B 331 6.29 1.39 -20.83
CA ASP B 331 5.37 0.31 -21.14
C ASP B 331 4.68 -0.21 -19.88
N GLU B 332 5.40 -0.26 -18.76
CA GLU B 332 4.79 -0.68 -17.50
C GLU B 332 3.78 0.35 -17.02
N ALA B 333 4.07 1.63 -17.23
CA ALA B 333 3.10 2.68 -16.89
C ALA B 333 1.85 2.59 -17.74
N LEU B 334 2.02 2.34 -19.05
CA LEU B 334 0.88 2.18 -19.94
C LEU B 334 0.07 0.93 -19.59
N GLN B 335 0.75 -0.14 -19.18
CA GLN B 335 0.05 -1.37 -18.81
C GLN B 335 -0.72 -1.20 -17.50
N TYR B 336 -0.14 -0.46 -16.54
CA TYR B 336 -0.85 -0.17 -15.30
C TYR B 336 -2.04 0.75 -15.55
N ALA B 337 -1.90 1.72 -16.45
CA ALA B 337 -3.00 2.60 -16.79
C ALA B 337 -4.12 1.86 -17.52
N ALA B 338 -3.75 0.84 -18.30
CA ALA B 338 -4.77 0.04 -18.98
C ALA B 338 -5.45 -0.93 -18.01
N ARG B 339 -4.69 -1.47 -17.04
CA ARG B 339 -5.27 -2.42 -16.11
C ARG B 339 -6.11 -1.74 -15.04
N LEU B 340 -5.86 -0.45 -14.76
CA LEU B 340 -6.62 0.24 -13.73
C LEU B 340 -8.04 0.52 -14.20
N ARG B 341 -8.19 1.13 -15.37
CA ARG B 341 -9.51 1.53 -15.89
C ARG B 341 -10.11 0.48 -16.80
N GLU B 342 -10.21 -0.76 -16.30
CA GLU B 342 -10.88 -1.81 -17.05
C GLU B 342 -11.89 -2.56 -16.19
N LEU B 343 -11.61 -2.67 -14.89
CA LEU B 343 -12.43 -3.44 -13.96
C LEU B 343 -12.85 -2.58 -12.78
N GLU B 344 -13.07 -1.29 -13.03
CA GLU B 344 -13.52 -0.36 -11.99
C GLU B 344 -14.46 0.64 -12.66
N PRO B 345 -15.73 0.30 -12.80
CA PRO B 345 -16.67 1.21 -13.49
C PRO B 345 -17.04 2.44 -12.70
N GLY B 346 -16.74 2.50 -11.41
CA GLY B 346 -17.03 3.67 -10.62
C GLY B 346 -16.19 4.87 -10.98
N TRP B 347 -16.80 5.82 -11.69
CA TRP B 347 -16.14 7.07 -12.06
C TRP B 347 -17.24 8.10 -12.28
N SER B 348 -17.46 8.94 -11.29
CA SER B 348 -18.52 9.95 -11.34
C SER B 348 -18.32 10.87 -10.15
N ALA B 349 -19.31 11.74 -9.91
CA ALA B 349 -19.31 12.58 -8.71
C ALA B 349 -19.56 11.71 -7.49
N THR B 350 -18.82 11.98 -6.42
CA THR B 350 -18.91 11.21 -5.18
C THR B 350 -18.10 11.90 -4.09
N PRO B 351 -18.16 11.41 -2.85
CA PRO B 351 -17.37 12.04 -1.78
C PRO B 351 -15.89 11.65 -1.85
N GLY B 352 -15.05 12.60 -2.25
CA GLY B 352 -13.63 12.35 -2.38
C GLY B 352 -13.23 11.92 -3.79
N CYS B 353 -13.75 12.62 -4.80
CA CYS B 353 -13.45 12.34 -6.19
C CYS B 353 -13.24 13.61 -6.99
N GLN B 354 -12.67 14.64 -6.37
CA GLN B 354 -12.51 15.93 -7.04
C GLN B 354 -11.39 15.90 -8.08
N LEU B 355 -10.19 15.48 -7.67
CA LEU B 355 -9.06 15.42 -8.59
C LEU B 355 -9.11 14.24 -9.55
N HIS B 356 -10.09 13.36 -9.41
CA HIS B 356 -10.24 12.19 -10.27
C HIS B 356 -11.05 12.48 -11.54
N ASP B 357 -11.18 13.74 -11.92
CA ASP B 357 -11.88 14.11 -13.15
C ASP B 357 -11.01 14.89 -14.13
N ALA B 358 -10.05 15.66 -13.65
CA ALA B 358 -9.14 16.39 -14.53
C ALA B 358 -7.84 15.63 -14.76
N GLU B 359 -7.12 15.31 -13.68
CA GLU B 359 -5.92 14.49 -13.79
C GLU B 359 -6.25 13.02 -14.03
N GLN B 360 -7.48 12.62 -13.75
CA GLN B 360 -7.96 11.26 -14.00
C GLN B 360 -8.54 11.08 -15.39
N LEU B 361 -8.09 11.88 -16.37
CA LEU B 361 -8.54 11.72 -17.75
C LEU B 361 -8.03 10.42 -18.38
N TRP B 362 -6.95 9.85 -17.86
CA TRP B 362 -6.49 8.55 -18.34
C TRP B 362 -7.30 7.42 -17.72
N LEU B 363 -7.25 7.31 -16.39
CA LEU B 363 -7.99 6.27 -15.68
C LEU B 363 -9.39 6.75 -15.30
N ASP B 364 -10.16 7.08 -16.34
CA ASP B 364 -11.47 7.67 -16.18
C ASP B 364 -12.56 6.69 -16.60
N PRO B 365 -13.73 6.74 -15.95
CA PRO B 365 -14.81 5.81 -16.29
C PRO B 365 -15.55 6.18 -17.56
N LEU B 366 -16.62 5.45 -17.86
CA LEU B 366 -17.45 5.71 -19.02
C LEU B 366 -18.40 6.88 -18.76
N ARG B 367 -19.40 7.05 -19.63
CA ARG B 367 -20.38 8.11 -19.48
C ARG B 367 -21.28 7.83 -18.28
N ALA B 368 -21.83 8.91 -17.71
CA ALA B 368 -22.63 8.83 -16.51
C ALA B 368 -24.11 8.67 -16.84
N GLN B 369 -24.94 8.64 -15.79
CA GLN B 369 -26.38 8.52 -15.97
C GLN B 369 -27.09 9.87 -16.01
N THR B 370 -26.47 10.91 -15.43
CA THR B 370 -27.08 12.24 -15.41
C THR B 370 -26.19 13.25 -16.12
N ASP B 371 -25.69 12.89 -17.30
CA ASP B 371 -24.78 13.76 -18.04
C ASP B 371 -25.54 14.95 -18.63
N GLU B 372 -24.83 16.06 -18.80
CA GLU B 372 -25.38 17.28 -19.36
C GLU B 372 -25.14 17.32 -20.86
N THR B 373 -25.52 18.45 -21.49
CA THR B 373 -25.39 18.59 -22.93
C THR B 373 -23.93 18.74 -23.33
N PHE B 374 -23.23 19.68 -22.71
CA PHE B 374 -21.79 19.85 -22.94
C PHE B 374 -21.01 19.09 -21.87
N LEU B 375 -21.17 17.77 -21.91
CA LEU B 375 -20.51 16.86 -20.99
C LEU B 375 -19.15 16.40 -21.49
N GLN B 376 -18.63 17.04 -22.53
CA GLN B 376 -17.30 16.73 -23.06
C GLN B 376 -16.19 17.53 -22.38
N ARG B 377 -16.52 18.31 -21.38
CA ARG B 377 -15.51 19.03 -20.61
C ARG B 377 -15.64 18.83 -19.11
N ARG B 378 -16.86 18.74 -18.59
CA ARG B 378 -17.09 18.59 -17.16
C ARG B 378 -17.30 17.15 -16.72
N LEU B 379 -17.57 16.25 -17.66
CA LEU B 379 -17.69 14.82 -17.38
C LEU B 379 -16.52 14.02 -17.89
N ARG B 380 -16.04 14.30 -19.10
CA ARG B 380 -14.86 13.62 -19.64
C ARG B 380 -14.26 14.53 -20.69
N GLY B 381 -13.15 15.19 -20.35
CA GLY B 381 -12.45 16.02 -21.32
C GLY B 381 -11.79 15.17 -22.39
N ASP B 382 -11.84 15.65 -23.63
CA ASP B 382 -11.33 14.89 -24.77
C ASP B 382 -9.84 15.07 -24.98
N TRP B 383 -9.05 14.88 -23.92
CA TRP B 383 -7.59 14.93 -24.03
C TRP B 383 -6.96 14.61 -22.67
N PRO B 384 -5.73 14.10 -22.64
CA PRO B 384 -5.01 13.97 -21.35
C PRO B 384 -4.33 15.30 -21.01
N ALA B 385 -5.14 16.21 -20.46
CA ALA B 385 -4.71 17.59 -20.25
C ALA B 385 -3.67 17.71 -19.14
N GLU B 386 -3.90 17.05 -18.01
CA GLU B 386 -2.94 17.04 -16.92
C GLU B 386 -1.96 15.88 -16.99
N VAL B 387 -2.04 15.04 -18.03
CA VAL B 387 -1.24 13.82 -18.08
C VAL B 387 0.19 14.12 -18.53
N GLY B 388 0.35 15.09 -19.43
CA GLY B 388 1.68 15.35 -19.99
C GLY B 388 2.64 15.97 -19.00
N ASN B 389 2.13 16.91 -18.19
CA ASN B 389 2.96 17.50 -17.14
C ASN B 389 3.29 16.48 -16.06
N ARG B 390 2.36 15.56 -15.79
CA ARG B 390 2.61 14.51 -14.81
C ARG B 390 3.67 13.53 -15.31
N PHE B 391 3.63 13.20 -16.60
CA PHE B 391 4.64 12.33 -17.18
C PHE B 391 6.01 13.01 -17.22
N ALA B 392 6.03 14.32 -17.50
CA ALA B 392 7.29 15.07 -17.47
C ALA B 392 7.85 15.15 -16.06
N ASN B 393 6.99 15.34 -15.06
CA ASN B 393 7.46 15.38 -13.67
C ASN B 393 7.91 14.01 -13.19
N TRP B 394 7.27 12.94 -13.66
CA TRP B 394 7.70 11.60 -13.31
C TRP B 394 9.04 11.27 -13.95
N LEU B 395 9.26 11.71 -15.19
CA LEU B 395 10.55 11.53 -15.83
C LEU B 395 11.63 12.38 -15.18
N ASN B 396 11.27 13.55 -14.65
CA ASN B 396 12.25 14.38 -13.95
C ASN B 396 12.57 13.85 -12.57
N ARG B 397 11.61 13.19 -11.90
CA ARG B 397 11.84 12.66 -10.57
C ARG B 397 12.48 11.28 -10.59
N ALA B 398 12.25 10.50 -11.64
CA ALA B 398 12.81 9.15 -11.71
C ALA B 398 14.30 9.17 -12.00
N VAL B 399 14.80 10.22 -12.64
CA VAL B 399 16.22 10.36 -12.95
C VAL B 399 16.66 11.73 -12.48
N SER B 400 17.60 11.76 -11.53
CA SER B 400 18.05 13.01 -10.91
C SER B 400 19.03 13.70 -11.85
N SER B 401 18.49 14.53 -12.74
CA SER B 401 19.32 15.30 -13.66
C SER B 401 19.89 16.52 -12.96
N ASP B 402 21.17 16.78 -13.18
CA ASP B 402 21.89 17.87 -12.54
C ASP B 402 22.15 19.00 -13.52
N SER B 403 22.86 20.02 -13.05
CA SER B 403 23.22 21.18 -13.87
C SER B 403 24.39 20.90 -14.81
N GLN B 404 24.97 19.71 -14.78
CA GLN B 404 26.03 19.30 -15.69
C GLN B 404 25.70 17.95 -16.31
N ILE B 405 24.43 17.74 -16.66
CA ILE B 405 23.98 16.49 -17.25
C ILE B 405 23.89 16.57 -18.77
N LEU B 406 24.45 17.61 -19.38
CA LEU B 406 24.46 17.77 -20.82
C LEU B 406 25.83 18.25 -21.30
N GLY B 407 26.89 17.81 -20.63
CA GLY B 407 28.24 18.11 -21.10
C GLY B 407 28.62 17.33 -22.34
N SER B 408 28.00 16.17 -22.53
CA SER B 408 28.13 15.39 -23.75
C SER B 408 26.72 14.99 -24.16
N PRO B 409 26.55 14.33 -25.31
CA PRO B 409 25.21 13.96 -25.77
C PRO B 409 24.60 12.75 -25.07
N GLU B 410 25.25 12.20 -24.03
CA GLU B 410 24.74 11.00 -23.38
C GLU B 410 23.50 11.31 -22.53
N ALA B 411 23.57 12.34 -21.69
CA ALA B 411 22.42 12.74 -20.89
C ALA B 411 21.37 13.46 -21.73
N ALA B 412 21.83 14.32 -22.66
CA ALA B 412 20.90 15.06 -23.51
C ALA B 412 20.16 14.13 -24.49
N GLN B 413 20.78 13.03 -24.90
CA GLN B 413 20.10 12.07 -25.76
C GLN B 413 19.00 11.33 -25.00
N TRP B 414 19.26 11.01 -23.72
CA TRP B 414 18.23 10.39 -22.90
C TRP B 414 17.11 11.37 -22.59
N SER B 415 17.45 12.66 -22.45
CA SER B 415 16.44 13.69 -22.24
C SER B 415 15.57 13.89 -23.49
N GLN B 416 16.19 13.84 -24.67
CA GLN B 416 15.43 13.93 -25.92
C GLN B 416 14.56 12.69 -26.12
N GLU B 417 15.06 11.52 -25.74
CA GLU B 417 14.27 10.30 -25.84
C GLU B 417 13.10 10.31 -24.86
N LEU B 418 13.32 10.88 -23.67
CA LEU B 418 12.23 11.02 -22.69
C LEU B 418 11.18 12.01 -23.18
N SER B 419 11.61 13.10 -23.80
CA SER B 419 10.66 14.07 -24.38
C SER B 419 9.87 13.45 -25.53
N LYS B 420 10.52 12.67 -26.38
CA LYS B 420 9.84 12.01 -27.49
C LYS B 420 8.86 10.95 -27.00
N GLU B 421 9.25 10.20 -25.96
CA GLU B 421 8.36 9.19 -25.39
C GLU B 421 7.17 9.84 -24.69
N LEU B 422 7.38 11.00 -24.05
CA LEU B 422 6.28 11.73 -23.44
C LEU B 422 5.32 12.29 -24.49
N THR B 423 5.86 12.79 -25.61
CA THR B 423 5.01 13.27 -26.70
C THR B 423 4.23 12.13 -27.35
N MET B 424 4.85 10.96 -27.49
CA MET B 424 4.16 9.81 -28.05
C MET B 424 3.06 9.31 -27.11
N PHE B 425 3.34 9.27 -25.80
CA PHE B 425 2.34 8.88 -24.82
C PHE B 425 1.20 9.90 -24.76
N LYS B 426 1.51 11.19 -24.98
CA LYS B 426 0.46 12.20 -25.02
C LYS B 426 -0.42 12.05 -26.26
N GLU B 427 0.18 11.76 -27.41
CA GLU B 427 -0.60 11.54 -28.62
C GLU B 427 -1.43 10.26 -28.52
N ILE B 428 -0.94 9.26 -27.79
CA ILE B 428 -1.70 8.04 -27.58
C ILE B 428 -2.86 8.30 -26.62
N LEU B 429 -2.60 9.05 -25.54
CA LEU B 429 -3.63 9.28 -24.54
C LEU B 429 -4.67 10.29 -24.99
N GLU B 430 -4.35 11.11 -26.00
CA GLU B 430 -5.31 12.07 -26.52
C GLU B 430 -6.50 11.40 -27.19
N ASP B 431 -6.26 10.27 -27.87
CA ASP B 431 -7.33 9.51 -28.49
C ASP B 431 -8.06 8.58 -27.53
N GLU B 432 -7.71 8.61 -26.23
CA GLU B 432 -8.35 7.71 -25.28
C GLU B 432 -9.81 8.09 -25.03
N ARG B 433 -10.12 9.38 -25.06
CA ARG B 433 -11.49 9.86 -24.86
C ARG B 433 -12.26 9.96 -26.17
N ASP B 434 -12.27 8.86 -26.93
CA ASP B 434 -12.97 8.81 -28.21
C ASP B 434 -12.79 7.44 -28.87
N VAL C 3 3.56 -17.79 -45.39
CA VAL C 3 4.61 -16.78 -45.33
C VAL C 3 4.10 -15.53 -46.05
N THR C 4 3.00 -15.71 -46.77
CA THR C 4 2.40 -14.61 -47.51
C THR C 4 1.76 -13.62 -46.55
N ASP C 5 1.98 -12.32 -46.81
CA ASP C 5 1.34 -11.31 -45.99
C ASP C 5 -0.17 -11.31 -46.22
N PRO C 6 -0.97 -11.22 -45.17
CA PRO C 6 -2.42 -11.33 -45.32
C PRO C 6 -3.04 -10.05 -45.85
N GLU C 7 -4.25 -10.20 -46.39
CA GLU C 7 -5.01 -9.03 -46.79
C GLU C 7 -5.78 -8.41 -45.64
N ALA C 8 -6.05 -9.19 -44.59
CA ALA C 8 -6.88 -8.73 -43.50
C ALA C 8 -6.49 -9.43 -42.21
N LEU C 9 -6.67 -8.72 -41.09
CA LEU C 9 -6.36 -9.24 -39.76
C LEU C 9 -7.67 -9.37 -38.99
N LEU C 10 -8.27 -10.55 -39.06
CA LEU C 10 -9.52 -10.83 -38.38
C LEU C 10 -9.27 -11.04 -36.90
N LEU C 11 -9.74 -10.11 -36.07
CA LEU C 11 -9.42 -10.16 -34.64
C LEU C 11 -10.43 -11.00 -33.89
N LEU C 12 -9.96 -12.05 -33.25
CA LEU C 12 -10.78 -12.81 -32.33
C LEU C 12 -10.68 -12.20 -30.95
N PRO C 13 -11.79 -11.92 -30.30
CA PRO C 13 -11.80 -11.07 -29.10
C PRO C 13 -11.29 -11.75 -27.86
N ARG C 14 -11.50 -11.08 -26.70
CA ARG C 14 -11.29 -11.65 -25.37
C ARG C 14 -11.93 -13.02 -25.26
N LEU C 15 -11.09 -14.03 -25.05
CA LEU C 15 -11.43 -15.43 -25.25
C LEU C 15 -10.96 -16.16 -24.00
N SER C 16 -11.89 -16.37 -23.06
CA SER C 16 -11.56 -17.10 -21.84
C SER C 16 -11.55 -18.59 -22.15
N ILE C 17 -10.42 -19.24 -21.92
CA ILE C 17 -10.31 -20.67 -22.11
C ILE C 17 -9.83 -21.27 -20.80
N GLN C 18 -10.52 -22.32 -20.37
CA GLN C 18 -10.32 -22.89 -19.05
C GLN C 18 -9.82 -24.33 -19.17
N ASN C 19 -9.12 -24.76 -18.13
CA ASN C 19 -8.48 -26.07 -18.02
C ASN C 19 -7.60 -26.37 -19.23
N ALA C 20 -6.72 -25.42 -19.55
CA ALA C 20 -5.84 -25.55 -20.70
C ALA C 20 -4.71 -26.53 -20.38
N ASN C 21 -3.76 -26.64 -21.28
CA ASN C 21 -2.56 -27.39 -21.00
C ASN C 21 -1.50 -26.39 -20.56
N ALA C 22 -1.06 -26.49 -19.32
CA ALA C 22 -0.03 -25.60 -18.84
C ALA C 22 1.36 -26.07 -19.24
N ILE C 23 1.62 -27.37 -19.15
CA ILE C 23 2.96 -27.94 -19.32
C ILE C 23 3.46 -27.75 -20.75
N SER C 24 2.79 -28.37 -21.72
CA SER C 24 2.93 -28.10 -23.16
C SER C 24 4.27 -28.45 -23.78
N SER C 25 5.24 -28.89 -22.97
CA SER C 25 6.60 -29.18 -23.40
C SER C 25 7.31 -29.91 -22.27
N PRO C 26 8.31 -30.77 -22.57
CA PRO C 26 9.03 -31.44 -21.49
C PRO C 26 9.94 -30.55 -20.66
N LEU C 27 10.16 -29.29 -21.05
CA LEU C 27 11.04 -28.43 -20.28
C LEU C 27 10.42 -27.11 -19.85
N THR C 28 9.25 -26.74 -20.36
CA THR C 28 8.56 -25.54 -19.93
C THR C 28 7.29 -25.92 -19.19
N TRP C 29 6.73 -24.97 -18.44
CA TRP C 29 5.47 -25.23 -17.77
C TRP C 29 4.51 -24.05 -17.86
N GLY C 30 4.87 -22.98 -18.54
CA GLY C 30 4.10 -21.76 -18.37
C GLY C 30 2.93 -21.67 -19.31
N PHE C 31 2.98 -20.70 -20.22
CA PHE C 31 1.96 -20.56 -21.24
C PHE C 31 1.99 -21.78 -22.16
N PRO C 32 0.84 -22.18 -22.71
CA PRO C 32 0.82 -23.29 -23.67
C PRO C 32 1.59 -22.97 -24.95
N SER C 33 1.88 -24.03 -25.71
CA SER C 33 2.70 -23.92 -26.90
C SER C 33 2.02 -23.09 -27.97
N PRO C 34 2.79 -22.32 -28.75
CA PRO C 34 2.19 -21.63 -29.90
C PRO C 34 1.82 -22.57 -31.03
N GLY C 35 2.39 -23.78 -31.05
CA GLY C 35 1.94 -24.81 -31.97
C GLY C 35 0.49 -25.21 -31.74
N ALA C 36 0.03 -25.12 -30.49
CA ALA C 36 -1.39 -25.29 -30.21
C ALA C 36 -2.22 -24.22 -30.89
N PHE C 37 -1.71 -22.99 -30.95
CA PHE C 37 -2.46 -21.91 -31.57
C PHE C 37 -2.49 -22.03 -33.09
N THR C 38 -1.36 -22.41 -33.70
CA THR C 38 -1.36 -22.63 -35.14
C THR C 38 -2.22 -23.84 -35.54
N GLY C 39 -2.18 -24.90 -34.72
CA GLY C 39 -3.06 -26.03 -34.97
C GLY C 39 -4.52 -25.70 -34.76
N PHE C 40 -4.81 -24.81 -33.81
CA PHE C 40 -6.18 -24.36 -33.58
C PHE C 40 -6.72 -23.59 -34.77
N VAL C 41 -5.87 -22.71 -35.33
CA VAL C 41 -6.29 -21.96 -36.51
C VAL C 41 -6.43 -22.86 -37.72
N HIS C 42 -5.58 -23.88 -37.86
CA HIS C 42 -5.73 -24.80 -38.97
C HIS C 42 -7.00 -25.65 -38.83
N ALA C 43 -7.37 -26.02 -37.60
CA ALA C 43 -8.60 -26.75 -37.40
C ALA C 43 -9.82 -25.86 -37.63
N LEU C 44 -9.73 -24.59 -37.24
CA LEU C 44 -10.81 -23.64 -37.50
C LEU C 44 -10.95 -23.38 -38.99
N GLN C 45 -9.83 -23.40 -39.72
CA GLN C 45 -9.85 -23.29 -41.18
C GLN C 45 -10.54 -24.50 -41.78
N ARG C 46 -10.16 -25.70 -41.36
CA ARG C 46 -10.79 -26.94 -41.82
C ARG C 46 -12.27 -27.01 -41.48
N ARG C 47 -12.73 -26.26 -40.47
CA ARG C 47 -14.15 -26.28 -40.15
C ARG C 47 -14.95 -25.21 -40.87
N VAL C 48 -14.45 -23.97 -41.00
CA VAL C 48 -15.26 -22.86 -41.47
C VAL C 48 -14.73 -22.24 -42.78
N GLY C 49 -13.41 -22.33 -43.03
CA GLY C 49 -12.84 -21.55 -44.11
C GLY C 49 -13.09 -22.15 -45.48
N ILE C 50 -13.30 -23.47 -45.54
CA ILE C 50 -13.60 -24.11 -46.82
C ILE C 50 -14.99 -23.70 -47.29
N SER C 51 -15.93 -23.52 -46.36
CA SER C 51 -17.26 -23.03 -46.72
C SER C 51 -17.28 -21.52 -46.86
N LEU C 52 -16.37 -20.82 -46.21
CA LEU C 52 -16.28 -19.37 -46.31
C LEU C 52 -15.36 -18.89 -47.42
N ASP C 53 -14.72 -19.84 -48.14
CA ASP C 53 -13.85 -19.57 -49.28
C ASP C 53 -12.66 -18.68 -48.92
N ILE C 54 -12.13 -18.84 -47.71
CA ILE C 54 -11.01 -18.03 -47.24
C ILE C 54 -9.87 -18.95 -46.80
N GLU C 55 -8.77 -18.34 -46.36
CA GLU C 55 -7.70 -19.07 -45.69
C GLU C 55 -7.42 -18.38 -44.36
N LEU C 56 -6.80 -19.12 -43.45
CA LEU C 56 -6.45 -18.61 -42.13
C LEU C 56 -5.08 -19.17 -41.77
N ASP C 57 -4.12 -18.29 -41.55
CA ASP C 57 -2.74 -18.72 -41.34
C ASP C 57 -2.19 -18.41 -39.96
N GLY C 58 -2.19 -17.15 -39.54
CA GLY C 58 -1.42 -16.72 -38.39
C GLY C 58 -2.26 -16.45 -37.15
N VAL C 59 -1.55 -16.17 -36.06
CA VAL C 59 -2.16 -15.85 -34.77
C VAL C 59 -1.38 -14.78 -34.05
N GLY C 60 -2.09 -14.00 -33.24
CA GLY C 60 -1.48 -13.09 -32.30
C GLY C 60 -1.81 -13.47 -30.88
N ILE C 61 -0.80 -13.87 -30.14
CA ILE C 61 -0.97 -14.51 -28.84
C ILE C 61 -0.68 -13.48 -27.76
N VAL C 62 -1.70 -12.99 -27.06
CA VAL C 62 -1.61 -11.75 -26.31
C VAL C 62 -1.72 -11.94 -24.80
N CYS C 63 -2.50 -12.92 -24.33
CA CYS C 63 -2.56 -13.34 -22.91
C CYS C 63 -2.95 -12.19 -21.98
N HIS C 64 -4.23 -11.81 -22.08
CA HIS C 64 -4.77 -10.74 -21.24
C HIS C 64 -4.68 -11.07 -19.75
N ARG C 65 -4.99 -12.31 -19.37
CA ARG C 65 -4.74 -12.78 -18.01
C ARG C 65 -4.42 -14.27 -18.07
N PHE C 66 -3.75 -14.75 -17.04
CA PHE C 66 -3.29 -16.14 -17.00
C PHE C 66 -3.15 -16.57 -15.55
N GLU C 67 -3.94 -17.56 -15.14
CA GLU C 67 -3.82 -18.12 -13.80
C GLU C 67 -3.61 -19.62 -13.90
N ALA C 68 -2.49 -20.09 -13.35
CA ALA C 68 -2.17 -21.50 -13.38
C ALA C 68 -2.80 -22.22 -12.20
N GLN C 69 -2.94 -23.54 -12.33
CA GLN C 69 -3.47 -24.37 -11.26
C GLN C 69 -2.27 -24.98 -10.53
N ILE C 70 -1.58 -24.15 -9.78
CA ILE C 70 -0.36 -24.53 -9.08
C ILE C 70 -0.46 -24.14 -7.62
N SER C 71 0.52 -24.59 -6.84
CA SER C 71 0.61 -24.25 -5.44
C SER C 71 2.08 -24.34 -5.03
N GLN C 72 2.47 -23.47 -4.10
CA GLN C 72 3.84 -23.44 -3.61
C GLN C 72 3.91 -24.19 -2.29
N PRO C 73 4.41 -25.41 -2.25
CA PRO C 73 4.19 -26.28 -1.10
C PRO C 73 5.13 -26.00 0.07
N ALA C 74 4.59 -25.33 1.11
CA ALA C 74 5.12 -25.29 2.48
C ALA C 74 6.59 -24.87 2.56
N GLY C 75 6.83 -23.61 2.18
CA GLY C 75 8.17 -23.05 2.28
C GLY C 75 9.18 -23.70 1.35
N LYS C 76 8.88 -23.66 0.05
CA LYS C 76 9.81 -24.13 -0.97
C LYS C 76 9.82 -23.12 -2.09
N ARG C 77 10.89 -23.12 -2.87
CA ARG C 77 11.06 -22.17 -3.95
C ARG C 77 10.50 -22.67 -5.26
N THR C 78 9.91 -23.86 -5.28
CA THR C 78 9.39 -24.48 -6.47
C THR C 78 7.87 -24.38 -6.51
N LYS C 79 7.26 -25.01 -7.50
CA LYS C 79 5.82 -25.15 -7.60
C LYS C 79 5.48 -26.61 -7.83
N VAL C 80 4.25 -26.99 -7.51
CA VAL C 80 3.70 -28.28 -7.89
C VAL C 80 2.39 -28.02 -8.60
N PHE C 81 1.85 -29.06 -9.22
CA PHE C 81 0.67 -28.94 -10.05
C PHE C 81 -0.55 -29.52 -9.34
N ASN C 82 -1.68 -28.83 -9.50
CA ASN C 82 -2.94 -29.34 -8.98
C ASN C 82 -3.47 -30.38 -9.95
N LEU C 83 -3.83 -31.54 -9.43
CA LEU C 83 -4.29 -32.64 -10.24
C LEU C 83 -5.82 -32.73 -10.18
N THR C 84 -6.36 -33.76 -10.82
CA THR C 84 -7.79 -34.05 -10.79
C THR C 84 -7.94 -35.52 -10.47
N ARG C 85 -8.87 -35.84 -9.58
CA ARG C 85 -9.09 -37.22 -9.19
C ARG C 85 -9.78 -37.98 -10.31
N ASN C 86 -9.18 -39.08 -10.74
CA ASN C 86 -9.69 -39.88 -11.85
C ASN C 86 -10.64 -40.95 -11.33
N PRO C 87 -11.48 -41.52 -12.19
CA PRO C 87 -12.31 -42.64 -11.75
C PRO C 87 -11.50 -43.90 -11.52
N LEU C 88 -12.11 -44.82 -10.79
CA LEU C 88 -11.45 -46.03 -10.32
C LEU C 88 -11.30 -47.04 -11.46
N ASN C 89 -10.49 -48.06 -11.19
CA ASN C 89 -10.28 -49.19 -12.09
C ASN C 89 -11.39 -50.20 -11.97
N ARG C 90 -11.16 -51.42 -12.46
CA ARG C 90 -12.09 -52.53 -12.20
C ARG C 90 -12.28 -52.76 -10.71
N ASP C 91 -11.21 -52.64 -9.93
CA ASP C 91 -11.27 -52.55 -8.48
C ASP C 91 -11.20 -51.10 -8.03
N GLY C 92 -11.01 -50.87 -6.73
CA GLY C 92 -11.01 -49.53 -6.18
C GLY C 92 -9.62 -48.97 -5.94
N SER C 93 -8.73 -49.12 -6.92
CA SER C 93 -7.30 -48.94 -6.66
C SER C 93 -6.86 -47.49 -6.53
N THR C 94 -7.39 -46.59 -7.36
CA THR C 94 -6.76 -45.30 -7.71
C THR C 94 -5.30 -45.50 -8.10
N ALA C 95 -5.05 -46.42 -9.01
CA ALA C 95 -3.68 -46.88 -9.29
C ALA C 95 -2.83 -45.79 -9.94
N ALA C 96 -3.18 -45.40 -11.15
CA ALA C 96 -2.31 -44.53 -11.95
C ALA C 96 -2.70 -43.08 -11.74
N ILE C 97 -1.70 -42.26 -11.43
CA ILE C 97 -1.89 -40.81 -11.35
C ILE C 97 -0.79 -40.17 -12.18
N VAL C 98 -1.13 -39.78 -13.40
CA VAL C 98 -0.21 -39.09 -14.28
C VAL C 98 -0.39 -37.59 -14.07
N GLU C 99 0.71 -36.86 -13.93
CA GLU C 99 0.68 -35.45 -13.55
C GLU C 99 0.69 -34.59 -14.81
N GLU C 100 -0.41 -33.86 -15.03
CA GLU C 100 -0.47 -32.87 -16.09
C GLU C 100 -1.13 -31.61 -15.53
N GLY C 101 -0.59 -30.45 -15.90
CA GLY C 101 -1.08 -29.21 -15.35
C GLY C 101 -2.25 -28.64 -16.11
N ARG C 102 -2.92 -27.69 -15.47
CA ARG C 102 -4.02 -26.94 -16.07
C ARG C 102 -3.75 -25.46 -15.88
N ALA C 103 -4.51 -24.64 -16.60
CA ALA C 103 -4.38 -23.20 -16.56
C ALA C 103 -5.62 -22.58 -17.17
N HIS C 104 -6.03 -21.43 -16.64
CA HIS C 104 -7.09 -20.63 -17.24
C HIS C 104 -6.47 -19.37 -17.82
N LEU C 105 -6.64 -19.17 -19.13
CA LEU C 105 -6.04 -18.01 -19.76
C LEU C 105 -7.08 -17.29 -20.60
N GLU C 106 -7.03 -15.96 -20.59
CA GLU C 106 -7.88 -15.15 -21.46
C GLU C 106 -7.02 -14.66 -22.62
N VAL C 107 -7.08 -15.38 -23.73
CA VAL C 107 -6.28 -15.06 -24.89
C VAL C 107 -7.16 -14.33 -25.89
N SER C 108 -6.53 -13.61 -26.83
CA SER C 108 -7.31 -13.01 -27.91
C SER C 108 -6.45 -13.06 -29.17
N LEU C 109 -6.89 -13.83 -30.16
CA LEU C 109 -6.09 -14.07 -31.35
C LEU C 109 -6.44 -13.09 -32.45
N LEU C 110 -5.51 -12.92 -33.38
CA LEU C 110 -5.77 -12.16 -34.60
C LEU C 110 -5.26 -12.98 -35.77
N LEU C 111 -6.15 -13.30 -36.70
CA LEU C 111 -5.90 -14.30 -37.71
C LEU C 111 -5.64 -13.62 -39.05
N GLY C 112 -4.64 -14.10 -39.78
CA GLY C 112 -4.35 -13.57 -41.08
C GLY C 112 -5.18 -14.23 -42.16
N VAL C 113 -6.02 -13.46 -42.86
CA VAL C 113 -6.91 -13.99 -43.88
C VAL C 113 -6.26 -13.79 -45.25
N HIS C 114 -6.45 -14.78 -46.14
CA HIS C 114 -5.87 -14.75 -47.48
C HIS C 114 -6.89 -14.82 -48.60
N GLY C 115 -8.04 -15.45 -48.39
CA GLY C 115 -8.93 -15.79 -49.48
C GLY C 115 -9.83 -14.67 -49.96
N ASP C 116 -11.07 -15.01 -50.27
CA ASP C 116 -12.03 -14.06 -50.84
C ASP C 116 -12.88 -13.47 -49.72
N GLY C 117 -12.23 -12.67 -48.88
CA GLY C 117 -12.88 -12.01 -47.76
C GLY C 117 -13.87 -10.96 -48.21
N LEU C 118 -13.38 -9.90 -48.84
CA LEU C 118 -14.22 -8.84 -49.35
C LEU C 118 -14.54 -9.02 -50.84
N ASP C 119 -13.90 -9.98 -51.50
CA ASP C 119 -14.08 -10.15 -52.94
C ASP C 119 -15.46 -10.68 -53.29
N ASP C 120 -15.93 -11.69 -52.55
CA ASP C 120 -17.22 -12.30 -52.81
C ASP C 120 -18.12 -12.38 -51.57
N HIS C 121 -17.67 -11.88 -50.43
CA HIS C 121 -18.39 -11.98 -49.18
C HIS C 121 -18.39 -10.64 -48.46
N PRO C 122 -19.34 -10.41 -47.54
CA PRO C 122 -19.29 -9.20 -46.72
C PRO C 122 -18.18 -9.18 -45.68
N ALA C 123 -18.17 -8.16 -44.83
CA ALA C 123 -17.11 -7.96 -43.86
C ALA C 123 -17.50 -8.34 -42.44
N GLN C 124 -18.69 -7.94 -41.99
CA GLN C 124 -19.11 -8.26 -40.62
C GLN C 124 -19.65 -9.67 -40.52
N GLU C 125 -20.22 -10.20 -41.60
CA GLU C 125 -20.86 -11.50 -41.55
C GLU C 125 -19.84 -12.63 -41.44
N ILE C 126 -18.71 -12.50 -42.15
CA ILE C 126 -17.64 -13.50 -42.05
C ILE C 126 -17.06 -13.53 -40.64
N ALA C 127 -16.94 -12.37 -40.01
CA ALA C 127 -16.40 -12.30 -38.65
C ALA C 127 -17.39 -12.87 -37.65
N ARG C 128 -18.68 -12.59 -37.84
CA ARG C 128 -19.72 -13.16 -36.99
C ARG C 128 -19.77 -14.68 -37.10
N GLN C 129 -19.64 -15.20 -38.32
CA GLN C 129 -19.65 -16.65 -38.53
C GLN C 129 -18.43 -17.32 -37.91
N VAL C 130 -17.24 -16.73 -38.08
CA VAL C 130 -16.05 -17.36 -37.51
C VAL C 130 -16.02 -17.20 -35.99
N GLN C 131 -16.63 -16.15 -35.45
CA GLN C 131 -16.66 -15.99 -34.00
C GLN C 131 -17.68 -16.92 -33.35
N GLU C 132 -18.81 -17.18 -33.99
CA GLU C 132 -19.73 -18.18 -33.48
C GLU C 132 -19.34 -19.60 -33.90
N GLN C 133 -18.32 -19.76 -34.74
CA GLN C 133 -17.78 -21.08 -35.03
C GLN C 133 -16.65 -21.45 -34.08
N ALA C 134 -15.83 -20.49 -33.67
CA ALA C 134 -14.75 -20.76 -32.74
C ALA C 134 -15.21 -20.92 -31.30
N GLY C 135 -16.49 -20.72 -31.01
CA GLY C 135 -17.01 -20.93 -29.68
C GLY C 135 -17.51 -22.33 -29.39
N ALA C 136 -17.33 -23.26 -30.32
CA ALA C 136 -17.76 -24.64 -30.14
C ALA C 136 -16.59 -25.60 -30.32
N MET C 137 -15.42 -25.21 -29.84
CA MET C 137 -14.22 -26.02 -29.93
C MET C 137 -13.27 -25.60 -28.82
N ARG C 138 -12.09 -26.22 -28.81
CA ARG C 138 -11.09 -26.06 -27.76
C ARG C 138 -9.76 -25.66 -28.38
N LEU C 139 -9.12 -24.69 -27.75
CA LEU C 139 -7.90 -24.05 -28.26
C LEU C 139 -6.51 -24.45 -27.78
N ALA C 140 -6.42 -25.16 -26.68
CA ALA C 140 -5.10 -25.58 -26.22
C ALA C 140 -5.14 -26.91 -25.48
N GLY C 141 -6.27 -27.59 -25.48
CA GLY C 141 -6.51 -28.70 -24.58
C GLY C 141 -7.58 -28.43 -23.56
N GLY C 142 -8.14 -27.22 -23.56
CA GLY C 142 -9.25 -26.91 -22.68
C GLY C 142 -10.30 -26.12 -23.43
N SER C 143 -11.50 -26.13 -22.87
CA SER C 143 -12.67 -25.60 -23.55
C SER C 143 -12.63 -24.08 -23.62
N ILE C 144 -13.22 -23.54 -24.69
CA ILE C 144 -13.29 -22.11 -24.92
C ILE C 144 -14.58 -21.62 -24.29
N LEU C 145 -14.47 -20.91 -23.18
CA LEU C 145 -15.66 -20.45 -22.49
C LEU C 145 -16.32 -19.32 -23.26
N PRO C 146 -17.64 -19.32 -23.40
CA PRO C 146 -18.31 -18.27 -24.15
C PRO C 146 -18.59 -17.06 -23.29
N TRP C 147 -19.34 -16.09 -23.85
CA TRP C 147 -19.67 -14.87 -23.12
C TRP C 147 -21.10 -15.00 -22.57
N CYS C 148 -21.20 -15.02 -21.24
CA CYS C 148 -22.48 -14.99 -20.56
C CYS C 148 -22.57 -13.89 -19.53
N ASN C 149 -21.49 -13.14 -19.32
CA ASN C 149 -21.43 -12.07 -18.33
C ASN C 149 -21.99 -10.79 -18.95
N GLU C 150 -21.84 -9.66 -18.26
CA GLU C 150 -22.42 -8.40 -18.71
C GLU C 150 -21.44 -7.68 -19.63
N ARG C 151 -21.95 -6.58 -20.22
CA ARG C 151 -21.26 -5.76 -21.23
C ARG C 151 -20.87 -6.61 -22.45
N PHE C 152 -21.91 -7.10 -23.14
CA PHE C 152 -21.86 -7.99 -24.30
C PHE C 152 -21.04 -7.36 -25.42
N PRO C 153 -19.80 -7.83 -25.63
CA PRO C 153 -18.94 -7.21 -26.64
C PRO C 153 -19.21 -7.61 -28.09
N ALA C 154 -19.12 -8.92 -28.40
CA ALA C 154 -19.01 -9.56 -29.72
C ALA C 154 -18.21 -8.76 -30.76
N PRO C 155 -17.02 -8.22 -30.44
CA PRO C 155 -16.37 -7.31 -31.38
C PRO C 155 -15.35 -8.01 -32.27
N ASN C 156 -15.82 -8.90 -33.13
CA ASN C 156 -14.93 -9.57 -34.07
C ASN C 156 -14.58 -8.57 -35.17
N ALA C 157 -13.50 -7.83 -34.97
CA ALA C 157 -13.08 -6.78 -35.89
C ALA C 157 -12.40 -7.42 -37.09
N GLU C 158 -13.10 -7.45 -38.22
CA GLU C 158 -12.55 -7.99 -39.46
C GLU C 158 -11.84 -6.87 -40.21
N LEU C 159 -10.69 -6.48 -39.66
CA LEU C 159 -9.99 -5.29 -40.15
C LEU C 159 -9.29 -5.56 -41.47
N LEU C 160 -9.61 -4.75 -42.47
CA LEU C 160 -8.89 -4.80 -43.75
C LEU C 160 -7.57 -4.06 -43.62
N MET C 161 -6.55 -4.56 -44.31
CA MET C 161 -5.21 -4.02 -44.20
C MET C 161 -4.70 -3.40 -45.49
N LEU C 162 -4.80 -4.11 -46.61
CA LEU C 162 -4.26 -3.63 -47.88
C LEU C 162 -5.17 -2.63 -48.59
N GLY C 163 -6.34 -2.33 -48.04
CA GLY C 163 -7.23 -1.35 -48.62
C GLY C 163 -7.31 -0.07 -47.83
N GLY C 164 -6.73 1.00 -48.36
CA GLY C 164 -6.79 2.30 -47.71
C GLY C 164 -5.46 3.03 -47.80
N SER C 165 -5.49 4.31 -47.45
CA SER C 165 -4.29 5.13 -47.43
C SER C 165 -3.40 4.75 -46.24
N ASP C 166 -2.20 5.32 -46.22
CA ASP C 166 -1.20 4.89 -45.24
C ASP C 166 -1.48 5.44 -43.85
N GLU C 167 -1.94 6.69 -43.76
CA GLU C 167 -2.26 7.26 -42.45
C GLU C 167 -3.54 6.64 -41.88
N GLN C 168 -4.50 6.34 -42.75
CA GLN C 168 -5.68 5.59 -42.33
C GLN C 168 -5.31 4.17 -41.91
N ARG C 169 -4.32 3.56 -42.55
CA ARG C 169 -3.88 2.22 -42.18
C ARG C 169 -3.17 2.22 -40.83
N ARG C 170 -2.34 3.23 -40.58
CA ARG C 170 -1.70 3.35 -39.27
C ARG C 170 -2.71 3.70 -38.17
N LYS C 171 -3.75 4.47 -38.52
CA LYS C 171 -4.83 4.72 -37.56
C LYS C 171 -5.62 3.45 -37.28
N ASN C 172 -5.80 2.59 -38.29
CA ASN C 172 -6.46 1.32 -38.07
C ASN C 172 -5.63 0.40 -37.19
N GLN C 173 -4.30 0.40 -37.37
CA GLN C 173 -3.44 -0.40 -36.51
C GLN C 173 -3.46 0.10 -35.07
N ARG C 174 -3.39 1.42 -34.88
CA ARG C 174 -3.45 1.95 -33.51
C ARG C 174 -4.86 1.95 -32.94
N ARG C 175 -5.88 1.71 -33.75
CA ARG C 175 -7.21 1.48 -33.22
C ARG C 175 -7.40 0.03 -32.79
N LEU C 176 -6.83 -0.91 -33.55
CA LEU C 176 -6.90 -2.31 -33.18
C LEU C 176 -6.03 -2.60 -31.97
N THR C 177 -4.93 -1.86 -31.81
CA THR C 177 -4.07 -2.02 -30.65
C THR C 177 -4.72 -1.46 -29.38
N ARG C 178 -5.78 -0.67 -29.50
CA ARG C 178 -6.49 -0.17 -28.33
C ARG C 178 -7.22 -1.28 -27.60
N ARG C 179 -7.70 -2.29 -28.33
CA ARG C 179 -8.40 -3.41 -27.71
C ARG C 179 -7.47 -4.57 -27.38
N LEU C 180 -6.17 -4.37 -27.54
CA LEU C 180 -5.13 -5.26 -27.01
C LEU C 180 -4.50 -4.64 -25.78
N LEU C 181 -5.35 -4.03 -24.93
CA LEU C 181 -4.84 -3.02 -23.98
C LEU C 181 -4.03 -3.61 -22.83
N PRO C 182 -4.45 -4.63 -22.08
CA PRO C 182 -3.57 -5.16 -21.04
C PRO C 182 -2.76 -6.39 -21.44
N GLY C 183 -2.78 -6.79 -22.71
CA GLY C 183 -2.14 -8.03 -23.13
C GLY C 183 -0.64 -7.91 -23.30
N PHE C 184 -0.07 -8.94 -23.91
CA PHE C 184 1.38 -9.02 -24.14
C PHE C 184 1.62 -9.99 -25.28
N ALA C 185 2.02 -9.50 -26.44
CA ALA C 185 2.23 -10.37 -27.59
C ALA C 185 3.49 -11.21 -27.44
N LEU C 186 3.40 -12.47 -27.85
CA LEU C 186 4.52 -13.40 -27.78
C LEU C 186 5.12 -13.56 -29.18
N VAL C 187 6.42 -13.31 -29.30
CA VAL C 187 7.13 -13.40 -30.56
C VAL C 187 8.44 -14.14 -30.37
N SER C 188 8.85 -14.90 -31.38
CA SER C 188 10.11 -15.62 -31.34
C SER C 188 11.28 -14.67 -31.53
N ARG C 189 12.41 -15.03 -30.94
CA ARG C 189 13.65 -14.26 -30.99
C ARG C 189 14.83 -15.16 -31.27
N GLU C 190 14.71 -15.94 -32.35
CA GLU C 190 15.73 -16.91 -32.75
C GLU C 190 17.08 -16.24 -33.03
N ALA C 191 17.05 -15.07 -33.66
CA ALA C 191 18.28 -14.35 -33.93
C ALA C 191 18.94 -13.86 -32.64
N LEU C 192 18.13 -13.50 -31.65
CA LEU C 192 18.66 -13.08 -30.36
C LEU C 192 19.34 -14.24 -29.64
N LEU C 193 18.75 -15.44 -29.69
CA LEU C 193 19.38 -16.60 -29.11
C LEU C 193 20.64 -16.99 -29.87
N GLN C 194 20.65 -16.77 -31.19
CA GLN C 194 21.83 -17.07 -31.99
C GLN C 194 23.00 -16.16 -31.62
N GLN C 195 22.76 -14.85 -31.55
CA GLN C 195 23.86 -13.94 -31.21
C GLN C 195 24.25 -14.05 -29.74
N HIS C 196 23.30 -14.42 -28.88
CA HIS C 196 23.65 -14.68 -27.48
C HIS C 196 24.42 -15.98 -27.32
N LEU C 197 24.27 -16.91 -28.27
CA LEU C 197 25.11 -18.09 -28.31
C LEU C 197 26.51 -17.75 -28.78
N GLU C 198 26.61 -16.91 -29.82
CA GLU C 198 27.92 -16.47 -30.31
C GLU C 198 28.63 -15.60 -29.29
N THR C 199 27.89 -14.97 -28.37
CA THR C 199 28.49 -14.15 -27.33
C THR C 199 29.27 -15.00 -26.34
N LEU C 200 28.66 -16.07 -25.83
CA LEU C 200 29.32 -16.93 -24.86
C LEU C 200 29.85 -18.21 -25.48
N ARG C 201 30.30 -18.17 -26.72
CA ARG C 201 30.93 -19.32 -27.37
C ARG C 201 32.39 -19.52 -26.97
N THR C 202 32.85 -18.88 -25.90
CA THR C 202 34.26 -18.92 -25.52
C THR C 202 34.70 -20.30 -25.07
N THR C 203 33.80 -21.09 -24.49
CA THR C 203 34.14 -22.41 -23.99
C THR C 203 33.46 -23.53 -24.78
N LEU C 204 32.14 -23.51 -24.88
CA LEU C 204 31.38 -24.53 -25.60
C LEU C 204 30.05 -23.96 -26.05
N PRO C 205 29.82 -23.81 -27.35
CA PRO C 205 28.64 -23.12 -27.86
C PRO C 205 27.40 -24.03 -28.00
N GLU C 206 26.99 -24.63 -26.90
CA GLU C 206 25.76 -25.43 -26.91
C GLU C 206 24.54 -24.52 -26.85
N ALA C 207 23.55 -24.81 -27.68
CA ALA C 207 22.34 -23.99 -27.69
C ALA C 207 21.49 -24.24 -26.45
N THR C 208 21.47 -25.48 -25.97
CA THR C 208 20.72 -25.81 -24.76
C THR C 208 21.38 -25.25 -23.50
N THR C 209 22.63 -24.80 -23.58
CA THR C 209 23.28 -24.11 -22.48
C THR C 209 23.10 -22.60 -22.57
N LEU C 210 23.05 -22.04 -23.78
CA LEU C 210 22.74 -20.63 -23.93
C LEU C 210 21.27 -20.36 -23.63
N ASP C 211 20.40 -21.34 -23.83
CA ASP C 211 19.01 -21.20 -23.43
C ASP C 211 18.86 -21.27 -21.91
N ALA C 212 19.49 -22.27 -21.29
CA ALA C 212 19.38 -22.49 -19.86
C ALA C 212 20.24 -21.55 -19.04
N LEU C 213 20.88 -20.53 -19.64
CA LEU C 213 21.62 -19.54 -18.87
C LEU C 213 21.29 -18.12 -19.33
N LEU C 214 20.12 -17.93 -19.93
CA LEU C 214 19.63 -16.62 -20.37
C LEU C 214 18.30 -16.27 -19.72
N ASP C 215 17.38 -17.22 -19.63
CA ASP C 215 16.06 -16.96 -19.08
C ASP C 215 16.10 -16.76 -17.56
N LEU C 216 17.15 -17.24 -16.90
CA LEU C 216 17.28 -17.13 -15.46
C LEU C 216 17.63 -15.70 -15.03
N CYS C 217 17.91 -15.55 -13.75
CA CYS C 217 18.60 -14.36 -13.23
C CYS C 217 20.00 -14.78 -12.81
N ARG C 218 20.98 -14.47 -13.66
CA ARG C 218 22.38 -14.82 -13.39
C ARG C 218 22.97 -13.73 -12.50
N ILE C 219 23.09 -14.02 -11.22
CA ILE C 219 23.66 -13.06 -10.28
C ILE C 219 25.19 -13.22 -10.27
N ASN C 220 25.87 -12.09 -10.33
CA ASN C 220 27.34 -12.07 -10.36
C ASN C 220 27.78 -10.73 -9.81
N PHE C 221 28.61 -10.77 -8.76
CA PHE C 221 28.96 -9.58 -8.00
C PHE C 221 30.04 -8.77 -8.73
N GLU C 222 30.65 -7.84 -8.01
CA GLU C 222 31.81 -7.14 -8.52
C GLU C 222 33.05 -7.67 -7.82
N PRO C 223 34.09 -8.09 -8.57
CA PRO C 223 35.29 -8.68 -7.96
C PRO C 223 36.16 -7.66 -7.25
N TRP C 239 28.39 -5.87 -6.81
CA TRP C 239 27.44 -6.72 -6.10
C TRP C 239 26.04 -6.55 -6.68
N GLN C 240 25.83 -7.09 -7.88
CA GLN C 240 24.63 -6.76 -8.63
C GLN C 240 24.15 -7.98 -9.40
N VAL C 241 23.01 -7.81 -10.07
CA VAL C 241 22.49 -8.75 -11.05
C VAL C 241 22.55 -8.04 -12.40
N ARG C 242 22.77 -8.80 -13.46
CA ARG C 242 22.92 -8.20 -14.78
C ARG C 242 21.59 -7.61 -15.26
N ASP C 243 21.71 -6.64 -16.16
CA ASP C 243 20.56 -5.88 -16.65
C ASP C 243 19.65 -6.76 -17.49
N LYS C 244 18.38 -6.87 -17.07
CA LYS C 244 17.36 -7.68 -17.73
C LYS C 244 17.06 -7.12 -19.12
N PRO C 245 17.41 -7.85 -20.19
CA PRO C 245 17.19 -7.31 -21.54
C PRO C 245 15.74 -7.32 -21.97
N GLY C 246 14.91 -8.16 -21.37
CA GLY C 246 13.51 -8.23 -21.71
C GLY C 246 12.84 -9.36 -20.98
N TRP C 247 11.61 -9.65 -21.41
CA TRP C 247 10.83 -10.75 -20.84
C TRP C 247 11.06 -11.98 -21.70
N LEU C 248 12.21 -12.61 -21.50
CA LEU C 248 12.62 -13.76 -22.29
C LEU C 248 12.10 -15.05 -21.65
N VAL C 249 11.42 -15.86 -22.44
CA VAL C 249 10.90 -17.15 -22.00
C VAL C 249 11.42 -18.23 -22.93
N PRO C 250 11.65 -19.46 -22.43
CA PRO C 250 11.88 -20.58 -23.34
C PRO C 250 10.54 -21.17 -23.80
N ILE C 251 10.41 -21.39 -25.10
CA ILE C 251 9.16 -21.93 -25.63
C ILE C 251 9.49 -23.14 -26.49
N PRO C 252 8.52 -24.04 -26.68
CA PRO C 252 8.71 -25.08 -27.71
C PRO C 252 8.55 -24.46 -29.09
N ALA C 253 9.55 -24.68 -29.95
CA ALA C 253 9.52 -24.06 -31.26
C ALA C 253 9.47 -25.11 -32.36
N GLY C 254 8.61 -26.10 -32.21
CA GLY C 254 8.42 -27.11 -33.22
C GLY C 254 9.16 -28.40 -32.90
N TYR C 255 8.93 -29.39 -33.74
CA TYR C 255 9.46 -30.74 -33.53
C TYR C 255 10.65 -31.01 -34.44
N ASN C 256 11.32 -32.11 -34.15
CA ASN C 256 12.53 -32.51 -34.88
C ASN C 256 12.55 -34.03 -34.91
N ALA C 257 12.53 -34.60 -36.11
CA ALA C 257 12.36 -36.03 -36.26
C ALA C 257 13.63 -36.80 -35.89
N LEU C 258 13.44 -38.00 -35.34
CA LEU C 258 14.55 -38.90 -35.03
C LEU C 258 14.31 -40.29 -35.59
N SER C 259 13.35 -40.44 -36.51
CA SER C 259 13.10 -41.70 -37.18
C SER C 259 12.62 -41.34 -38.58
N PRO C 260 12.96 -42.12 -39.60
CA PRO C 260 12.56 -41.80 -40.97
C PRO C 260 11.07 -41.91 -41.18
N LEU C 261 10.63 -41.47 -42.36
CA LEU C 261 9.22 -41.49 -42.72
C LEU C 261 8.71 -42.92 -42.86
N TYR C 262 7.40 -43.06 -42.67
CA TYR C 262 6.78 -44.38 -42.72
C TYR C 262 5.58 -44.32 -43.67
N LEU C 263 5.04 -45.43 -43.92
CA LEU C 263 3.85 -45.58 -44.72
C LEU C 263 2.62 -45.49 -43.82
N PRO C 264 1.43 -45.13 -44.39
CA PRO C 264 0.20 -45.02 -43.58
C PRO C 264 -0.18 -46.26 -42.77
N GLY C 265 -0.33 -47.40 -43.42
CA GLY C 265 -0.71 -48.60 -42.71
C GLY C 265 0.44 -49.42 -42.16
N GLU C 266 1.65 -48.87 -42.11
CA GLU C 266 2.81 -49.65 -41.68
C GLU C 266 2.93 -49.68 -40.16
N VAL C 267 3.04 -48.50 -39.55
CA VAL C 267 3.34 -48.39 -38.13
C VAL C 267 2.10 -48.75 -37.31
N ARG C 268 2.28 -49.64 -36.33
CA ARG C 268 1.17 -50.15 -35.54
C ARG C 268 0.63 -49.07 -34.61
N ASN C 269 -0.70 -48.99 -34.56
CA ASN C 269 -1.47 -48.04 -33.73
C ASN C 269 -1.11 -46.59 -34.05
N ALA C 270 -1.40 -46.20 -35.28
CA ALA C 270 -1.36 -44.79 -35.64
C ALA C 270 -2.73 -44.15 -35.42
N ARG C 271 -2.76 -42.83 -35.43
CA ARG C 271 -4.01 -42.11 -35.22
C ARG C 271 -4.96 -42.27 -36.41
N ASP C 272 -4.42 -42.33 -37.62
CA ASP C 272 -5.21 -42.64 -38.80
C ASP C 272 -4.29 -43.25 -39.83
N ARG C 273 -4.85 -44.13 -40.66
CA ARG C 273 -4.08 -44.89 -41.64
C ARG C 273 -4.13 -44.27 -43.03
N GLU C 274 -4.18 -42.93 -43.11
CA GLU C 274 -4.11 -42.24 -44.39
C GLU C 274 -2.91 -41.32 -44.51
N THR C 275 -2.31 -40.89 -43.40
CA THR C 275 -1.18 -39.98 -43.40
C THR C 275 0.04 -40.67 -42.80
N PRO C 276 1.24 -40.33 -43.25
CA PRO C 276 2.44 -40.96 -42.71
C PRO C 276 2.74 -40.53 -41.28
N LEU C 277 3.58 -41.32 -40.62
CA LEU C 277 3.95 -41.10 -39.22
C LEU C 277 5.44 -40.78 -39.12
N ARG C 278 5.79 -40.01 -38.08
CA ARG C 278 7.18 -39.74 -37.73
C ARG C 278 7.31 -39.73 -36.22
N PHE C 279 8.47 -40.15 -35.73
CA PHE C 279 8.80 -40.07 -34.31
C PHE C 279 9.71 -38.87 -34.10
N VAL C 280 9.19 -37.85 -33.40
CA VAL C 280 9.83 -36.54 -33.36
C VAL C 280 10.22 -36.17 -31.93
N GLU C 281 10.77 -34.98 -31.77
CA GLU C 281 11.33 -34.51 -30.50
C GLU C 281 11.30 -33.00 -30.52
N ASN C 282 10.94 -32.39 -29.39
CA ASN C 282 10.70 -30.95 -29.35
C ASN C 282 11.99 -30.16 -29.57
N LEU C 283 11.82 -28.95 -30.11
CA LEU C 283 12.89 -27.97 -30.25
C LEU C 283 12.54 -26.76 -29.41
N PHE C 284 13.51 -26.27 -28.64
CA PHE C 284 13.27 -25.21 -27.67
C PHE C 284 13.85 -23.91 -28.18
N GLY C 285 12.98 -22.99 -28.58
CA GLY C 285 13.38 -21.67 -28.99
C GLY C 285 13.16 -20.64 -27.91
N LEU C 286 13.40 -19.39 -28.27
CA LEU C 286 13.28 -18.26 -27.37
C LEU C 286 12.04 -17.46 -27.73
N GLY C 287 11.49 -16.76 -26.76
CA GLY C 287 10.32 -15.93 -27.02
C GLY C 287 10.29 -14.74 -26.09
N GLU C 288 9.55 -13.72 -26.51
CA GLU C 288 9.40 -12.50 -25.73
C GLU C 288 7.94 -12.10 -25.67
N TRP C 289 7.57 -11.53 -24.53
CA TRP C 289 6.24 -10.98 -24.30
C TRP C 289 6.39 -9.45 -24.36
N LEU C 290 6.30 -8.91 -25.55
CA LEU C 290 6.40 -7.48 -25.76
C LEU C 290 5.01 -6.88 -25.86
N SER C 291 4.87 -5.63 -25.41
CA SER C 291 3.59 -4.96 -25.44
C SER C 291 3.16 -4.72 -26.89
N PRO C 292 1.85 -4.73 -27.18
CA PRO C 292 1.40 -4.53 -28.56
C PRO C 292 1.60 -3.11 -29.08
N HIS C 293 1.91 -2.14 -28.23
CA HIS C 293 2.27 -0.81 -28.71
C HIS C 293 3.67 -0.79 -29.33
N ARG C 294 4.55 -1.68 -28.91
CA ARG C 294 5.95 -1.67 -29.33
C ARG C 294 6.20 -2.46 -30.61
N VAL C 295 5.18 -2.66 -31.44
CA VAL C 295 5.34 -3.24 -32.76
C VAL C 295 4.84 -2.23 -33.78
N ALA C 296 5.43 -2.26 -34.98
CA ALA C 296 5.01 -1.33 -36.03
C ALA C 296 3.62 -1.66 -36.55
N ALA C 297 3.46 -2.85 -37.11
CA ALA C 297 2.16 -3.34 -37.56
C ALA C 297 1.83 -4.62 -36.82
N LEU C 298 0.53 -4.91 -36.70
CA LEU C 298 0.10 -6.12 -36.02
C LEU C 298 0.42 -7.36 -36.83
N SER C 299 0.37 -7.25 -38.17
CA SER C 299 0.70 -8.39 -39.03
C SER C 299 2.16 -8.80 -38.98
N ASP C 300 3.01 -8.03 -38.27
CA ASP C 300 4.38 -8.43 -38.02
C ASP C 300 4.47 -9.57 -37.01
N LEU C 301 3.45 -9.76 -36.16
CA LEU C 301 3.55 -10.75 -35.08
C LEU C 301 2.64 -11.95 -35.25
N LEU C 302 2.51 -12.46 -36.47
CA LEU C 302 1.70 -13.64 -36.75
C LEU C 302 2.56 -14.90 -36.75
N TRP C 303 2.06 -15.94 -36.09
CA TRP C 303 2.76 -17.22 -35.95
C TRP C 303 2.34 -18.15 -37.08
N TYR C 304 3.28 -18.50 -37.94
CA TYR C 304 3.06 -19.50 -38.98
C TYR C 304 3.93 -20.71 -38.69
N HIS C 305 3.46 -21.89 -39.11
CA HIS C 305 4.24 -23.11 -38.98
C HIS C 305 4.66 -23.58 -40.37
N HIS C 306 5.97 -23.63 -40.60
CA HIS C 306 6.51 -24.11 -41.86
C HIS C 306 7.32 -25.38 -41.62
N ALA C 307 7.27 -26.28 -42.59
CA ALA C 307 7.89 -27.57 -42.45
C ALA C 307 8.82 -27.83 -43.62
N GLU C 308 9.87 -28.60 -43.34
CA GLU C 308 10.83 -29.03 -44.35
C GLU C 308 10.90 -30.55 -44.26
N PRO C 309 10.02 -31.25 -44.99
CA PRO C 309 9.94 -32.71 -44.85
C PRO C 309 11.12 -33.48 -45.40
N ASP C 310 12.05 -32.82 -46.10
CA ASP C 310 13.30 -33.45 -46.50
C ASP C 310 14.12 -33.88 -45.29
N LYS C 311 14.46 -32.92 -44.43
CA LYS C 311 15.03 -33.20 -43.13
C LYS C 311 13.89 -33.36 -42.12
N GLY C 312 14.22 -33.31 -40.84
CA GLY C 312 13.22 -33.53 -39.81
C GLY C 312 12.61 -32.30 -39.17
N LEU C 313 12.91 -31.10 -39.66
CA LEU C 313 12.46 -29.89 -39.00
C LEU C 313 11.01 -29.59 -39.35
N TYR C 314 10.19 -29.40 -38.31
CA TYR C 314 8.78 -29.00 -38.44
C TYR C 314 8.58 -27.81 -37.51
N ARG C 315 8.88 -26.60 -37.96
CA ARG C 315 9.08 -25.49 -37.05
C ARG C 315 7.98 -24.46 -37.18
N TRP C 316 7.35 -24.11 -36.06
CA TRP C 316 6.52 -22.93 -36.04
C TRP C 316 7.34 -21.76 -35.51
N SER C 317 7.06 -20.58 -36.03
CA SER C 317 7.81 -19.38 -35.67
C SER C 317 6.96 -18.19 -36.10
N THR C 318 7.50 -17.00 -35.90
CA THR C 318 6.92 -15.80 -36.50
C THR C 318 7.96 -15.10 -37.37
N PRO C 319 7.80 -15.13 -38.69
CA PRO C 319 8.63 -14.26 -39.53
C PRO C 319 8.22 -12.81 -39.32
N ARG C 320 9.06 -11.92 -39.84
CA ARG C 320 8.95 -10.44 -39.76
C ARG C 320 8.62 -9.95 -38.35
N PHE C 321 9.26 -10.56 -37.36
CA PHE C 321 8.94 -10.27 -35.96
C PHE C 321 9.52 -8.95 -35.47
N VAL C 322 10.32 -8.27 -36.28
CA VAL C 322 10.81 -6.93 -35.97
C VAL C 322 10.97 -6.14 -37.26
N LEU D 6 21.31 35.95 -33.87
CA LEU D 6 21.25 34.93 -32.84
C LEU D 6 19.80 34.62 -32.45
N SER D 7 19.53 34.58 -31.14
CA SER D 7 18.23 34.17 -30.63
C SER D 7 17.71 35.22 -29.66
N THR D 8 16.45 35.05 -29.27
CA THR D 8 15.79 35.94 -28.33
C THR D 8 16.09 35.50 -26.90
N ALA D 9 15.43 36.14 -25.93
CA ALA D 9 15.64 35.81 -24.53
C ALA D 9 14.91 34.53 -24.17
N SER D 10 15.55 33.72 -23.31
CA SER D 10 14.91 32.49 -22.84
C SER D 10 13.75 32.77 -21.91
N VAL D 11 13.74 33.93 -21.24
CA VAL D 11 12.58 34.38 -20.48
C VAL D 11 12.57 35.90 -20.52
N LEU D 12 11.39 36.46 -20.78
CA LEU D 12 11.19 37.89 -20.96
C LEU D 12 9.72 38.20 -20.77
N ALA D 13 9.44 39.32 -20.10
CA ALA D 13 8.07 39.63 -19.78
C ALA D 13 7.91 41.14 -19.68
N PHE D 14 6.68 41.59 -19.89
CA PHE D 14 6.36 43.01 -19.86
C PHE D 14 5.18 43.26 -18.95
N GLU D 15 5.33 44.21 -18.03
CA GLU D 15 4.21 44.68 -17.25
C GLU D 15 3.27 45.48 -18.12
N ARG D 16 1.99 45.52 -17.73
CA ARG D 16 1.03 46.25 -18.51
C ARG D 16 1.14 47.74 -18.24
N LYS D 17 0.63 48.53 -19.17
CA LYS D 17 0.34 49.94 -18.97
C LYS D 17 -1.16 50.14 -19.18
N LEU D 18 -1.60 51.39 -19.02
CA LEU D 18 -3.01 51.79 -19.08
C LEU D 18 -3.86 50.98 -18.09
N ASP D 19 -3.55 51.14 -16.81
CA ASP D 19 -4.14 50.33 -15.73
C ASP D 19 -5.62 50.63 -15.53
N PRO D 20 -6.52 49.67 -15.73
CA PRO D 20 -7.93 49.91 -15.40
C PRO D 20 -8.31 49.40 -14.02
N SER D 21 -9.32 50.00 -13.41
CA SER D 21 -9.91 49.47 -12.20
C SER D 21 -11.19 48.73 -12.55
N ASP D 22 -11.95 48.35 -11.53
CA ASP D 22 -13.30 47.85 -11.77
C ASP D 22 -14.25 49.04 -11.95
N ALA D 23 -15.37 48.77 -12.61
CA ALA D 23 -16.34 49.81 -12.96
C ALA D 23 -17.60 49.62 -12.12
N LEU D 24 -17.71 50.39 -11.05
CA LEU D 24 -18.91 50.35 -10.22
C LEU D 24 -20.10 50.89 -10.98
N MET D 25 -21.16 50.10 -11.03
CA MET D 25 -22.40 50.48 -11.69
C MET D 25 -23.29 51.24 -10.71
N SER D 26 -24.07 52.17 -11.26
CA SER D 26 -25.02 52.91 -10.46
C SER D 26 -26.21 53.26 -11.34
N ALA D 27 -27.35 53.48 -10.69
CA ALA D 27 -28.58 53.82 -11.38
C ALA D 27 -29.07 55.18 -10.90
N GLY D 28 -29.66 55.93 -11.82
CA GLY D 28 -30.17 57.24 -11.47
C GLY D 28 -31.14 57.75 -12.50
N ALA D 29 -31.51 59.02 -12.36
CA ALA D 29 -32.38 59.69 -13.31
C ALA D 29 -31.55 60.53 -14.27
N TRP D 30 -32.08 60.72 -15.47
CA TRP D 30 -31.44 61.60 -16.43
C TRP D 30 -31.56 63.05 -15.97
N ALA D 31 -30.63 63.88 -16.49
CA ALA D 31 -30.40 65.27 -16.07
C ALA D 31 -30.08 65.37 -14.58
N GLN D 32 -29.47 64.32 -14.03
CA GLN D 32 -28.91 64.34 -12.67
C GLN D 32 -27.43 63.99 -12.72
N ARG D 33 -26.77 64.22 -13.86
CA ARG D 33 -25.42 63.72 -14.08
C ARG D 33 -24.38 64.46 -13.25
N ASP D 34 -24.66 65.72 -12.90
CA ASP D 34 -23.74 66.49 -12.06
C ASP D 34 -23.82 66.09 -10.59
N ALA D 35 -24.82 65.29 -10.21
CA ALA D 35 -25.02 64.95 -8.80
C ALA D 35 -25.03 63.44 -8.61
N SER D 36 -24.03 62.76 -9.16
CA SER D 36 -23.92 61.30 -9.04
C SER D 36 -23.16 60.90 -7.78
N GLN D 37 -23.58 61.42 -6.63
CA GLN D 37 -22.99 61.10 -5.34
C GLN D 37 -24.00 60.52 -4.36
N GLU D 38 -25.24 60.36 -4.76
CA GLU D 38 -26.23 59.65 -3.96
C GLU D 38 -27.01 58.65 -4.81
N TRP D 39 -26.60 58.41 -6.05
CA TRP D 39 -27.16 57.38 -6.91
C TRP D 39 -26.88 56.02 -6.29
N PRO D 40 -27.91 55.26 -5.92
CA PRO D 40 -27.67 53.97 -5.25
C PRO D 40 -27.08 52.94 -6.20
N ALA D 41 -26.15 52.16 -5.67
CA ALA D 41 -25.48 51.15 -6.47
C ALA D 41 -26.42 50.00 -6.79
N VAL D 42 -26.16 49.34 -7.91
CA VAL D 42 -27.04 48.29 -8.42
C VAL D 42 -26.89 47.05 -7.55
N THR D 43 -27.95 46.67 -6.86
CA THR D 43 -27.93 45.55 -5.94
C THR D 43 -28.38 44.28 -6.65
N VAL D 44 -27.69 43.17 -6.37
CA VAL D 44 -28.06 41.85 -6.89
C VAL D 44 -28.84 41.12 -5.82
N ARG D 45 -29.99 40.56 -6.19
CA ARG D 45 -30.87 39.86 -5.27
C ARG D 45 -31.13 38.46 -5.78
N GLU D 46 -31.41 37.55 -4.85
CA GLU D 46 -31.61 36.13 -5.15
C GLU D 46 -33.10 35.84 -5.17
N LYS D 47 -33.67 35.80 -6.37
CA LYS D 47 -35.09 35.53 -6.57
C LYS D 47 -35.25 34.38 -7.55
N SER D 48 -36.09 33.42 -7.20
CA SER D 48 -36.33 32.25 -8.05
C SER D 48 -37.26 32.62 -9.20
N GLN D 77 -35.17 27.58 -10.78
CA GLN D 77 -34.46 28.42 -11.74
C GLN D 77 -33.84 29.64 -11.05
N THR D 78 -32.51 29.69 -11.04
CA THR D 78 -31.76 30.72 -10.33
C THR D 78 -31.30 31.77 -11.33
N VAL D 79 -31.78 33.01 -11.15
CA VAL D 79 -31.52 34.10 -12.08
C VAL D 79 -30.82 35.21 -11.29
N ASP D 80 -30.07 36.04 -12.00
CA ASP D 80 -29.41 37.21 -11.43
C ASP D 80 -29.71 38.39 -12.36
N VAL D 81 -30.69 39.20 -11.98
CA VAL D 81 -31.14 40.33 -12.79
C VAL D 81 -30.82 41.62 -12.05
N ALA D 82 -30.22 42.57 -12.76
CA ALA D 82 -29.89 43.87 -12.20
C ALA D 82 -31.14 44.75 -12.23
N ASN D 83 -31.98 44.58 -11.20
CA ASN D 83 -33.23 45.33 -11.09
C ASN D 83 -32.93 46.77 -10.76
N LEU D 84 -32.98 47.64 -11.78
CA LEU D 84 -32.90 49.07 -11.54
C LEU D 84 -34.18 49.54 -10.86
N PRO D 85 -34.09 50.55 -9.98
CA PRO D 85 -35.30 51.05 -9.31
C PRO D 85 -36.22 51.78 -10.27
N SER D 86 -37.46 51.98 -9.82
CA SER D 86 -38.47 52.65 -10.65
C SER D 86 -38.12 54.10 -10.90
N ASP D 87 -37.55 54.77 -9.90
CA ASP D 87 -37.13 56.16 -10.03
C ASP D 87 -35.72 56.31 -10.59
N ALA D 88 -35.19 55.30 -11.25
CA ALA D 88 -33.80 55.32 -11.74
C ALA D 88 -33.74 54.63 -13.10
N ASP D 89 -33.51 55.40 -14.15
CA ASP D 89 -33.49 54.87 -15.52
C ASP D 89 -32.09 54.72 -16.09
N THR D 90 -31.25 55.74 -15.96
CA THR D 90 -29.94 55.71 -16.60
C THR D 90 -28.91 54.98 -15.74
N LEU D 91 -27.94 54.37 -16.42
CA LEU D 91 -26.84 53.67 -15.80
C LEU D 91 -25.56 54.47 -15.93
N LYS D 92 -24.82 54.59 -14.83
CA LYS D 92 -23.54 55.25 -14.79
C LYS D 92 -22.49 54.24 -14.36
N VAL D 93 -21.50 54.01 -15.20
CA VAL D 93 -20.43 53.06 -14.90
C VAL D 93 -19.16 53.87 -14.61
N ARG D 94 -18.81 53.98 -13.33
CA ARG D 94 -17.65 54.74 -12.92
C ARG D 94 -16.45 53.82 -12.79
N PHE D 95 -15.36 54.15 -13.48
CA PHE D 95 -14.09 53.48 -13.25
C PHE D 95 -12.97 54.50 -13.39
N THR D 96 -11.74 54.06 -13.18
CA THR D 96 -10.60 54.94 -13.30
C THR D 96 -9.54 54.28 -14.15
N LEU D 97 -8.60 55.09 -14.62
CA LEU D 97 -7.57 54.62 -15.53
C LEU D 97 -6.34 55.46 -15.35
N ARG D 98 -5.21 54.83 -15.02
CA ARG D 98 -3.93 55.50 -15.00
C ARG D 98 -3.04 54.86 -16.05
N VAL D 99 -2.37 55.68 -16.84
CA VAL D 99 -1.37 55.21 -17.77
C VAL D 99 -0.02 55.39 -17.11
N LEU D 100 0.91 54.49 -17.40
CA LEU D 100 2.17 54.49 -16.66
C LEU D 100 3.30 55.09 -17.50
N GLY D 101 3.55 54.51 -18.66
CA GLY D 101 4.67 54.92 -19.48
C GLY D 101 5.90 54.06 -19.24
N GLY D 102 6.83 54.14 -20.19
CA GLY D 102 8.01 53.31 -20.14
C GLY D 102 7.72 51.91 -20.65
N ALA D 103 7.10 51.81 -21.82
CA ALA D 103 6.75 50.52 -22.40
C ALA D 103 7.94 49.77 -22.97
N GLY D 104 9.10 50.43 -23.11
CA GLY D 104 10.27 49.79 -23.66
C GLY D 104 10.93 48.78 -22.74
N THR D 105 11.19 49.18 -21.51
CA THR D 105 11.97 48.35 -20.60
C THR D 105 11.16 47.14 -20.14
N PRO D 106 11.66 45.92 -20.34
CA PRO D 106 10.94 44.73 -19.91
C PRO D 106 11.08 44.48 -18.42
N SER D 107 10.21 43.61 -17.91
CA SER D 107 10.22 43.26 -16.49
C SER D 107 11.46 42.47 -16.12
N ALA D 108 11.61 41.28 -16.71
CA ALA D 108 12.68 40.36 -16.34
C ALA D 108 13.19 39.66 -17.59
N CYS D 109 14.28 40.17 -18.16
CA CYS D 109 14.85 39.62 -19.38
C CYS D 109 16.15 38.89 -19.05
N ASN D 110 16.28 37.67 -19.56
CA ASN D 110 17.45 36.84 -19.31
C ASN D 110 18.69 37.42 -19.99
N ASP D 111 18.61 37.62 -21.30
CA ASP D 111 19.76 38.04 -22.10
C ASP D 111 20.12 39.49 -21.78
N ALA D 112 21.39 39.74 -21.51
CA ALA D 112 21.88 41.10 -21.33
C ALA D 112 22.08 41.83 -22.65
N ALA D 113 22.22 41.10 -23.75
CA ALA D 113 22.39 41.68 -25.07
C ALA D 113 21.06 41.92 -25.78
N TYR D 114 19.94 41.61 -25.14
CA TYR D 114 18.62 41.78 -25.75
C TYR D 114 17.87 42.99 -25.21
N ARG D 115 18.07 43.33 -23.94
CA ARG D 115 17.37 44.48 -23.34
C ARG D 115 17.79 45.78 -24.00
N ASP D 116 19.09 45.94 -24.24
CA ASP D 116 19.60 47.18 -24.83
C ASP D 116 19.14 47.34 -26.27
N LYS D 117 19.07 46.24 -27.03
CA LYS D 117 18.61 46.36 -28.40
C LYS D 117 17.10 46.55 -28.49
N LEU D 118 16.32 46.00 -27.53
CA LEU D 118 14.90 46.31 -27.48
C LEU D 118 14.67 47.76 -27.10
N LEU D 119 15.47 48.28 -26.15
CA LEU D 119 15.35 49.69 -25.77
C LEU D 119 15.74 50.61 -26.92
N GLN D 120 16.76 50.22 -27.69
CA GLN D 120 17.14 51.01 -28.86
C GLN D 120 16.07 50.95 -29.94
N THR D 121 15.39 49.80 -30.09
CA THR D 121 14.32 49.67 -31.07
C THR D 121 13.13 50.56 -30.72
N VAL D 122 12.68 50.50 -29.46
CA VAL D 122 11.55 51.33 -29.04
C VAL D 122 11.95 52.80 -28.99
N ALA D 123 13.23 53.10 -28.73
CA ALA D 123 13.69 54.48 -28.73
C ALA D 123 13.70 55.07 -30.14
N THR D 124 14.16 54.31 -31.13
CA THR D 124 14.09 54.78 -32.51
C THR D 124 12.65 54.86 -32.99
N TYR D 125 11.77 53.99 -32.48
CA TYR D 125 10.35 54.10 -32.80
C TYR D 125 9.75 55.41 -32.29
N VAL D 126 9.97 55.72 -31.01
CA VAL D 126 9.37 56.90 -30.43
C VAL D 126 10.09 58.17 -30.90
N ASN D 127 11.31 58.03 -31.43
CA ASN D 127 12.00 59.19 -31.98
C ASN D 127 11.60 59.48 -33.42
N GLU D 128 11.33 58.45 -34.24
CA GLU D 128 10.87 58.72 -35.60
C GLU D 128 9.43 59.25 -35.60
N GLN D 129 8.59 58.70 -34.72
CA GLN D 129 7.20 59.14 -34.60
C GLN D 129 6.73 58.69 -33.22
N GLY D 130 6.57 59.65 -32.31
CA GLY D 130 6.01 59.38 -31.00
C GLY D 130 4.59 58.86 -31.14
N PHE D 131 4.17 57.95 -30.25
CA PHE D 131 2.91 57.24 -30.46
C PHE D 131 1.71 58.15 -30.22
N ALA D 132 1.50 59.09 -31.15
CA ALA D 132 0.35 59.98 -31.13
C ALA D 132 -0.87 59.39 -31.81
N GLU D 133 -0.68 58.60 -32.87
CA GLU D 133 -1.82 57.95 -33.51
C GLU D 133 -2.34 56.80 -32.66
N LEU D 134 -1.44 56.11 -31.96
CA LEU D 134 -1.84 55.14 -30.94
C LEU D 134 -2.65 55.80 -29.83
N ALA D 135 -2.22 56.99 -29.41
CA ALA D 135 -2.96 57.71 -28.38
C ALA D 135 -4.28 58.24 -28.90
N ARG D 136 -4.34 58.57 -30.20
CA ARG D 136 -5.61 58.98 -30.81
C ARG D 136 -6.59 57.82 -30.84
N ARG D 137 -6.11 56.62 -31.18
CA ARG D 137 -6.99 55.46 -31.19
C ARG D 137 -7.40 55.03 -29.80
N TYR D 138 -6.52 55.21 -28.80
CA TYR D 138 -6.91 54.97 -27.41
C TYR D 138 -7.92 56.01 -26.94
N ALA D 139 -7.78 57.26 -27.40
CA ALA D 139 -8.76 58.30 -27.10
C ALA D 139 -10.09 57.99 -27.74
N HIS D 140 -10.08 57.41 -28.94
CA HIS D 140 -11.32 57.02 -29.58
C HIS D 140 -11.94 55.81 -28.89
N ASN D 141 -11.11 54.95 -28.31
CA ASN D 141 -11.61 53.88 -27.45
C ASN D 141 -12.26 54.44 -26.20
N LEU D 142 -11.71 55.52 -25.67
CA LEU D 142 -12.34 56.24 -24.57
C LEU D 142 -13.51 57.11 -24.99
N ALA D 143 -13.71 57.30 -26.30
CA ALA D 143 -14.84 58.09 -26.76
C ALA D 143 -16.15 57.30 -26.68
N ASN D 144 -16.24 56.19 -27.41
CA ASN D 144 -17.41 55.35 -27.32
C ASN D 144 -17.24 54.35 -26.17
N ALA D 145 -18.33 54.07 -25.48
CA ALA D 145 -18.24 53.21 -24.30
C ALA D 145 -18.11 51.74 -24.68
N ARG D 146 -16.95 51.38 -25.25
CA ARG D 146 -16.70 49.97 -25.59
C ARG D 146 -16.56 49.12 -24.34
N PHE D 147 -16.18 49.72 -23.22
CA PHE D 147 -16.17 49.01 -21.94
C PHE D 147 -17.56 48.58 -21.52
N LEU D 148 -18.61 49.24 -22.01
CA LEU D 148 -19.95 48.69 -21.93
C LEU D 148 -20.15 47.74 -23.10
N TRP D 149 -20.65 46.53 -22.82
CA TRP D 149 -20.78 45.49 -23.83
C TRP D 149 -22.24 45.16 -24.13
N ARG D 150 -23.00 44.76 -23.13
CA ARG D 150 -24.44 44.61 -23.29
C ARG D 150 -25.20 45.88 -22.91
N ASN D 151 -24.62 46.71 -22.04
CA ASN D 151 -25.24 47.94 -21.62
C ASN D 151 -24.93 49.10 -22.55
N ARG D 152 -24.42 48.85 -23.75
CA ARG D 152 -24.25 49.88 -24.76
C ARG D 152 -25.24 49.79 -25.91
N VAL D 153 -25.69 48.57 -26.25
CA VAL D 153 -26.63 48.43 -27.35
C VAL D 153 -28.00 48.92 -26.91
N GLY D 154 -28.73 49.53 -27.86
CA GLY D 154 -30.04 50.07 -27.59
C GLY D 154 -30.08 51.33 -26.75
N ALA D 155 -28.94 51.90 -26.41
CA ALA D 155 -28.94 53.10 -25.58
C ALA D 155 -29.29 54.32 -26.42
N GLU D 156 -30.02 55.26 -25.81
CA GLU D 156 -30.37 56.49 -26.50
C GLU D 156 -29.15 57.37 -26.72
N ALA D 157 -28.49 57.75 -25.63
CA ALA D 157 -27.27 58.54 -25.72
C ALA D 157 -26.34 58.11 -24.60
N VAL D 158 -25.07 57.93 -24.95
CA VAL D 158 -24.04 57.51 -24.02
C VAL D 158 -23.03 58.63 -23.93
N GLU D 159 -23.02 59.34 -22.80
CA GLU D 159 -22.05 60.40 -22.56
C GLU D 159 -21.00 59.88 -21.60
N VAL D 160 -19.77 59.74 -22.09
CA VAL D 160 -18.65 59.51 -21.19
C VAL D 160 -18.16 60.85 -20.66
N ARG D 161 -17.91 60.91 -19.36
CA ARG D 161 -17.35 62.08 -18.71
C ARG D 161 -15.97 61.69 -18.20
N ILE D 162 -14.95 62.40 -18.68
CA ILE D 162 -13.56 62.10 -18.37
C ILE D 162 -13.02 63.26 -17.56
N ASN D 163 -12.57 62.97 -16.34
CA ASN D 163 -11.87 63.93 -15.52
C ASN D 163 -10.36 63.73 -15.71
N HIS D 164 -9.58 64.62 -15.11
CA HIS D 164 -8.14 64.45 -15.08
C HIS D 164 -7.65 65.02 -13.76
N ILE D 165 -7.17 64.14 -12.88
CA ILE D 165 -6.85 64.51 -11.50
C ILE D 165 -5.39 64.16 -11.23
N ARG D 166 -4.61 65.19 -10.89
CA ARG D 166 -3.20 65.02 -10.55
C ARG D 166 -2.88 65.32 -9.10
N GLN D 167 -3.61 66.23 -8.46
CA GLN D 167 -3.36 66.59 -7.08
C GLN D 167 -4.46 66.18 -6.12
N GLY D 168 -5.65 65.85 -6.63
CA GLY D 168 -6.78 65.54 -5.76
C GLY D 168 -8.02 66.30 -6.18
N GLU D 169 -7.93 67.00 -7.31
CA GLU D 169 -9.06 67.73 -7.86
C GLU D 169 -8.95 67.70 -9.38
N VAL D 170 -9.97 68.22 -10.04
CA VAL D 170 -10.03 68.20 -11.50
C VAL D 170 -9.05 69.22 -12.08
N ALA D 171 -8.60 68.95 -13.30
CA ALA D 171 -7.72 69.86 -14.02
C ALA D 171 -8.35 70.38 -15.31
N ARG D 172 -8.84 69.48 -16.16
CA ARG D 172 -9.60 69.88 -17.35
C ARG D 172 -10.51 68.71 -17.70
N THR D 173 -11.79 68.82 -17.36
CA THR D 173 -12.75 67.77 -17.63
C THR D 173 -13.09 67.71 -19.12
N TRP D 174 -13.82 66.66 -19.50
CA TRP D 174 -14.18 66.48 -20.90
C TRP D 174 -15.57 65.86 -21.00
N ARG D 175 -16.39 66.40 -21.89
CA ARG D 175 -17.71 65.88 -22.21
C ARG D 175 -17.72 65.44 -23.66
N PHE D 176 -18.34 64.29 -23.92
CA PHE D 176 -18.32 63.71 -25.25
C PHE D 176 -19.73 63.63 -25.83
N ASP D 177 -19.80 63.67 -27.16
CA ASP D 177 -21.05 63.81 -27.88
C ASP D 177 -21.78 62.46 -27.98
N ALA D 178 -22.80 62.41 -28.83
CA ALA D 178 -23.59 61.20 -29.05
C ALA D 178 -23.44 60.63 -30.44
N LEU D 179 -23.24 61.47 -31.47
CA LEU D 179 -22.99 61.00 -32.82
C LEU D 179 -21.51 60.73 -33.06
N ALA D 180 -20.64 61.41 -32.33
CA ALA D 180 -19.21 61.12 -32.38
C ALA D 180 -18.85 59.82 -31.65
N ILE D 181 -19.82 59.19 -30.98
CA ILE D 181 -19.65 57.91 -30.32
C ILE D 181 -19.22 56.85 -31.33
N GLY D 182 -20.10 56.51 -32.27
CA GLY D 182 -19.85 55.48 -33.28
C GLY D 182 -19.35 54.14 -32.76
N LEU D 183 -18.76 53.35 -33.65
CA LEU D 183 -17.86 52.29 -33.23
C LEU D 183 -16.63 52.14 -34.11
N ARG D 184 -16.59 52.76 -35.29
CA ARG D 184 -15.44 52.64 -36.18
C ARG D 184 -15.00 53.96 -36.79
N ASP D 185 -15.78 55.03 -36.68
CA ASP D 185 -15.46 56.32 -37.30
C ASP D 185 -14.52 57.09 -36.38
N PHE D 186 -13.23 57.05 -36.69
CA PHE D 186 -12.23 57.83 -35.94
C PHE D 186 -11.78 59.01 -36.78
N LYS D 187 -11.66 60.17 -36.12
CA LYS D 187 -11.33 61.42 -36.80
C LYS D 187 -10.74 62.38 -35.79
N ALA D 188 -10.04 63.38 -36.31
CA ALA D 188 -9.48 64.44 -35.47
C ALA D 188 -10.60 65.38 -35.03
N ASP D 189 -11.09 65.19 -33.82
CA ASP D 189 -12.14 66.03 -33.26
C ASP D 189 -11.49 67.24 -32.59
N ALA D 190 -12.31 68.29 -32.37
CA ALA D 190 -11.82 69.55 -31.85
C ALA D 190 -11.35 69.46 -30.39
N GLU D 191 -11.75 68.43 -29.67
CA GLU D 191 -11.31 68.26 -28.28
C GLU D 191 -10.76 66.87 -27.99
N LEU D 192 -11.01 65.88 -28.84
CA LEU D 192 -10.38 64.57 -28.68
C LEU D 192 -8.87 64.62 -28.91
N ASP D 193 -8.37 65.65 -29.61
CA ASP D 193 -6.93 65.81 -29.76
C ASP D 193 -6.26 66.16 -28.44
N ALA D 194 -6.97 66.88 -27.56
CA ALA D 194 -6.42 67.20 -26.24
C ALA D 194 -6.36 65.96 -25.35
N LEU D 195 -7.40 65.12 -25.41
CA LEU D 195 -7.38 63.87 -24.66
C LEU D 195 -6.30 62.95 -25.21
N ALA D 196 -6.12 62.92 -26.53
CA ALA D 196 -5.10 62.08 -27.13
C ALA D 196 -3.70 62.57 -26.79
N GLU D 197 -3.48 63.88 -26.76
CA GLU D 197 -2.17 64.38 -26.38
C GLU D 197 -1.92 64.21 -24.89
N LEU D 198 -2.98 64.17 -24.08
CA LEU D 198 -2.81 63.84 -22.67
C LEU D 198 -2.40 62.38 -22.47
N ILE D 199 -3.06 61.46 -23.19
CA ILE D 199 -2.68 60.05 -23.12
C ILE D 199 -1.27 59.83 -23.67
N ALA D 200 -0.89 60.58 -24.71
CA ALA D 200 0.46 60.46 -25.24
C ALA D 200 1.50 61.03 -24.27
N SER D 201 1.15 62.13 -23.59
CA SER D 201 2.08 62.73 -22.63
C SER D 201 2.24 61.86 -21.40
N GLY D 202 1.19 61.14 -21.01
CA GLY D 202 1.31 60.18 -19.94
C GLY D 202 2.10 58.94 -20.34
N LEU D 203 1.76 58.36 -21.49
CA LEU D 203 2.41 57.14 -21.95
C LEU D 203 3.84 57.35 -22.40
N SER D 204 4.25 58.60 -22.64
CA SER D 204 5.61 58.87 -23.09
C SER D 204 6.63 58.58 -22.00
N GLY D 205 6.22 58.66 -20.73
CA GLY D 205 7.12 58.46 -19.63
C GLY D 205 7.61 59.73 -18.97
N SER D 206 6.88 60.82 -19.10
CA SER D 206 7.28 62.13 -18.57
C SER D 206 6.16 62.73 -17.74
N GLY D 207 5.61 61.91 -16.83
CA GLY D 207 4.52 62.37 -15.97
C GLY D 207 3.21 61.66 -16.24
N HIS D 208 2.86 60.74 -15.36
CA HIS D 208 1.66 59.92 -15.53
C HIS D 208 0.40 60.73 -15.28
N VAL D 209 -0.73 60.20 -15.75
CA VAL D 209 -2.02 60.84 -15.62
C VAL D 209 -2.98 59.87 -14.94
N LEU D 210 -4.04 60.43 -14.36
CA LEU D 210 -5.09 59.65 -13.70
C LEU D 210 -6.44 60.20 -14.13
N LEU D 211 -7.23 59.37 -14.80
CA LEU D 211 -8.50 59.79 -15.38
C LEU D 211 -9.64 59.04 -14.72
N GLU D 212 -10.62 59.76 -14.19
CA GLU D 212 -11.83 59.16 -13.66
C GLU D 212 -12.86 59.12 -14.78
N VAL D 213 -12.99 57.98 -15.43
CA VAL D 213 -13.85 57.83 -16.58
C VAL D 213 -15.18 57.28 -16.10
N VAL D 214 -16.23 58.09 -16.18
CA VAL D 214 -17.58 57.60 -15.90
C VAL D 214 -18.34 57.65 -17.21
N ALA D 215 -19.46 56.93 -17.27
CA ALA D 215 -20.26 56.88 -18.49
C ALA D 215 -21.73 56.80 -18.09
N PHE D 216 -22.50 57.82 -18.49
CA PHE D 216 -23.95 57.79 -18.35
C PHE D 216 -24.58 57.27 -19.64
N ALA D 217 -25.62 56.46 -19.49
CA ALA D 217 -26.31 55.91 -20.66
C ALA D 217 -27.74 55.55 -20.27
N ARG D 218 -28.68 55.92 -21.13
CA ARG D 218 -30.10 55.66 -20.89
C ARG D 218 -30.46 54.31 -21.51
N ILE D 219 -30.78 53.34 -20.65
CA ILE D 219 -30.95 51.96 -21.08
C ILE D 219 -32.40 51.50 -21.01
N GLY D 220 -33.14 51.87 -19.97
CA GLY D 220 -34.49 51.38 -19.79
C GLY D 220 -34.76 51.05 -18.34
N ASP D 221 -35.89 51.54 -17.81
CA ASP D 221 -36.23 51.31 -16.41
C ASP D 221 -36.54 49.83 -16.18
N GLY D 222 -35.77 49.22 -15.29
CA GLY D 222 -35.91 47.81 -14.97
C GLY D 222 -35.35 46.87 -16.02
N GLN D 223 -34.75 47.42 -17.08
CA GLN D 223 -34.12 46.59 -18.10
C GLN D 223 -32.80 46.06 -17.58
N GLU D 224 -32.58 44.76 -17.79
CA GLU D 224 -31.46 44.07 -17.16
C GLU D 224 -30.13 44.42 -17.81
N VAL D 225 -29.48 45.46 -17.30
CA VAL D 225 -28.09 45.72 -17.61
C VAL D 225 -27.24 44.56 -17.12
N PHE D 226 -26.22 44.22 -17.88
CA PHE D 226 -25.48 42.99 -17.61
C PHE D 226 -24.00 43.25 -17.39
N PRO D 227 -23.52 43.20 -16.15
CA PRO D 227 -22.08 43.22 -15.91
C PRO D 227 -21.47 41.83 -16.07
N SER D 228 -20.19 41.70 -15.74
CA SER D 228 -19.51 40.42 -15.87
C SER D 228 -20.00 39.42 -14.84
N GLN D 229 -19.75 38.14 -15.11
CA GLN D 229 -20.21 37.07 -14.23
C GLN D 229 -19.06 36.12 -13.93
N GLU D 230 -19.05 35.62 -12.69
CA GLU D 230 -18.10 34.63 -12.23
C GLU D 230 -18.64 33.24 -12.53
N LEU D 231 -18.00 32.21 -11.99
CA LEU D 231 -18.46 30.83 -12.20
C LEU D 231 -19.73 30.55 -11.41
N LYS D 244 -26.31 31.00 -11.47
CA LYS D 244 -25.30 31.91 -12.00
C LYS D 244 -24.82 32.82 -10.86
N THR D 245 -23.56 33.25 -10.95
CA THR D 245 -22.99 34.22 -10.03
C THR D 245 -22.43 35.37 -10.84
N LEU D 246 -22.97 36.57 -10.63
CA LEU D 246 -22.45 37.76 -11.28
C LEU D 246 -21.29 38.31 -10.47
N TYR D 247 -20.32 38.91 -11.17
CA TYR D 247 -19.18 39.48 -10.50
C TYR D 247 -19.58 40.72 -9.72
N SER D 248 -19.15 40.78 -8.46
CA SER D 248 -19.58 41.85 -7.57
C SER D 248 -18.42 42.27 -6.67
N VAL D 249 -18.06 43.55 -6.76
CA VAL D 249 -17.31 44.24 -5.72
C VAL D 249 -18.33 44.60 -4.64
N ARG D 250 -17.85 45.06 -3.47
CA ARG D 250 -18.68 45.23 -2.28
C ARG D 250 -19.82 46.22 -2.52
N ASP D 251 -21.05 45.78 -2.18
CA ASP D 251 -22.28 46.58 -2.17
C ASP D 251 -22.68 47.08 -3.56
N ALA D 252 -22.29 46.37 -4.62
CA ALA D 252 -22.59 46.76 -6.00
C ALA D 252 -22.32 45.58 -6.91
N ALA D 253 -22.59 45.77 -8.19
CA ALA D 253 -22.12 44.89 -9.26
C ALA D 253 -21.21 45.69 -10.17
N ALA D 254 -20.31 44.98 -10.86
CA ALA D 254 -19.27 45.66 -11.62
C ALA D 254 -18.75 44.75 -12.72
N ILE D 255 -17.80 45.29 -13.48
CA ILE D 255 -17.18 44.63 -14.62
C ILE D 255 -15.71 44.38 -14.26
N HIS D 256 -15.16 43.26 -14.73
CA HIS D 256 -13.76 42.93 -14.49
C HIS D 256 -12.84 43.96 -15.11
N SER D 257 -11.63 44.05 -14.55
CA SER D 257 -10.64 44.98 -15.07
C SER D 257 -10.10 44.52 -16.42
N GLN D 258 -9.94 43.21 -16.59
CA GLN D 258 -9.38 42.69 -17.84
C GLN D 258 -10.35 42.85 -19.00
N LYS D 259 -11.65 42.82 -18.73
CA LYS D 259 -12.64 43.04 -19.79
C LYS D 259 -12.63 44.49 -20.25
N ILE D 260 -12.50 45.44 -19.31
CA ILE D 260 -12.43 46.84 -19.66
C ILE D 260 -11.12 47.14 -20.39
N GLY D 261 -10.02 46.50 -19.98
CA GLY D 261 -8.77 46.65 -20.69
C GLY D 261 -8.82 46.09 -22.10
N ASN D 262 -9.48 44.92 -22.26
CA ASN D 262 -9.68 44.33 -23.59
C ASN D 262 -10.52 45.23 -24.48
N ALA D 263 -11.57 45.82 -23.92
CA ALA D 263 -12.38 46.77 -24.67
C ALA D 263 -11.63 48.06 -24.98
N LEU D 264 -10.66 48.42 -24.14
CA LEU D 264 -9.94 49.67 -24.29
C LEU D 264 -8.74 49.56 -25.23
N ARG D 265 -8.25 48.36 -25.51
CA ARG D 265 -7.13 48.21 -26.44
C ARG D 265 -7.60 47.67 -27.79
N THR D 266 -8.78 48.11 -28.25
CA THR D 266 -9.22 47.77 -29.60
C THR D 266 -8.56 48.74 -30.57
N ILE D 267 -7.35 48.40 -30.96
CA ILE D 267 -6.54 49.22 -31.87
C ILE D 267 -6.32 48.54 -33.22
N ASP D 268 -6.28 47.20 -33.25
CA ASP D 268 -5.76 46.45 -34.38
C ASP D 268 -6.69 46.55 -35.58
N THR D 269 -6.21 47.18 -36.65
CA THR D 269 -6.98 47.38 -37.86
C THR D 269 -6.45 46.55 -39.03
N TRP D 270 -5.17 46.69 -39.38
CA TRP D 270 -4.64 46.03 -40.57
C TRP D 270 -4.02 44.69 -40.16
N TYR D 271 -4.81 43.69 -40.26
CA TYR D 271 -4.51 42.26 -40.27
C TYR D 271 -4.86 41.70 -41.65
N PRO D 272 -4.13 40.69 -42.15
CA PRO D 272 -4.11 40.46 -43.62
C PRO D 272 -5.38 39.90 -44.22
N ASP D 273 -6.36 39.48 -43.41
CA ASP D 273 -7.58 38.89 -43.96
C ASP D 273 -8.44 39.94 -44.65
N GLU D 274 -8.93 40.93 -43.89
CA GLU D 274 -9.64 42.09 -44.41
C GLU D 274 -9.62 43.16 -43.33
N ASP D 275 -10.24 44.31 -43.60
CA ASP D 275 -10.39 45.37 -42.63
C ASP D 275 -11.76 46.02 -42.71
N GLY D 276 -12.77 45.28 -43.18
CA GLY D 276 -14.07 45.84 -43.44
C GLY D 276 -15.00 45.93 -42.25
N LEU D 277 -14.93 44.95 -41.35
CA LEU D 277 -15.90 44.86 -40.26
C LEU D 277 -15.63 45.89 -39.17
N GLY D 278 -14.38 46.34 -39.04
CA GLY D 278 -14.00 47.23 -37.96
C GLY D 278 -12.73 46.76 -37.29
N PRO D 279 -12.28 47.50 -36.27
CA PRO D 279 -11.04 47.13 -35.59
C PRO D 279 -11.28 46.08 -34.51
N ILE D 280 -10.27 45.24 -34.32
CA ILE D 280 -10.31 44.21 -33.29
C ILE D 280 -9.36 44.62 -32.17
N ALA D 281 -9.35 43.84 -31.10
CA ALA D 281 -8.51 44.15 -29.95
C ALA D 281 -7.11 43.57 -30.12
N VAL D 282 -6.13 44.23 -29.51
CA VAL D 282 -4.73 43.81 -29.64
C VAL D 282 -4.52 42.50 -28.90
N GLU D 283 -3.81 41.59 -29.56
CA GLU D 283 -3.45 40.26 -29.10
C GLU D 283 -2.26 39.83 -29.95
N PRO D 284 -1.29 39.09 -29.40
CA PRO D 284 -0.14 38.65 -30.21
C PRO D 284 -0.52 37.79 -31.41
N TYR D 285 -1.44 36.85 -31.24
CA TYR D 285 -1.97 36.09 -32.37
C TYR D 285 -3.25 36.70 -32.91
N GLY D 286 -3.65 37.89 -32.44
CA GLY D 286 -4.83 38.58 -32.90
C GLY D 286 -6.14 37.84 -32.75
N SER D 287 -6.21 36.97 -31.76
CA SER D 287 -7.32 36.03 -31.64
C SER D 287 -8.59 36.73 -31.17
N VAL D 288 -9.73 36.24 -31.64
CA VAL D 288 -11.04 36.77 -31.29
C VAL D 288 -12.00 35.60 -31.12
N THR D 289 -12.55 35.44 -29.91
CA THR D 289 -13.42 34.31 -29.63
C THR D 289 -14.84 34.56 -30.12
N SER D 290 -15.28 35.82 -30.12
CA SER D 290 -16.65 36.15 -30.49
C SER D 290 -16.89 35.89 -31.98
N GLN D 291 -15.99 36.37 -32.84
CA GLN D 291 -16.07 36.03 -34.25
C GLN D 291 -15.81 34.55 -34.49
N GLY D 292 -14.93 33.95 -33.68
CA GLY D 292 -14.79 32.51 -33.62
C GLY D 292 -13.65 31.92 -34.42
N LYS D 293 -12.89 32.74 -35.15
CA LYS D 293 -11.78 32.24 -35.95
C LYS D 293 -10.54 33.05 -35.61
N ALA D 294 -9.49 32.36 -35.18
CA ALA D 294 -8.27 33.04 -34.78
C ALA D 294 -7.55 33.59 -36.00
N TYR D 295 -7.42 34.90 -36.07
CA TYR D 295 -6.73 35.57 -37.17
C TYR D 295 -5.23 35.45 -36.98
N ARG D 296 -4.47 36.14 -37.85
CA ARG D 296 -3.03 36.38 -37.76
C ARG D 296 -2.24 35.06 -37.65
N GLN D 297 -2.46 34.23 -38.66
CA GLN D 297 -2.05 32.84 -38.60
C GLN D 297 -0.54 32.70 -38.66
N PRO D 298 0.03 31.69 -37.99
CA PRO D 298 1.50 31.55 -37.99
C PRO D 298 2.09 31.11 -39.32
N LYS D 299 1.28 30.71 -40.31
CA LYS D 299 1.80 30.48 -41.65
C LYS D 299 2.23 31.78 -42.32
N GLN D 300 1.63 32.90 -41.93
CA GLN D 300 2.05 34.22 -42.37
C GLN D 300 2.90 34.86 -41.28
N LYS D 301 3.84 35.70 -41.69
CA LYS D 301 4.74 36.38 -40.77
C LYS D 301 4.23 37.74 -40.35
N LEU D 302 2.92 37.92 -40.26
CA LEU D 302 2.33 39.17 -39.82
C LEU D 302 1.86 39.13 -38.36
N ASP D 303 2.27 38.11 -37.62
CA ASP D 303 1.96 38.02 -36.20
C ASP D 303 2.99 38.78 -35.37
N PHE D 304 2.68 38.95 -34.09
CA PHE D 304 3.54 39.76 -33.21
C PHE D 304 4.85 39.06 -32.91
N TYR D 305 4.78 37.75 -32.60
CA TYR D 305 5.99 36.96 -32.34
C TYR D 305 6.87 36.86 -33.57
N THR D 306 6.28 36.95 -34.76
CA THR D 306 7.04 36.93 -36.00
C THR D 306 7.49 38.32 -36.43
N LEU D 307 6.85 39.40 -35.95
CA LEU D 307 7.26 40.75 -36.32
C LEU D 307 8.33 41.32 -35.41
N LEU D 308 8.24 41.08 -34.09
CA LEU D 308 9.27 41.57 -33.18
C LEU D 308 10.59 40.82 -33.40
N ASP D 309 10.49 39.53 -33.73
CA ASP D 309 11.68 38.68 -33.82
C ASP D 309 12.59 39.09 -34.97
N ASN D 310 12.02 39.52 -36.09
CA ASN D 310 12.87 40.12 -37.11
C ASN D 310 12.92 41.64 -37.02
N TRP D 311 12.20 42.26 -36.07
CA TRP D 311 12.45 43.67 -35.81
C TRP D 311 13.76 43.87 -35.06
N VAL D 312 13.98 43.12 -33.98
CA VAL D 312 15.17 43.36 -33.17
C VAL D 312 16.38 42.57 -33.67
N LEU D 313 16.19 41.31 -34.08
CA LEU D 313 17.33 40.51 -34.53
C LEU D 313 17.68 40.82 -35.98
N ARG D 314 16.75 40.57 -36.90
CA ARG D 314 17.04 40.70 -38.32
C ARG D 314 16.86 42.13 -38.84
N ASP D 315 16.45 43.06 -37.98
CA ASP D 315 16.28 44.49 -38.30
C ASP D 315 15.31 44.73 -39.45
N GLU D 316 14.33 43.83 -39.61
CA GLU D 316 13.29 43.96 -40.64
C GLU D 316 12.16 44.80 -40.07
N ALA D 317 12.34 46.11 -40.15
CA ALA D 317 11.34 47.05 -39.64
C ALA D 317 10.11 47.04 -40.54
N PRO D 318 8.92 46.76 -40.00
CA PRO D 318 7.71 46.74 -40.84
C PRO D 318 7.14 48.13 -41.05
N ALA D 319 5.95 48.21 -41.66
CA ALA D 319 5.28 49.48 -41.90
C ALA D 319 4.80 50.11 -40.60
N VAL D 320 4.26 51.32 -40.71
CA VAL D 320 3.90 52.12 -39.54
C VAL D 320 2.73 51.51 -38.79
N GLU D 321 1.80 50.88 -39.51
CA GLU D 321 0.68 50.22 -38.85
C GLU D 321 1.12 48.97 -38.10
N GLN D 322 2.05 48.19 -38.67
CA GLN D 322 2.52 47.01 -37.97
C GLN D 322 3.46 47.36 -36.83
N GLN D 323 4.21 48.47 -36.95
CA GLN D 323 4.98 48.96 -35.82
C GLN D 323 4.07 49.46 -34.70
N HIS D 324 2.96 50.11 -35.07
CA HIS D 324 1.93 50.47 -34.11
C HIS D 324 1.34 49.24 -33.43
N TYR D 325 1.18 48.16 -34.20
CA TYR D 325 0.63 46.92 -33.63
C TYR D 325 1.59 46.28 -32.63
N VAL D 326 2.87 46.22 -32.99
CA VAL D 326 3.87 45.61 -32.08
C VAL D 326 4.00 46.45 -30.81
N ILE D 327 4.00 47.78 -30.95
CA ILE D 327 4.15 48.66 -29.79
C ILE D 327 2.90 48.59 -28.91
N ALA D 328 1.70 48.56 -29.52
CA ALA D 328 0.48 48.37 -28.76
C ALA D 328 0.38 46.99 -28.15
N ASN D 329 1.09 46.00 -28.69
CA ASN D 329 1.25 44.71 -28.05
C ASN D 329 2.33 44.71 -26.99
N LEU D 330 3.12 45.78 -26.89
CA LEU D 330 4.03 45.98 -25.76
C LEU D 330 3.44 46.85 -24.66
N ILE D 331 2.30 47.50 -24.91
CA ILE D 331 1.62 48.30 -23.89
C ILE D 331 0.62 47.41 -23.12
N ARG D 332 0.40 46.19 -23.58
CA ARG D 332 -0.47 45.26 -22.87
C ARG D 332 0.28 44.23 -22.05
N GLY D 333 1.58 44.07 -22.26
CA GLY D 333 2.36 43.17 -21.42
C GLY D 333 2.20 41.71 -21.80
N GLY D 334 2.69 40.85 -20.92
CA GLY D 334 2.59 39.42 -21.09
C GLY D 334 3.93 38.74 -20.93
N VAL D 335 3.92 37.42 -21.13
CA VAL D 335 5.10 36.59 -20.95
C VAL D 335 5.60 36.11 -22.30
N PHE D 336 6.55 36.84 -22.88
CA PHE D 336 7.06 36.47 -24.20
C PHE D 336 8.27 35.56 -24.01
N GLY D 337 9.00 35.30 -25.09
CA GLY D 337 10.14 34.39 -25.02
C GLY D 337 9.68 32.95 -24.88
N GLU D 338 10.64 32.08 -24.57
CA GLU D 338 10.33 30.68 -24.34
C GLU D 338 9.61 30.50 -23.01
N LEU E 6 45.27 27.61 8.96
CA LEU E 6 43.96 28.01 9.46
C LEU E 6 42.93 27.86 8.36
N SER E 7 41.89 27.09 8.62
CA SER E 7 40.87 26.76 7.64
C SER E 7 39.53 27.33 8.06
N THR E 8 38.59 27.35 7.11
CA THR E 8 37.25 27.85 7.38
C THR E 8 36.46 26.87 8.23
N ALA E 9 35.30 27.34 8.70
CA ALA E 9 34.45 26.52 9.54
C ALA E 9 33.66 25.54 8.68
N SER E 10 33.38 24.36 9.26
CA SER E 10 32.61 23.36 8.54
C SER E 10 31.15 23.77 8.41
N VAL E 11 30.55 24.23 9.50
CA VAL E 11 29.26 24.91 9.44
C VAL E 11 29.44 26.28 10.08
N LEU E 12 28.98 27.31 9.38
CA LEU E 12 29.05 28.67 9.86
C LEU E 12 27.70 29.32 9.60
N ALA E 13 27.17 30.03 10.58
CA ALA E 13 25.84 30.55 10.43
C ALA E 13 25.71 31.84 11.22
N PHE E 14 25.08 32.83 10.61
CA PHE E 14 24.87 34.12 11.24
C PHE E 14 23.38 34.37 11.37
N GLU E 15 22.99 35.06 12.43
CA GLU E 15 21.61 35.48 12.58
C GLU E 15 21.30 36.59 11.59
N ARG E 16 20.03 36.95 11.53
CA ARG E 16 19.55 37.96 10.59
C ARG E 16 19.36 39.25 11.36
N LYS E 17 20.26 40.21 11.14
CA LYS E 17 20.08 41.54 11.69
C LYS E 17 19.22 42.36 10.73
N LEU E 18 18.53 43.34 11.30
CA LEU E 18 17.58 44.18 10.57
C LEU E 18 16.53 43.27 9.95
N ASP E 19 15.78 42.59 10.80
CA ASP E 19 14.73 41.71 10.31
C ASP E 19 13.40 42.44 10.31
N PRO E 20 12.76 42.60 9.17
CA PRO E 20 11.51 43.36 9.11
C PRO E 20 10.32 42.52 9.55
N SER E 21 9.18 43.18 9.66
CA SER E 21 7.94 42.51 9.99
C SER E 21 7.21 42.09 8.73
N ASP E 22 5.94 41.71 8.88
CA ASP E 22 5.06 41.37 7.78
C ASP E 22 4.36 42.66 7.38
N ALA E 23 4.72 43.19 6.21
CA ALA E 23 4.15 44.44 5.73
C ALA E 23 2.67 44.31 5.44
N LEU E 24 1.84 44.95 6.26
CA LEU E 24 0.40 44.92 6.04
C LEU E 24 0.06 45.91 4.94
N MET E 25 -1.19 45.89 4.47
CA MET E 25 -1.63 46.85 3.48
C MET E 25 -2.98 47.37 3.89
N SER E 26 -3.18 48.67 3.73
CA SER E 26 -4.39 49.35 4.15
C SER E 26 -4.72 50.41 3.11
N ALA E 27 -5.94 50.93 3.15
CA ALA E 27 -6.36 51.90 2.16
C ALA E 27 -7.03 53.08 2.85
N GLY E 28 -6.91 54.23 2.22
CA GLY E 28 -7.56 55.41 2.79
C GLY E 28 -7.54 56.58 1.84
N ALA E 29 -7.93 57.72 2.37
CA ALA E 29 -7.97 58.98 1.62
C ALA E 29 -6.76 59.82 1.99
N TRP E 30 -6.12 60.40 0.97
CA TRP E 30 -5.03 61.34 1.19
C TRP E 30 -5.56 62.58 1.89
N ALA E 31 -4.66 63.24 2.63
CA ALA E 31 -4.84 64.31 3.62
C ALA E 31 -5.58 63.85 4.87
N GLN E 32 -5.90 62.56 4.99
CA GLN E 32 -6.27 61.94 6.25
C GLN E 32 -5.18 61.01 6.74
N ARG E 33 -4.05 60.94 6.03
CA ARG E 33 -2.97 60.04 6.39
C ARG E 33 -2.18 60.52 7.59
N ASP E 34 -2.34 61.79 7.98
CA ASP E 34 -1.74 62.29 9.22
C ASP E 34 -2.38 61.66 10.44
N ALA E 35 -3.63 61.19 10.33
CA ALA E 35 -4.36 60.53 11.40
C ALA E 35 -4.90 59.19 10.91
N SER E 36 -4.04 58.40 10.27
CA SER E 36 -4.44 57.12 9.68
C SER E 36 -4.14 55.99 10.66
N GLN E 37 -4.91 55.97 11.74
CA GLN E 37 -4.84 54.92 12.74
C GLN E 37 -6.08 54.05 12.78
N GLU E 38 -7.01 54.26 11.85
CA GLU E 38 -8.27 53.52 11.86
C GLU E 38 -8.67 53.09 10.45
N TRP E 39 -7.75 53.11 9.49
CA TRP E 39 -8.08 52.79 8.11
C TRP E 39 -8.39 51.30 7.95
N PRO E 40 -9.29 50.95 7.02
CA PRO E 40 -9.60 49.53 6.81
C PRO E 40 -8.52 48.82 6.01
N ALA E 41 -8.74 47.56 5.68
CA ALA E 41 -7.75 46.74 5.03
C ALA E 41 -8.19 46.40 3.61
N VAL E 42 -7.23 46.35 2.68
CA VAL E 42 -7.53 45.82 1.36
C VAL E 42 -7.64 44.31 1.44
N THR E 43 -8.79 43.78 1.04
CA THR E 43 -9.04 42.36 1.16
C THR E 43 -8.66 41.65 -0.14
N VAL E 44 -8.18 40.42 0.00
CA VAL E 44 -7.90 39.59 -1.16
C VAL E 44 -9.21 39.02 -1.65
N ARG E 45 -9.71 39.52 -2.77
CA ARG E 45 -10.97 39.09 -3.34
C ARG E 45 -10.69 38.24 -4.56
N GLU E 46 -11.36 37.09 -4.67
CA GLU E 46 -11.17 36.24 -5.83
C GLU E 46 -12.05 36.73 -6.97
N LYS E 47 -11.60 36.51 -8.20
CA LYS E 47 -12.36 36.86 -9.39
C LYS E 47 -12.04 35.88 -10.51
N SER E 48 -13.04 35.54 -11.30
CA SER E 48 -12.87 34.64 -12.42
C SER E 48 -12.34 35.39 -13.62
N VAL E 49 -11.46 34.74 -14.37
CA VAL E 49 -10.87 35.32 -15.56
C VAL E 49 -10.81 34.26 -16.66
N ARG E 50 -11.31 34.61 -17.84
CA ARG E 50 -11.26 33.70 -18.99
C ARG E 50 -10.30 34.31 -20.00
N GLY E 51 -9.16 33.67 -20.18
CA GLY E 51 -8.19 34.18 -21.13
C GLY E 51 -8.08 33.26 -22.33
N THR E 52 -7.68 33.80 -23.47
CA THR E 52 -7.41 32.99 -24.64
C THR E 52 -5.95 32.49 -24.55
N ILE E 53 -5.47 31.87 -25.61
CA ILE E 53 -4.12 31.29 -25.61
C ILE E 53 -3.18 32.26 -26.32
N SER E 54 -2.25 32.82 -25.56
CA SER E 54 -1.30 33.81 -26.06
C SER E 54 0.14 33.36 -25.92
N ASN E 55 0.37 32.09 -25.61
CA ASN E 55 1.73 31.60 -25.41
C ASN E 55 2.48 31.52 -26.74
N ARG E 56 3.80 31.44 -26.63
CA ARG E 56 4.66 31.29 -27.80
C ARG E 56 4.77 29.81 -28.15
N LEU E 57 3.82 29.34 -28.96
CA LEU E 57 3.85 27.96 -29.42
C LEU E 57 4.93 27.76 -30.47
N LYS E 58 5.05 26.51 -30.93
CA LYS E 58 6.00 26.14 -31.97
C LYS E 58 5.64 26.81 -33.29
N THR E 59 6.54 27.66 -33.79
CA THR E 59 6.23 28.54 -34.91
C THR E 59 6.16 27.75 -36.21
N LYS E 60 5.70 28.46 -37.26
CA LYS E 60 5.49 27.95 -38.62
C LYS E 60 4.51 26.78 -38.68
N ASP E 61 3.59 26.71 -37.72
CA ASP E 61 2.52 25.72 -37.75
C ASP E 61 1.53 26.10 -38.84
N ARG E 62 1.41 25.25 -39.86
CA ARG E 62 0.65 25.59 -41.05
C ARG E 62 -0.85 25.63 -40.75
N ASP E 63 -1.40 24.51 -40.29
CA ASP E 63 -2.84 24.46 -40.12
C ASP E 63 -3.31 25.20 -38.86
N PRO E 64 -4.46 25.87 -38.94
CA PRO E 64 -5.11 26.39 -37.73
C PRO E 64 -6.05 25.42 -37.03
N ALA E 65 -5.94 24.11 -37.33
CA ALA E 65 -6.92 23.14 -36.84
C ALA E 65 -6.90 22.99 -35.33
N LYS E 66 -5.76 23.26 -34.70
CA LYS E 66 -5.71 23.37 -33.25
C LYS E 66 -5.91 24.80 -32.75
N LEU E 67 -5.49 25.80 -33.52
CA LEU E 67 -5.60 27.19 -33.11
C LEU E 67 -7.01 27.73 -33.19
N ASP E 68 -7.87 27.13 -34.01
CA ASP E 68 -9.26 27.54 -34.08
C ASP E 68 -10.12 26.82 -33.05
N ALA E 69 -9.71 25.64 -32.61
CA ALA E 69 -10.35 24.98 -31.48
C ALA E 69 -9.82 25.44 -30.15
N SER E 70 -8.68 26.14 -30.15
CA SER E 70 -8.14 26.73 -28.93
C SER E 70 -9.08 27.77 -28.35
N ILE E 71 -9.55 28.69 -29.20
CA ILE E 71 -10.50 29.70 -28.73
C ILE E 71 -11.87 29.08 -28.48
N GLN E 72 -12.18 27.96 -29.13
CA GLN E 72 -13.43 27.26 -28.84
C GLN E 72 -13.38 26.55 -27.49
N SER E 73 -12.18 26.28 -26.96
CA SER E 73 -12.00 25.72 -25.62
C SER E 73 -11.18 26.71 -24.80
N PRO E 74 -11.79 27.80 -24.33
CA PRO E 74 -11.02 28.89 -23.73
C PRO E 74 -10.51 28.52 -22.35
N ASN E 75 -9.45 29.21 -21.93
CA ASN E 75 -8.78 28.92 -20.66
C ASN E 75 -9.50 29.66 -19.54
N LEU E 76 -10.29 28.91 -18.76
CA LEU E 76 -10.97 29.44 -17.59
C LEU E 76 -10.04 29.39 -16.39
N GLN E 77 -10.09 30.42 -15.56
CA GLN E 77 -9.19 30.54 -14.43
C GLN E 77 -9.89 31.32 -13.32
N THR E 78 -9.36 31.17 -12.11
CA THR E 78 -9.79 31.97 -10.97
C THR E 78 -8.56 32.55 -10.33
N VAL E 79 -8.43 33.87 -10.38
CA VAL E 79 -7.31 34.56 -9.77
C VAL E 79 -7.79 35.20 -8.47
N ASP E 80 -6.83 35.66 -7.67
CA ASP E 80 -7.11 36.45 -6.49
C ASP E 80 -6.48 37.81 -6.69
N VAL E 81 -7.28 38.86 -6.59
CA VAL E 81 -6.82 40.22 -6.87
C VAL E 81 -7.08 41.04 -5.62
N ALA E 82 -6.33 42.13 -5.50
CA ALA E 82 -6.46 43.06 -4.38
C ALA E 82 -6.62 44.46 -4.95
N ASN E 83 -7.77 45.07 -4.70
CA ASN E 83 -8.05 46.43 -5.11
C ASN E 83 -8.38 47.26 -3.88
N LEU E 84 -8.17 48.57 -3.99
CA LEU E 84 -8.57 49.46 -2.92
C LEU E 84 -10.09 49.63 -2.92
N PRO E 85 -10.65 50.07 -1.79
CA PRO E 85 -11.95 50.72 -1.84
C PRO E 85 -11.90 51.91 -2.78
N SER E 86 -12.94 52.04 -3.61
CA SER E 86 -12.94 53.06 -4.65
C SER E 86 -13.10 54.48 -4.10
N ASP E 87 -13.53 54.61 -2.85
CA ASP E 87 -13.55 55.90 -2.16
C ASP E 87 -12.29 56.12 -1.35
N ALA E 88 -11.18 55.52 -1.79
CA ALA E 88 -9.89 55.62 -1.13
C ALA E 88 -8.82 55.65 -2.20
N ASP E 89 -7.95 56.65 -2.16
CA ASP E 89 -6.98 56.83 -3.21
C ASP E 89 -5.55 56.47 -2.83
N THR E 90 -5.28 56.21 -1.55
CA THR E 90 -3.89 55.95 -1.16
C THR E 90 -3.77 54.64 -0.41
N LEU E 91 -2.60 54.01 -0.57
CA LEU E 91 -2.27 52.73 0.02
C LEU E 91 -1.23 52.93 1.12
N LYS E 92 -1.50 52.37 2.29
CA LYS E 92 -0.68 52.53 3.48
C LYS E 92 -0.08 51.18 3.84
N VAL E 93 1.24 51.08 3.76
CA VAL E 93 1.96 49.85 4.10
C VAL E 93 2.73 50.11 5.38
N ARG E 94 2.41 49.36 6.43
CA ARG E 94 2.90 49.61 7.78
C ARG E 94 3.61 48.37 8.28
N PHE E 95 4.85 48.53 8.72
CA PHE E 95 5.64 47.39 9.17
C PHE E 95 6.72 47.87 10.12
N THR E 96 7.06 47.03 11.09
CA THR E 96 8.13 47.32 12.02
C THR E 96 9.40 46.61 11.58
N LEU E 97 10.53 47.08 12.10
CA LEU E 97 11.78 46.37 11.91
C LEU E 97 12.68 46.70 13.10
N ARG E 98 13.25 45.67 13.70
CA ARG E 98 14.21 45.86 14.77
C ARG E 98 15.62 45.64 14.22
N VAL E 99 16.51 46.56 14.55
CA VAL E 99 17.90 46.46 14.13
C VAL E 99 18.67 45.90 15.31
N LEU E 100 19.03 44.62 15.23
CA LEU E 100 19.46 43.86 16.40
C LEU E 100 20.83 44.31 16.89
N GLY E 101 21.84 44.17 16.05
CA GLY E 101 23.15 44.57 16.50
C GLY E 101 23.99 43.41 16.98
N GLY E 102 25.30 43.53 16.79
CA GLY E 102 26.20 42.42 17.02
C GLY E 102 26.41 41.64 15.73
N ALA E 103 26.80 42.35 14.67
CA ALA E 103 26.80 41.82 13.32
C ALA E 103 28.04 41.00 12.98
N GLY E 104 28.82 40.58 13.97
CA GLY E 104 30.03 39.84 13.67
C GLY E 104 30.10 38.49 14.32
N THR E 105 29.26 38.25 15.32
CA THR E 105 29.30 37.00 16.06
C THR E 105 28.42 35.96 15.40
N PRO E 106 28.96 34.83 14.96
CA PRO E 106 28.12 33.79 14.37
C PRO E 106 27.33 33.03 15.40
N SER E 107 26.49 32.10 14.95
CA SER E 107 25.65 31.31 15.82
C SER E 107 25.91 29.81 15.73
N ALA E 108 26.73 29.35 14.79
CA ALA E 108 26.97 27.92 14.67
C ALA E 108 28.41 27.58 14.32
N CYS E 109 29.37 28.43 14.68
CA CYS E 109 30.75 28.23 14.26
C CYS E 109 31.39 27.06 14.99
N ASN E 110 32.02 26.17 14.22
CA ASN E 110 32.74 25.04 14.82
C ASN E 110 34.04 25.49 15.47
N ASP E 111 34.94 26.03 14.66
CA ASP E 111 36.32 26.23 15.09
C ASP E 111 36.44 27.43 16.01
N ALA E 112 37.05 27.21 17.17
CA ALA E 112 37.32 28.29 18.10
C ALA E 112 38.51 29.14 17.69
N ALA E 113 39.27 28.71 16.68
CA ALA E 113 40.35 29.53 16.14
C ALA E 113 39.92 30.35 14.94
N TYR E 114 38.89 29.89 14.21
CA TYR E 114 38.36 30.68 13.10
C TYR E 114 37.47 31.80 13.60
N ARG E 115 36.66 31.53 14.63
CA ARG E 115 35.70 32.52 15.11
C ARG E 115 36.40 33.69 15.80
N ASP E 116 37.59 33.46 16.36
CA ASP E 116 38.33 34.56 16.96
C ASP E 116 38.89 35.50 15.91
N LYS E 117 39.40 34.94 14.80
CA LYS E 117 39.89 35.76 13.70
C LYS E 117 38.74 36.51 13.05
N LEU E 118 37.58 35.87 12.92
CA LEU E 118 36.43 36.54 12.33
C LEU E 118 35.91 37.65 13.24
N LEU E 119 35.87 37.41 14.55
CA LEU E 119 35.39 38.40 15.49
C LEU E 119 36.32 39.60 15.55
N GLN E 120 37.64 39.35 15.53
CA GLN E 120 38.57 40.48 15.55
C GLN E 120 38.60 41.19 14.19
N THR E 121 38.26 40.49 13.10
CA THR E 121 38.18 41.14 11.80
C THR E 121 37.02 42.13 11.76
N VAL E 122 35.83 41.70 12.19
CA VAL E 122 34.70 42.61 12.24
C VAL E 122 34.91 43.69 13.31
N ALA E 123 35.67 43.38 14.37
CA ALA E 123 35.97 44.37 15.39
C ALA E 123 36.86 45.48 14.87
N THR E 124 37.92 45.14 14.12
CA THR E 124 38.75 46.16 13.50
C THR E 124 37.99 46.91 12.41
N TYR E 125 37.06 46.23 11.73
CA TYR E 125 36.23 46.92 10.75
C TYR E 125 35.38 48.01 11.39
N VAL E 126 34.62 47.65 12.43
CA VAL E 126 33.75 48.62 13.10
C VAL E 126 34.57 49.63 13.90
N ASN E 127 35.84 49.32 14.19
CA ASN E 127 36.73 50.29 14.79
C ASN E 127 37.14 51.36 13.78
N GLU E 128 37.78 50.96 12.68
CA GLU E 128 38.36 51.94 11.79
C GLU E 128 37.32 52.58 10.87
N GLN E 129 36.27 51.83 10.52
CA GLN E 129 35.28 52.29 9.55
C GLN E 129 33.90 51.83 10.04
N GLY E 130 33.23 52.69 10.79
CA GLY E 130 31.98 52.33 11.42
C GLY E 130 30.85 52.09 10.42
N PHE E 131 29.73 51.64 10.97
CA PHE E 131 28.58 51.20 10.16
C PHE E 131 27.84 52.34 9.48
N ALA E 132 28.30 53.59 9.58
CA ALA E 132 27.52 54.74 9.11
C ALA E 132 27.37 54.76 7.60
N GLU E 133 28.29 54.14 6.86
CA GLU E 133 28.12 54.01 5.42
C GLU E 133 26.94 53.08 5.10
N LEU E 134 27.00 51.86 5.63
CA LEU E 134 25.90 50.91 5.46
C LEU E 134 24.61 51.42 6.08
N ALA E 135 24.71 52.15 7.19
CA ALA E 135 23.51 52.68 7.80
C ALA E 135 22.89 53.80 6.97
N ARG E 136 23.73 54.61 6.30
CA ARG E 136 23.18 55.64 5.43
C ARG E 136 22.54 55.02 4.19
N ARG E 137 23.06 53.89 3.73
CA ARG E 137 22.42 53.26 2.57
C ARG E 137 21.15 52.49 2.96
N TYR E 138 21.13 51.90 4.16
CA TYR E 138 19.91 51.30 4.68
C TYR E 138 18.84 52.36 4.94
N ALA E 139 19.24 53.53 5.44
CA ALA E 139 18.30 54.62 5.63
C ALA E 139 17.85 55.21 4.31
N HIS E 140 18.68 55.09 3.27
CA HIS E 140 18.25 55.46 1.93
C HIS E 140 17.16 54.52 1.44
N ASN E 141 17.38 53.21 1.58
CA ASN E 141 16.37 52.24 1.14
C ASN E 141 15.11 52.28 2.00
N LEU E 142 15.18 52.78 3.23
CA LEU E 142 13.97 53.06 3.98
C LEU E 142 13.37 54.40 3.58
N ALA E 143 14.19 55.31 3.05
CA ALA E 143 13.72 56.66 2.74
C ALA E 143 12.86 56.66 1.49
N ASN E 144 13.40 56.24 0.36
CA ASN E 144 12.55 55.97 -0.78
C ASN E 144 11.83 54.66 -0.54
N ALA E 145 10.56 54.59 -0.93
CA ALA E 145 9.78 53.41 -0.62
C ALA E 145 10.08 52.28 -1.59
N ARG E 146 11.31 51.76 -1.55
CA ARG E 146 11.69 50.68 -2.44
C ARG E 146 10.95 49.40 -2.11
N PHE E 147 10.52 49.24 -0.86
CA PHE E 147 9.76 48.07 -0.45
C PHE E 147 8.34 48.08 -1.03
N LEU E 148 7.84 49.23 -1.46
CA LEU E 148 6.66 49.29 -2.31
C LEU E 148 7.14 48.86 -3.70
N TRP E 149 7.05 47.56 -3.96
CA TRP E 149 7.71 47.01 -5.14
C TRP E 149 7.03 47.43 -6.43
N ARG E 150 5.77 47.02 -6.61
CA ARG E 150 5.03 47.43 -7.80
C ARG E 150 3.94 48.44 -7.49
N ASN E 151 3.77 48.79 -6.21
CA ASN E 151 2.84 49.85 -5.82
C ASN E 151 3.47 51.23 -5.90
N ARG E 152 4.74 51.31 -6.28
CA ARG E 152 5.45 52.58 -6.44
C ARG E 152 5.46 53.07 -7.87
N VAL E 153 5.49 52.15 -8.85
CA VAL E 153 5.46 52.56 -10.24
C VAL E 153 4.09 53.12 -10.58
N GLY E 154 4.08 54.28 -11.22
CA GLY E 154 2.86 55.01 -11.48
C GLY E 154 2.15 55.44 -10.22
N ALA E 155 2.79 56.28 -9.41
CA ALA E 155 2.22 56.80 -8.19
C ALA E 155 2.32 58.32 -8.19
N GLU E 156 1.26 58.98 -7.74
CA GLU E 156 1.22 60.43 -7.79
C GLU E 156 2.10 61.05 -6.71
N ALA E 157 2.04 60.52 -5.49
CA ALA E 157 2.89 60.97 -4.40
C ALA E 157 2.99 59.89 -3.33
N VAL E 158 4.21 59.53 -2.96
CA VAL E 158 4.45 58.54 -1.91
C VAL E 158 5.35 59.17 -0.86
N GLU E 159 4.87 59.21 0.38
CA GLU E 159 5.63 59.75 1.50
C GLU E 159 5.76 58.68 2.58
N VAL E 160 6.94 58.65 3.20
CA VAL E 160 7.29 57.64 4.19
C VAL E 160 7.41 58.32 5.55
N ARG E 161 6.81 57.70 6.57
CA ARG E 161 6.89 58.15 7.95
C ARG E 161 7.55 57.07 8.78
N ILE E 162 8.67 57.39 9.39
CA ILE E 162 9.44 56.44 10.18
C ILE E 162 9.43 56.91 11.61
N ASN E 163 8.82 56.13 12.50
CA ASN E 163 8.82 56.41 13.93
C ASN E 163 9.88 55.57 14.62
N HIS E 164 10.41 56.09 15.72
CA HIS E 164 11.30 55.34 16.59
C HIS E 164 10.56 55.13 17.91
N ILE E 165 10.22 53.88 18.19
CA ILE E 165 9.38 53.53 19.33
C ILE E 165 10.29 53.27 20.53
N ARG E 166 10.38 54.25 21.42
CA ARG E 166 11.26 54.18 22.58
C ARG E 166 10.84 53.10 23.57
N GLN E 167 9.69 53.27 24.22
CA GLN E 167 9.17 52.36 25.24
C GLN E 167 7.69 52.17 25.05
N GLY E 168 7.25 51.97 23.80
CA GLY E 168 5.86 51.98 23.46
C GLY E 168 5.37 53.32 22.95
N GLU E 169 5.99 54.41 23.39
CA GLU E 169 5.67 55.75 22.90
C GLU E 169 6.49 56.02 21.64
N VAL E 170 6.50 57.26 21.18
CA VAL E 170 7.21 57.64 19.97
C VAL E 170 8.31 58.61 20.34
N ALA E 171 9.56 58.24 20.06
CA ALA E 171 10.68 59.08 20.42
C ALA E 171 10.97 60.13 19.35
N ARG E 172 11.04 59.72 18.10
CA ARG E 172 11.43 60.61 17.02
C ARG E 172 10.75 60.18 15.74
N THR E 173 10.28 61.14 14.96
CA THR E 173 9.50 60.88 13.75
C THR E 173 10.14 61.58 12.57
N TRP E 174 10.39 60.84 11.49
CA TRP E 174 10.92 61.38 10.25
C TRP E 174 9.85 61.28 9.17
N ARG E 175 9.55 62.41 8.54
CA ARG E 175 8.64 62.48 7.41
C ARG E 175 9.46 62.67 6.13
N PHE E 176 9.23 61.82 5.14
CA PHE E 176 10.04 61.81 3.94
C PHE E 176 9.20 62.08 2.71
N ASP E 177 9.84 61.97 1.55
CA ASP E 177 9.18 62.08 0.25
C ASP E 177 9.94 61.13 -0.68
N ALA E 178 9.32 59.98 -0.98
CA ALA E 178 10.01 58.93 -1.69
C ALA E 178 10.24 59.23 -3.16
N LEU E 179 9.51 60.21 -3.72
CA LEU E 179 9.73 60.54 -5.12
C LEU E 179 10.91 61.48 -5.31
N ALA E 180 11.18 62.34 -4.33
CA ALA E 180 12.34 63.24 -4.43
C ALA E 180 13.63 62.47 -4.19
N ILE E 181 13.66 61.58 -3.21
CA ILE E 181 14.81 60.72 -2.95
C ILE E 181 14.74 59.59 -3.98
N GLY E 182 15.58 59.67 -5.00
CA GLY E 182 15.48 58.76 -6.11
C GLY E 182 15.92 57.35 -5.77
N LEU E 183 15.54 56.42 -6.63
CA LEU E 183 15.91 55.02 -6.51
C LEU E 183 17.29 54.72 -7.05
N ARG E 184 18.03 55.74 -7.52
CA ARG E 184 19.30 55.53 -8.19
C ARG E 184 20.47 56.09 -7.39
N ASP E 185 20.44 57.37 -7.05
CA ASP E 185 21.56 58.04 -6.42
C ASP E 185 21.43 57.96 -4.91
N PHE E 186 22.56 57.75 -4.24
CA PHE E 186 22.65 57.81 -2.78
C PHE E 186 23.15 59.21 -2.42
N LYS E 187 22.20 60.12 -2.22
CA LYS E 187 22.49 61.53 -1.95
C LYS E 187 22.49 61.77 -0.43
N ALA E 188 23.63 62.25 0.08
CA ALA E 188 23.77 62.48 1.51
C ALA E 188 22.93 63.68 1.93
N ASP E 189 21.82 63.42 2.61
CA ASP E 189 20.88 64.44 3.01
C ASP E 189 21.07 64.78 4.49
N ALA E 190 20.19 65.62 5.02
CA ALA E 190 20.33 66.13 6.39
C ALA E 190 19.43 65.40 7.38
N GLU E 191 18.15 65.26 7.07
CA GLU E 191 17.21 64.64 8.00
C GLU E 191 17.40 63.14 8.09
N LEU E 192 17.69 62.48 6.97
CA LEU E 192 17.94 61.05 7.01
C LEU E 192 19.32 60.71 7.55
N ASP E 193 20.21 61.69 7.73
CA ASP E 193 21.48 61.40 8.37
C ASP E 193 21.30 61.09 9.85
N ALA E 194 20.28 61.68 10.49
CA ALA E 194 19.97 61.31 11.87
C ALA E 194 19.43 59.89 11.97
N LEU E 195 18.62 59.49 10.99
CA LEU E 195 18.15 58.11 10.93
C LEU E 195 19.29 57.16 10.62
N ALA E 196 20.28 57.62 9.85
CA ALA E 196 21.48 56.83 9.62
C ALA E 196 22.29 56.65 10.89
N GLU E 197 22.43 57.70 11.69
CA GLU E 197 23.12 57.55 12.97
C GLU E 197 22.34 56.67 13.94
N LEU E 198 21.01 56.68 13.86
CA LEU E 198 20.20 55.82 14.71
C LEU E 198 20.35 54.36 14.32
N ILE E 199 20.31 54.07 13.02
CA ILE E 199 20.49 52.70 12.53
C ILE E 199 21.92 52.22 12.79
N ALA E 200 22.90 53.13 12.72
CA ALA E 200 24.28 52.75 13.05
C ALA E 200 24.45 52.50 14.54
N SER E 201 23.75 53.24 15.38
CA SER E 201 23.80 52.98 16.82
C SER E 201 23.04 51.71 17.19
N GLY E 202 22.11 51.29 16.35
CA GLY E 202 21.48 49.99 16.54
C GLY E 202 22.35 48.83 16.09
N LEU E 203 22.95 48.97 14.91
CA LEU E 203 23.81 47.92 14.36
C LEU E 203 25.11 47.80 15.14
N SER E 204 25.56 48.88 15.78
CA SER E 204 26.80 48.83 16.54
C SER E 204 26.65 47.98 17.79
N GLY E 205 25.48 47.96 18.39
CA GLY E 205 25.21 47.17 19.58
C GLY E 205 25.09 47.98 20.84
N SER E 206 25.25 49.30 20.77
CA SER E 206 25.13 50.13 21.96
C SER E 206 23.70 50.14 22.47
N GLY E 207 22.76 50.56 21.65
CA GLY E 207 21.36 50.52 22.01
C GLY E 207 20.51 49.96 20.90
N HIS E 208 19.57 49.08 21.23
CA HIS E 208 18.69 48.51 20.23
C HIS E 208 17.70 49.56 19.73
N VAL E 209 17.24 49.38 18.51
CA VAL E 209 16.25 50.28 17.92
C VAL E 209 15.18 49.46 17.22
N LEU E 210 13.93 49.91 17.37
CA LEU E 210 12.76 49.32 16.71
C LEU E 210 12.09 50.45 15.93
N LEU E 211 12.26 50.44 14.61
CA LEU E 211 11.63 51.42 13.75
C LEU E 211 10.25 50.92 13.35
N GLU E 212 9.32 51.86 13.20
CA GLU E 212 7.99 51.56 12.68
C GLU E 212 7.79 52.41 11.44
N VAL E 213 7.75 51.78 10.27
CA VAL E 213 7.78 52.48 8.99
C VAL E 213 6.43 52.34 8.32
N VAL E 214 5.85 53.48 7.94
CA VAL E 214 4.54 53.54 7.30
C VAL E 214 4.69 54.33 6.01
N ALA E 215 4.42 53.71 4.87
CA ALA E 215 4.55 54.34 3.57
C ALA E 215 3.17 54.54 2.96
N PHE E 216 2.86 55.78 2.60
CA PHE E 216 1.62 56.11 1.90
C PHE E 216 1.95 56.39 0.44
N ALA E 217 1.24 55.73 -0.47
CA ALA E 217 1.39 55.95 -1.90
C ALA E 217 0.02 56.24 -2.49
N ARG E 218 -0.16 57.43 -3.04
CA ARG E 218 -1.41 57.80 -3.70
C ARG E 218 -1.34 57.32 -5.15
N ILE E 219 -2.09 56.27 -5.46
CA ILE E 219 -2.01 55.64 -6.76
C ILE E 219 -3.25 55.86 -7.62
N GLY E 220 -4.43 55.93 -7.02
CA GLY E 220 -5.66 56.08 -7.76
C GLY E 220 -6.80 55.35 -7.09
N ASP E 221 -8.01 55.86 -7.28
CA ASP E 221 -9.20 55.35 -6.62
C ASP E 221 -9.56 53.95 -7.09
N GLY E 222 -9.33 52.95 -6.25
CA GLY E 222 -9.70 51.59 -6.58
C GLY E 222 -8.74 50.86 -7.48
N GLN E 223 -7.48 51.31 -7.58
CA GLN E 223 -6.50 50.68 -8.44
C GLN E 223 -6.06 49.33 -7.87
N GLU E 224 -5.18 48.67 -8.61
CA GLU E 224 -4.74 47.31 -8.30
C GLU E 224 -3.43 47.38 -7.51
N VAL E 225 -3.49 47.01 -6.23
CA VAL E 225 -2.30 46.90 -5.40
C VAL E 225 -1.72 45.50 -5.54
N PHE E 226 -0.43 45.37 -5.27
CA PHE E 226 0.29 44.12 -5.51
C PHE E 226 0.94 43.62 -4.23
N PRO E 227 0.26 42.78 -3.46
CA PRO E 227 0.94 42.07 -2.36
C PRO E 227 1.72 40.88 -2.89
N SER E 228 2.37 40.14 -2.00
CA SER E 228 3.16 39.01 -2.44
C SER E 228 2.27 37.86 -2.86
N GLN E 229 2.84 36.95 -3.64
CA GLN E 229 2.09 35.90 -4.32
C GLN E 229 2.49 34.54 -3.76
N GLU E 230 1.52 33.84 -3.19
CA GLU E 230 1.81 32.56 -2.58
C GLU E 230 1.96 31.46 -3.63
N LEU E 231 2.60 30.37 -3.22
CA LEU E 231 2.71 29.19 -4.06
C LEU E 231 1.38 28.42 -4.03
N ILE E 232 0.99 27.90 -5.19
CA ILE E 232 -0.22 27.11 -5.32
C ILE E 232 0.17 25.64 -5.36
N LEU E 233 -0.38 24.86 -4.43
CA LEU E 233 -0.19 23.42 -4.44
C LEU E 233 -1.34 22.78 -5.22
N ASP E 234 -1.00 21.91 -6.18
CA ASP E 234 -1.97 21.42 -7.16
C ASP E 234 -2.88 20.36 -6.55
N LYS E 235 -3.80 20.81 -5.71
CA LYS E 235 -4.77 19.95 -5.04
C LYS E 235 -6.21 20.28 -5.40
N GLY E 236 -6.44 21.06 -6.46
CA GLY E 236 -7.75 21.57 -6.78
C GLY E 236 -8.22 21.23 -8.18
N ASP E 237 -9.52 21.47 -8.40
CA ASP E 237 -10.22 21.33 -9.66
C ASP E 237 -10.22 22.67 -10.42
N LYS E 238 -11.12 22.81 -11.40
CA LYS E 238 -11.28 23.97 -12.29
C LYS E 238 -11.86 25.25 -11.58
N LYS E 239 -11.97 25.29 -10.25
CA LYS E 239 -12.37 26.48 -9.52
C LYS E 239 -11.68 26.48 -8.17
N GLY E 240 -11.54 27.66 -7.56
CA GLY E 240 -10.95 27.72 -6.24
C GLY E 240 -9.52 28.22 -6.14
N GLN E 241 -9.23 29.35 -6.80
CA GLN E 241 -7.93 30.04 -6.75
C GLN E 241 -6.80 29.18 -7.30
N LYS E 242 -7.06 28.48 -8.40
CA LYS E 242 -6.13 27.50 -8.95
C LYS E 242 -4.96 28.13 -9.68
N SER E 243 -4.97 29.45 -9.84
CA SER E 243 -3.99 30.10 -10.70
C SER E 243 -3.10 31.10 -9.97
N LYS E 244 -3.65 31.90 -9.07
CA LYS E 244 -2.86 32.93 -8.38
C LYS E 244 -3.54 33.23 -7.05
N THR E 245 -2.89 32.86 -5.96
CA THR E 245 -3.33 33.22 -4.62
C THR E 245 -2.39 34.27 -4.05
N LEU E 246 -2.94 35.22 -3.31
CA LEU E 246 -2.17 36.33 -2.77
C LEU E 246 -2.00 36.16 -1.26
N TYR E 247 -0.85 36.63 -0.77
CA TYR E 247 -0.52 36.49 0.65
C TYR E 247 -1.41 37.38 1.48
N SER E 248 -1.90 36.83 2.60
CA SER E 248 -2.79 37.60 3.46
C SER E 248 -2.70 37.05 4.87
N VAL E 249 -2.30 37.91 5.81
CA VAL E 249 -2.58 37.68 7.22
C VAL E 249 -4.06 37.99 7.42
N ARG E 250 -4.59 37.68 8.62
CA ARG E 250 -5.99 37.36 8.93
C ARG E 250 -7.06 38.08 8.12
N ASP E 251 -6.90 39.39 7.93
CA ASP E 251 -7.79 40.15 7.06
C ASP E 251 -7.08 40.80 5.88
N ALA E 252 -5.98 41.50 6.12
CA ALA E 252 -5.36 42.34 5.11
C ALA E 252 -4.53 41.54 4.13
N ALA E 253 -4.45 42.04 2.91
CA ALA E 253 -3.40 41.58 2.01
C ALA E 253 -2.06 42.07 2.53
N ALA E 254 -1.02 41.27 2.35
CA ALA E 254 0.25 41.58 2.97
C ALA E 254 1.40 41.20 2.05
N ILE E 255 2.53 41.85 2.28
CA ILE E 255 3.78 41.58 1.56
C ILE E 255 4.64 40.73 2.46
N HIS E 256 5.36 39.77 1.85
CA HIS E 256 6.21 38.85 2.59
C HIS E 256 7.34 39.57 3.29
N SER E 257 7.83 38.97 4.38
CA SER E 257 8.87 39.60 5.16
C SER E 257 10.21 39.55 4.44
N GLN E 258 10.48 38.49 3.69
CA GLN E 258 11.74 38.40 2.98
C GLN E 258 11.76 39.31 1.75
N LYS E 259 10.59 39.69 1.22
CA LYS E 259 10.56 40.63 0.10
C LYS E 259 10.88 42.04 0.57
N ILE E 260 10.24 42.47 1.65
CA ILE E 260 10.54 43.78 2.22
C ILE E 260 11.90 43.83 2.89
N GLY E 261 12.45 42.67 3.25
CA GLY E 261 13.83 42.66 3.70
C GLY E 261 14.80 42.60 2.55
N ASN E 262 14.34 42.14 1.39
CA ASN E 262 15.18 42.14 0.19
C ASN E 262 15.31 43.54 -0.37
N ALA E 263 14.23 44.31 -0.34
CA ALA E 263 14.29 45.67 -0.82
C ALA E 263 15.11 46.56 0.11
N LEU E 264 15.20 46.19 1.38
CA LEU E 264 15.98 46.97 2.34
C LEU E 264 17.47 46.80 2.17
N ARG E 265 17.93 45.75 1.50
CA ARG E 265 19.37 45.48 1.40
C ARG E 265 19.91 45.60 -0.01
N THR E 266 19.44 46.59 -0.78
CA THR E 266 20.03 46.88 -2.09
C THR E 266 21.23 47.81 -1.92
N ILE E 267 22.22 47.34 -1.19
CA ILE E 267 23.32 48.22 -0.85
C ILE E 267 24.58 48.19 -1.68
N ASP E 268 24.67 47.34 -2.68
CA ASP E 268 25.92 47.37 -3.43
C ASP E 268 25.69 47.95 -4.81
N THR E 269 26.33 49.09 -5.06
CA THR E 269 26.57 49.61 -6.39
C THR E 269 27.97 49.26 -6.88
N TRP E 270 28.63 48.30 -6.22
CA TRP E 270 30.03 48.02 -6.44
C TRP E 270 30.27 46.74 -7.23
N TYR E 271 29.25 46.21 -7.89
CA TYR E 271 29.48 45.07 -8.77
C TYR E 271 30.21 45.55 -10.02
N PRO E 272 31.21 44.79 -10.49
CA PRO E 272 32.17 45.37 -11.46
C PRO E 272 31.63 45.49 -12.87
N ASP E 273 30.64 44.67 -13.24
CA ASP E 273 30.24 44.58 -14.64
C ASP E 273 29.53 45.84 -15.12
N GLU E 274 28.71 46.44 -14.26
CA GLU E 274 27.94 47.62 -14.63
C GLU E 274 28.12 48.70 -13.57
N ASP E 275 27.86 49.94 -14.00
CA ASP E 275 27.94 51.09 -13.11
C ASP E 275 26.77 52.05 -13.26
N GLY E 276 25.83 51.78 -14.17
CA GLY E 276 24.69 52.65 -14.35
C GLY E 276 23.37 51.93 -14.19
N LEU E 277 23.44 50.61 -13.98
CA LEU E 277 22.22 49.82 -13.82
C LEU E 277 21.52 50.12 -12.50
N GLY E 278 22.27 50.56 -11.49
CA GLY E 278 21.70 50.86 -10.20
C GLY E 278 22.25 49.95 -9.12
N PRO E 279 21.58 49.89 -7.98
CA PRO E 279 21.99 48.95 -6.93
C PRO E 279 21.22 47.64 -6.99
N ILE E 280 21.94 46.56 -6.72
CA ILE E 280 21.34 45.24 -6.60
C ILE E 280 21.41 44.87 -5.13
N ALA E 281 20.82 43.73 -4.75
CA ALA E 281 20.75 43.33 -3.35
C ALA E 281 21.98 42.52 -2.95
N VAL E 282 22.42 42.69 -1.71
CA VAL E 282 23.65 42.04 -1.24
C VAL E 282 23.39 40.54 -1.05
N GLU E 283 23.87 39.75 -1.99
CA GLU E 283 23.81 38.29 -1.92
C GLU E 283 25.19 37.76 -2.25
N PRO E 284 25.53 36.57 -1.78
CA PRO E 284 26.74 35.91 -2.29
C PRO E 284 26.50 35.48 -3.73
N TYR E 285 27.52 35.69 -4.57
CA TYR E 285 27.40 35.69 -6.03
C TYR E 285 26.24 36.60 -6.45
N GLY E 286 26.41 37.91 -6.18
CA GLY E 286 25.31 38.87 -6.12
C GLY E 286 24.41 38.93 -7.32
N SER E 287 23.20 38.39 -7.16
CA SER E 287 22.38 37.99 -8.29
C SER E 287 21.01 38.64 -8.19
N VAL E 288 20.30 38.59 -9.30
CA VAL E 288 18.94 39.13 -9.39
C VAL E 288 18.09 38.13 -10.15
N THR E 289 16.99 37.71 -9.53
CA THR E 289 16.09 36.78 -10.21
C THR E 289 15.32 37.47 -11.33
N SER E 290 15.04 38.77 -11.18
CA SER E 290 14.39 39.55 -12.22
C SER E 290 15.33 40.00 -13.31
N GLN E 291 16.55 39.46 -13.42
CA GLN E 291 17.35 39.70 -14.61
C GLN E 291 18.11 38.46 -15.05
N GLY E 292 17.98 37.34 -14.34
CA GLY E 292 18.66 36.10 -14.68
C GLY E 292 20.17 36.13 -14.61
N LYS E 293 20.74 37.18 -14.03
CA LYS E 293 22.17 37.44 -14.06
C LYS E 293 22.80 37.06 -12.73
N ALA E 294 24.12 37.07 -12.71
CA ALA E 294 24.90 36.88 -11.49
C ALA E 294 26.05 37.88 -11.58
N TYR E 295 25.85 39.05 -10.98
CA TYR E 295 26.99 39.94 -10.80
C TYR E 295 27.87 39.38 -9.68
N ARG E 296 29.14 39.80 -9.69
CA ARG E 296 30.18 39.28 -8.80
C ARG E 296 30.30 37.76 -8.92
N GLN E 297 30.57 37.29 -10.15
CA GLN E 297 30.79 35.88 -10.47
C GLN E 297 31.99 35.34 -9.68
N PRO E 298 32.04 34.03 -9.40
CA PRO E 298 33.20 33.48 -8.69
C PRO E 298 34.46 33.36 -9.53
N LYS E 299 34.41 33.66 -10.83
CA LYS E 299 35.62 33.68 -11.65
C LYS E 299 36.51 34.84 -11.25
N GLN E 300 36.00 36.07 -11.36
CA GLN E 300 36.69 37.20 -10.77
C GLN E 300 36.58 37.14 -9.26
N LYS E 301 37.53 37.77 -8.57
CA LYS E 301 37.61 37.62 -7.11
C LYS E 301 36.79 38.69 -6.39
N LEU E 302 35.51 38.80 -6.73
CA LEU E 302 34.60 39.72 -6.06
C LEU E 302 33.37 39.00 -5.51
N ASP E 303 33.28 37.69 -5.60
CA ASP E 303 32.12 37.12 -4.97
C ASP E 303 32.19 37.59 -3.51
N PHE E 304 31.49 36.88 -2.64
CA PHE E 304 31.53 37.11 -1.19
C PHE E 304 32.39 36.10 -0.46
N TYR E 305 32.28 34.82 -0.81
CA TYR E 305 33.08 33.80 -0.16
C TYR E 305 34.55 33.95 -0.48
N THR E 306 34.86 34.41 -1.70
CA THR E 306 36.24 34.59 -2.13
C THR E 306 36.95 35.66 -1.31
N LEU E 307 36.38 36.86 -1.28
CA LEU E 307 36.95 37.97 -0.53
C LEU E 307 36.88 37.75 0.98
N LEU E 308 35.87 37.02 1.43
CA LEU E 308 35.77 36.69 2.85
C LEU E 308 36.92 35.78 3.29
N ASP E 309 37.20 34.74 2.50
CA ASP E 309 38.33 33.87 2.81
C ASP E 309 39.66 34.61 2.63
N ASN E 310 39.73 35.53 1.66
CA ASN E 310 40.92 36.36 1.49
C ASN E 310 41.15 37.25 2.70
N TRP E 311 40.08 37.80 3.27
CA TRP E 311 40.21 38.69 4.43
C TRP E 311 40.56 37.91 5.69
N VAL E 312 39.96 36.75 5.89
CA VAL E 312 40.09 36.06 7.16
C VAL E 312 41.27 35.09 7.17
N LEU E 313 41.36 34.21 6.16
CA LEU E 313 42.34 33.14 6.20
C LEU E 313 43.75 33.64 5.91
N ARG E 314 43.89 34.50 4.91
CA ARG E 314 45.21 34.93 4.45
C ARG E 314 45.52 36.38 4.80
N ASP E 315 44.56 37.09 5.41
CA ASP E 315 44.71 38.47 5.88
C ASP E 315 45.04 39.43 4.74
N GLU E 316 44.31 39.30 3.65
CA GLU E 316 44.35 40.28 2.56
C GLU E 316 43.14 41.19 2.74
N ALA E 317 43.38 42.37 3.28
CA ALA E 317 42.30 43.34 3.49
C ALA E 317 41.84 43.87 2.13
N PRO E 318 40.60 43.60 1.71
CA PRO E 318 40.19 43.97 0.35
C PRO E 318 39.93 45.46 0.18
N ALA E 319 39.42 45.83 -0.99
CA ALA E 319 39.12 47.23 -1.28
C ALA E 319 38.06 47.76 -0.33
N VAL E 320 38.19 49.05 0.02
CA VAL E 320 37.31 49.69 0.98
C VAL E 320 35.87 49.73 0.48
N GLU E 321 35.70 49.85 -0.85
CA GLU E 321 34.37 49.82 -1.45
C GLU E 321 33.72 48.44 -1.34
N GLN E 322 34.50 47.38 -1.17
CA GLN E 322 33.93 46.05 -0.98
C GLN E 322 34.40 45.41 0.32
N GLN E 323 34.91 46.21 1.25
CA GLN E 323 34.86 45.81 2.66
C GLN E 323 33.46 46.04 3.21
N HIS E 324 32.70 46.94 2.60
CA HIS E 324 31.32 47.16 3.02
C HIS E 324 30.44 45.99 2.64
N TYR E 325 30.76 45.30 1.55
CA TYR E 325 29.85 44.31 0.99
C TYR E 325 29.81 43.04 1.84
N VAL E 326 30.98 42.59 2.31
CA VAL E 326 31.06 41.38 3.13
C VAL E 326 30.33 41.59 4.45
N ILE E 327 30.46 42.78 5.03
CA ILE E 327 29.73 43.09 6.25
C ILE E 327 28.25 43.27 5.94
N ALA E 328 27.92 43.83 4.78
CA ALA E 328 26.54 44.09 4.40
C ALA E 328 25.75 42.82 4.15
N ASN E 329 26.43 41.72 3.85
CA ASN E 329 25.74 40.44 3.85
C ASN E 329 26.17 39.52 4.99
N LEU E 330 26.96 40.01 5.94
CA LEU E 330 26.98 39.37 7.25
C LEU E 330 25.81 39.84 8.10
N ILE E 331 25.39 41.10 7.92
CA ILE E 331 24.17 41.62 8.51
C ILE E 331 22.95 40.89 7.98
N ARG E 332 22.98 40.48 6.72
CA ARG E 332 21.95 39.61 6.15
C ARG E 332 21.94 38.23 6.79
N GLY E 333 23.10 37.65 7.03
CA GLY E 333 23.19 36.33 7.61
C GLY E 333 22.91 35.24 6.59
N GLY E 334 23.21 34.01 6.99
CA GLY E 334 22.95 32.89 6.11
C GLY E 334 23.69 31.65 6.59
N VAL E 335 23.96 30.76 5.65
CA VAL E 335 24.64 29.49 5.90
C VAL E 335 25.93 29.52 5.09
N PHE E 336 27.04 29.85 5.74
CA PHE E 336 28.34 29.93 5.08
C PHE E 336 29.21 28.77 5.54
N GLY E 337 30.26 28.50 4.79
CA GLY E 337 31.09 27.34 5.04
C GLY E 337 30.51 26.08 4.43
N GLU E 338 31.38 25.15 4.05
CA GLU E 338 30.95 23.93 3.36
C GLU E 338 30.24 22.97 4.30
N ILE F 5 37.19 -5.14 45.61
CA ILE F 5 36.83 -5.04 44.21
C ILE F 5 35.36 -4.66 44.08
N LEU F 6 35.07 -3.69 43.21
CA LEU F 6 33.69 -3.29 42.93
C LEU F 6 33.66 -2.71 41.53
N SER F 7 32.79 -3.22 40.68
CA SER F 7 32.65 -2.75 39.31
C SER F 7 31.34 -2.00 39.14
N THR F 8 31.28 -1.19 38.08
CA THR F 8 30.08 -0.41 37.83
C THR F 8 28.97 -1.31 37.28
N ALA F 9 27.74 -0.84 37.44
CA ALA F 9 26.58 -1.64 37.08
C ALA F 9 26.42 -1.71 35.56
N SER F 10 25.94 -2.86 35.07
CA SER F 10 25.70 -3.02 33.65
C SER F 10 24.43 -2.31 33.19
N VAL F 11 23.59 -1.86 34.12
CA VAL F 11 22.47 -0.97 33.81
C VAL F 11 22.26 -0.07 35.01
N LEU F 12 22.29 1.25 34.78
CA LEU F 12 22.10 2.20 35.86
C LEU F 12 21.28 3.36 35.32
N ALA F 13 20.02 3.45 35.68
CA ALA F 13 19.12 4.40 35.06
C ALA F 13 18.59 5.36 36.11
N PHE F 14 18.82 6.65 35.91
CA PHE F 14 18.27 7.70 36.76
C PHE F 14 17.20 8.43 35.95
N GLU F 15 15.99 8.46 36.49
CA GLU F 15 14.95 9.28 35.88
C GLU F 15 15.20 10.75 36.22
N ARG F 16 14.49 11.63 35.53
CA ARG F 16 14.81 13.05 35.59
C ARG F 16 14.07 13.76 36.71
N LYS F 17 14.76 14.68 37.33
CA LYS F 17 14.17 15.71 38.17
C LYS F 17 14.18 17.01 37.38
N LEU F 18 13.44 18.01 37.88
CA LEU F 18 13.21 19.29 37.19
C LEU F 18 12.56 19.04 35.82
N ASP F 19 11.31 18.58 35.89
CA ASP F 19 10.50 18.19 34.74
C ASP F 19 9.70 19.40 34.22
N PRO F 20 10.07 20.00 33.09
CA PRO F 20 9.34 21.15 32.58
C PRO F 20 8.22 20.76 31.62
N SER F 21 7.36 21.72 31.34
CA SER F 21 6.24 21.53 30.44
C SER F 21 6.48 22.21 29.10
N ASP F 22 5.60 21.90 28.14
CA ASP F 22 5.69 22.47 26.80
C ASP F 22 5.29 23.94 26.86
N ALA F 23 6.22 24.83 26.53
CA ALA F 23 6.05 26.26 26.73
C ALA F 23 5.12 26.84 25.68
N LEU F 24 3.91 27.24 26.08
CA LEU F 24 2.96 27.79 25.12
C LEU F 24 3.20 29.29 24.96
N MET F 25 3.00 29.77 23.73
CA MET F 25 3.21 31.15 23.36
C MET F 25 1.90 31.89 23.21
N SER F 26 1.89 33.14 23.66
CA SER F 26 0.76 34.04 23.50
C SER F 26 1.30 35.41 23.14
N ALA F 27 0.42 36.31 22.72
CA ALA F 27 0.89 37.62 22.28
C ALA F 27 -0.09 38.69 22.73
N GLY F 28 0.43 39.70 23.43
CA GLY F 28 -0.39 40.77 23.95
C GLY F 28 0.42 42.02 24.18
N ALA F 29 -0.26 43.08 24.59
CA ALA F 29 0.38 44.37 24.78
C ALA F 29 1.03 44.46 26.17
N TRP F 30 2.11 45.23 26.25
CA TRP F 30 2.74 45.50 27.54
C TRP F 30 1.83 46.41 28.37
N ALA F 31 1.95 46.26 29.70
CA ALA F 31 1.12 46.81 30.78
C ALA F 31 -0.27 46.18 30.83
N GLN F 32 -0.59 45.31 29.87
CA GLN F 32 -1.68 44.37 29.97
C GLN F 32 -1.19 43.01 30.42
N ARG F 33 0.09 42.90 30.80
CA ARG F 33 0.70 41.64 31.16
C ARG F 33 0.28 41.18 32.55
N ASP F 34 -0.39 42.04 33.29
CA ASP F 34 -1.00 41.60 34.55
C ASP F 34 -2.25 40.77 34.29
N ALA F 35 -3.11 41.23 33.39
CA ALA F 35 -4.31 40.50 33.03
C ALA F 35 -4.08 39.65 31.77
N SER F 36 -3.09 38.78 31.85
CA SER F 36 -2.65 37.98 30.71
C SER F 36 -3.24 36.58 30.71
N GLN F 37 -4.46 36.42 31.22
CA GLN F 37 -5.14 35.14 31.21
C GLN F 37 -6.02 34.95 29.99
N GLU F 38 -6.03 35.91 29.08
CA GLU F 38 -6.90 35.82 27.91
C GLU F 38 -6.15 36.16 26.62
N TRP F 39 -4.82 36.13 26.62
CA TRP F 39 -4.09 36.50 25.43
C TRP F 39 -4.23 35.42 24.37
N PRO F 40 -4.49 35.79 23.12
CA PRO F 40 -4.57 34.79 22.05
C PRO F 40 -3.20 34.23 21.70
N ALA F 41 -3.19 32.95 21.36
CA ALA F 41 -1.94 32.26 21.15
C ALA F 41 -1.35 32.60 19.79
N VAL F 42 -0.03 32.42 19.67
CA VAL F 42 0.70 32.73 18.45
C VAL F 42 0.49 31.56 17.49
N THR F 43 -0.32 31.77 16.46
CA THR F 43 -0.62 30.71 15.52
C THR F 43 0.53 30.54 14.54
N VAL F 44 0.61 29.35 13.96
CA VAL F 44 1.63 28.98 12.99
C VAL F 44 0.97 28.95 11.61
N ARG F 45 1.50 29.74 10.68
CA ARG F 45 0.92 29.78 9.35
C ARG F 45 2.00 29.58 8.31
N GLU F 46 1.66 28.88 7.24
CA GLU F 46 2.59 28.68 6.14
C GLU F 46 2.78 29.99 5.36
N LYS F 47 3.91 30.08 4.68
CA LYS F 47 4.13 31.12 3.70
C LYS F 47 5.15 30.63 2.69
N SER F 48 4.89 30.93 1.43
CA SER F 48 5.81 30.56 0.37
C SER F 48 6.99 31.51 0.34
N VAL F 49 8.14 30.98 -0.08
CA VAL F 49 9.36 31.76 -0.09
C VAL F 49 10.31 31.12 -1.08
N ARG F 50 10.96 31.96 -1.90
CA ARG F 50 11.98 31.47 -2.80
C ARG F 50 13.21 32.35 -2.67
N GLY F 51 14.35 31.76 -3.01
CA GLY F 51 15.62 32.46 -2.91
C GLY F 51 16.64 31.83 -3.81
N THR F 52 17.54 32.64 -4.36
CA THR F 52 18.52 32.15 -5.30
C THR F 52 19.54 31.26 -4.60
N ILE F 53 20.27 30.49 -5.42
CA ILE F 53 21.23 29.52 -4.90
C ILE F 53 22.44 30.29 -4.36
N SER F 54 22.60 30.27 -3.05
CA SER F 54 23.62 31.08 -2.37
C SER F 54 24.56 30.24 -1.51
N ASN F 55 24.59 28.92 -1.70
CA ASN F 55 25.49 28.08 -0.94
C ASN F 55 26.93 28.26 -1.41
N ARG F 56 27.86 27.83 -0.58
CA ARG F 56 29.29 27.92 -0.92
C ARG F 56 29.59 26.82 -1.94
N LEU F 57 29.77 27.22 -3.19
CA LEU F 57 29.95 26.27 -4.28
C LEU F 57 31.34 25.64 -4.23
N LYS F 58 31.42 24.40 -4.71
CA LYS F 58 32.70 23.72 -4.82
C LYS F 58 33.50 24.27 -5.99
N THR F 59 34.82 24.14 -5.90
CA THR F 59 35.71 24.66 -6.93
C THR F 59 35.65 23.84 -8.21
N LYS F 60 35.16 22.59 -8.14
CA LYS F 60 35.02 21.76 -9.33
C LYS F 60 33.95 22.30 -10.27
N ASP F 61 32.90 22.92 -9.73
CA ASP F 61 31.79 23.44 -10.54
C ASP F 61 31.58 24.91 -10.18
N ARG F 62 32.33 25.79 -10.82
CA ARG F 62 32.18 27.24 -10.66
C ARG F 62 32.34 27.87 -12.04
N ASP F 63 31.23 28.01 -12.75
CA ASP F 63 31.18 28.61 -14.07
C ASP F 63 30.09 29.66 -14.13
N PRO F 64 30.27 30.71 -14.93
CA PRO F 64 29.22 31.75 -15.02
C PRO F 64 27.95 31.26 -15.71
N ALA F 65 28.08 30.41 -16.73
CA ALA F 65 26.91 29.95 -17.47
C ALA F 65 26.05 29.02 -16.62
N LYS F 66 26.69 28.12 -15.86
CA LYS F 66 25.96 27.20 -15.01
C LYS F 66 25.25 27.93 -13.88
N LEU F 67 25.87 28.98 -13.33
CA LEU F 67 25.25 29.76 -12.29
C LEU F 67 24.09 30.59 -12.83
N ASP F 68 24.26 31.17 -14.03
CA ASP F 68 23.17 31.93 -14.65
C ASP F 68 22.01 31.02 -15.05
N ALA F 69 22.30 29.75 -15.35
CA ALA F 69 21.23 28.80 -15.61
C ALA F 69 20.53 28.36 -14.33
N SER F 70 21.29 28.15 -13.25
CA SER F 70 20.70 27.71 -11.99
C SER F 70 19.99 28.84 -11.25
N ILE F 71 20.22 30.10 -11.62
CA ILE F 71 19.46 31.18 -11.01
C ILE F 71 18.01 31.17 -11.47
N GLN F 72 17.75 30.80 -12.73
CA GLN F 72 16.39 30.72 -13.24
C GLN F 72 15.68 29.41 -12.84
N SER F 73 16.25 28.64 -11.92
CA SER F 73 15.58 27.49 -11.31
C SER F 73 15.27 27.84 -9.86
N PRO F 74 14.13 28.48 -9.57
CA PRO F 74 13.85 28.88 -8.19
C PRO F 74 13.38 27.73 -7.32
N ASN F 75 13.10 28.01 -6.06
CA ASN F 75 12.69 26.95 -5.17
C ASN F 75 11.55 27.46 -4.34
N LEU F 76 10.33 27.11 -4.73
CA LEU F 76 9.15 27.55 -3.99
C LEU F 76 9.01 26.74 -2.69
N GLN F 77 9.76 27.13 -1.67
CA GLN F 77 9.72 26.44 -0.41
C GLN F 77 8.55 27.03 0.34
N THR F 78 7.86 26.22 1.14
CA THR F 78 6.72 26.71 1.90
C THR F 78 7.11 26.56 3.37
N VAL F 79 7.64 27.62 3.95
CA VAL F 79 8.07 27.55 5.34
C VAL F 79 6.89 27.81 6.25
N ASP F 80 7.04 27.55 7.53
CA ASP F 80 6.07 27.91 8.55
C ASP F 80 6.62 29.05 9.37
N VAL F 81 5.81 30.09 9.57
CA VAL F 81 6.21 31.23 10.37
C VAL F 81 5.22 31.42 11.49
N ALA F 82 5.72 31.93 12.61
CA ALA F 82 4.90 32.31 13.74
C ALA F 82 5.24 33.75 14.08
N ASN F 83 4.26 34.63 13.93
CA ASN F 83 4.45 36.05 14.20
C ASN F 83 3.39 36.51 15.18
N LEU F 84 3.68 37.60 15.85
CA LEU F 84 2.67 38.21 16.70
C LEU F 84 1.68 39.01 15.86
N PRO F 85 0.43 39.15 16.32
CA PRO F 85 -0.49 40.04 15.62
C PRO F 85 -0.06 41.49 15.79
N SER F 86 -0.45 42.33 14.83
CA SER F 86 -0.04 43.73 14.83
C SER F 86 -0.66 44.53 15.96
N ASP F 87 -1.73 44.03 16.58
CA ASP F 87 -2.28 44.66 17.78
C ASP F 87 -1.45 44.38 19.02
N ALA F 88 -0.47 43.48 18.94
CA ALA F 88 0.31 43.05 20.08
C ALA F 88 1.79 43.26 19.83
N ASP F 89 2.55 43.42 20.90
CA ASP F 89 4.00 43.63 20.78
C ASP F 89 4.81 42.85 21.80
N THR F 90 4.17 42.07 22.67
CA THR F 90 4.88 41.28 23.66
C THR F 90 4.53 39.81 23.51
N LEU F 91 5.52 38.98 23.73
CA LEU F 91 5.40 37.53 23.67
C LEU F 91 5.39 36.97 25.08
N LYS F 92 4.39 36.16 25.39
CA LYS F 92 4.26 35.53 26.71
C LYS F 92 4.50 34.04 26.53
N VAL F 93 5.55 33.53 27.16
CA VAL F 93 5.88 32.11 27.12
C VAL F 93 5.57 31.55 28.51
N ARG F 94 4.64 30.62 28.58
CA ARG F 94 4.20 30.06 29.84
C ARG F 94 4.47 28.57 29.89
N PHE F 95 5.05 28.11 31.00
CA PHE F 95 5.22 26.69 31.23
C PHE F 95 5.22 26.45 32.73
N THR F 96 5.28 25.17 33.11
CA THR F 96 5.23 24.77 34.52
C THR F 96 6.35 23.78 34.77
N LEU F 97 7.25 24.13 35.66
CA LEU F 97 8.33 23.26 36.08
C LEU F 97 7.97 22.60 37.41
N ARG F 98 8.40 21.36 37.61
CA ARG F 98 8.30 20.75 38.92
C ARG F 98 9.56 19.94 39.18
N VAL F 99 10.06 20.05 40.39
CA VAL F 99 11.23 19.28 40.80
C VAL F 99 10.74 18.14 41.68
N LEU F 100 11.50 17.06 41.73
CA LEU F 100 11.00 15.82 42.33
C LEU F 100 11.76 15.37 43.56
N GLY F 101 13.08 15.47 43.55
CA GLY F 101 13.86 15.07 44.70
C GLY F 101 14.20 13.59 44.69
N GLY F 102 15.21 13.24 45.47
CA GLY F 102 15.74 11.90 45.43
C GLY F 102 16.62 11.73 44.21
N ALA F 103 17.71 12.49 44.18
CA ALA F 103 18.53 12.56 42.96
C ALA F 103 19.38 11.30 42.78
N GLY F 104 20.05 10.86 43.84
CA GLY F 104 20.96 9.75 43.72
C GLY F 104 20.34 8.37 43.85
N THR F 105 19.03 8.25 43.65
CA THR F 105 18.37 6.95 43.75
C THR F 105 18.01 6.46 42.36
N PRO F 106 18.73 5.49 41.81
CA PRO F 106 18.44 5.05 40.43
C PRO F 106 17.20 4.18 40.34
N SER F 107 16.58 4.20 39.16
CA SER F 107 15.39 3.43 38.88
C SER F 107 15.69 2.08 38.25
N ALA F 108 16.97 1.69 38.20
CA ALA F 108 17.40 0.40 37.69
C ALA F 108 18.81 0.15 38.20
N CYS F 109 19.09 -1.08 38.60
CA CYS F 109 20.41 -1.44 39.10
C CYS F 109 20.66 -2.92 38.86
N ASN F 110 21.92 -3.32 39.01
CA ASN F 110 22.27 -4.73 39.02
C ASN F 110 22.96 -5.13 40.31
N ASP F 111 23.98 -4.38 40.73
CA ASP F 111 24.71 -4.69 41.95
C ASP F 111 24.07 -3.93 43.11
N ALA F 112 23.71 -4.64 44.16
CA ALA F 112 23.24 -3.98 45.37
C ALA F 112 24.38 -3.27 46.07
N ALA F 113 25.60 -3.78 45.93
CA ALA F 113 26.77 -3.13 46.50
C ALA F 113 27.04 -1.79 45.83
N TYR F 114 26.96 -1.75 44.49
CA TYR F 114 27.16 -0.50 43.76
C TYR F 114 26.04 0.49 44.04
N ARG F 115 24.81 -0.01 44.19
CA ARG F 115 23.68 0.86 44.50
C ARG F 115 23.82 1.48 45.88
N ASP F 116 24.15 0.67 46.88
CA ASP F 116 24.30 1.19 48.23
C ASP F 116 25.62 1.93 48.44
N LYS F 117 26.57 1.82 47.50
CA LYS F 117 27.75 2.67 47.54
C LYS F 117 27.48 4.04 46.92
N LEU F 118 26.81 4.05 45.76
CA LEU F 118 26.44 5.31 45.12
C LEU F 118 25.46 6.10 45.98
N LEU F 119 24.52 5.41 46.64
CA LEU F 119 23.55 6.08 47.50
C LEU F 119 24.23 6.73 48.70
N GLN F 120 25.25 6.08 49.26
CA GLN F 120 25.90 6.69 50.41
C GLN F 120 26.90 7.76 49.99
N THR F 121 27.45 7.71 48.77
CA THR F 121 28.26 8.84 48.30
C THR F 121 27.40 10.08 48.08
N VAL F 122 26.22 9.91 47.47
CA VAL F 122 25.29 11.02 47.33
C VAL F 122 24.78 11.50 48.70
N ALA F 123 24.64 10.58 49.65
CA ALA F 123 24.22 10.96 51.00
C ALA F 123 25.28 11.80 51.71
N THR F 124 26.56 11.42 51.61
CA THR F 124 27.62 12.25 52.19
C THR F 124 27.79 13.56 51.44
N TYR F 125 27.43 13.59 50.15
CA TYR F 125 27.40 14.87 49.44
C TYR F 125 26.36 15.80 50.04
N VAL F 126 25.10 15.37 50.08
CA VAL F 126 24.00 16.19 50.60
C VAL F 126 24.16 16.52 52.08
N ASN F 127 24.87 15.67 52.84
CA ASN F 127 25.21 16.04 54.20
C ASN F 127 26.34 17.07 54.24
N GLU F 128 27.30 16.98 53.32
CA GLU F 128 28.40 17.93 53.30
C GLU F 128 27.92 19.31 52.88
N GLN F 129 27.42 19.44 51.66
CA GLN F 129 26.74 20.65 51.23
C GLN F 129 25.40 20.23 50.62
N GLY F 130 24.35 20.96 50.94
CA GLY F 130 23.05 20.65 50.38
C GLY F 130 22.97 21.02 48.92
N PHE F 131 21.76 20.96 48.39
CA PHE F 131 21.57 21.41 47.02
C PHE F 131 21.54 22.94 46.98
N ALA F 132 22.66 23.59 47.27
CA ALA F 132 22.67 25.04 47.44
C ALA F 132 23.20 25.74 46.20
N GLU F 133 24.33 25.29 45.67
CA GLU F 133 24.89 25.91 44.47
C GLU F 133 24.07 25.55 43.24
N LEU F 134 23.67 24.28 43.13
CA LEU F 134 22.90 23.83 41.99
C LEU F 134 21.53 24.48 41.94
N ALA F 135 20.88 24.63 43.09
CA ALA F 135 19.55 25.24 43.08
C ALA F 135 19.63 26.74 42.86
N ARG F 136 20.71 27.39 43.30
CA ARG F 136 20.84 28.82 42.99
C ARG F 136 21.16 29.03 41.51
N ARG F 137 21.83 28.07 40.86
CA ARG F 137 22.09 28.23 39.44
C ARG F 137 20.86 27.89 38.59
N TYR F 138 20.08 26.89 39.01
CA TYR F 138 18.77 26.65 38.39
C TYR F 138 17.83 27.82 38.59
N ALA F 139 17.87 28.44 39.77
CA ALA F 139 17.04 29.61 40.04
C ALA F 139 17.53 30.82 39.25
N HIS F 140 18.81 30.87 38.90
CA HIS F 140 19.28 31.93 38.01
C HIS F 140 18.77 31.70 36.59
N ASN F 141 18.84 30.47 36.10
CA ASN F 141 18.34 30.19 34.75
C ASN F 141 16.82 30.31 34.65
N LEU F 142 16.12 30.23 35.77
CA LEU F 142 14.71 30.63 35.78
C LEU F 142 14.54 32.13 35.96
N ALA F 143 15.48 32.78 36.65
CA ALA F 143 15.30 34.17 37.03
C ALA F 143 15.56 35.11 35.87
N ASN F 144 16.56 34.81 35.04
CA ASN F 144 16.63 35.46 33.74
C ASN F 144 15.73 34.69 32.78
N ALA F 145 15.87 34.93 31.50
CA ALA F 145 14.99 34.30 30.53
C ALA F 145 15.81 33.57 29.49
N ARG F 146 16.78 32.77 29.96
CA ARG F 146 17.58 31.98 29.04
C ARG F 146 16.75 30.92 28.34
N PHE F 147 15.64 30.51 28.93
CA PHE F 147 14.76 29.54 28.29
C PHE F 147 14.06 30.13 27.07
N LEU F 148 13.87 31.45 27.04
CA LEU F 148 13.55 32.14 25.81
C LEU F 148 14.81 32.14 24.96
N TRP F 149 14.90 31.25 23.97
CA TRP F 149 16.19 31.00 23.33
C TRP F 149 16.56 32.11 22.35
N ARG F 150 15.76 32.29 21.30
CA ARG F 150 16.01 33.34 20.33
C ARG F 150 15.00 34.47 20.42
N ASN F 151 13.98 34.33 21.25
CA ASN F 151 13.06 35.43 21.51
C ASN F 151 13.60 36.40 22.56
N ARG F 152 14.82 36.18 23.04
CA ARG F 152 15.45 37.02 24.04
C ARG F 152 16.42 38.02 23.45
N VAL F 153 17.02 37.72 22.30
CA VAL F 153 17.96 38.65 21.69
C VAL F 153 17.20 39.83 21.09
N GLY F 154 17.70 41.04 21.34
CA GLY F 154 17.08 42.23 20.83
C GLY F 154 15.72 42.58 21.42
N ALA F 155 15.35 41.98 22.55
CA ALA F 155 14.09 42.33 23.18
C ALA F 155 14.19 43.68 23.86
N GLU F 156 13.05 44.39 23.92
CA GLU F 156 13.03 45.68 24.58
C GLU F 156 13.20 45.52 26.09
N ALA F 157 12.41 44.63 26.68
CA ALA F 157 12.45 44.35 28.11
C ALA F 157 11.83 42.99 28.37
N VAL F 158 12.46 42.20 29.22
CA VAL F 158 11.94 40.90 29.61
C VAL F 158 11.57 40.94 31.08
N GLU F 159 10.49 40.25 31.43
CA GLU F 159 9.99 40.22 32.80
C GLU F 159 9.47 38.83 33.10
N VAL F 160 10.01 38.18 34.12
CA VAL F 160 9.75 36.78 34.40
C VAL F 160 9.01 36.69 35.72
N ARG F 161 7.83 36.09 35.70
CA ARG F 161 7.01 35.89 36.89
C ARG F 161 6.95 34.40 37.20
N ILE F 162 7.37 34.04 38.40
CA ILE F 162 7.43 32.64 38.83
C ILE F 162 6.46 32.50 39.99
N ASN F 163 5.29 31.92 39.72
CA ASN F 163 4.39 31.57 40.80
C ASN F 163 4.79 30.24 41.40
N HIS F 164 4.46 30.04 42.66
CA HIS F 164 4.73 28.79 43.36
C HIS F 164 3.38 28.15 43.66
N ILE F 165 2.97 27.20 42.82
CA ILE F 165 1.70 26.50 42.99
C ILE F 165 1.90 25.46 44.09
N ARG F 166 1.17 25.61 45.19
CA ARG F 166 1.19 24.64 46.28
C ARG F 166 -0.13 23.92 46.44
N GLN F 167 -1.21 24.50 45.93
CA GLN F 167 -2.58 23.99 46.01
C GLN F 167 -3.25 24.41 44.71
N GLY F 168 -4.57 24.51 44.72
CA GLY F 168 -5.25 25.16 43.61
C GLY F 168 -4.80 26.59 43.38
N GLU F 169 -4.48 27.31 44.44
CA GLU F 169 -4.08 28.71 44.36
C GLU F 169 -2.56 28.83 44.41
N VAL F 170 -2.10 30.08 44.39
CA VAL F 170 -0.67 30.40 44.39
C VAL F 170 -0.22 30.67 45.83
N ALA F 171 1.01 30.28 46.13
CA ALA F 171 1.56 30.51 47.46
C ALA F 171 2.39 31.79 47.51
N ARG F 172 3.41 31.88 46.67
CA ARG F 172 4.32 33.02 46.70
C ARG F 172 4.84 33.27 45.30
N THR F 173 4.71 34.51 44.82
CA THR F 173 5.08 34.88 43.46
C THR F 173 6.35 35.73 43.47
N TRP F 174 7.20 35.50 42.48
CA TRP F 174 8.37 36.31 42.24
C TRP F 174 8.18 37.16 40.99
N ARG F 175 9.04 38.16 40.84
CA ARG F 175 9.06 38.99 39.64
C ARG F 175 10.49 39.45 39.43
N PHE F 176 11.10 39.02 38.32
CA PHE F 176 12.44 39.43 37.97
C PHE F 176 12.41 40.22 36.66
N ASP F 177 13.37 41.11 36.52
CA ASP F 177 13.63 41.82 35.26
C ASP F 177 14.85 41.15 34.65
N ALA F 178 14.62 40.34 33.63
CA ALA F 178 15.60 39.37 33.16
C ALA F 178 16.79 39.99 32.45
N LEU F 179 16.72 41.26 32.05
CA LEU F 179 17.85 41.91 31.41
C LEU F 179 18.82 42.52 32.41
N ALA F 180 18.51 42.46 33.71
CA ALA F 180 19.46 42.90 34.72
C ALA F 180 20.51 41.84 34.98
N ILE F 181 20.08 40.65 35.41
CA ILE F 181 20.98 39.51 35.56
C ILE F 181 21.29 38.97 34.17
N GLY F 182 22.54 39.12 33.74
CA GLY F 182 22.94 38.69 32.43
C GLY F 182 23.08 37.20 32.31
N LEU F 183 23.45 36.77 31.11
CA LEU F 183 23.61 35.35 30.80
C LEU F 183 25.03 34.85 31.05
N ARG F 184 25.82 35.58 31.82
CA ARG F 184 27.22 35.26 32.05
C ARG F 184 27.57 35.05 33.51
N ASP F 185 26.96 35.80 34.42
CA ASP F 185 27.37 35.83 35.81
C ASP F 185 26.26 35.30 36.72
N PHE F 186 26.68 34.69 37.82
CA PHE F 186 25.76 34.17 38.84
C PHE F 186 26.00 34.98 40.11
N LYS F 187 25.16 35.99 40.33
CA LYS F 187 25.27 36.87 41.49
C LYS F 187 24.00 36.78 42.33
N ALA F 188 24.15 37.05 43.62
CA ALA F 188 23.07 36.83 44.57
C ALA F 188 22.05 37.97 44.51
N ASP F 189 20.92 37.76 45.19
CA ASP F 189 19.83 38.71 45.29
C ASP F 189 18.96 38.32 46.46
N ALA F 190 18.28 39.31 47.04
CA ALA F 190 17.43 39.05 48.19
C ALA F 190 16.14 38.33 47.80
N GLU F 191 15.67 38.53 46.57
CA GLU F 191 14.47 37.85 46.11
C GLU F 191 14.78 36.57 45.35
N LEU F 192 16.01 36.42 44.83
CA LEU F 192 16.36 35.20 44.10
C LEU F 192 16.63 34.05 45.06
N ASP F 193 17.28 34.34 46.19
CA ASP F 193 17.72 33.27 47.09
C ASP F 193 16.56 32.60 47.80
N ALA F 194 15.40 33.27 47.92
CA ALA F 194 14.20 32.58 48.39
C ALA F 194 13.76 31.52 47.39
N LEU F 195 13.80 31.84 46.10
CA LEU F 195 13.47 30.87 45.07
C LEU F 195 14.50 29.74 45.02
N ALA F 196 15.77 30.08 45.25
CA ALA F 196 16.82 29.08 45.31
C ALA F 196 16.61 28.14 46.49
N GLU F 197 16.18 28.67 47.63
CA GLU F 197 15.89 27.84 48.79
C GLU F 197 14.66 26.97 48.55
N LEU F 198 13.69 27.48 47.77
CA LEU F 198 12.51 26.69 47.44
C LEU F 198 12.86 25.50 46.55
N ILE F 199 13.66 25.75 45.51
CA ILE F 199 14.11 24.68 44.62
C ILE F 199 15.03 23.72 45.36
N ALA F 200 15.81 24.23 46.32
CA ALA F 200 16.64 23.36 47.14
C ALA F 200 15.83 22.46 48.05
N SER F 201 14.76 23.01 48.65
CA SER F 201 13.90 22.22 49.52
C SER F 201 13.09 21.21 48.73
N GLY F 202 12.79 21.52 47.47
CA GLY F 202 12.16 20.52 46.62
C GLY F 202 13.11 19.42 46.19
N LEU F 203 14.35 19.79 45.84
CA LEU F 203 15.31 18.81 45.33
C LEU F 203 15.80 17.86 46.39
N SER F 204 15.73 18.24 47.65
CA SER F 204 16.23 17.40 48.73
C SER F 204 15.18 16.46 49.28
N GLY F 205 14.03 16.34 48.62
CA GLY F 205 12.95 15.53 49.13
C GLY F 205 12.25 16.07 50.35
N SER F 206 12.42 17.36 50.65
CA SER F 206 11.79 17.98 51.81
C SER F 206 10.46 18.64 51.48
N GLY F 207 9.89 18.33 50.32
CA GLY F 207 8.61 18.91 49.96
C GLY F 207 8.29 18.65 48.51
N HIS F 208 7.23 19.30 48.05
CA HIS F 208 6.79 19.20 46.66
C HIS F 208 6.59 20.63 46.14
N VAL F 209 7.43 21.04 45.19
CA VAL F 209 7.28 22.36 44.59
C VAL F 209 6.82 22.20 43.16
N LEU F 210 6.11 23.22 42.68
CA LEU F 210 5.67 23.27 41.29
C LEU F 210 5.60 24.74 40.90
N LEU F 211 6.62 25.20 40.19
CA LEU F 211 6.68 26.59 39.77
C LEU F 211 5.96 26.75 38.43
N GLU F 212 5.28 27.86 38.28
CA GLU F 212 4.66 28.24 37.02
C GLU F 212 5.39 29.48 36.51
N VAL F 213 6.11 29.34 35.42
CA VAL F 213 6.99 30.39 34.92
C VAL F 213 6.36 31.03 33.70
N VAL F 214 6.16 32.35 33.77
CA VAL F 214 5.56 33.15 32.72
C VAL F 214 6.55 34.23 32.35
N ALA F 215 7.06 34.21 31.13
CA ALA F 215 8.04 35.19 30.69
C ALA F 215 7.41 36.11 29.64
N PHE F 216 7.44 37.41 29.89
CA PHE F 216 6.99 38.40 28.93
C PHE F 216 8.21 39.04 28.31
N ALA F 217 8.26 39.05 26.98
CA ALA F 217 9.36 39.67 26.25
C ALA F 217 8.77 40.70 25.30
N ARG F 218 9.11 41.97 25.50
CA ARG F 218 8.67 43.03 24.59
C ARG F 218 9.57 42.99 23.38
N ILE F 219 9.03 42.58 22.24
CA ILE F 219 9.85 42.29 21.08
C ILE F 219 9.47 43.13 19.86
N GLY F 220 8.33 43.79 19.85
CA GLY F 220 7.94 44.62 18.73
C GLY F 220 6.60 44.23 18.12
N ASP F 221 5.94 45.18 17.46
CA ASP F 221 4.62 44.91 16.91
C ASP F 221 4.73 44.09 15.63
N GLY F 222 4.09 42.92 15.63
CA GLY F 222 4.02 42.10 14.43
C GLY F 222 5.34 41.47 14.01
N GLN F 223 6.28 41.38 14.93
CA GLN F 223 7.61 40.85 14.64
C GLN F 223 7.56 39.32 14.61
N GLU F 224 8.72 38.69 14.51
CA GLU F 224 8.80 37.25 14.45
C GLU F 224 9.12 36.66 15.81
N VAL F 225 8.46 35.56 16.14
CA VAL F 225 8.83 34.76 17.30
C VAL F 225 9.26 33.41 16.79
N PHE F 226 10.07 32.71 17.60
CA PHE F 226 10.80 31.52 17.15
C PHE F 226 10.47 30.35 18.05
N PRO F 227 9.42 29.59 17.74
CA PRO F 227 9.15 28.36 18.49
C PRO F 227 10.10 27.26 18.06
N SER F 228 10.00 26.13 18.75
CA SER F 228 10.86 25.01 18.43
C SER F 228 10.44 24.40 17.11
N GLN F 229 11.38 23.74 16.44
CA GLN F 229 11.20 23.35 15.05
C GLN F 229 11.28 21.84 14.93
N GLU F 230 10.31 21.26 14.24
CA GLU F 230 10.16 19.82 14.17
C GLU F 230 11.01 19.25 13.02
N LEU F 231 10.86 17.97 12.76
CA LEU F 231 11.72 17.23 11.84
C LEU F 231 10.93 16.87 10.59
N ILE F 232 11.53 17.14 9.43
CA ILE F 232 10.92 16.85 8.13
C ILE F 232 11.56 15.59 7.58
N LEU F 233 10.78 14.87 6.79
CA LEU F 233 11.26 13.65 6.13
C LEU F 233 11.01 13.82 4.63
N ASP F 234 11.97 14.45 3.97
CA ASP F 234 11.89 14.74 2.55
C ASP F 234 12.27 13.58 1.67
N LYS F 235 11.40 13.27 0.72
CA LYS F 235 11.64 12.20 -0.25
C LYS F 235 12.39 12.74 -1.47
N GLY F 236 12.52 14.07 -1.54
CA GLY F 236 13.18 14.77 -2.62
C GLY F 236 12.44 16.06 -2.90
N ASP F 237 13.08 16.99 -3.58
CA ASP F 237 12.47 18.28 -3.88
C ASP F 237 11.66 18.32 -5.19
N LYS F 238 10.52 17.66 -5.21
CA LYS F 238 9.67 17.63 -6.41
C LYS F 238 9.05 19.01 -6.68
N LYS F 239 8.79 19.73 -5.60
CA LYS F 239 8.25 21.08 -5.65
C LYS F 239 8.67 21.82 -4.39
N GLY F 240 8.14 23.02 -4.16
CA GLY F 240 8.52 23.74 -2.96
C GLY F 240 8.20 22.96 -1.70
N GLN F 241 7.00 22.37 -1.66
CA GLN F 241 6.56 21.54 -0.54
C GLN F 241 6.71 22.27 0.79
N LYS F 242 7.26 21.58 1.78
CA LYS F 242 7.50 22.18 3.08
C LYS F 242 8.96 22.00 3.41
N SER F 243 9.63 23.08 3.76
CA SER F 243 11.04 23.04 4.04
C SER F 243 11.37 23.37 5.49
N LYS F 244 10.44 24.00 6.21
CA LYS F 244 10.63 24.31 7.62
C LYS F 244 9.26 24.33 8.29
N THR F 245 8.88 23.21 8.90
CA THR F 245 7.75 23.19 9.79
C THR F 245 8.24 23.26 11.22
N LEU F 246 7.43 23.85 12.09
CA LEU F 246 7.86 24.05 13.46
C LEU F 246 6.73 23.72 14.43
N TYR F 247 7.12 23.42 15.67
CA TYR F 247 6.30 22.72 16.64
C TYR F 247 5.09 23.54 17.06
N SER F 248 4.00 22.84 17.35
CA SER F 248 2.80 23.49 17.84
C SER F 248 1.99 22.49 18.65
N VAL F 249 1.18 23.04 19.54
CA VAL F 249 0.13 22.35 20.28
C VAL F 249 -1.12 22.90 19.61
N ARG F 250 -2.31 22.60 20.13
CA ARG F 250 -3.58 22.95 19.49
C ARG F 250 -3.68 24.45 19.15
N ASP F 251 -3.62 24.75 17.85
CA ASP F 251 -3.50 26.07 17.23
C ASP F 251 -2.58 27.06 17.97
N ALA F 252 -1.45 26.59 18.48
CA ALA F 252 -0.62 27.41 19.35
C ALA F 252 0.83 27.00 19.19
N ALA F 253 1.68 27.94 18.79
CA ALA F 253 3.10 27.65 18.68
C ALA F 253 3.69 27.41 20.06
N ALA F 254 4.70 26.55 20.12
CA ALA F 254 5.25 26.18 21.41
C ALA F 254 6.71 25.80 21.25
N ILE F 255 7.41 25.78 22.37
CA ILE F 255 8.79 25.32 22.46
C ILE F 255 8.76 23.96 23.12
N HIS F 256 9.67 23.08 22.70
CA HIS F 256 9.72 21.72 23.23
C HIS F 256 10.06 21.73 24.72
N SER F 257 9.68 20.65 25.41
CA SER F 257 10.01 20.56 26.83
C SER F 257 11.49 20.27 27.02
N GLN F 258 12.11 19.52 26.11
CA GLN F 258 13.54 19.27 26.25
C GLN F 258 14.36 20.45 25.77
N LYS F 259 13.78 21.31 24.94
CA LYS F 259 14.45 22.54 24.53
C LYS F 259 14.42 23.57 25.64
N ILE F 260 13.43 23.48 26.52
CA ILE F 260 13.31 24.38 27.65
C ILE F 260 13.89 23.79 28.93
N GLY F 261 14.19 22.49 28.95
CA GLY F 261 14.85 21.91 30.08
C GLY F 261 16.34 21.85 29.85
N ASN F 262 16.75 22.14 28.61
CA ASN F 262 18.17 22.28 28.30
C ASN F 262 18.70 23.65 28.69
N ALA F 263 17.88 24.68 28.56
CA ALA F 263 18.32 26.00 28.97
C ALA F 263 18.28 26.15 30.49
N LEU F 264 17.50 25.32 31.17
CA LEU F 264 17.46 25.39 32.63
C LEU F 264 18.70 24.81 33.26
N ARG F 265 19.35 23.85 32.62
CA ARG F 265 20.53 23.22 33.18
C ARG F 265 21.81 23.72 32.56
N THR F 266 21.84 24.97 32.07
CA THR F 266 23.11 25.58 31.70
C THR F 266 23.77 26.04 32.99
N ILE F 267 24.62 25.17 33.54
CA ILE F 267 25.11 25.30 34.90
C ILE F 267 26.63 25.45 34.94
N ASP F 268 27.35 24.49 34.34
CA ASP F 268 28.75 24.32 34.70
C ASP F 268 29.62 25.38 34.07
N THR F 269 30.14 26.27 34.92
CA THR F 269 31.25 27.14 34.58
C THR F 269 32.57 26.54 35.02
N TRP F 270 32.56 25.26 35.36
CA TRP F 270 33.71 24.58 35.95
C TRP F 270 34.45 23.69 34.97
N TYR F 271 34.12 23.78 33.68
CA TYR F 271 34.78 22.97 32.69
C TYR F 271 36.22 23.45 32.49
N PRO F 272 37.18 22.53 32.34
CA PRO F 272 38.60 22.92 32.45
C PRO F 272 39.16 23.66 31.25
N ASP F 273 38.36 23.93 30.21
CA ASP F 273 38.84 24.71 29.08
C ASP F 273 39.08 26.16 29.49
N GLU F 274 38.03 26.83 29.96
CA GLU F 274 38.12 28.23 30.36
C GLU F 274 36.91 28.55 31.22
N ASP F 275 36.80 29.82 31.60
CA ASP F 275 35.63 30.33 32.31
C ASP F 275 35.24 31.71 31.78
N GLY F 276 35.82 32.14 30.66
CA GLY F 276 35.48 33.40 30.04
C GLY F 276 34.66 33.28 28.77
N LEU F 277 34.10 32.12 28.47
CA LEU F 277 33.27 31.92 27.28
C LEU F 277 31.84 31.56 27.63
N GLY F 278 31.46 31.62 28.91
CA GLY F 278 30.10 31.42 29.32
C GLY F 278 29.84 30.07 29.94
N PRO F 279 28.63 29.85 30.43
CA PRO F 279 28.26 28.55 30.99
C PRO F 279 27.60 27.62 29.97
N ILE F 280 27.81 26.33 30.21
CA ILE F 280 27.41 25.25 29.31
C ILE F 280 26.34 24.43 30.02
N ALA F 281 25.54 23.71 29.23
CA ALA F 281 24.60 22.75 29.78
C ALA F 281 25.33 21.52 30.28
N VAL F 282 24.93 21.01 31.45
CA VAL F 282 25.61 19.88 32.06
C VAL F 282 25.26 18.61 31.29
N GLU F 283 26.28 17.95 30.75
CA GLU F 283 26.14 16.66 30.10
C GLU F 283 27.49 15.95 30.14
N PRO F 284 27.50 14.61 30.03
CA PRO F 284 28.77 13.91 29.89
C PRO F 284 29.48 14.31 28.61
N TYR F 285 30.77 14.60 28.74
CA TYR F 285 31.57 15.28 27.71
C TYR F 285 30.87 16.57 27.28
N GLY F 286 30.83 17.52 28.22
CA GLY F 286 30.04 18.73 28.12
C GLY F 286 30.19 19.51 26.84
N SER F 287 29.15 19.49 26.02
CA SER F 287 29.24 19.87 24.63
C SER F 287 28.18 20.89 24.29
N VAL F 288 28.50 21.79 23.37
CA VAL F 288 27.53 22.73 22.82
C VAL F 288 27.47 22.50 21.32
N THR F 289 26.25 22.29 20.81
CA THR F 289 26.11 22.06 19.38
C THR F 289 26.22 23.36 18.59
N SER F 290 26.07 24.51 19.25
CA SER F 290 26.30 25.77 18.57
C SER F 290 27.78 25.96 18.30
N GLN F 291 28.60 25.89 19.35
CA GLN F 291 30.05 25.99 19.16
C GLN F 291 30.66 24.72 18.58
N GLY F 292 29.90 23.62 18.51
CA GLY F 292 30.33 22.42 17.82
C GLY F 292 31.52 21.72 18.42
N LYS F 293 31.89 22.04 19.65
CA LYS F 293 33.02 21.41 20.30
C LYS F 293 32.60 20.80 21.62
N ALA F 294 33.43 19.90 22.12
CA ALA F 294 33.12 19.14 23.34
C ALA F 294 34.19 19.45 24.37
N TYR F 295 33.82 20.24 25.38
CA TYR F 295 34.60 20.32 26.60
C TYR F 295 34.40 19.04 27.41
N ARG F 296 35.13 18.96 28.53
CA ARG F 296 35.19 17.77 29.39
C ARG F 296 35.61 16.54 28.58
N GLN F 297 36.83 16.59 28.07
CA GLN F 297 37.30 15.54 27.20
C GLN F 297 37.72 14.31 27.98
N PRO F 298 37.51 13.11 27.43
CA PRO F 298 37.91 11.89 28.13
C PRO F 298 39.41 11.61 28.11
N LYS F 299 40.21 12.31 27.31
CA LYS F 299 41.66 12.21 27.47
C LYS F 299 42.12 12.92 28.73
N GLN F 300 41.35 13.91 29.18
CA GLN F 300 41.51 14.45 30.53
C GLN F 300 40.74 13.57 31.50
N LYS F 301 40.58 14.01 32.73
CA LYS F 301 39.93 13.20 33.75
C LYS F 301 38.72 13.90 34.33
N LEU F 302 37.94 14.57 33.48
CA LEU F 302 36.84 15.41 33.96
C LEU F 302 35.57 15.19 33.16
N ASP F 303 35.25 13.96 32.79
CA ASP F 303 33.96 13.70 32.18
C ASP F 303 32.89 13.59 33.26
N PHE F 304 31.70 13.14 32.88
CA PHE F 304 30.82 12.66 33.92
C PHE F 304 31.21 11.27 34.38
N TYR F 305 31.50 10.38 33.43
CA TYR F 305 31.72 8.98 33.74
C TYR F 305 32.99 8.78 34.55
N THR F 306 34.06 9.48 34.18
CA THR F 306 35.33 9.35 34.87
C THR F 306 35.25 9.84 36.30
N LEU F 307 34.65 11.02 36.51
CA LEU F 307 34.43 11.55 37.86
C LEU F 307 33.52 10.63 38.67
N LEU F 308 32.51 10.05 38.03
CA LEU F 308 31.54 9.21 38.74
C LEU F 308 32.19 7.93 39.24
N ASP F 309 32.90 7.21 38.36
CA ASP F 309 33.47 5.96 38.85
C ASP F 309 34.82 6.15 39.54
N ASN F 310 35.41 7.35 39.52
CA ASN F 310 36.49 7.61 40.45
C ASN F 310 35.97 8.06 41.82
N TRP F 311 34.74 8.54 41.88
CA TRP F 311 34.13 8.92 43.15
C TRP F 311 33.48 7.74 43.86
N VAL F 312 32.89 6.81 43.11
CA VAL F 312 32.14 5.71 43.73
C VAL F 312 33.03 4.50 43.93
N LEU F 313 33.65 4.02 42.85
CA LEU F 313 34.46 2.80 42.93
C LEU F 313 35.76 3.03 43.69
N ARG F 314 36.59 3.94 43.19
CA ARG F 314 37.93 4.14 43.73
C ARG F 314 37.93 4.97 45.00
N ASP F 315 36.81 5.64 45.32
CA ASP F 315 36.66 6.56 46.46
C ASP F 315 37.64 7.73 46.39
N GLU F 316 38.07 8.10 45.17
CA GLU F 316 38.87 9.30 44.96
C GLU F 316 37.90 10.43 44.68
N ALA F 317 37.50 11.10 45.75
CA ALA F 317 36.51 12.17 45.65
C ALA F 317 37.12 13.36 44.92
N PRO F 318 36.43 13.93 43.93
CA PRO F 318 36.99 15.03 43.15
C PRO F 318 36.94 16.35 43.93
N ALA F 319 37.30 17.42 43.23
CA ALA F 319 37.20 18.75 43.80
C ALA F 319 35.74 19.11 44.01
N VAL F 320 35.49 20.00 44.98
CA VAL F 320 34.12 20.38 45.31
C VAL F 320 33.45 21.19 44.21
N GLU F 321 34.22 21.68 43.23
CA GLU F 321 33.68 22.39 42.10
C GLU F 321 33.25 21.47 40.96
N GLN F 322 33.29 20.15 41.17
CA GLN F 322 32.84 19.21 40.15
C GLN F 322 31.89 18.15 40.70
N GLN F 323 31.82 17.98 42.02
CA GLN F 323 30.74 17.21 42.61
C GLN F 323 29.39 17.85 42.31
N HIS F 324 29.35 19.19 42.22
CA HIS F 324 28.18 19.89 41.73
C HIS F 324 27.81 19.44 40.33
N TYR F 325 28.80 19.25 39.45
CA TYR F 325 28.53 18.83 38.08
C TYR F 325 28.00 17.40 38.04
N VAL F 326 28.61 16.52 38.82
CA VAL F 326 28.20 15.11 38.84
C VAL F 326 26.78 14.97 39.41
N ILE F 327 26.47 15.72 40.45
CA ILE F 327 25.11 15.70 40.97
C ILE F 327 24.14 16.40 40.00
N ALA F 328 24.63 17.35 39.20
CA ALA F 328 23.75 18.03 38.25
C ALA F 328 23.31 17.12 37.12
N ASN F 329 24.19 16.26 36.62
CA ASN F 329 23.69 15.31 35.61
C ASN F 329 23.29 13.96 36.18
N LEU F 330 23.35 13.77 37.51
CA LEU F 330 22.49 12.75 38.10
C LEU F 330 21.08 13.28 38.26
N ILE F 331 20.94 14.59 38.42
CA ILE F 331 19.63 15.24 38.44
C ILE F 331 19.02 15.24 37.05
N ARG F 332 19.86 15.41 36.02
CA ARG F 332 19.37 15.49 34.64
C ARG F 332 18.75 14.18 34.18
N GLY F 333 19.41 13.05 34.42
CA GLY F 333 18.86 11.74 34.12
C GLY F 333 19.75 10.95 33.19
N GLY F 334 19.20 9.87 32.65
CA GLY F 334 19.85 9.06 31.65
C GLY F 334 20.05 7.64 32.12
N VAL F 335 20.82 6.87 31.34
CA VAL F 335 21.32 5.58 31.79
C VAL F 335 22.83 5.56 31.59
N PHE F 336 23.55 5.26 32.66
CA PHE F 336 24.97 5.05 32.67
C PHE F 336 25.24 3.59 33.04
N GLY F 337 26.27 3.02 32.42
CA GLY F 337 26.53 1.61 32.50
C GLY F 337 26.83 1.05 31.13
N GLU F 338 27.16 -0.24 31.11
CA GLU F 338 27.61 -0.89 29.89
C GLU F 338 26.48 -1.54 29.11
N ILE G 5 4.97 -42.80 44.94
CA ILE G 5 3.89 -42.20 44.18
C ILE G 5 4.06 -40.69 44.13
N LEU G 6 3.12 -40.05 43.44
CA LEU G 6 2.92 -38.60 43.43
C LEU G 6 4.16 -37.84 42.93
N SER G 7 4.46 -38.07 41.65
CA SER G 7 5.34 -37.15 40.97
C SER G 7 4.55 -35.90 40.57
N THR G 8 5.28 -34.86 40.17
CA THR G 8 4.65 -33.63 39.75
C THR G 8 3.92 -33.82 38.42
N ALA G 9 3.01 -32.89 38.13
CA ALA G 9 2.31 -32.90 36.87
C ALA G 9 3.27 -32.55 35.73
N SER G 10 3.03 -33.14 34.57
CA SER G 10 3.87 -32.87 33.42
C SER G 10 3.62 -31.46 32.88
N VAL G 11 2.37 -31.00 32.96
CA VAL G 11 2.03 -29.62 32.66
C VAL G 11 1.01 -29.16 33.68
N LEU G 12 0.99 -27.86 33.95
CA LEU G 12 0.03 -27.28 34.86
C LEU G 12 -0.24 -25.85 34.40
N ALA G 13 -1.47 -25.39 34.54
CA ALA G 13 -1.79 -24.04 34.11
C ALA G 13 -2.97 -23.53 34.93
N PHE G 14 -2.87 -22.29 35.38
CA PHE G 14 -3.91 -21.66 36.17
C PHE G 14 -4.33 -20.36 35.51
N GLU G 15 -5.62 -20.05 35.61
CA GLU G 15 -6.18 -18.85 35.03
C GLU G 15 -5.80 -17.63 35.87
N ARG G 16 -6.26 -16.47 35.43
CA ARG G 16 -5.68 -15.22 35.89
C ARG G 16 -6.19 -14.79 37.25
N LYS G 17 -7.48 -15.00 37.54
CA LYS G 17 -8.16 -14.84 38.83
C LYS G 17 -8.20 -13.41 39.36
N LEU G 18 -7.57 -12.44 38.69
CA LEU G 18 -7.61 -11.02 39.04
C LEU G 18 -7.46 -10.28 37.71
N ASP G 19 -8.59 -9.92 37.11
CA ASP G 19 -8.63 -9.41 35.74
C ASP G 19 -8.76 -7.89 35.75
N PRO G 20 -7.70 -7.14 35.48
CA PRO G 20 -7.86 -5.69 35.33
C PRO G 20 -8.19 -5.32 33.90
N SER G 21 -8.33 -4.03 33.64
CA SER G 21 -8.58 -3.53 32.30
C SER G 21 -7.49 -2.54 31.93
N ASP G 22 -7.43 -2.18 30.65
CA ASP G 22 -6.54 -1.12 30.22
C ASP G 22 -7.01 0.21 30.80
N ALA G 23 -6.23 0.79 31.71
CA ALA G 23 -6.68 1.98 32.42
C ALA G 23 -6.57 3.20 31.53
N LEU G 24 -7.70 3.76 31.14
CA LEU G 24 -7.69 4.91 30.24
C LEU G 24 -7.44 6.19 31.02
N MET G 25 -6.79 7.13 30.35
CA MET G 25 -6.41 8.41 30.93
C MET G 25 -7.30 9.53 30.41
N SER G 26 -7.66 10.44 31.30
CA SER G 26 -8.39 11.65 30.98
C SER G 26 -7.77 12.78 31.78
N ALA G 27 -8.14 14.01 31.46
CA ALA G 27 -7.48 15.15 32.09
C ALA G 27 -8.49 16.22 32.43
N GLY G 28 -8.41 16.73 33.65
CA GLY G 28 -9.30 17.78 34.07
C GLY G 28 -8.68 18.60 35.17
N ALA G 29 -9.52 19.33 35.88
CA ALA G 29 -9.09 20.16 37.00
C ALA G 29 -9.54 19.55 38.32
N TRP G 30 -8.74 19.74 39.36
CA TRP G 30 -9.14 19.35 40.70
C TRP G 30 -10.32 20.21 41.16
N ALA G 31 -11.12 19.64 42.06
CA ALA G 31 -12.39 20.11 42.61
C ALA G 31 -13.52 20.10 41.59
N GLN G 32 -13.21 19.77 40.34
CA GLN G 32 -14.18 19.33 39.36
C GLN G 32 -14.17 17.83 39.23
N ARG G 33 -13.34 17.15 40.04
CA ARG G 33 -13.14 15.71 39.93
C ARG G 33 -14.35 14.91 40.39
N ASP G 34 -15.30 15.53 41.09
CA ASP G 34 -16.51 14.83 41.47
C ASP G 34 -17.49 14.71 40.32
N ALA G 35 -17.30 15.46 39.23
CA ALA G 35 -18.08 15.20 38.03
C ALA G 35 -17.44 14.07 37.22
N SER G 36 -16.27 14.36 36.64
CA SER G 36 -15.38 13.46 35.89
C SER G 36 -16.03 12.45 34.95
N GLN G 37 -17.11 12.83 34.28
CA GLN G 37 -17.71 11.98 33.26
C GLN G 37 -17.58 12.54 31.87
N GLU G 38 -17.01 13.74 31.72
CA GLU G 38 -16.87 14.39 30.43
C GLU G 38 -15.43 14.80 30.16
N TRP G 39 -14.48 14.35 30.99
CA TRP G 39 -13.11 14.78 30.90
C TRP G 39 -12.47 14.25 29.62
N PRO G 40 -11.86 15.11 28.81
CA PRO G 40 -11.29 14.66 27.54
C PRO G 40 -10.05 13.82 27.77
N ALA G 41 -9.83 12.87 26.88
CA ALA G 41 -8.75 11.92 27.05
C ALA G 41 -7.40 12.57 26.79
N VAL G 42 -6.36 11.96 27.36
CA VAL G 42 -4.99 12.40 27.13
C VAL G 42 -4.56 11.82 25.79
N THR G 43 -4.32 12.70 24.83
CA THR G 43 -3.96 12.27 23.48
C THR G 43 -2.45 12.14 23.36
N VAL G 44 -2.01 11.19 22.54
CA VAL G 44 -0.61 10.87 22.37
C VAL G 44 -0.12 11.57 21.12
N ARG G 45 0.63 12.65 21.30
CA ARG G 45 1.18 13.39 20.17
C ARG G 45 2.60 12.93 19.87
N GLU G 46 3.14 13.39 18.75
CA GLU G 46 4.48 13.06 18.34
C GLU G 46 5.31 14.32 18.28
N LYS G 47 6.53 14.27 18.82
CA LYS G 47 7.41 15.42 18.77
C LYS G 47 8.82 14.99 18.39
N SER G 48 9.50 15.85 17.65
CA SER G 48 10.86 15.60 17.26
C SER G 48 11.81 15.96 18.39
N VAL G 49 12.93 15.24 18.45
CA VAL G 49 13.88 15.35 19.56
C VAL G 49 15.29 15.26 18.98
N ARG G 50 16.12 16.26 19.26
CA ARG G 50 17.52 16.23 18.88
C ARG G 50 18.35 15.84 20.08
N GLY G 51 19.33 14.97 19.86
CA GLY G 51 20.17 14.57 20.96
C GLY G 51 21.58 14.23 20.54
N THR G 52 22.56 14.82 21.23
CA THR G 52 23.94 14.46 21.00
C THR G 52 24.22 13.07 21.55
N ILE G 53 25.29 12.46 21.07
CA ILE G 53 25.64 11.13 21.55
C ILE G 53 26.24 11.25 22.95
N SER G 54 25.88 10.30 23.82
CA SER G 54 26.33 10.39 25.20
C SER G 54 26.66 9.03 25.80
N ASN G 55 26.98 8.03 24.98
CA ASN G 55 27.29 6.72 25.52
C ASN G 55 28.71 6.69 26.05
N ARG G 56 28.97 5.75 26.95
CA ARG G 56 30.30 5.55 27.47
C ARG G 56 31.22 5.06 26.37
N LEU G 57 32.49 5.46 26.45
CA LEU G 57 33.45 5.20 25.39
C LEU G 57 34.56 4.30 25.91
N LYS G 58 34.97 3.33 25.09
CA LYS G 58 36.12 2.52 25.41
C LYS G 58 37.40 3.36 25.32
N THR G 59 38.48 2.82 25.88
CA THR G 59 39.74 3.56 26.00
C THR G 59 40.40 3.80 24.64
N LYS G 60 40.02 3.07 23.60
CA LYS G 60 40.55 3.32 22.26
C LYS G 60 39.79 4.41 21.52
N ASP G 61 38.56 4.70 21.90
CA ASP G 61 37.72 5.67 21.20
C ASP G 61 37.63 6.97 22.00
N ARG G 62 38.74 7.38 22.61
CA ARG G 62 38.80 8.63 23.34
C ARG G 62 39.67 9.67 22.64
N ASP G 63 39.71 9.64 21.32
CA ASP G 63 40.37 10.69 20.57
C ASP G 63 39.58 11.99 20.72
N PRO G 64 40.25 13.14 20.80
CA PRO G 64 39.51 14.40 20.93
C PRO G 64 38.77 14.77 19.66
N ALA G 65 39.48 14.66 18.53
CA ALA G 65 38.91 15.06 17.25
C ALA G 65 37.80 14.12 16.83
N LYS G 66 37.87 12.85 17.22
CA LYS G 66 36.81 11.90 16.89
C LYS G 66 35.53 12.23 17.65
N LEU G 67 35.64 12.57 18.94
CA LEU G 67 34.46 12.92 19.72
C LEU G 67 33.88 14.25 19.25
N ASP G 68 34.74 15.19 18.86
CA ASP G 68 34.28 16.47 18.31
C ASP G 68 33.60 16.27 16.96
N ALA G 69 34.05 15.30 16.18
CA ALA G 69 33.38 14.99 14.92
C ALA G 69 32.09 14.21 15.13
N SER G 70 32.00 13.43 16.21
CA SER G 70 30.78 12.65 16.45
C SER G 70 29.67 13.54 17.01
N ILE G 71 30.02 14.54 17.82
CA ILE G 71 28.97 15.42 18.34
C ILE G 71 28.54 16.50 17.36
N GLN G 72 29.21 16.61 16.21
CA GLN G 72 28.80 17.61 15.23
C GLN G 72 27.53 17.23 14.49
N SER G 73 27.24 15.93 14.38
CA SER G 73 26.05 15.45 13.71
C SER G 73 25.17 14.72 14.71
N PRO G 74 23.93 15.16 14.90
CA PRO G 74 23.13 14.69 16.04
C PRO G 74 22.26 13.48 15.71
N ASN G 75 21.66 12.94 16.76
CA ASN G 75 20.65 11.89 16.63
C ASN G 75 19.27 12.54 16.60
N LEU G 76 18.55 12.37 15.51
CA LEU G 76 17.21 12.93 15.37
C LEU G 76 16.19 11.84 15.61
N GLN G 77 15.23 12.10 16.48
CA GLN G 77 14.21 11.13 16.85
C GLN G 77 12.85 11.76 16.68
N THR G 78 11.83 10.91 16.60
CA THR G 78 10.45 11.30 16.36
C THR G 78 9.56 10.71 17.45
N VAL G 79 9.91 10.96 18.71
CA VAL G 79 9.34 10.21 19.82
C VAL G 79 7.91 10.63 20.09
N ASP G 80 7.22 9.89 20.93
CA ASP G 80 5.89 10.26 21.37
C ASP G 80 5.93 10.97 22.71
N VAL G 81 4.89 11.75 22.94
CA VAL G 81 4.72 12.47 24.18
C VAL G 81 3.24 12.44 24.53
N ALA G 82 2.95 12.26 25.80
CA ALA G 82 1.58 12.31 26.30
C ALA G 82 1.59 13.37 27.40
N ASN G 83 1.17 14.57 27.05
CA ASN G 83 1.10 15.67 28.01
C ASN G 83 -0.33 15.89 28.42
N LEU G 84 -0.52 16.45 29.60
CA LEU G 84 -1.81 16.99 29.95
C LEU G 84 -2.05 18.27 29.15
N PRO G 85 -3.30 18.68 28.99
CA PRO G 85 -3.57 20.01 28.44
C PRO G 85 -3.05 21.11 29.36
N SER G 86 -2.92 22.30 28.79
CA SER G 86 -2.36 23.43 29.51
C SER G 86 -3.37 24.13 30.40
N ASP G 87 -4.55 23.55 30.59
CA ASP G 87 -5.57 24.08 31.49
C ASP G 87 -6.19 22.95 32.29
N ALA G 88 -5.37 21.98 32.69
CA ALA G 88 -5.86 20.80 33.41
C ALA G 88 -4.71 20.20 34.19
N ASP G 89 -4.80 20.20 35.51
CA ASP G 89 -3.71 19.74 36.35
C ASP G 89 -3.91 18.33 36.91
N THR G 90 -5.12 17.81 36.87
CA THR G 90 -5.43 16.50 37.43
C THR G 90 -5.53 15.47 36.31
N LEU G 91 -4.83 14.36 36.48
CA LEU G 91 -4.90 13.22 35.57
C LEU G 91 -5.79 12.14 36.19
N LYS G 92 -6.77 11.69 35.42
CA LYS G 92 -7.72 10.67 35.88
C LYS G 92 -7.43 9.37 35.15
N VAL G 93 -7.11 8.34 35.90
CA VAL G 93 -6.73 7.05 35.34
C VAL G 93 -7.73 6.03 35.86
N ARG G 94 -8.60 5.54 34.98
CA ARG G 94 -9.67 4.65 35.44
C ARG G 94 -9.59 3.29 34.77
N PHE G 95 -10.10 2.29 35.47
CA PHE G 95 -10.18 0.92 34.97
C PHE G 95 -11.17 0.16 35.83
N THR G 96 -11.42 -1.09 35.45
CA THR G 96 -12.30 -2.00 36.19
C THR G 96 -11.54 -3.27 36.46
N LEU G 97 -11.64 -3.77 37.69
CA LEU G 97 -11.01 -5.00 38.11
C LEU G 97 -12.07 -5.97 38.59
N ARG G 98 -12.16 -7.14 37.97
CA ARG G 98 -13.09 -8.16 38.44
C ARG G 98 -12.31 -9.32 39.03
N VAL G 99 -12.88 -9.92 40.07
CA VAL G 99 -12.28 -11.06 40.74
C VAL G 99 -13.15 -12.29 40.50
N LEU G 100 -12.52 -13.39 40.14
CA LEU G 100 -13.24 -14.58 39.68
C LEU G 100 -13.49 -15.58 40.81
N GLY G 101 -12.44 -16.04 41.46
CA GLY G 101 -12.68 -17.02 42.50
C GLY G 101 -12.59 -18.45 42.00
N GLY G 102 -12.09 -19.31 42.87
CA GLY G 102 -11.81 -20.68 42.49
C GLY G 102 -10.34 -20.84 42.15
N ALA G 103 -9.49 -20.30 43.02
CA ALA G 103 -8.05 -20.17 42.82
C ALA G 103 -7.30 -21.47 42.91
N GLY G 104 -7.92 -22.63 43.04
CA GLY G 104 -7.17 -23.87 43.16
C GLY G 104 -7.27 -24.76 41.96
N THR G 105 -8.39 -24.70 41.25
CA THR G 105 -8.63 -25.58 40.11
C THR G 105 -7.77 -25.17 38.93
N PRO G 106 -6.92 -26.05 38.40
CA PRO G 106 -6.09 -25.68 37.25
C PRO G 106 -6.91 -25.60 35.98
N SER G 107 -6.25 -25.14 34.92
CA SER G 107 -6.81 -25.14 33.58
C SER G 107 -6.32 -26.30 32.73
N ALA G 108 -5.21 -26.93 33.13
CA ALA G 108 -4.68 -28.10 32.45
C ALA G 108 -3.83 -28.87 33.44
N CYS G 109 -3.95 -30.19 33.43
CA CYS G 109 -3.18 -31.04 34.32
C CYS G 109 -3.15 -32.45 33.75
N ASN G 110 -1.96 -33.00 33.61
CA ASN G 110 -1.82 -34.35 33.08
C ASN G 110 -2.05 -35.42 34.13
N ASP G 111 -1.86 -35.10 35.40
CA ASP G 111 -2.06 -36.06 36.49
C ASP G 111 -3.45 -35.90 37.07
N ALA G 112 -3.95 -36.98 37.68
CA ALA G 112 -5.25 -37.00 38.32
C ALA G 112 -5.16 -37.04 39.84
N ALA G 113 -4.18 -37.75 40.38
CA ALA G 113 -3.97 -37.74 41.83
C ALA G 113 -3.40 -36.40 42.28
N TYR G 114 -2.51 -35.82 41.47
CA TYR G 114 -1.87 -34.56 41.84
C TYR G 114 -2.86 -33.40 41.82
N ARG G 115 -3.82 -33.43 40.90
CA ARG G 115 -4.83 -32.39 40.83
C ARG G 115 -5.74 -32.42 42.06
N ASP G 116 -6.16 -33.62 42.47
CA ASP G 116 -7.03 -33.73 43.63
C ASP G 116 -6.27 -33.44 44.92
N LYS G 117 -4.99 -33.78 44.97
CA LYS G 117 -4.17 -33.44 46.14
C LYS G 117 -3.94 -31.94 46.24
N LEU G 118 -3.72 -31.28 45.10
CA LEU G 118 -3.55 -29.82 45.10
C LEU G 118 -4.86 -29.12 45.47
N LEU G 119 -5.98 -29.66 45.03
CA LEU G 119 -7.28 -29.09 45.40
C LEU G 119 -7.55 -29.28 46.88
N GLN G 120 -7.17 -30.43 47.44
CA GLN G 120 -7.29 -30.65 48.88
C GLN G 120 -6.39 -29.71 49.66
N THR G 121 -5.19 -29.45 49.14
CA THR G 121 -4.24 -28.53 49.77
C THR G 121 -4.81 -27.11 49.81
N VAL G 122 -5.33 -26.63 48.68
CA VAL G 122 -5.88 -25.27 48.62
C VAL G 122 -7.13 -25.15 49.48
N ALA G 123 -7.97 -26.20 49.51
CA ALA G 123 -9.19 -26.14 50.29
C ALA G 123 -8.90 -26.17 51.79
N THR G 124 -7.94 -26.98 52.23
CA THR G 124 -7.60 -26.98 53.64
C THR G 124 -6.82 -25.73 54.03
N TYR G 125 -6.17 -25.07 53.06
CA TYR G 125 -5.60 -23.76 53.31
C TYR G 125 -6.70 -22.75 53.61
N VAL G 126 -7.67 -22.64 52.69
CA VAL G 126 -8.76 -21.67 52.81
C VAL G 126 -9.62 -21.93 54.05
N ASN G 127 -9.72 -23.20 54.46
CA ASN G 127 -10.37 -23.49 55.73
C ASN G 127 -9.52 -23.08 56.92
N GLU G 128 -8.20 -23.32 56.86
CA GLU G 128 -7.29 -22.93 57.95
C GLU G 128 -7.23 -21.42 58.14
N GLN G 129 -6.70 -20.70 57.16
CA GLN G 129 -6.75 -19.24 57.12
C GLN G 129 -7.23 -18.83 55.74
N GLY G 130 -8.27 -18.00 55.71
CA GLY G 130 -8.93 -17.72 54.45
C GLY G 130 -8.17 -16.81 53.51
N PHE G 131 -8.89 -16.12 52.63
CA PHE G 131 -8.27 -15.15 51.75
C PHE G 131 -8.22 -13.76 52.36
N ALA G 132 -8.17 -13.66 53.68
CA ALA G 132 -8.24 -12.36 54.34
C ALA G 132 -6.96 -11.55 54.14
N GLU G 133 -5.80 -12.19 54.33
CA GLU G 133 -4.54 -11.47 54.31
C GLU G 133 -4.15 -11.08 52.89
N LEU G 134 -4.34 -12.00 51.93
CA LEU G 134 -4.03 -11.71 50.54
C LEU G 134 -4.96 -10.63 49.98
N ALA G 135 -6.23 -10.64 50.37
CA ALA G 135 -7.13 -9.60 49.91
C ALA G 135 -6.85 -8.28 50.61
N ARG G 136 -6.33 -8.33 51.84
CA ARG G 136 -5.98 -7.06 52.49
C ARG G 136 -4.75 -6.44 51.83
N ARG G 137 -3.83 -7.27 51.33
CA ARG G 137 -2.69 -6.71 50.62
C ARG G 137 -3.08 -6.25 49.22
N TYR G 138 -4.01 -6.94 48.57
CA TYR G 138 -4.53 -6.47 47.29
C TYR G 138 -5.33 -5.18 47.43
N ALA G 139 -6.05 -5.04 48.54
CA ALA G 139 -6.79 -3.81 48.79
C ALA G 139 -5.86 -2.67 49.15
N HIS G 140 -4.71 -2.97 49.75
CA HIS G 140 -3.71 -1.92 49.97
C HIS G 140 -3.08 -1.49 48.65
N ASN G 141 -2.88 -2.43 47.72
CA ASN G 141 -2.33 -2.03 46.43
C ASN G 141 -3.35 -1.34 45.55
N LEU G 142 -4.64 -1.54 45.78
CA LEU G 142 -5.64 -0.68 45.18
C LEU G 142 -5.75 0.65 45.90
N ALA G 143 -5.42 0.66 47.20
CA ALA G 143 -5.66 1.84 48.02
C ALA G 143 -4.63 2.92 47.73
N ASN G 144 -3.35 2.65 48.02
CA ASN G 144 -2.30 3.51 47.52
C ASN G 144 -2.13 3.25 46.04
N ALA G 145 -2.23 4.29 45.23
CA ALA G 145 -2.35 4.13 43.78
C ALA G 145 -0.98 3.74 43.23
N ARG G 146 -0.65 2.47 43.40
CA ARG G 146 0.61 1.97 42.87
C ARG G 146 0.55 1.77 41.38
N PHE G 147 -0.65 1.61 40.81
CA PHE G 147 -0.79 1.37 39.38
C PHE G 147 -0.49 2.61 38.56
N LEU G 148 -0.59 3.80 39.14
CA LEU G 148 0.10 4.96 38.61
C LEU G 148 1.58 4.71 38.85
N TRP G 149 2.31 4.29 37.83
CA TRP G 149 3.68 3.88 38.08
C TRP G 149 4.61 5.09 38.19
N ARG G 150 4.69 5.89 37.14
CA ARG G 150 5.50 7.10 37.18
C ARG G 150 4.67 8.36 37.18
N ASN G 151 3.34 8.26 37.07
CA ASN G 151 2.48 9.41 37.27
C ASN G 151 2.22 9.69 38.74
N ARG G 152 2.65 8.81 39.63
CA ARG G 152 2.47 8.95 41.06
C ARG G 152 3.63 9.66 41.73
N VAL G 153 4.85 9.47 41.22
CA VAL G 153 6.01 10.10 41.82
C VAL G 153 5.98 11.60 41.54
N GLY G 154 6.17 12.38 42.60
CA GLY G 154 6.14 13.81 42.47
C GLY G 154 4.76 14.41 42.34
N ALA G 155 3.70 13.61 42.46
CA ALA G 155 2.35 14.17 42.44
C ALA G 155 2.07 14.88 43.76
N GLU G 156 1.07 15.74 43.74
CA GLU G 156 0.75 16.55 44.91
C GLU G 156 -0.26 15.86 45.81
N ALA G 157 -1.38 15.41 45.25
CA ALA G 157 -2.45 14.80 46.03
C ALA G 157 -3.09 13.71 45.17
N VAL G 158 -2.69 12.48 45.38
CA VAL G 158 -3.32 11.35 44.73
C VAL G 158 -4.56 10.97 45.51
N GLU G 159 -5.64 10.64 44.80
CA GLU G 159 -6.89 10.28 45.45
C GLU G 159 -7.56 9.18 44.64
N VAL G 160 -7.86 8.07 45.30
CA VAL G 160 -8.43 6.90 44.63
C VAL G 160 -9.86 6.72 45.09
N ARG G 161 -10.73 6.32 44.17
CA ARG G 161 -12.09 5.95 44.55
C ARG G 161 -12.48 4.67 43.83
N ILE G 162 -13.04 3.73 44.59
CA ILE G 162 -13.38 2.40 44.13
C ILE G 162 -14.86 2.19 44.35
N ASN G 163 -15.59 1.90 43.28
CA ASN G 163 -17.03 1.65 43.37
C ASN G 163 -17.31 0.19 43.07
N HIS G 164 -18.06 -0.45 43.96
CA HIS G 164 -18.57 -1.80 43.69
C HIS G 164 -19.81 -1.68 42.81
N ILE G 165 -19.66 -1.93 41.51
CA ILE G 165 -20.79 -1.96 40.59
C ILE G 165 -21.27 -3.40 40.46
N ARG G 166 -22.47 -3.69 40.97
CA ARG G 166 -22.98 -5.05 41.00
C ARG G 166 -24.07 -5.31 39.97
N GLN G 167 -24.99 -4.37 39.77
CA GLN G 167 -26.07 -4.54 38.80
C GLN G 167 -26.13 -3.34 37.89
N GLY G 168 -24.97 -2.88 37.44
CA GLY G 168 -24.88 -1.69 36.62
C GLY G 168 -24.67 -0.44 37.45
N GLU G 169 -25.32 -0.36 38.60
CA GLU G 169 -25.20 0.76 39.51
C GLU G 169 -24.24 0.40 40.64
N VAL G 170 -23.75 1.43 41.32
CA VAL G 170 -22.79 1.22 42.39
C VAL G 170 -23.49 0.64 43.61
N ALA G 171 -22.78 -0.18 44.37
CA ALA G 171 -23.30 -0.69 45.64
C ALA G 171 -22.80 0.16 46.79
N ARG G 172 -21.48 0.23 46.96
CA ARG G 172 -20.88 1.13 47.94
C ARG G 172 -19.48 1.48 47.46
N THR G 173 -19.01 2.64 47.90
CA THR G 173 -17.79 3.24 47.39
C THR G 173 -16.79 3.49 48.49
N TRP G 174 -15.52 3.48 48.11
CA TRP G 174 -14.40 3.80 48.99
C TRP G 174 -13.63 4.96 48.39
N ARG G 175 -13.16 5.87 49.24
CA ARG G 175 -12.35 7.01 48.82
C ARG G 175 -11.12 7.08 49.70
N PHE G 176 -9.95 6.91 49.11
CA PHE G 176 -8.70 6.96 49.85
C PHE G 176 -7.84 8.12 49.35
N ASP G 177 -6.99 8.61 50.23
CA ASP G 177 -5.86 9.45 49.86
C ASP G 177 -4.65 8.53 49.75
N ALA G 178 -4.12 8.42 48.54
CA ALA G 178 -3.12 7.40 48.26
C ALA G 178 -1.72 7.76 48.74
N LEU G 179 -1.52 8.92 49.37
CA LEU G 179 -0.21 9.30 49.85
C LEU G 179 -0.04 9.15 51.35
N ALA G 180 -1.14 9.12 52.10
CA ALA G 180 -1.04 8.85 53.54
C ALA G 180 -0.63 7.40 53.79
N ILE G 181 -1.31 6.47 53.13
CA ILE G 181 -0.89 5.08 53.12
C ILE G 181 0.22 4.96 52.08
N GLY G 182 1.43 4.70 52.54
CA GLY G 182 2.57 4.64 51.65
C GLY G 182 2.66 3.35 50.86
N LEU G 183 3.83 3.07 50.31
CA LEU G 183 3.99 1.84 49.54
C LEU G 183 4.37 0.67 50.44
N ARG G 184 5.20 0.91 51.46
CA ARG G 184 5.75 -0.19 52.24
C ARG G 184 4.80 -0.66 53.34
N ASP G 185 4.44 0.24 54.24
CA ASP G 185 3.76 -0.15 55.48
C ASP G 185 2.28 -0.42 55.21
N PHE G 186 1.86 -1.66 55.48
CA PHE G 186 0.44 -2.02 55.41
C PHE G 186 -0.22 -1.62 56.72
N LYS G 187 -1.15 -0.67 56.65
CA LYS G 187 -1.64 0.01 57.84
C LYS G 187 -2.93 -0.57 58.41
N ALA G 188 -3.69 -1.31 57.60
CA ALA G 188 -4.91 -2.04 58.02
C ALA G 188 -5.96 -1.09 58.61
N ASP G 189 -6.48 -0.23 57.74
CA ASP G 189 -7.47 0.77 58.14
C ASP G 189 -8.85 0.14 58.25
N ALA G 190 -9.89 0.95 58.40
CA ALA G 190 -11.24 0.40 58.49
C ALA G 190 -11.83 0.14 57.11
N GLU G 191 -11.80 1.15 56.24
CA GLU G 191 -12.30 0.98 54.88
C GLU G 191 -11.42 0.04 54.08
N LEU G 192 -10.13 -0.03 54.42
CA LEU G 192 -9.27 -1.07 53.89
C LEU G 192 -9.74 -2.45 54.31
N ASP G 193 -10.25 -2.60 55.54
CA ASP G 193 -10.76 -3.90 55.96
C ASP G 193 -12.08 -4.23 55.28
N ALA G 194 -12.90 -3.22 54.98
CA ALA G 194 -14.14 -3.48 54.24
C ALA G 194 -13.85 -3.91 52.81
N LEU G 195 -12.93 -3.21 52.13
CA LEU G 195 -12.51 -3.62 50.79
C LEU G 195 -11.80 -4.96 50.81
N ALA G 196 -11.07 -5.25 51.88
CA ALA G 196 -10.42 -6.54 52.05
C ALA G 196 -11.43 -7.67 52.16
N GLU G 197 -12.49 -7.47 52.96
CA GLU G 197 -13.52 -8.47 53.09
C GLU G 197 -14.27 -8.68 51.79
N LEU G 198 -14.46 -7.61 51.02
CA LEU G 198 -15.16 -7.75 49.73
C LEU G 198 -14.31 -8.49 48.70
N ILE G 199 -13.02 -8.16 48.60
CA ILE G 199 -12.13 -8.86 47.68
C ILE G 199 -11.92 -10.30 48.12
N ALA G 200 -11.93 -10.57 49.43
CA ALA G 200 -11.81 -11.95 49.90
C ALA G 200 -13.07 -12.74 49.63
N SER G 201 -14.24 -12.10 49.70
CA SER G 201 -15.48 -12.78 49.35
C SER G 201 -15.53 -13.09 47.86
N GLY G 202 -14.96 -12.21 47.03
CA GLY G 202 -14.86 -12.51 45.61
C GLY G 202 -13.85 -13.58 45.30
N LEU G 203 -12.74 -13.61 46.04
CA LEU G 203 -11.68 -14.57 45.78
C LEU G 203 -12.05 -15.97 46.24
N SER G 204 -12.77 -16.06 47.36
CA SER G 204 -13.16 -17.37 47.88
C SER G 204 -14.25 -18.03 47.06
N GLY G 205 -15.00 -17.25 46.28
CA GLY G 205 -16.11 -17.76 45.50
C GLY G 205 -17.46 -17.44 46.06
N SER G 206 -17.54 -16.63 47.12
CA SER G 206 -18.81 -16.34 47.76
C SER G 206 -19.72 -15.46 46.90
N GLY G 207 -19.17 -14.73 45.96
CA GLY G 207 -19.95 -13.92 45.06
C GLY G 207 -19.15 -13.54 43.84
N HIS G 208 -19.61 -12.49 43.18
CA HIS G 208 -18.94 -11.95 42.01
C HIS G 208 -18.71 -10.46 42.25
N VAL G 209 -17.45 -10.05 42.27
CA VAL G 209 -17.12 -8.65 42.52
C VAL G 209 -16.43 -8.07 41.29
N LEU G 210 -16.92 -6.90 40.88
CA LEU G 210 -16.37 -6.09 39.79
C LEU G 210 -16.25 -4.67 40.33
N LEU G 211 -15.03 -4.24 40.62
CA LEU G 211 -14.77 -2.89 41.08
C LEU G 211 -14.48 -1.99 39.90
N GLU G 212 -14.90 -0.74 40.00
CA GLU G 212 -14.50 0.30 39.08
C GLU G 212 -13.63 1.26 39.87
N VAL G 213 -12.34 1.31 39.56
CA VAL G 213 -11.38 2.07 40.36
C VAL G 213 -10.83 3.20 39.51
N VAL G 214 -10.88 4.42 40.06
CA VAL G 214 -10.50 5.66 39.40
C VAL G 214 -9.49 6.36 40.28
N ALA G 215 -8.34 6.73 39.73
CA ALA G 215 -7.30 7.39 40.50
C ALA G 215 -7.00 8.75 39.89
N PHE G 216 -7.13 9.80 40.69
CA PHE G 216 -6.80 11.15 40.29
C PHE G 216 -5.45 11.51 40.86
N ALA G 217 -4.61 12.14 40.04
CA ALA G 217 -3.30 12.59 40.47
C ALA G 217 -3.16 14.06 40.11
N ARG G 218 -2.90 14.91 41.10
CA ARG G 218 -2.69 16.33 40.85
C ARG G 218 -1.24 16.57 40.42
N ILE G 219 -0.92 16.09 39.22
CA ILE G 219 0.45 16.05 38.77
C ILE G 219 0.96 17.42 38.35
N GLY G 220 0.07 18.38 38.13
CA GLY G 220 0.45 19.71 37.73
C GLY G 220 -0.13 20.07 36.38
N ASP G 221 -0.13 21.37 36.11
CA ASP G 221 -0.78 21.93 34.94
C ASP G 221 0.13 21.79 33.73
N GLY G 222 -0.34 21.06 32.72
CA GLY G 222 0.41 20.93 31.48
C GLY G 222 1.58 19.99 31.53
N GLN G 223 1.69 19.17 32.58
CA GLN G 223 2.86 18.33 32.80
C GLN G 223 2.82 17.10 31.88
N GLU G 224 3.77 16.20 32.08
CA GLU G 224 3.91 15.01 31.25
C GLU G 224 3.44 13.80 32.04
N VAL G 225 2.49 13.06 31.48
CA VAL G 225 2.04 11.80 32.07
C VAL G 225 2.65 10.66 31.27
N PHE G 226 2.75 9.50 31.91
CA PHE G 226 3.51 8.37 31.38
C PHE G 226 2.60 7.17 31.20
N PRO G 227 2.04 6.98 30.02
CA PRO G 227 1.41 5.70 29.70
C PRO G 227 2.47 4.67 29.39
N SER G 228 2.07 3.41 29.49
CA SER G 228 2.97 2.33 29.14
C SER G 228 3.23 2.35 27.64
N GLN G 229 4.41 1.89 27.24
CA GLN G 229 4.83 2.07 25.88
C GLN G 229 5.04 0.73 25.19
N GLU G 230 4.81 0.73 23.89
CA GLU G 230 4.87 -0.46 23.06
C GLU G 230 6.29 -0.64 22.54
N LEU G 231 6.44 -1.54 21.58
CA LEU G 231 7.71 -1.75 20.89
C LEU G 231 7.52 -1.55 19.40
N ILE G 232 8.60 -1.77 18.66
CA ILE G 232 8.68 -1.37 17.26
C ILE G 232 8.63 -2.61 16.38
N LEU G 233 8.20 -2.43 15.13
CA LEU G 233 8.09 -3.54 14.20
C LEU G 233 9.37 -3.81 13.41
N ASP G 234 10.11 -2.75 13.05
CA ASP G 234 11.34 -2.80 12.26
C ASP G 234 11.15 -3.57 10.95
N LYS G 235 10.26 -3.05 10.11
CA LYS G 235 10.00 -3.63 8.80
C LYS G 235 9.32 -2.60 7.89
N GLY G 236 10.02 -2.21 6.82
CA GLY G 236 9.46 -1.30 5.85
C GLY G 236 9.71 0.15 6.20
N ASP G 237 10.49 0.84 5.35
CA ASP G 237 10.95 2.21 5.56
C ASP G 237 11.57 2.40 6.94
N LYS G 238 12.69 1.70 7.14
CA LYS G 238 13.33 1.64 8.46
C LYS G 238 13.91 3.00 8.85
N LYS G 239 14.52 3.70 7.90
CA LYS G 239 15.17 4.97 8.22
C LYS G 239 14.10 6.06 8.37
N GLY G 240 14.07 6.69 9.54
CA GLY G 240 13.06 7.67 9.84
C GLY G 240 11.86 7.15 10.58
N GLN G 241 12.00 6.00 11.24
CA GLN G 241 10.89 5.42 11.98
C GLN G 241 10.61 6.21 13.25
N LYS G 242 9.50 5.87 13.90
CA LYS G 242 9.15 6.50 15.16
C LYS G 242 9.91 5.81 16.28
N SER G 243 10.75 6.58 16.97
CA SER G 243 11.70 6.01 17.91
C SER G 243 11.06 5.49 19.19
N LYS G 244 9.85 5.93 19.52
CA LYS G 244 9.23 5.53 20.77
C LYS G 244 7.72 5.72 20.62
N THR G 245 6.98 4.62 20.69
CA THR G 245 5.53 4.64 20.55
C THR G 245 4.89 4.39 21.91
N LEU G 246 3.72 4.97 22.12
CA LEU G 246 3.00 4.86 23.38
C LEU G 246 1.66 4.18 23.15
N TYR G 247 1.16 3.52 24.19
CA TYR G 247 -0.09 2.80 24.08
C TYR G 247 -1.26 3.76 23.98
N SER G 248 -2.22 3.43 23.13
CA SER G 248 -3.43 4.22 22.97
C SER G 248 -4.50 3.30 22.42
N VAL G 249 -5.63 3.21 23.11
CA VAL G 249 -6.66 2.27 22.70
C VAL G 249 -7.46 2.81 21.51
N ARG G 250 -8.07 3.98 21.67
CA ARG G 250 -8.89 4.60 20.63
C ARG G 250 -8.56 6.08 20.53
N ASP G 251 -7.26 6.37 20.36
CA ASP G 251 -6.66 7.70 20.51
C ASP G 251 -6.94 8.26 21.89
N ALA G 252 -6.51 7.50 22.90
CA ALA G 252 -6.66 7.83 24.31
C ALA G 252 -5.57 7.06 25.03
N ALA G 253 -4.61 7.78 25.62
CA ALA G 253 -3.46 7.17 26.26
C ALA G 253 -3.88 6.25 27.39
N ALA G 254 -3.26 5.08 27.47
CA ALA G 254 -3.65 4.07 28.42
C ALA G 254 -2.44 3.29 28.89
N ILE G 255 -2.57 2.70 30.06
CA ILE G 255 -1.58 1.78 30.60
C ILE G 255 -2.02 0.37 30.26
N HIS G 256 -1.07 -0.51 29.92
CA HIS G 256 -1.36 -1.91 29.66
C HIS G 256 -2.00 -2.55 30.88
N SER G 257 -2.88 -3.53 30.62
CA SER G 257 -3.60 -4.17 31.71
C SER G 257 -2.68 -5.04 32.56
N GLN G 258 -1.62 -5.60 31.96
CA GLN G 258 -0.73 -6.44 32.74
C GLN G 258 0.19 -5.61 33.62
N LYS G 259 0.38 -4.33 33.28
CA LYS G 259 1.13 -3.44 34.16
C LYS G 259 0.35 -3.11 35.43
N ILE G 260 -0.95 -2.84 35.29
CA ILE G 260 -1.81 -2.64 36.46
C ILE G 260 -1.94 -3.93 37.25
N GLY G 261 -2.04 -5.06 36.55
CA GLY G 261 -2.08 -6.34 37.23
C GLY G 261 -0.81 -6.64 37.99
N ASN G 262 0.34 -6.18 37.48
CA ASN G 262 1.58 -6.28 38.24
C ASN G 262 1.57 -5.38 39.45
N ALA G 263 0.99 -4.20 39.32
CA ALA G 263 1.00 -3.27 40.44
C ALA G 263 0.08 -3.72 41.56
N LEU G 264 -0.98 -4.46 41.22
CA LEU G 264 -1.88 -4.93 42.27
C LEU G 264 -1.31 -6.10 43.05
N ARG G 265 -0.44 -6.91 42.44
CA ARG G 265 0.11 -8.09 43.11
C ARG G 265 1.52 -7.85 43.63
N THR G 266 1.87 -6.60 43.92
CA THR G 266 3.12 -6.28 44.61
C THR G 266 2.85 -6.40 46.10
N ILE G 267 2.81 -7.64 46.58
CA ILE G 267 2.31 -7.88 47.93
C ILE G 267 3.34 -8.57 48.82
N ASP G 268 4.26 -9.36 48.25
CA ASP G 268 5.03 -10.27 49.09
C ASP G 268 6.25 -9.54 49.66
N THR G 269 6.28 -9.44 50.99
CA THR G 269 7.42 -9.00 51.77
C THR G 269 8.09 -10.17 52.47
N TRP G 270 7.88 -11.38 51.96
CA TRP G 270 8.30 -12.60 52.63
C TRP G 270 9.52 -13.26 52.00
N TYR G 271 10.20 -12.57 51.09
CA TYR G 271 11.38 -13.10 50.45
C TYR G 271 12.55 -13.03 51.45
N PRO G 272 13.70 -13.74 51.16
CA PRO G 272 14.86 -13.71 52.08
C PRO G 272 15.37 -12.38 52.61
N ASP G 273 15.65 -11.41 51.74
CA ASP G 273 16.15 -10.11 52.21
C ASP G 273 15.12 -9.38 53.06
N GLU G 274 14.00 -8.99 52.44
CA GLU G 274 12.78 -8.46 53.05
C GLU G 274 12.99 -7.19 53.88
N ASP G 275 14.12 -6.50 53.74
CA ASP G 275 14.40 -5.33 54.55
C ASP G 275 14.62 -4.08 53.69
N GLY G 276 15.51 -4.14 52.72
CA GLY G 276 15.88 -2.97 51.95
C GLY G 276 14.85 -2.52 50.93
N LEU G 277 14.43 -3.44 50.06
CA LEU G 277 13.65 -3.05 48.89
C LEU G 277 12.21 -2.71 49.25
N GLY G 278 11.59 -3.54 50.09
CA GLY G 278 10.17 -3.43 50.34
C GLY G 278 9.44 -4.57 49.67
N PRO G 279 8.14 -4.41 49.42
CA PRO G 279 7.39 -5.48 48.76
C PRO G 279 7.73 -5.57 47.27
N ILE G 280 7.83 -6.80 46.78
CA ILE G 280 8.02 -7.05 45.35
C ILE G 280 6.75 -7.74 44.87
N ALA G 281 6.70 -8.07 43.58
CA ALA G 281 5.54 -8.73 43.02
C ALA G 281 5.69 -10.23 43.14
N VAL G 282 4.57 -10.93 43.33
CA VAL G 282 4.59 -12.38 43.46
C VAL G 282 4.92 -13.01 42.12
N GLU G 283 5.89 -13.90 42.12
CA GLU G 283 6.43 -14.49 40.90
C GLU G 283 7.19 -15.74 41.28
N PRO G 284 7.09 -16.83 40.51
CA PRO G 284 8.02 -17.95 40.70
C PRO G 284 9.43 -17.49 40.38
N TYR G 285 10.38 -17.88 41.23
CA TYR G 285 11.72 -17.29 41.29
C TYR G 285 11.61 -15.78 41.43
N GLY G 286 11.09 -15.34 42.59
CA GLY G 286 10.61 -13.98 42.81
C GLY G 286 11.58 -12.88 42.44
N SER G 287 11.26 -12.19 41.36
CA SER G 287 12.22 -11.39 40.64
C SER G 287 11.65 -10.02 40.32
N VAL G 288 12.54 -9.06 40.17
CA VAL G 288 12.22 -7.74 39.68
C VAL G 288 13.20 -7.40 38.58
N THR G 289 12.68 -6.95 37.43
CA THR G 289 13.53 -6.68 36.28
C THR G 289 14.37 -5.43 36.48
N SER G 290 13.88 -4.48 37.28
CA SER G 290 14.62 -3.27 37.57
C SER G 290 15.86 -3.57 38.39
N GLN G 291 15.67 -4.21 39.55
CA GLN G 291 16.80 -4.60 40.40
C GLN G 291 17.63 -5.71 39.76
N GLY G 292 17.07 -6.47 38.83
CA GLY G 292 17.85 -7.38 38.03
C GLY G 292 18.32 -8.64 38.73
N LYS G 293 17.66 -9.03 39.82
CA LYS G 293 18.04 -10.23 40.54
C LYS G 293 16.78 -11.01 40.93
N ALA G 294 16.99 -12.29 41.25
CA ALA G 294 15.92 -13.18 41.68
C ALA G 294 16.03 -13.35 43.19
N TYR G 295 15.05 -12.82 43.93
CA TYR G 295 15.13 -12.83 45.39
C TYR G 295 14.83 -14.21 45.97
N ARG G 296 14.07 -15.03 45.24
CA ARG G 296 13.75 -16.39 45.67
C ARG G 296 14.44 -17.34 44.70
N GLN G 297 15.68 -17.65 44.96
CA GLN G 297 16.40 -18.52 44.05
C GLN G 297 16.19 -19.98 44.43
N PRO G 298 16.35 -20.90 43.47
CA PRO G 298 16.22 -22.34 43.82
C PRO G 298 17.36 -22.88 44.65
N LYS G 299 18.49 -22.18 44.76
CA LYS G 299 19.53 -22.60 45.69
C LYS G 299 19.04 -22.47 47.14
N GLN G 300 18.42 -21.35 47.45
CA GLN G 300 17.65 -21.23 48.68
C GLN G 300 16.39 -22.09 48.58
N LYS G 301 15.85 -22.45 49.75
CA LYS G 301 14.65 -23.27 49.80
C LYS G 301 13.37 -22.45 49.86
N LEU G 302 13.37 -21.25 49.28
CA LEU G 302 12.23 -20.35 49.40
C LEU G 302 11.63 -20.02 48.05
N ASP G 303 11.70 -20.94 47.10
CA ASP G 303 11.15 -20.78 45.76
C ASP G 303 9.63 -20.94 45.80
N PHE G 304 9.00 -20.89 44.62
CA PHE G 304 7.61 -21.31 44.51
C PHE G 304 7.48 -22.79 44.17
N TYR G 305 8.32 -23.28 43.26
CA TYR G 305 8.23 -24.67 42.82
C TYR G 305 8.68 -25.61 43.91
N THR G 306 9.75 -25.25 44.63
CA THR G 306 10.20 -26.07 45.75
C THR G 306 9.17 -26.07 46.86
N LEU G 307 8.56 -24.92 47.13
CA LEU G 307 7.53 -24.82 48.16
C LEU G 307 6.28 -25.59 47.79
N LEU G 308 5.85 -25.49 46.53
CA LEU G 308 4.63 -26.19 46.11
C LEU G 308 4.85 -27.70 46.08
N ASP G 309 6.04 -28.14 45.64
CA ASP G 309 6.33 -29.57 45.63
C ASP G 309 6.43 -30.12 47.05
N ASN G 310 7.03 -29.36 47.97
CA ASN G 310 7.09 -29.80 49.35
C ASN G 310 5.71 -29.80 50.00
N TRP G 311 4.86 -28.84 49.64
CA TRP G 311 3.54 -28.75 50.26
C TRP G 311 2.62 -29.85 49.76
N VAL G 312 2.67 -30.18 48.48
CA VAL G 312 1.73 -31.14 47.92
C VAL G 312 2.27 -32.56 47.99
N LEU G 313 3.48 -32.80 47.47
CA LEU G 313 3.99 -34.16 47.37
C LEU G 313 4.38 -34.73 48.72
N ARG G 314 5.04 -33.93 49.55
CA ARG G 314 5.66 -34.42 50.76
C ARG G 314 4.87 -34.10 52.02
N ASP G 315 3.76 -33.36 51.89
CA ASP G 315 2.84 -33.03 52.97
C ASP G 315 3.53 -32.31 54.14
N GLU G 316 4.40 -31.37 53.80
CA GLU G 316 5.09 -30.54 54.80
C GLU G 316 4.78 -29.08 54.46
N ALA G 317 3.74 -28.56 55.10
CA ALA G 317 3.30 -27.21 54.83
C ALA G 317 4.29 -26.19 55.39
N PRO G 318 4.69 -25.18 54.63
CA PRO G 318 5.63 -24.18 55.13
C PRO G 318 4.98 -23.21 56.12
N ALA G 319 5.73 -22.17 56.51
CA ALA G 319 5.17 -21.12 57.35
C ALA G 319 4.04 -20.40 56.64
N VAL G 320 3.18 -19.75 57.44
CA VAL G 320 1.93 -19.18 56.93
C VAL G 320 2.20 -18.02 55.98
N GLU G 321 3.34 -17.35 56.13
CA GLU G 321 3.76 -16.33 55.17
C GLU G 321 4.09 -16.95 53.82
N GLN G 322 4.83 -18.06 53.83
CA GLN G 322 5.19 -18.71 52.57
C GLN G 322 3.99 -19.41 51.96
N GLN G 323 3.05 -19.88 52.78
CA GLN G 323 1.79 -20.39 52.25
C GLN G 323 0.98 -19.28 51.59
N HIS G 324 1.01 -18.07 52.18
CA HIS G 324 0.40 -16.91 51.55
C HIS G 324 1.04 -16.60 50.20
N TYR G 325 2.36 -16.77 50.10
CA TYR G 325 3.06 -16.53 48.84
C TYR G 325 2.66 -17.54 47.77
N VAL G 326 2.60 -18.83 48.14
CA VAL G 326 2.27 -19.88 47.18
C VAL G 326 0.84 -19.74 46.69
N ILE G 327 -0.10 -19.51 47.60
CA ILE G 327 -1.48 -19.28 47.18
C ILE G 327 -1.62 -17.96 46.41
N ALA G 328 -0.78 -16.95 46.71
CA ALA G 328 -0.89 -15.68 46.02
C ALA G 328 -0.43 -15.76 44.58
N ASN G 329 0.61 -16.54 44.31
CA ASN G 329 0.98 -16.69 42.91
C ASN G 329 0.31 -17.90 42.24
N LEU G 330 -0.54 -18.63 42.96
CA LEU G 330 -1.59 -19.39 42.27
C LEU G 330 -2.77 -18.50 41.89
N ILE G 331 -3.02 -17.46 42.69
CA ILE G 331 -4.02 -16.44 42.35
C ILE G 331 -3.53 -15.62 41.18
N ARG G 332 -2.21 -15.49 41.01
CA ARG G 332 -1.67 -14.77 39.85
C ARG G 332 -1.96 -15.51 38.56
N GLY G 333 -1.66 -16.80 38.50
CA GLY G 333 -1.92 -17.58 37.31
C GLY G 333 -0.65 -18.03 36.62
N GLY G 334 -0.76 -18.57 35.42
CA GLY G 334 0.40 -18.87 34.61
C GLY G 334 0.53 -20.35 34.32
N VAL G 335 1.61 -20.68 33.62
CA VAL G 335 1.86 -22.06 33.22
C VAL G 335 3.08 -22.57 33.97
N PHE G 336 2.86 -23.57 34.81
CA PHE G 336 3.89 -24.19 35.61
C PHE G 336 4.16 -25.58 35.04
N GLY G 337 5.30 -25.73 34.39
CA GLY G 337 5.59 -26.94 33.67
C GLY G 337 6.86 -26.79 32.87
N GLU G 338 7.46 -27.91 32.47
CA GLU G 338 8.78 -27.90 31.87
C GLU G 338 8.70 -27.41 30.43
N ALA G 339 9.46 -26.36 30.12
CA ALA G 339 9.47 -25.76 28.79
C ALA G 339 10.78 -25.05 28.51
N LEU H 6 -19.36 -61.51 8.90
CA LEU H 6 -19.53 -60.10 8.58
C LEU H 6 -18.55 -59.24 9.35
N SER H 7 -17.86 -58.35 8.63
CA SER H 7 -16.94 -57.39 9.22
C SER H 7 -17.40 -55.98 8.90
N THR H 8 -16.72 -55.01 9.50
CA THR H 8 -17.00 -53.61 9.23
C THR H 8 -16.49 -53.24 7.84
N ALA H 9 -17.09 -52.20 7.26
CA ALA H 9 -16.73 -51.78 5.92
C ALA H 9 -15.37 -51.11 5.92
N SER H 10 -14.68 -51.21 4.78
CA SER H 10 -13.37 -50.59 4.63
C SER H 10 -13.46 -49.08 4.52
N VAL H 11 -14.59 -48.55 4.08
CA VAL H 11 -14.87 -47.13 4.15
C VAL H 11 -16.29 -46.95 4.66
N LEU H 12 -16.47 -46.02 5.58
CA LEU H 12 -17.76 -45.67 6.18
C LEU H 12 -17.62 -44.31 6.82
N ALA H 13 -18.33 -43.31 6.31
CA ALA H 13 -18.08 -41.94 6.75
C ALA H 13 -19.39 -41.20 6.89
N PHE H 14 -19.55 -40.47 7.99
CA PHE H 14 -20.76 -39.73 8.28
C PHE H 14 -20.48 -38.23 8.23
N GLU H 15 -21.40 -37.47 7.66
CA GLU H 15 -21.31 -36.03 7.77
C GLU H 15 -21.76 -35.59 9.16
N ARG H 16 -21.42 -34.36 9.52
CA ARG H 16 -21.88 -33.82 10.79
C ARG H 16 -23.32 -33.35 10.64
N LYS H 17 -24.18 -33.78 11.55
CA LYS H 17 -25.59 -33.44 11.52
C LYS H 17 -25.94 -32.30 12.45
N LEU H 18 -24.96 -31.50 12.83
CA LEU H 18 -25.18 -30.37 13.74
C LEU H 18 -24.16 -29.31 13.36
N ASP H 19 -24.57 -28.34 12.55
CA ASP H 19 -23.60 -27.44 11.93
C ASP H 19 -23.77 -26.02 12.46
N PRO H 20 -22.85 -25.53 13.28
CA PRO H 20 -22.87 -24.12 13.64
C PRO H 20 -21.95 -23.28 12.76
N SER H 21 -22.18 -21.98 12.79
CA SER H 21 -21.36 -21.03 12.06
C SER H 21 -20.22 -20.56 12.96
N ASP H 22 -19.49 -19.54 12.53
CA ASP H 22 -18.47 -18.93 13.37
C ASP H 22 -19.15 -17.94 14.30
N ALA H 23 -19.07 -18.19 15.60
CA ALA H 23 -19.78 -17.36 16.57
C ALA H 23 -19.07 -16.04 16.71
N LEU H 24 -19.55 -15.01 16.03
CA LEU H 24 -18.82 -13.75 15.98
C LEU H 24 -19.37 -12.83 17.06
N MET H 25 -18.49 -12.05 17.66
CA MET H 25 -18.78 -11.31 18.88
C MET H 25 -18.71 -9.81 18.65
N SER H 26 -19.67 -9.11 19.24
CA SER H 26 -19.75 -7.66 19.24
C SER H 26 -19.98 -7.20 20.67
N ALA H 27 -19.98 -5.89 20.89
CA ALA H 27 -19.97 -5.35 22.23
C ALA H 27 -21.08 -4.32 22.38
N GLY H 28 -21.49 -4.09 23.62
CA GLY H 28 -22.50 -3.07 23.84
C GLY H 28 -22.80 -2.89 25.31
N ALA H 29 -23.93 -2.24 25.58
CA ALA H 29 -24.37 -1.96 26.94
C ALA H 29 -25.57 -2.84 27.26
N TRP H 30 -25.58 -3.37 28.49
CA TRP H 30 -26.71 -4.13 28.98
C TRP H 30 -27.94 -3.24 29.11
N ALA H 31 -29.11 -3.88 29.11
CA ALA H 31 -30.47 -3.32 29.18
C ALA H 31 -30.87 -2.54 27.94
N GLN H 32 -29.98 -2.40 26.97
CA GLN H 32 -30.33 -1.98 25.63
C GLN H 32 -30.13 -3.11 24.63
N ARG H 33 -30.04 -4.35 25.12
CA ARG H 33 -29.70 -5.52 24.33
C ARG H 33 -30.84 -6.04 23.48
N ASP H 34 -32.01 -5.40 23.51
CA ASP H 34 -33.07 -5.80 22.59
C ASP H 34 -32.88 -5.18 21.22
N ALA H 35 -32.56 -3.89 21.17
CA ALA H 35 -32.23 -3.21 19.91
C ALA H 35 -30.72 -3.30 19.64
N SER H 36 -30.27 -4.54 19.49
CA SER H 36 -28.83 -4.83 19.47
C SER H 36 -28.38 -5.46 18.17
N GLN H 37 -28.83 -4.92 17.05
CA GLN H 37 -28.35 -5.35 15.74
C GLN H 37 -27.44 -4.33 15.10
N GLU H 38 -27.20 -3.20 15.77
CA GLU H 38 -26.27 -2.18 15.29
C GLU H 38 -25.10 -2.01 16.25
N TRP H 39 -24.77 -3.04 17.02
CA TRP H 39 -23.67 -2.94 17.97
C TRP H 39 -22.34 -3.01 17.23
N PRO H 40 -21.34 -2.25 17.68
CA PRO H 40 -20.02 -2.34 17.02
C PRO H 40 -19.33 -3.63 17.40
N ALA H 41 -18.52 -4.14 16.47
CA ALA H 41 -17.84 -5.39 16.68
C ALA H 41 -16.73 -5.24 17.71
N VAL H 42 -16.22 -6.38 18.17
CA VAL H 42 -15.08 -6.42 19.08
C VAL H 42 -13.85 -6.60 18.19
N THR H 43 -13.16 -5.50 17.94
CA THR H 43 -11.98 -5.56 17.09
C THR H 43 -10.81 -6.12 17.88
N VAL H 44 -9.90 -6.77 17.17
CA VAL H 44 -8.75 -7.45 17.77
C VAL H 44 -7.56 -6.50 17.64
N ARG H 45 -7.19 -5.86 18.75
CA ARG H 45 -6.05 -4.98 18.74
C ARG H 45 -4.77 -5.76 18.99
N GLU H 46 -3.63 -5.08 18.99
CA GLU H 46 -2.34 -5.75 19.02
C GLU H 46 -1.45 -5.01 20.01
N LYS H 47 -1.35 -5.54 21.23
CA LYS H 47 -0.58 -4.90 22.27
C LYS H 47 0.75 -5.63 22.46
N SER H 48 1.60 -5.07 23.30
CA SER H 48 2.95 -5.57 23.50
C SER H 48 3.16 -5.97 24.95
N VAL H 49 3.53 -7.22 25.18
CA VAL H 49 3.76 -7.71 26.52
C VAL H 49 5.25 -7.95 26.72
N ARG H 50 5.65 -7.99 27.99
CA ARG H 50 7.04 -8.23 28.39
C ARG H 50 6.99 -9.30 29.46
N GLY H 51 7.20 -10.53 29.07
CA GLY H 51 7.22 -11.60 30.02
C GLY H 51 8.58 -11.85 30.62
N THR H 52 8.55 -12.54 31.75
CA THR H 52 9.76 -12.90 32.48
C THR H 52 9.76 -14.40 32.69
N ILE H 53 10.90 -14.91 33.16
CA ILE H 53 11.10 -16.34 33.27
C ILE H 53 10.27 -16.88 34.43
N SER H 54 9.39 -17.84 34.13
CA SER H 54 8.61 -18.50 35.17
C SER H 54 8.45 -19.99 34.96
N ASN H 55 9.12 -20.59 33.98
CA ASN H 55 9.03 -22.03 33.79
C ASN H 55 9.97 -22.76 34.74
N ARG H 56 9.72 -24.05 34.92
CA ARG H 56 10.54 -24.84 35.83
C ARG H 56 11.94 -25.06 35.26
N LEU H 57 12.95 -24.73 36.07
CA LEU H 57 14.33 -25.01 35.71
C LEU H 57 14.68 -26.44 36.10
N LYS H 58 15.44 -27.11 35.25
CA LYS H 58 15.68 -28.55 35.39
C LYS H 58 17.01 -28.85 36.06
N THR H 59 17.40 -28.03 37.05
CA THR H 59 18.62 -28.12 37.86
C THR H 59 19.90 -28.21 37.01
N LYS H 60 19.87 -27.59 35.83
CA LYS H 60 21.06 -27.35 35.04
C LYS H 60 21.36 -25.87 34.85
N ASP H 61 20.32 -25.07 34.70
CA ASP H 61 20.43 -23.62 34.72
C ASP H 61 20.00 -23.04 36.05
N ARG H 62 19.89 -23.87 37.09
CA ARG H 62 19.47 -23.42 38.42
C ARG H 62 20.68 -23.00 39.25
N ASP H 63 21.45 -22.07 38.68
CA ASP H 63 22.65 -21.50 39.25
C ASP H 63 22.39 -20.07 39.69
N PRO H 64 23.13 -19.57 40.69
CA PRO H 64 22.91 -18.19 41.13
C PRO H 64 23.23 -17.14 40.07
N ALA H 65 24.16 -17.41 39.16
CA ALA H 65 24.52 -16.43 38.15
C ALA H 65 23.74 -16.57 36.85
N LYS H 66 23.38 -17.80 36.47
CA LYS H 66 22.65 -18.00 35.22
C LYS H 66 21.22 -17.50 35.30
N LEU H 67 20.57 -17.69 36.46
CA LEU H 67 19.22 -17.15 36.65
C LEU H 67 19.24 -15.64 36.71
N ASP H 68 20.27 -15.05 37.34
CA ASP H 68 20.37 -13.60 37.38
C ASP H 68 20.72 -13.02 36.01
N ALA H 69 21.38 -13.81 35.16
CA ALA H 69 21.66 -13.35 33.81
C ALA H 69 20.49 -13.55 32.86
N SER H 70 19.60 -14.50 33.15
CA SER H 70 18.40 -14.68 32.34
C SER H 70 17.20 -13.90 32.85
N ILE H 71 17.27 -13.34 34.05
CA ILE H 71 16.24 -12.41 34.48
C ILE H 71 16.40 -11.08 33.76
N GLN H 72 17.64 -10.61 33.62
CA GLN H 72 17.91 -9.31 33.02
C GLN H 72 17.64 -9.28 31.52
N SER H 73 17.57 -10.43 30.87
CA SER H 73 17.19 -10.48 29.45
C SER H 73 15.71 -10.85 29.37
N PRO H 74 14.82 -9.90 29.13
CA PRO H 74 13.39 -10.20 29.21
C PRO H 74 12.90 -10.84 27.91
N ASN H 75 11.63 -11.25 27.93
CA ASN H 75 11.00 -11.90 26.78
C ASN H 75 9.94 -10.96 26.24
N LEU H 76 10.29 -10.19 25.22
CA LEU H 76 9.37 -9.23 24.63
C LEU H 76 8.54 -9.90 23.57
N GLN H 77 7.23 -9.71 23.63
CA GLN H 77 6.32 -10.32 22.68
C GLN H 77 5.27 -9.29 22.30
N THR H 78 4.57 -9.55 21.22
CA THR H 78 3.53 -8.66 20.72
C THR H 78 2.29 -9.53 20.47
N VAL H 79 1.33 -9.48 21.38
CA VAL H 79 0.20 -10.40 21.35
C VAL H 79 -1.04 -9.67 20.87
N ASP H 80 -1.91 -10.39 20.19
CA ASP H 80 -3.24 -9.87 19.93
C ASP H 80 -4.03 -9.87 21.22
N VAL H 81 -5.04 -9.01 21.27
CA VAL H 81 -5.89 -8.93 22.44
C VAL H 81 -7.25 -8.41 21.98
N ALA H 82 -8.29 -8.84 22.68
CA ALA H 82 -9.63 -8.39 22.41
C ALA H 82 -10.23 -7.87 23.71
N ASN H 83 -10.82 -6.69 23.66
CA ASN H 83 -11.39 -6.07 24.84
C ASN H 83 -12.68 -5.39 24.43
N LEU H 84 -13.60 -5.31 25.37
CA LEU H 84 -14.76 -4.45 25.19
C LEU H 84 -14.32 -2.99 25.27
N PRO H 85 -15.03 -2.08 24.61
CA PRO H 85 -14.74 -0.65 24.79
C PRO H 85 -15.11 -0.19 26.19
N SER H 86 -14.60 0.99 26.56
CA SER H 86 -14.77 1.52 27.90
C SER H 86 -16.20 1.99 28.18
N ASP H 87 -17.05 2.08 27.16
CA ASP H 87 -18.45 2.44 27.34
C ASP H 87 -19.39 1.26 27.12
N ALA H 88 -18.84 0.05 27.00
CA ALA H 88 -19.62 -1.16 26.73
C ALA H 88 -19.30 -2.18 27.81
N ASP H 89 -20.32 -2.84 28.34
CA ASP H 89 -20.12 -3.77 29.43
C ASP H 89 -20.88 -5.08 29.23
N THR H 90 -21.19 -5.42 28.00
CA THR H 90 -21.74 -6.74 27.71
C THR H 90 -21.26 -7.19 26.34
N LEU H 91 -21.12 -8.51 26.21
CA LEU H 91 -20.58 -9.15 25.02
C LEU H 91 -21.69 -9.96 24.37
N LYS H 92 -21.97 -9.68 23.10
CA LYS H 92 -22.99 -10.39 22.37
C LYS H 92 -22.31 -11.31 21.37
N VAL H 93 -22.54 -12.61 21.50
CA VAL H 93 -21.94 -13.62 20.64
C VAL H 93 -23.04 -14.27 19.84
N ARG H 94 -22.99 -14.13 18.52
CA ARG H 94 -24.07 -14.56 17.66
C ARG H 94 -23.58 -15.63 16.69
N PHE H 95 -24.39 -16.67 16.51
CA PHE H 95 -24.16 -17.63 15.45
C PHE H 95 -25.49 -18.27 15.06
N THR H 96 -25.45 -19.09 14.01
CA THR H 96 -26.60 -19.83 13.55
C THR H 96 -26.24 -21.30 13.54
N LEU H 97 -27.10 -22.12 14.14
CA LEU H 97 -26.90 -23.56 14.18
C LEU H 97 -28.00 -24.23 13.37
N ARG H 98 -27.64 -25.06 12.41
CA ARG H 98 -28.64 -25.79 11.64
C ARG H 98 -28.51 -27.28 11.92
N VAL H 99 -29.64 -27.92 12.14
CA VAL H 99 -29.72 -29.33 12.48
C VAL H 99 -30.18 -30.07 11.24
N LEU H 100 -29.33 -30.95 10.71
CA LEU H 100 -29.62 -31.51 9.40
C LEU H 100 -30.57 -32.71 9.48
N GLY H 101 -30.18 -33.74 10.21
CA GLY H 101 -31.03 -34.91 10.36
C GLY H 101 -30.67 -36.01 9.37
N GLY H 102 -31.27 -37.17 9.60
CA GLY H 102 -30.85 -38.36 8.90
C GLY H 102 -29.52 -38.81 9.47
N ALA H 103 -29.53 -39.21 10.74
CA ALA H 103 -28.29 -39.34 11.51
C ALA H 103 -27.47 -40.55 11.09
N GLY H 104 -28.06 -41.74 11.19
CA GLY H 104 -27.28 -42.95 10.99
C GLY H 104 -27.09 -43.40 9.56
N THR H 105 -27.30 -42.51 8.59
CA THR H 105 -27.12 -42.84 7.19
C THR H 105 -25.74 -42.41 6.75
N PRO H 106 -24.82 -43.35 6.45
CA PRO H 106 -23.46 -42.96 6.08
C PRO H 106 -23.41 -42.26 4.72
N SER H 107 -22.34 -41.53 4.51
CA SER H 107 -22.17 -40.75 3.29
C SER H 107 -21.33 -41.45 2.24
N ALA H 108 -20.50 -42.40 2.63
CA ALA H 108 -19.71 -43.18 1.68
C ALA H 108 -19.39 -44.53 2.33
N CYS H 109 -20.15 -45.56 1.95
CA CYS H 109 -19.99 -46.88 2.55
C CYS H 109 -19.58 -47.89 1.50
N ASN H 110 -18.53 -48.67 1.82
CA ASN H 110 -18.07 -49.73 0.94
C ASN H 110 -19.13 -50.82 0.79
N ASP H 111 -19.46 -51.50 1.88
CA ASP H 111 -20.29 -52.68 1.86
C ASP H 111 -21.77 -52.30 1.97
N ALA H 112 -22.62 -53.09 1.30
CA ALA H 112 -24.05 -52.91 1.37
C ALA H 112 -24.70 -53.75 2.45
N ALA H 113 -24.21 -54.97 2.66
CA ALA H 113 -24.74 -55.83 3.71
C ALA H 113 -24.42 -55.30 5.10
N TYR H 114 -23.37 -54.49 5.23
CA TYR H 114 -23.06 -53.86 6.49
C TYR H 114 -23.91 -52.61 6.72
N ARG H 115 -24.06 -51.78 5.69
CA ARG H 115 -24.79 -50.53 5.88
C ARG H 115 -26.29 -50.76 5.98
N ASP H 116 -26.82 -51.84 5.40
CA ASP H 116 -28.24 -52.13 5.54
C ASP H 116 -28.58 -52.50 6.98
N LYS H 117 -27.74 -53.31 7.62
CA LYS H 117 -28.00 -53.65 9.01
C LYS H 117 -27.56 -52.54 9.97
N LEU H 118 -26.65 -51.66 9.56
CA LEU H 118 -26.40 -50.45 10.35
C LEU H 118 -27.62 -49.56 10.36
N LEU H 119 -28.24 -49.36 9.19
CA LEU H 119 -29.48 -48.59 9.11
C LEU H 119 -30.59 -49.28 9.88
N GLN H 120 -30.58 -50.61 9.93
CA GLN H 120 -31.59 -51.33 10.70
C GLN H 120 -31.40 -51.12 12.20
N THR H 121 -30.16 -51.15 12.68
CA THR H 121 -29.92 -50.91 14.11
C THR H 121 -30.24 -49.48 14.50
N VAL H 122 -29.88 -48.51 13.66
CA VAL H 122 -30.17 -47.11 13.95
C VAL H 122 -31.68 -46.86 13.91
N ALA H 123 -32.39 -47.49 12.97
CA ALA H 123 -33.83 -47.34 12.90
C ALA H 123 -34.52 -48.01 14.08
N THR H 124 -33.99 -49.15 14.54
CA THR H 124 -34.53 -49.81 15.72
C THR H 124 -34.35 -48.96 16.96
N TYR H 125 -33.19 -48.29 17.08
CA TYR H 125 -32.98 -47.32 18.15
C TYR H 125 -33.99 -46.18 18.06
N VAL H 126 -34.15 -45.61 16.85
CA VAL H 126 -34.95 -44.39 16.69
C VAL H 126 -36.43 -44.65 16.97
N ASN H 127 -36.99 -45.72 16.39
CA ASN H 127 -38.40 -45.98 16.67
C ASN H 127 -38.60 -46.60 18.05
N GLU H 128 -37.55 -47.21 18.61
CA GLU H 128 -37.63 -47.68 19.99
C GLU H 128 -37.58 -46.50 20.96
N GLN H 129 -36.58 -45.63 20.82
CA GLN H 129 -36.48 -44.42 21.64
C GLN H 129 -35.78 -43.35 20.83
N GLY H 130 -36.50 -42.31 20.43
CA GLY H 130 -35.99 -41.34 19.48
C GLY H 130 -34.88 -40.43 19.98
N PHE H 131 -34.69 -39.32 19.29
CA PHE H 131 -33.62 -38.39 19.61
C PHE H 131 -33.96 -37.44 20.75
N ALA H 132 -34.98 -37.75 21.57
CA ALA H 132 -35.46 -36.79 22.56
C ALA H 132 -34.45 -36.58 23.69
N GLU H 133 -33.71 -37.62 24.06
CA GLU H 133 -32.69 -37.47 25.08
C GLU H 133 -31.52 -36.64 24.57
N LEU H 134 -31.03 -36.97 23.38
CA LEU H 134 -29.95 -36.22 22.76
C LEU H 134 -30.36 -34.79 22.46
N ALA H 135 -31.60 -34.58 22.03
CA ALA H 135 -32.03 -33.21 21.76
C ALA H 135 -32.24 -32.44 23.04
N ARG H 136 -32.65 -33.11 24.12
CA ARG H 136 -32.72 -32.46 25.43
C ARG H 136 -31.34 -32.01 25.89
N ARG H 137 -30.32 -32.84 25.67
CA ARG H 137 -28.98 -32.46 26.11
C ARG H 137 -28.37 -31.40 25.21
N TYR H 138 -28.67 -31.43 23.91
CA TYR H 138 -28.20 -30.35 23.03
C TYR H 138 -28.91 -29.04 23.32
N ALA H 139 -30.20 -29.08 23.64
CA ALA H 139 -30.92 -27.89 24.03
C ALA H 139 -30.47 -27.36 25.38
N HIS H 140 -29.95 -28.23 26.26
CA HIS H 140 -29.32 -27.73 27.47
C HIS H 140 -27.97 -27.10 27.18
N ASN H 141 -27.22 -27.65 26.23
CA ASN H 141 -25.94 -26.99 25.92
C ASN H 141 -26.10 -25.77 25.07
N LEU H 142 -27.31 -25.51 24.55
CA LEU H 142 -27.66 -24.24 23.94
C LEU H 142 -28.23 -23.24 24.92
N ALA H 143 -29.11 -23.69 25.82
CA ALA H 143 -29.73 -22.78 26.78
C ALA H 143 -28.74 -22.35 27.84
N ASN H 144 -28.08 -23.28 28.50
CA ASN H 144 -26.91 -22.99 29.30
C ASN H 144 -25.81 -22.62 28.32
N ALA H 145 -25.38 -21.37 28.34
CA ALA H 145 -24.50 -20.86 27.29
C ALA H 145 -23.08 -21.36 27.47
N ARG H 146 -22.85 -22.63 27.16
CA ARG H 146 -21.51 -23.18 27.29
C ARG H 146 -20.59 -22.77 26.15
N PHE H 147 -21.14 -22.29 25.04
CA PHE H 147 -20.30 -21.93 23.90
C PHE H 147 -19.51 -20.66 24.12
N LEU H 148 -19.95 -19.80 25.04
CA LEU H 148 -19.04 -18.83 25.62
C LEU H 148 -18.13 -19.61 26.54
N TRP H 149 -16.92 -19.94 26.12
CA TRP H 149 -16.11 -20.86 26.89
C TRP H 149 -15.52 -20.18 28.12
N ARG H 150 -14.65 -19.19 27.91
CA ARG H 150 -14.06 -18.43 29.00
C ARG H 150 -14.67 -17.05 29.12
N ASN H 151 -15.57 -16.67 28.22
CA ASN H 151 -16.38 -15.47 28.35
C ASN H 151 -17.58 -15.68 29.26
N ARG H 152 -17.66 -16.83 29.93
CA ARG H 152 -18.74 -17.17 30.84
C ARG H 152 -18.32 -17.19 32.30
N VAL H 153 -17.05 -17.50 32.57
CA VAL H 153 -16.56 -17.52 33.94
C VAL H 153 -16.46 -16.09 34.45
N GLY H 154 -16.98 -15.85 35.65
CA GLY H 154 -16.98 -14.55 36.24
C GLY H 154 -17.98 -13.57 35.66
N ALA H 155 -18.79 -13.98 34.68
CA ALA H 155 -19.81 -13.09 34.13
C ALA H 155 -20.93 -12.91 35.15
N GLU H 156 -21.54 -11.73 35.13
CA GLU H 156 -22.57 -11.42 36.11
C GLU H 156 -23.91 -12.04 35.72
N ALA H 157 -24.31 -11.91 34.47
CA ALA H 157 -25.61 -12.40 34.04
C ALA H 157 -25.50 -12.74 32.55
N VAL H 158 -25.62 -14.00 32.23
CA VAL H 158 -25.69 -14.47 30.86
C VAL H 158 -27.16 -14.57 30.46
N GLU H 159 -27.47 -14.27 29.21
CA GLU H 159 -28.83 -14.41 28.71
C GLU H 159 -28.78 -14.82 27.26
N VAL H 160 -29.47 -15.91 26.93
CA VAL H 160 -29.44 -16.50 25.60
C VAL H 160 -30.79 -16.29 24.92
N ARG H 161 -30.75 -15.89 23.67
CA ARG H 161 -31.93 -15.75 22.82
C ARG H 161 -31.79 -16.71 21.65
N ILE H 162 -32.72 -17.63 21.54
CA ILE H 162 -32.71 -18.64 20.48
C ILE H 162 -33.96 -18.42 19.65
N ASN H 163 -33.78 -17.94 18.42
CA ASN H 163 -34.90 -17.76 17.53
C ASN H 163 -35.16 -19.07 16.79
N HIS H 164 -36.06 -19.04 15.82
CA HIS H 164 -36.25 -20.19 14.94
C HIS H 164 -36.58 -19.62 13.57
N ILE H 165 -35.55 -19.42 12.75
CA ILE H 165 -35.68 -18.72 11.48
C ILE H 165 -36.29 -19.70 10.48
N ARG H 166 -37.59 -19.55 10.24
CA ARG H 166 -38.31 -20.49 9.39
C ARG H 166 -38.01 -20.24 7.91
N GLN H 167 -38.36 -19.06 7.42
CA GLN H 167 -38.04 -18.66 6.05
C GLN H 167 -37.59 -17.22 6.02
N GLY H 168 -36.74 -16.85 6.97
CA GLY H 168 -36.37 -15.46 7.16
C GLY H 168 -37.15 -14.86 8.30
N GLU H 169 -38.42 -15.26 8.41
CA GLU H 169 -39.28 -14.80 9.49
C GLU H 169 -39.04 -15.63 10.73
N VAL H 170 -38.87 -14.97 11.88
CA VAL H 170 -38.69 -15.65 13.15
C VAL H 170 -40.03 -16.24 13.58
N ALA H 171 -40.11 -17.56 13.62
CA ALA H 171 -41.36 -18.24 13.94
C ALA H 171 -41.55 -18.46 15.43
N ARG H 172 -40.48 -18.69 16.17
CA ARG H 172 -40.58 -19.04 17.59
C ARG H 172 -39.34 -18.52 18.31
N THR H 173 -39.55 -18.00 19.52
CA THR H 173 -38.49 -17.38 20.29
C THR H 173 -38.34 -18.05 21.65
N TRP H 174 -37.11 -18.20 22.10
CA TRP H 174 -36.80 -18.67 23.45
C TRP H 174 -35.81 -17.72 24.11
N ARG H 175 -36.01 -17.47 25.40
CA ARG H 175 -35.13 -16.59 26.18
C ARG H 175 -34.76 -17.31 27.46
N PHE H 176 -33.49 -17.65 27.61
CA PHE H 176 -33.00 -18.39 28.77
C PHE H 176 -32.04 -17.54 29.59
N ASP H 177 -32.09 -17.72 30.90
CA ASP H 177 -31.09 -17.19 31.81
C ASP H 177 -30.10 -18.33 32.05
N ALA H 178 -28.93 -18.22 31.42
CA ALA H 178 -28.00 -19.34 31.36
C ALA H 178 -27.36 -19.66 32.70
N LEU H 179 -27.36 -18.72 33.64
CA LEU H 179 -26.79 -18.98 34.96
C LEU H 179 -27.84 -19.48 35.95
N ALA H 180 -29.12 -19.36 35.61
CA ALA H 180 -30.16 -19.95 36.44
C ALA H 180 -30.20 -21.46 36.27
N ILE H 181 -30.23 -21.93 35.04
CA ILE H 181 -30.10 -23.36 34.78
C ILE H 181 -28.62 -23.73 34.89
N GLY H 182 -28.36 -24.98 35.24
CA GLY H 182 -27.03 -25.38 35.61
C GLY H 182 -26.11 -25.57 34.42
N LEU H 183 -24.86 -25.87 34.74
CA LEU H 183 -23.89 -26.33 33.76
C LEU H 183 -23.52 -27.79 33.98
N ARG H 184 -24.03 -28.39 35.06
CA ARG H 184 -23.76 -29.80 35.35
C ARG H 184 -25.02 -30.66 35.24
N ASP H 185 -26.07 -30.32 35.97
CA ASP H 185 -27.22 -31.20 36.11
C ASP H 185 -28.20 -30.95 34.97
N PHE H 186 -28.63 -32.02 34.30
CA PHE H 186 -29.52 -31.92 33.15
C PHE H 186 -30.97 -32.08 33.63
N LYS H 187 -31.46 -31.05 34.29
CA LYS H 187 -32.84 -31.04 34.76
C LYS H 187 -33.76 -30.46 33.68
N ALA H 188 -35.01 -30.92 33.70
CA ALA H 188 -35.98 -30.55 32.68
C ALA H 188 -36.69 -29.26 33.06
N ASP H 189 -36.95 -28.42 32.05
CA ASP H 189 -37.66 -27.16 32.22
C ASP H 189 -38.88 -27.13 31.31
N ALA H 190 -39.87 -26.33 31.70
CA ALA H 190 -41.12 -26.29 30.94
C ALA H 190 -40.95 -25.60 29.59
N GLU H 191 -40.02 -24.66 29.49
CA GLU H 191 -39.80 -23.91 28.26
C GLU H 191 -38.77 -24.58 27.36
N LEU H 192 -37.77 -25.21 27.97
CA LEU H 192 -36.69 -25.87 27.23
C LEU H 192 -37.18 -27.09 26.45
N ASP H 193 -38.31 -27.68 26.85
CA ASP H 193 -38.81 -28.86 26.17
C ASP H 193 -39.35 -28.56 24.78
N ALA H 194 -39.78 -27.32 24.52
CA ALA H 194 -40.16 -26.96 23.15
C ALA H 194 -38.95 -26.90 22.24
N LEU H 195 -37.83 -26.37 22.74
CA LEU H 195 -36.59 -26.35 21.97
C LEU H 195 -36.04 -27.75 21.78
N ALA H 196 -36.16 -28.60 22.79
CA ALA H 196 -35.73 -29.99 22.65
C ALA H 196 -36.62 -30.74 21.66
N GLU H 197 -37.92 -30.42 21.63
CA GLU H 197 -38.81 -31.02 20.65
C GLU H 197 -38.49 -30.54 19.24
N LEU H 198 -38.07 -29.28 19.10
CA LEU H 198 -37.70 -28.76 17.79
C LEU H 198 -36.41 -29.40 17.28
N ILE H 199 -35.41 -29.57 18.16
CA ILE H 199 -34.17 -30.23 17.74
C ILE H 199 -34.41 -31.71 17.47
N ALA H 200 -35.34 -32.34 18.20
CA ALA H 200 -35.69 -33.73 17.93
C ALA H 200 -36.41 -33.87 16.59
N SER H 201 -37.27 -32.90 16.25
CA SER H 201 -37.94 -32.93 14.95
C SER H 201 -36.94 -32.67 13.83
N GLY H 202 -35.94 -31.84 14.09
CA GLY H 202 -34.91 -31.61 13.09
C GLY H 202 -34.03 -32.82 12.85
N LEU H 203 -33.64 -33.50 13.94
CA LEU H 203 -32.79 -34.68 13.80
C LEU H 203 -33.55 -35.87 13.23
N SER H 204 -34.85 -35.96 13.51
CA SER H 204 -35.64 -37.10 13.05
C SER H 204 -36.03 -36.99 11.59
N GLY H 205 -35.81 -35.85 10.94
CA GLY H 205 -36.05 -35.67 9.53
C GLY H 205 -37.21 -34.74 9.21
N SER H 206 -38.16 -34.61 10.13
CA SER H 206 -39.37 -33.82 9.88
C SER H 206 -39.04 -32.34 9.98
N GLY H 207 -38.78 -31.70 8.85
CA GLY H 207 -38.59 -30.26 8.82
C GLY H 207 -37.13 -29.86 8.78
N HIS H 208 -36.92 -28.58 8.51
CA HIS H 208 -35.59 -27.99 8.43
C HIS H 208 -35.44 -27.03 9.61
N VAL H 209 -34.52 -27.34 10.51
CA VAL H 209 -34.33 -26.58 11.73
C VAL H 209 -33.06 -25.75 11.60
N LEU H 210 -33.22 -24.44 11.68
CA LEU H 210 -32.11 -23.49 11.73
C LEU H 210 -32.42 -22.48 12.83
N LEU H 211 -31.60 -22.46 13.87
CA LEU H 211 -31.74 -21.56 14.99
C LEU H 211 -30.70 -20.47 14.90
N GLU H 212 -31.03 -19.31 15.46
CA GLU H 212 -30.09 -18.21 15.61
C GLU H 212 -29.85 -17.98 17.09
N VAL H 213 -28.66 -18.34 17.57
CA VAL H 213 -28.33 -18.30 18.98
C VAL H 213 -27.52 -17.04 19.26
N VAL H 214 -28.01 -16.23 20.19
CA VAL H 214 -27.39 -14.96 20.57
C VAL H 214 -27.21 -14.97 22.08
N ALA H 215 -25.96 -14.90 22.54
CA ALA H 215 -25.69 -14.94 23.97
C ALA H 215 -25.08 -13.61 24.41
N PHE H 216 -25.72 -12.98 25.40
CA PHE H 216 -25.21 -11.76 26.01
C PHE H 216 -24.60 -12.12 27.35
N ALA H 217 -23.31 -11.87 27.50
CA ALA H 217 -22.61 -12.09 28.75
C ALA H 217 -22.16 -10.74 29.28
N ARG H 218 -22.69 -10.36 30.45
CA ARG H 218 -22.35 -9.06 31.04
C ARG H 218 -21.01 -9.20 31.75
N ILE H 219 -19.94 -8.87 31.02
CA ILE H 219 -18.60 -9.05 31.56
C ILE H 219 -18.25 -7.92 32.51
N GLY H 220 -18.25 -6.70 32.02
CA GLY H 220 -17.81 -5.54 32.77
C GLY H 220 -17.32 -4.49 31.78
N ASP H 221 -17.25 -3.25 32.27
CA ASP H 221 -16.89 -2.12 31.42
C ASP H 221 -15.44 -2.21 30.98
N GLY H 222 -15.21 -2.42 29.70
CA GLY H 222 -13.85 -2.42 29.18
C GLY H 222 -13.03 -3.61 29.56
N GLN H 223 -13.65 -4.73 29.89
CA GLN H 223 -12.95 -5.93 30.33
C GLN H 223 -12.40 -6.68 29.11
N GLU H 224 -11.95 -7.91 29.31
CA GLU H 224 -11.37 -8.70 28.23
C GLU H 224 -12.32 -9.81 27.81
N VAL H 225 -12.49 -9.96 26.50
CA VAL H 225 -13.19 -11.10 25.94
C VAL H 225 -12.17 -12.01 25.29
N PHE H 226 -12.54 -13.28 25.16
CA PHE H 226 -11.62 -14.33 24.72
C PHE H 226 -12.17 -14.96 23.45
N PRO H 227 -11.76 -14.50 22.29
CA PRO H 227 -12.18 -15.16 21.06
C PRO H 227 -11.34 -16.40 20.81
N SER H 228 -11.52 -17.05 19.67
CA SER H 228 -10.73 -18.21 19.37
C SER H 228 -9.33 -17.80 18.96
N GLN H 229 -8.37 -18.65 19.30
CA GLN H 229 -6.97 -18.38 19.06
C GLN H 229 -6.49 -19.23 17.89
N GLU H 230 -5.43 -18.78 17.23
CA GLU H 230 -4.99 -19.36 15.98
C GLU H 230 -3.62 -19.99 16.12
N LEU H 231 -3.23 -20.72 15.07
CA LEU H 231 -1.93 -21.37 15.02
C LEU H 231 -0.88 -20.43 14.46
N ILE H 232 0.29 -20.44 15.07
CA ILE H 232 1.44 -19.67 14.62
C ILE H 232 2.60 -20.64 14.42
N LEU H 233 3.28 -20.51 13.27
CA LEU H 233 4.52 -21.25 13.03
C LEU H 233 5.67 -20.36 13.48
N ASP H 234 5.94 -20.39 14.78
CA ASP H 234 6.90 -19.48 15.41
C ASP H 234 8.31 -20.07 15.29
N LYS H 235 8.86 -19.96 14.08
CA LYS H 235 10.19 -20.49 13.81
C LYS H 235 11.28 -19.65 14.49
N GLY H 236 11.24 -18.34 14.30
CA GLY H 236 12.20 -17.45 14.91
C GLY H 236 11.57 -16.12 15.21
N ASP H 237 11.98 -15.51 16.31
CA ASP H 237 11.38 -14.27 16.79
C ASP H 237 12.41 -13.15 16.79
N LYS H 238 11.95 -11.95 16.45
CA LYS H 238 12.76 -10.74 16.48
C LYS H 238 12.67 -10.13 17.88
N LYS H 239 13.08 -8.85 17.99
CA LYS H 239 12.87 -8.00 19.17
C LYS H 239 11.49 -8.18 19.79
N GLY H 240 10.44 -7.94 19.00
CA GLY H 240 9.12 -8.37 19.40
C GLY H 240 8.39 -9.00 18.24
N GLN H 241 8.03 -10.27 18.37
CA GLN H 241 7.39 -10.99 17.30
C GLN H 241 6.09 -11.60 17.82
N LYS H 242 5.09 -11.67 16.95
CA LYS H 242 3.75 -12.15 17.25
C LYS H 242 3.77 -13.55 17.84
N SER H 243 3.36 -13.66 19.10
CA SER H 243 3.34 -14.93 19.80
C SER H 243 1.95 -15.44 20.07
N LYS H 244 0.91 -14.64 19.80
CA LYS H 244 -0.47 -15.05 20.00
C LYS H 244 -1.33 -14.22 19.08
N THR H 245 -2.11 -14.88 18.23
CA THR H 245 -3.07 -14.20 17.37
C THR H 245 -4.43 -14.80 17.58
N LEU H 246 -5.46 -14.00 17.37
CA LEU H 246 -6.83 -14.40 17.62
C LEU H 246 -7.60 -14.49 16.31
N TYR H 247 -8.77 -15.10 16.38
CA TYR H 247 -9.60 -15.29 15.21
C TYR H 247 -10.41 -14.03 14.93
N SER H 248 -10.63 -13.77 13.64
CA SER H 248 -11.37 -12.59 13.23
C SER H 248 -11.93 -12.81 11.83
N VAL H 249 -13.25 -12.80 11.71
CA VAL H 249 -13.91 -12.86 10.42
C VAL H 249 -14.29 -11.45 9.99
N ARG H 250 -13.56 -10.95 9.00
CA ARG H 250 -13.70 -9.62 8.41
C ARG H 250 -13.61 -8.51 9.47
N ASP H 251 -12.45 -8.50 10.14
CA ASP H 251 -12.07 -7.49 11.15
C ASP H 251 -13.07 -7.43 12.30
N ALA H 252 -13.39 -8.59 12.86
CA ALA H 252 -14.36 -8.71 13.95
C ALA H 252 -14.10 -10.05 14.61
N ALA H 253 -13.81 -10.04 15.92
CA ALA H 253 -13.40 -11.24 16.62
C ALA H 253 -14.50 -12.29 16.62
N ALA H 254 -14.10 -13.55 16.70
CA ALA H 254 -15.05 -14.64 16.61
C ALA H 254 -14.46 -15.88 17.26
N ILE H 255 -15.34 -16.78 17.66
CA ILE H 255 -14.97 -18.11 18.10
C ILE H 255 -15.12 -19.03 16.90
N HIS H 256 -14.21 -20.01 16.79
CA HIS H 256 -14.25 -20.97 15.70
C HIS H 256 -15.54 -21.78 15.75
N SER H 257 -15.95 -22.29 14.59
CA SER H 257 -17.21 -23.01 14.52
C SER H 257 -17.13 -24.37 15.21
N GLN H 258 -15.95 -24.96 15.30
CA GLN H 258 -15.82 -26.23 15.99
C GLN H 258 -15.51 -26.08 17.47
N LYS H 259 -15.23 -24.89 17.95
CA LYS H 259 -15.13 -24.71 19.40
C LYS H 259 -16.48 -24.42 20.02
N ILE H 260 -17.37 -23.75 19.29
CA ILE H 260 -18.76 -23.65 19.73
C ILE H 260 -19.58 -24.83 19.25
N GLY H 261 -18.95 -25.83 18.66
CA GLY H 261 -19.59 -27.09 18.39
C GLY H 261 -19.25 -28.11 19.46
N ASN H 262 -18.03 -28.01 20.01
CA ASN H 262 -17.65 -28.85 21.13
C ASN H 262 -18.50 -28.55 22.35
N ALA H 263 -18.82 -27.28 22.58
CA ALA H 263 -19.65 -26.95 23.73
C ALA H 263 -21.12 -27.22 23.49
N LEU H 264 -21.50 -27.70 22.31
CA LEU H 264 -22.84 -28.17 22.07
C LEU H 264 -23.01 -29.65 22.32
N ARG H 265 -22.00 -30.46 22.04
CA ARG H 265 -22.05 -31.89 22.26
C ARG H 265 -21.25 -32.31 23.49
N THR H 266 -21.18 -31.45 24.49
CA THR H 266 -20.66 -31.82 25.80
C THR H 266 -21.81 -32.41 26.62
N ILE H 267 -22.25 -33.59 26.18
CA ILE H 267 -23.42 -34.25 26.75
C ILE H 267 -23.07 -35.57 27.42
N ASP H 268 -21.87 -36.09 27.21
CA ASP H 268 -21.49 -37.40 27.70
C ASP H 268 -21.32 -37.42 29.21
N THR H 269 -22.31 -37.94 29.91
CA THR H 269 -22.20 -38.17 31.35
C THR H 269 -22.47 -39.63 31.69
N TRP H 270 -22.26 -40.52 30.72
CA TRP H 270 -22.44 -41.94 30.93
C TRP H 270 -21.12 -42.69 31.01
N TYR H 271 -20.00 -41.97 31.05
CA TYR H 271 -18.68 -42.60 31.06
C TYR H 271 -18.44 -43.27 32.41
N PRO H 272 -17.68 -44.37 32.44
CA PRO H 272 -17.68 -45.22 33.64
C PRO H 272 -16.91 -44.66 34.83
N ASP H 273 -16.05 -43.67 34.62
CA ASP H 273 -15.19 -43.17 35.71
C ASP H 273 -16.00 -42.54 36.83
N GLU H 274 -16.67 -41.42 36.52
CA GLU H 274 -17.56 -40.77 37.47
C GLU H 274 -18.54 -39.86 36.75
N ASP H 275 -19.84 -40.14 36.89
CA ASP H 275 -20.86 -39.32 36.27
C ASP H 275 -21.18 -38.06 37.08
N GLY H 276 -20.47 -37.81 38.17
CA GLY H 276 -20.63 -36.64 38.99
C GLY H 276 -19.58 -35.57 38.81
N LEU H 277 -18.63 -35.77 37.89
CA LEU H 277 -17.59 -34.79 37.61
C LEU H 277 -17.85 -34.04 36.31
N GLY H 278 -19.12 -33.77 36.00
CA GLY H 278 -19.48 -32.99 34.85
C GLY H 278 -19.47 -33.78 33.56
N PRO H 279 -20.28 -33.35 32.60
CA PRO H 279 -20.28 -34.01 31.29
C PRO H 279 -19.04 -33.68 30.48
N ILE H 280 -18.68 -34.60 29.59
CA ILE H 280 -17.53 -34.41 28.71
C ILE H 280 -18.04 -34.47 27.27
N ALA H 281 -17.13 -34.33 26.31
CA ALA H 281 -17.49 -34.28 24.90
C ALA H 281 -17.59 -35.68 24.34
N VAL H 282 -18.60 -35.93 23.50
CA VAL H 282 -18.79 -37.25 22.90
C VAL H 282 -17.70 -37.48 21.85
N GLU H 283 -16.73 -38.31 22.20
CA GLU H 283 -15.61 -38.64 21.32
C GLU H 283 -15.32 -40.12 21.49
N PRO H 284 -14.79 -40.78 20.45
CA PRO H 284 -14.31 -42.14 20.64
C PRO H 284 -13.06 -42.11 21.51
N TYR H 285 -13.01 -43.01 22.50
CA TYR H 285 -12.10 -42.91 23.65
C TYR H 285 -12.20 -41.54 24.28
N GLY H 286 -13.37 -41.26 24.86
CA GLY H 286 -13.79 -39.93 25.29
C GLY H 286 -12.79 -39.18 26.13
N SER H 287 -12.21 -38.13 25.55
CA SER H 287 -10.98 -37.56 26.06
C SER H 287 -11.15 -36.07 26.29
N VAL H 288 -10.34 -35.55 27.20
CA VAL H 288 -10.25 -34.13 27.47
C VAL H 288 -8.78 -33.77 27.59
N THR H 289 -8.31 -32.87 26.74
CA THR H 289 -6.89 -32.51 26.72
C THR H 289 -6.53 -31.67 27.94
N SER H 290 -7.51 -31.01 28.56
CA SER H 290 -7.28 -30.34 29.83
C SER H 290 -6.89 -31.34 30.92
N GLN H 291 -7.78 -32.30 31.20
CA GLN H 291 -7.47 -33.36 32.16
C GLN H 291 -6.41 -34.33 31.66
N GLY H 292 -6.12 -34.34 30.37
CA GLY H 292 -5.03 -35.13 29.82
C GLY H 292 -5.18 -36.62 29.92
N LYS H 293 -6.39 -37.12 30.18
CA LYS H 293 -6.65 -38.52 30.34
C LYS H 293 -7.63 -38.97 29.27
N ALA H 294 -8.09 -40.20 29.39
CA ALA H 294 -9.02 -40.79 28.41
C ALA H 294 -10.07 -41.59 29.17
N TYR H 295 -11.25 -40.99 29.35
CA TYR H 295 -12.39 -41.78 29.73
C TYR H 295 -12.78 -42.68 28.57
N ARG H 296 -13.49 -43.76 28.89
CA ARG H 296 -13.83 -44.85 27.96
C ARG H 296 -12.55 -45.42 27.32
N GLN H 297 -11.73 -46.00 28.15
CA GLN H 297 -10.50 -46.60 27.70
C GLN H 297 -10.80 -47.88 26.94
N PRO H 298 -10.11 -48.16 25.83
CA PRO H 298 -10.39 -49.39 25.07
C PRO H 298 -9.94 -50.68 25.75
N LYS H 299 -9.20 -50.59 26.85
CA LYS H 299 -9.02 -51.77 27.70
C LYS H 299 -10.35 -52.17 28.33
N GLN H 300 -11.15 -51.19 28.74
CA GLN H 300 -12.54 -51.45 29.03
C GLN H 300 -13.33 -51.62 27.73
N LYS H 301 -14.54 -52.13 27.86
CA LYS H 301 -15.41 -52.38 26.70
C LYS H 301 -16.42 -51.26 26.51
N LEU H 302 -16.04 -50.01 26.77
CA LEU H 302 -16.99 -48.91 26.79
C LEU H 302 -16.62 -47.74 25.89
N ASP H 303 -15.74 -47.94 24.91
CA ASP H 303 -15.43 -46.87 23.97
C ASP H 303 -16.49 -46.88 22.87
N PHE H 304 -16.34 -46.02 21.86
CA PHE H 304 -17.29 -46.01 20.77
C PHE H 304 -16.99 -47.12 19.77
N TYR H 305 -15.71 -47.31 19.45
CA TYR H 305 -15.29 -48.25 18.41
C TYR H 305 -15.40 -49.71 18.84
N THR H 306 -15.72 -49.98 20.10
CA THR H 306 -16.04 -51.33 20.56
C THR H 306 -17.54 -51.56 20.62
N LEU H 307 -18.28 -50.59 21.17
CA LEU H 307 -19.73 -50.72 21.28
C LEU H 307 -20.40 -50.68 19.92
N LEU H 308 -19.78 -50.01 18.95
CA LEU H 308 -20.34 -49.95 17.60
C LEU H 308 -20.37 -51.33 16.96
N ASP H 309 -19.21 -51.96 16.82
CA ASP H 309 -19.20 -53.29 16.23
C ASP H 309 -19.58 -54.40 17.19
N ASN H 310 -19.89 -54.09 18.46
CA ASN H 310 -20.62 -55.04 19.28
C ASN H 310 -22.12 -54.87 19.14
N TRP H 311 -22.58 -53.74 18.62
CA TRP H 311 -24.00 -53.51 18.40
C TRP H 311 -24.43 -53.86 16.98
N VAL H 312 -23.61 -53.57 15.98
CA VAL H 312 -23.96 -53.85 14.60
C VAL H 312 -23.63 -55.28 14.21
N LEU H 313 -22.39 -55.70 14.47
CA LEU H 313 -21.97 -57.03 14.01
C LEU H 313 -22.52 -58.14 14.90
N ARG H 314 -22.15 -58.14 16.18
CA ARG H 314 -22.48 -59.25 17.06
C ARG H 314 -23.89 -59.14 17.64
N ASP H 315 -24.58 -58.02 17.42
CA ASP H 315 -25.95 -57.77 17.89
C ASP H 315 -26.06 -57.89 19.41
N GLU H 316 -25.04 -57.38 20.11
CA GLU H 316 -25.07 -57.25 21.56
C GLU H 316 -25.44 -55.80 21.85
N ALA H 317 -26.73 -55.56 22.06
CA ALA H 317 -27.23 -54.22 22.30
C ALA H 317 -26.75 -53.72 23.66
N PRO H 318 -26.07 -52.58 23.72
CA PRO H 318 -25.56 -52.08 25.01
C PRO H 318 -26.64 -51.56 25.94
N ALA H 319 -26.22 -50.98 27.06
CA ALA H 319 -27.16 -50.31 27.95
C ALA H 319 -27.83 -49.15 27.25
N VAL H 320 -29.04 -48.81 27.73
CA VAL H 320 -29.86 -47.76 27.13
C VAL H 320 -29.17 -46.40 27.21
N GLU H 321 -28.36 -46.18 28.24
CA GLU H 321 -27.63 -44.94 28.39
C GLU H 321 -26.38 -44.87 27.53
N GLN H 322 -25.94 -45.98 26.93
CA GLN H 322 -24.78 -45.99 26.05
C GLN H 322 -25.15 -45.97 24.58
N GLN H 323 -26.36 -46.41 24.23
CA GLN H 323 -26.85 -46.24 22.87
C GLN H 323 -27.00 -44.77 22.52
N HIS H 324 -27.34 -43.93 23.51
CA HIS H 324 -27.32 -42.49 23.33
C HIS H 324 -25.94 -41.99 22.97
N TYR H 325 -24.89 -42.56 23.58
CA TYR H 325 -23.54 -42.14 23.29
C TYR H 325 -23.11 -42.57 21.89
N VAL H 326 -23.49 -43.79 21.48
CA VAL H 326 -23.13 -44.27 20.15
C VAL H 326 -23.84 -43.44 19.07
N ILE H 327 -25.12 -43.14 19.28
CA ILE H 327 -25.87 -42.35 18.29
C ILE H 327 -25.41 -40.91 18.28
N ALA H 328 -25.02 -40.36 19.44
CA ALA H 328 -24.48 -39.01 19.47
C ALA H 328 -23.12 -38.92 18.78
N ASN H 329 -22.32 -39.99 18.86
CA ASN H 329 -21.07 -39.99 18.11
C ASN H 329 -21.33 -40.17 16.62
N LEU H 330 -22.44 -40.80 16.24
CA LEU H 330 -22.81 -40.82 14.83
C LEU H 330 -23.26 -39.44 14.35
N ILE H 331 -23.92 -38.68 15.23
CA ILE H 331 -24.33 -37.32 14.90
C ILE H 331 -23.10 -36.41 14.77
N ARG H 332 -22.05 -36.66 15.55
CA ARG H 332 -20.83 -35.86 15.44
C ARG H 332 -20.15 -36.04 14.08
N GLY H 333 -19.98 -37.28 13.63
CA GLY H 333 -19.46 -37.53 12.31
C GLY H 333 -18.06 -38.09 12.32
N GLY H 334 -17.48 -38.14 11.12
CA GLY H 334 -16.17 -38.71 10.90
C GLY H 334 -16.26 -39.95 10.04
N VAL H 335 -15.09 -40.53 9.78
CA VAL H 335 -15.03 -41.83 9.12
C VAL H 335 -14.72 -42.90 10.15
N PHE H 336 -15.63 -43.85 10.28
CA PHE H 336 -15.49 -44.97 11.19
C PHE H 336 -15.23 -46.24 10.37
N GLY H 337 -14.51 -47.17 10.96
CA GLY H 337 -14.27 -48.42 10.28
C GLY H 337 -13.15 -48.37 9.28
N GLU H 338 -12.25 -49.36 9.36
CA GLU H 338 -11.18 -49.51 8.39
C GLU H 338 -10.72 -50.95 8.42
N LEU I 6 -14.32 -57.65 -39.50
CA LEU I 6 -13.44 -56.53 -39.19
C LEU I 6 -13.14 -56.48 -37.71
N SER I 7 -12.01 -55.86 -37.37
CA SER I 7 -11.54 -55.79 -35.99
C SER I 7 -11.81 -54.41 -35.40
N THR I 8 -11.63 -54.32 -34.08
CA THR I 8 -11.82 -53.06 -33.38
C THR I 8 -10.69 -52.10 -33.71
N ALA I 9 -11.02 -50.81 -33.82
CA ALA I 9 -10.01 -49.80 -34.04
C ALA I 9 -9.15 -49.64 -32.80
N SER I 10 -7.84 -49.63 -32.99
CA SER I 10 -6.92 -49.61 -31.86
C SER I 10 -6.69 -48.21 -31.30
N VAL I 11 -7.18 -47.18 -31.97
CA VAL I 11 -7.15 -45.81 -31.46
C VAL I 11 -8.59 -45.33 -31.57
N LEU I 12 -9.31 -45.35 -30.47
CA LEU I 12 -10.68 -44.87 -30.43
C LEU I 12 -10.80 -43.84 -29.32
N ALA I 13 -11.49 -42.75 -29.61
CA ALA I 13 -11.58 -41.63 -28.68
C ALA I 13 -12.76 -40.76 -29.09
N PHE I 14 -13.45 -40.19 -28.12
CA PHE I 14 -14.60 -39.36 -28.37
C PHE I 14 -14.46 -38.08 -27.57
N GLU I 15 -14.68 -36.94 -28.21
CA GLU I 15 -14.59 -35.67 -27.52
C GLU I 15 -15.71 -35.54 -26.49
N ARG I 16 -15.49 -34.68 -25.50
CA ARG I 16 -16.46 -34.46 -24.45
C ARG I 16 -17.53 -33.50 -24.94
N LYS I 17 -18.75 -33.99 -25.02
CA LYS I 17 -19.89 -33.10 -25.25
C LYS I 17 -20.46 -32.69 -23.91
N LEU I 18 -21.15 -31.56 -23.95
CA LEU I 18 -21.76 -30.94 -22.81
C LEU I 18 -20.73 -30.72 -21.71
N ASP I 19 -19.77 -29.85 -21.97
CA ASP I 19 -18.78 -29.51 -20.97
C ASP I 19 -19.18 -28.24 -20.24
N PRO I 20 -19.19 -28.24 -18.92
CA PRO I 20 -19.54 -27.03 -18.17
C PRO I 20 -18.30 -26.21 -17.81
N SER I 21 -18.56 -24.99 -17.36
CA SER I 21 -17.50 -24.15 -16.84
C SER I 21 -17.33 -24.43 -15.35
N ASP I 22 -16.43 -23.70 -14.71
CA ASP I 22 -16.37 -23.75 -13.26
C ASP I 22 -17.60 -23.06 -12.68
N ALA I 23 -17.98 -23.49 -11.49
CA ALA I 23 -19.25 -23.09 -10.89
C ALA I 23 -18.94 -22.12 -9.77
N LEU I 24 -18.91 -20.83 -10.10
CA LEU I 24 -18.42 -19.84 -9.15
C LEU I 24 -19.51 -19.50 -8.14
N MET I 25 -19.10 -19.22 -6.91
CA MET I 25 -20.03 -19.04 -5.80
C MET I 25 -20.00 -17.62 -5.28
N SER I 26 -21.17 -17.05 -5.05
CA SER I 26 -21.36 -15.74 -4.44
C SER I 26 -22.46 -15.86 -3.39
N ALA I 27 -22.74 -14.78 -2.69
CA ALA I 27 -23.65 -14.87 -1.55
C ALA I 27 -24.51 -13.63 -1.43
N GLY I 28 -25.76 -13.83 -1.04
CA GLY I 28 -26.66 -12.70 -0.86
C GLY I 28 -27.99 -13.19 -0.32
N ALA I 29 -28.90 -12.24 -0.09
CA ALA I 29 -30.17 -12.57 0.54
C ALA I 29 -31.17 -13.14 -0.46
N TRP I 30 -32.15 -13.89 0.06
CA TRP I 30 -33.13 -14.56 -0.77
C TRP I 30 -34.10 -13.59 -1.42
N ALA I 31 -34.30 -12.42 -0.82
CA ALA I 31 -35.24 -11.45 -1.38
C ALA I 31 -34.70 -10.83 -2.66
N GLN I 32 -33.40 -10.54 -2.70
CA GLN I 32 -32.78 -9.92 -3.86
C GLN I 32 -32.13 -10.93 -4.80
N ARG I 33 -32.69 -12.13 -4.91
CA ARG I 33 -32.09 -13.17 -5.75
C ARG I 33 -32.22 -12.86 -7.24
N ASP I 34 -33.10 -11.95 -7.62
CA ASP I 34 -33.24 -11.58 -9.02
C ASP I 34 -32.30 -10.46 -9.43
N ALA I 35 -31.98 -9.55 -8.50
CA ALA I 35 -31.00 -8.50 -8.74
C ALA I 35 -29.62 -8.93 -8.24
N SER I 36 -29.17 -10.09 -8.74
CA SER I 36 -28.03 -10.79 -8.18
C SER I 36 -26.86 -10.89 -9.16
N GLN I 37 -26.65 -9.87 -9.97
CA GLN I 37 -25.45 -9.81 -10.79
C GLN I 37 -24.31 -9.09 -10.10
N GLU I 38 -24.56 -8.50 -8.94
CA GLU I 38 -23.55 -7.77 -8.19
C GLU I 38 -23.24 -8.39 -6.84
N TRP I 39 -23.59 -9.65 -6.63
CA TRP I 39 -23.40 -10.28 -5.34
C TRP I 39 -21.92 -10.51 -5.06
N PRO I 40 -21.46 -10.25 -3.84
CA PRO I 40 -20.04 -10.45 -3.53
C PRO I 40 -19.69 -11.92 -3.43
N ALA I 41 -18.50 -12.26 -3.89
CA ALA I 41 -18.06 -13.64 -3.87
C ALA I 41 -17.76 -14.10 -2.46
N VAL I 42 -17.77 -15.42 -2.26
CA VAL I 42 -17.37 -16.01 -0.99
C VAL I 42 -15.91 -16.39 -1.08
N THR I 43 -15.07 -15.65 -0.35
CA THR I 43 -13.65 -15.92 -0.33
C THR I 43 -13.37 -17.13 0.55
N VAL I 44 -12.29 -17.83 0.25
CA VAL I 44 -11.81 -18.88 1.12
C VAL I 44 -10.89 -18.25 2.15
N ARG I 45 -11.01 -18.70 3.40
CA ARG I 45 -10.19 -18.20 4.48
C ARG I 45 -9.47 -19.35 5.14
N GLU I 46 -8.47 -19.02 5.94
CA GLU I 46 -7.70 -20.01 6.67
C GLU I 46 -8.14 -20.00 8.12
N LYS I 47 -8.31 -21.17 8.70
CA LYS I 47 -8.59 -21.25 10.14
C LYS I 47 -7.93 -22.50 10.68
N SER I 48 -7.45 -22.42 11.91
CA SER I 48 -6.70 -23.51 12.50
C SER I 48 -7.62 -24.41 13.30
N VAL I 49 -7.43 -25.71 13.16
CA VAL I 49 -8.21 -26.70 13.90
C VAL I 49 -7.26 -27.59 14.67
N ARG I 50 -7.62 -27.85 15.92
CA ARG I 50 -6.88 -28.73 16.81
C ARG I 50 -7.80 -29.88 17.19
N GLY I 51 -7.28 -31.10 17.22
CA GLY I 51 -8.11 -32.23 17.56
C GLY I 51 -7.34 -33.27 18.34
N THR I 52 -8.07 -34.11 19.05
CA THR I 52 -7.47 -35.27 19.68
C THR I 52 -7.44 -36.42 18.69
N ILE I 53 -7.10 -37.61 19.14
CA ILE I 53 -7.17 -38.80 18.30
C ILE I 53 -8.56 -39.38 18.42
N SER I 54 -9.31 -39.32 17.32
CA SER I 54 -10.59 -39.99 17.21
C SER I 54 -10.57 -41.06 16.12
N ASN I 55 -9.41 -41.35 15.54
CA ASN I 55 -9.31 -42.42 14.57
C ASN I 55 -9.45 -43.77 15.26
N ARG I 56 -9.78 -44.79 14.46
CA ARG I 56 -9.85 -46.16 14.94
C ARG I 56 -8.43 -46.71 15.03
N LEU I 57 -7.76 -46.39 16.14
CA LEU I 57 -6.39 -46.80 16.34
C LEU I 57 -6.30 -48.31 16.56
N LYS I 58 -5.07 -48.80 16.49
CA LYS I 58 -4.80 -50.23 16.27
C LYS I 58 -5.27 -51.09 17.43
N THR I 59 -5.46 -52.37 17.15
CA THR I 59 -5.94 -53.32 18.13
C THR I 59 -4.86 -53.78 19.10
N LYS I 60 -3.64 -53.25 18.99
CA LYS I 60 -2.55 -53.59 19.90
C LYS I 60 -2.05 -52.40 20.70
N ASP I 61 -1.83 -51.26 20.05
CA ASP I 61 -1.18 -50.12 20.70
C ASP I 61 -2.25 -49.17 21.26
N ARG I 62 -3.02 -49.70 22.20
CA ARG I 62 -4.02 -48.95 22.97
C ARG I 62 -3.91 -49.30 24.44
N ASP I 63 -2.69 -49.24 24.97
CA ASP I 63 -2.42 -49.46 26.38
C ASP I 63 -3.08 -48.37 27.23
N PRO I 64 -3.34 -48.64 28.54
CA PRO I 64 -3.98 -47.63 29.39
C PRO I 64 -3.21 -46.32 29.54
N ALA I 65 -1.92 -46.40 29.90
CA ALA I 65 -1.15 -45.18 30.07
C ALA I 65 -0.70 -44.60 28.75
N LYS I 66 -0.56 -45.44 27.72
CA LYS I 66 -0.07 -44.96 26.43
C LYS I 66 -1.10 -44.11 25.72
N LEU I 67 -2.38 -44.42 25.88
CA LEU I 67 -3.42 -43.60 25.27
C LEU I 67 -3.52 -42.24 25.95
N ASP I 68 -3.38 -42.22 27.27
CA ASP I 68 -3.39 -40.95 28.00
C ASP I 68 -2.14 -40.14 27.70
N ALA I 69 -1.03 -40.81 27.39
CA ALA I 69 0.17 -40.07 27.00
C ALA I 69 0.07 -39.55 25.58
N SER I 70 -0.64 -40.27 24.70
CA SER I 70 -0.80 -39.83 23.32
C SER I 70 -1.92 -38.82 23.17
N ILE I 71 -2.78 -38.67 24.17
CA ILE I 71 -3.88 -37.73 24.09
C ILE I 71 -3.47 -36.34 24.58
N GLN I 72 -2.44 -36.24 25.43
CA GLN I 72 -1.93 -34.97 25.92
C GLN I 72 -1.36 -34.09 24.82
N SER I 73 -0.94 -34.66 23.69
CA SER I 73 -0.42 -33.89 22.57
C SER I 73 -1.39 -33.96 21.40
N PRO I 74 -2.25 -32.97 21.23
CA PRO I 74 -3.24 -33.02 20.16
C PRO I 74 -2.63 -32.62 18.82
N ASN I 75 -3.29 -33.03 17.74
CA ASN I 75 -2.79 -32.77 16.36
C ASN I 75 -3.44 -31.51 15.81
N LEU I 76 -2.62 -30.62 15.26
CA LEU I 76 -2.99 -29.30 14.79
C LEU I 76 -2.82 -29.15 13.29
N GLN I 77 -3.68 -28.35 12.68
CA GLN I 77 -3.58 -28.08 11.26
C GLN I 77 -4.26 -26.74 10.98
N THR I 78 -4.09 -26.27 9.75
CA THR I 78 -4.70 -25.02 9.28
C THR I 78 -5.50 -25.34 8.04
N VAL I 79 -6.79 -25.54 8.21
CA VAL I 79 -7.65 -25.89 7.09
C VAL I 79 -8.15 -24.62 6.43
N ASP I 80 -8.71 -24.77 5.24
CA ASP I 80 -9.44 -23.70 4.57
C ASP I 80 -10.94 -23.87 4.77
N VAL I 81 -11.63 -22.75 4.86
CA VAL I 81 -13.07 -22.74 5.03
C VAL I 81 -13.67 -21.73 4.08
N ALA I 82 -14.89 -22.00 3.64
CA ALA I 82 -15.68 -21.05 2.90
C ALA I 82 -16.98 -20.87 3.64
N ASN I 83 -17.22 -19.67 4.14
CA ASN I 83 -18.43 -19.38 4.88
C ASN I 83 -19.16 -18.25 4.18
N LEU I 84 -20.48 -18.30 4.22
CA LEU I 84 -21.26 -17.14 3.82
C LEU I 84 -21.01 -15.99 4.79
N PRO I 85 -21.02 -14.75 4.34
CA PRO I 85 -20.93 -13.63 5.27
C PRO I 85 -22.18 -13.56 6.13
N SER I 86 -22.05 -12.94 7.30
CA SER I 86 -23.06 -13.05 8.34
C SER I 86 -24.35 -12.29 8.03
N ASP I 87 -24.39 -11.52 6.96
CA ASP I 87 -25.63 -10.90 6.51
C ASP I 87 -26.27 -11.67 5.37
N ALA I 88 -25.46 -12.27 4.51
CA ALA I 88 -25.99 -13.04 3.39
C ALA I 88 -26.59 -14.35 3.87
N ASP I 89 -27.66 -14.75 3.21
CA ASP I 89 -28.46 -15.88 3.64
C ASP I 89 -28.42 -17.04 2.66
N THR I 90 -28.22 -16.79 1.36
CA THR I 90 -28.22 -17.82 0.34
C THR I 90 -26.95 -17.77 -0.48
N LEU I 91 -26.64 -18.91 -1.07
CA LEU I 91 -25.47 -19.13 -1.91
C LEU I 91 -25.91 -19.23 -3.36
N LYS I 92 -25.27 -18.46 -4.23
CA LYS I 92 -25.53 -18.49 -5.67
C LYS I 92 -24.36 -19.17 -6.36
N VAL I 93 -24.65 -20.22 -7.10
CA VAL I 93 -23.65 -21.00 -7.83
C VAL I 93 -23.97 -20.84 -9.31
N ARG I 94 -23.06 -20.23 -10.06
CA ARG I 94 -23.30 -19.90 -11.45
C ARG I 94 -22.26 -20.55 -12.33
N PHE I 95 -22.72 -21.20 -13.41
CA PHE I 95 -21.80 -21.71 -14.42
C PHE I 95 -22.48 -21.66 -15.78
N THR I 96 -21.71 -21.93 -16.83
CA THR I 96 -22.16 -21.84 -18.20
C THR I 96 -21.92 -23.18 -18.87
N LEU I 97 -22.98 -23.84 -19.29
CA LEU I 97 -22.89 -25.15 -19.91
C LEU I 97 -23.16 -25.02 -21.39
N ARG I 98 -22.22 -25.46 -22.22
CA ARG I 98 -22.40 -25.52 -23.66
C ARG I 98 -22.49 -26.96 -24.11
N VAL I 99 -23.52 -27.28 -24.88
CA VAL I 99 -23.73 -28.63 -25.39
C VAL I 99 -23.31 -28.63 -26.86
N LEU I 100 -22.28 -29.40 -27.18
CA LEU I 100 -21.61 -29.24 -28.47
C LEU I 100 -22.41 -29.88 -29.61
N GLY I 101 -22.61 -31.18 -29.56
CA GLY I 101 -23.39 -31.82 -30.59
C GLY I 101 -22.53 -32.64 -31.53
N GLY I 102 -23.20 -33.57 -32.23
CA GLY I 102 -22.49 -34.55 -33.03
C GLY I 102 -21.87 -35.59 -32.13
N ALA I 103 -22.72 -36.34 -31.43
CA ALA I 103 -22.26 -37.16 -30.30
C ALA I 103 -21.41 -38.34 -30.77
N GLY I 104 -21.96 -39.19 -31.61
CA GLY I 104 -21.28 -40.42 -31.98
C GLY I 104 -20.12 -40.27 -32.95
N THR I 105 -19.73 -39.06 -33.30
CA THR I 105 -18.59 -38.84 -34.19
C THR I 105 -17.30 -38.97 -33.39
N PRO I 106 -16.45 -39.95 -33.70
CA PRO I 106 -15.22 -40.12 -32.92
C PRO I 106 -14.20 -39.04 -33.25
N SER I 107 -13.49 -38.60 -32.22
CA SER I 107 -12.40 -37.65 -32.43
C SER I 107 -11.25 -38.29 -33.18
N ALA I 108 -10.95 -39.55 -32.86
CA ALA I 108 -9.90 -40.30 -33.53
C ALA I 108 -10.37 -41.72 -33.71
N CYS I 109 -10.27 -42.23 -34.94
CA CYS I 109 -10.62 -43.61 -35.25
C CYS I 109 -9.55 -44.19 -36.15
N ASN I 110 -8.99 -45.33 -35.75
CA ASN I 110 -7.96 -45.98 -36.54
C ASN I 110 -8.53 -46.59 -37.81
N ASP I 111 -9.44 -47.54 -37.65
CA ASP I 111 -10.05 -48.20 -38.80
C ASP I 111 -11.09 -47.29 -39.45
N ALA I 112 -11.17 -47.36 -40.78
CA ALA I 112 -12.14 -46.57 -41.52
C ALA I 112 -13.48 -47.27 -41.66
N ALA I 113 -13.46 -48.58 -41.91
CA ALA I 113 -14.70 -49.34 -42.01
C ALA I 113 -15.40 -49.43 -40.67
N TYR I 114 -14.62 -49.55 -39.59
CA TYR I 114 -15.19 -49.53 -38.25
C TYR I 114 -15.76 -48.16 -37.91
N ARG I 115 -15.13 -47.09 -38.43
CA ARG I 115 -15.68 -45.75 -38.26
C ARG I 115 -17.01 -45.59 -38.99
N ASP I 116 -17.10 -46.11 -40.21
CA ASP I 116 -18.34 -46.04 -40.98
C ASP I 116 -19.44 -46.86 -40.31
N LYS I 117 -19.08 -48.04 -39.80
CA LYS I 117 -20.07 -48.87 -39.10
C LYS I 117 -20.51 -48.25 -37.79
N LEU I 118 -19.59 -47.56 -37.09
CA LEU I 118 -19.94 -46.88 -35.85
C LEU I 118 -20.89 -45.70 -36.13
N LEU I 119 -20.62 -44.95 -37.19
CA LEU I 119 -21.48 -43.83 -37.53
C LEU I 119 -22.85 -44.31 -38.00
N GLN I 120 -22.90 -45.44 -38.70
CA GLN I 120 -24.18 -46.00 -39.11
C GLN I 120 -24.97 -46.53 -37.92
N THR I 121 -24.28 -47.12 -36.94
CA THR I 121 -24.97 -47.60 -35.74
C THR I 121 -25.50 -46.45 -34.89
N VAL I 122 -24.72 -45.38 -34.76
CA VAL I 122 -25.17 -44.22 -33.98
C VAL I 122 -26.30 -43.51 -34.69
N ALA I 123 -26.25 -43.40 -36.02
CA ALA I 123 -27.35 -42.79 -36.77
C ALA I 123 -28.59 -43.67 -36.73
N THR I 124 -28.41 -44.99 -36.68
CA THR I 124 -29.51 -45.92 -36.48
C THR I 124 -30.20 -45.67 -35.14
N TYR I 125 -29.40 -45.50 -34.08
CA TYR I 125 -29.95 -45.22 -32.76
C TYR I 125 -30.68 -43.89 -32.74
N VAL I 126 -30.09 -42.86 -33.36
CA VAL I 126 -30.69 -41.52 -33.35
C VAL I 126 -31.99 -41.51 -34.14
N ASN I 127 -32.03 -42.26 -35.25
CA ASN I 127 -33.24 -42.31 -36.06
C ASN I 127 -34.34 -43.11 -35.38
N GLU I 128 -33.99 -44.22 -34.74
CA GLU I 128 -34.99 -45.07 -34.09
C GLU I 128 -35.61 -44.39 -32.88
N GLN I 129 -34.80 -44.06 -31.88
CA GLN I 129 -35.25 -43.37 -30.68
C GLN I 129 -34.42 -42.11 -30.49
N GLY I 130 -35.07 -40.96 -30.52
CA GLY I 130 -34.37 -39.70 -30.37
C GLY I 130 -33.79 -39.54 -28.99
N PHE I 131 -33.00 -38.47 -28.83
CA PHE I 131 -32.26 -38.19 -27.60
C PHE I 131 -33.14 -37.76 -26.44
N ALA I 132 -34.48 -37.83 -26.51
CA ALA I 132 -35.34 -37.28 -25.47
C ALA I 132 -35.13 -37.94 -24.12
N GLU I 133 -34.74 -39.21 -24.09
CA GLU I 133 -34.52 -39.88 -22.82
C GLU I 133 -33.23 -39.41 -22.16
N LEU I 134 -32.13 -39.42 -22.91
CA LEU I 134 -30.85 -38.94 -22.37
C LEU I 134 -30.90 -37.45 -22.08
N ALA I 135 -31.55 -36.67 -22.95
CA ALA I 135 -31.65 -35.24 -22.70
C ALA I 135 -32.58 -34.94 -21.54
N ARG I 136 -33.58 -35.80 -21.31
CA ARG I 136 -34.41 -35.67 -20.12
C ARG I 136 -33.61 -35.98 -18.86
N ARG I 137 -32.75 -36.99 -18.92
CA ARG I 137 -31.94 -37.33 -17.76
C ARG I 137 -30.82 -36.32 -17.51
N TYR I 138 -30.42 -35.55 -18.51
CA TYR I 138 -29.51 -34.42 -18.28
C TYR I 138 -30.26 -33.18 -17.81
N ALA I 139 -31.49 -32.99 -18.31
CA ALA I 139 -32.34 -31.90 -17.85
C ALA I 139 -32.79 -32.07 -16.42
N HIS I 140 -32.82 -33.32 -15.92
CA HIS I 140 -33.10 -33.53 -14.51
C HIS I 140 -31.94 -33.07 -13.65
N ASN I 141 -30.70 -33.36 -14.05
CA ASN I 141 -29.55 -32.93 -13.26
C ASN I 141 -29.31 -31.43 -13.39
N LEU I 142 -29.74 -30.83 -14.50
CA LEU I 142 -29.76 -29.37 -14.54
C LEU I 142 -30.93 -28.81 -13.73
N ALA I 143 -32.02 -29.56 -13.59
CA ALA I 143 -33.21 -29.04 -12.93
C ALA I 143 -33.10 -29.16 -11.42
N ASN I 144 -33.02 -30.39 -10.89
CA ASN I 144 -32.67 -30.55 -9.49
C ASN I 144 -31.18 -30.32 -9.37
N ALA I 145 -30.79 -29.38 -8.51
CA ALA I 145 -29.42 -28.91 -8.51
C ALA I 145 -28.51 -29.90 -7.84
N ARG I 146 -28.19 -31.00 -8.53
CA ARG I 146 -27.23 -31.94 -8.01
C ARG I 146 -25.82 -31.39 -8.09
N PHE I 147 -25.58 -30.39 -8.94
CA PHE I 147 -24.23 -29.90 -9.17
C PHE I 147 -23.66 -29.13 -8.00
N LEU I 148 -24.50 -28.68 -7.06
CA LEU I 148 -24.02 -28.32 -5.74
C LEU I 148 -24.10 -29.58 -4.90
N TRP I 149 -22.95 -30.17 -4.61
CA TRP I 149 -22.94 -31.54 -4.08
C TRP I 149 -23.34 -31.58 -2.61
N ARG I 150 -22.53 -30.96 -1.75
CA ARG I 150 -22.84 -30.91 -0.33
C ARG I 150 -23.46 -29.58 0.08
N ASN I 151 -23.54 -28.62 -0.83
CA ASN I 151 -24.24 -27.37 -0.58
C ASN I 151 -25.75 -27.51 -0.75
N ARG I 152 -26.23 -28.69 -1.12
CA ARG I 152 -27.64 -28.96 -1.37
C ARG I 152 -28.36 -29.49 -0.14
N VAL I 153 -27.73 -30.43 0.59
CA VAL I 153 -28.37 -31.05 1.73
C VAL I 153 -28.48 -30.07 2.88
N GLY I 154 -29.67 -29.95 3.44
CA GLY I 154 -29.90 -29.03 4.53
C GLY I 154 -30.32 -27.64 4.11
N ALA I 155 -30.40 -27.37 2.82
CA ALA I 155 -30.97 -26.11 2.36
C ALA I 155 -32.48 -26.25 2.29
N GLU I 156 -33.19 -25.19 2.67
CA GLU I 156 -34.63 -25.22 2.67
C GLU I 156 -35.24 -24.74 1.36
N ALA I 157 -34.44 -24.17 0.47
CA ALA I 157 -34.96 -23.70 -0.81
C ALA I 157 -33.80 -23.70 -1.80
N VAL I 158 -33.79 -24.66 -2.70
CA VAL I 158 -32.85 -24.69 -3.81
C VAL I 158 -33.65 -24.46 -5.07
N GLU I 159 -33.35 -23.40 -5.79
CA GLU I 159 -34.02 -23.15 -7.05
C GLU I 159 -33.01 -22.73 -8.11
N VAL I 160 -33.20 -23.21 -9.32
CA VAL I 160 -32.28 -22.93 -10.41
C VAL I 160 -32.98 -22.02 -11.42
N ARG I 161 -32.20 -21.12 -12.00
CA ARG I 161 -32.65 -20.27 -13.10
C ARG I 161 -31.69 -20.54 -14.24
N ILE I 162 -32.18 -21.19 -15.29
CA ILE I 162 -31.35 -21.52 -16.44
C ILE I 162 -31.92 -20.81 -17.66
N ASN I 163 -31.06 -20.11 -18.37
CA ASN I 163 -31.50 -19.41 -19.57
C ASN I 163 -30.60 -19.76 -20.74
N HIS I 164 -31.22 -20.24 -21.81
CA HIS I 164 -30.53 -20.51 -23.05
C HIS I 164 -30.35 -19.21 -23.79
N ILE I 165 -29.10 -18.94 -24.18
CA ILE I 165 -28.72 -17.71 -24.86
C ILE I 165 -28.20 -18.07 -26.25
N ARG I 166 -28.57 -17.28 -27.25
CA ARG I 166 -28.17 -17.59 -28.61
C ARG I 166 -26.90 -16.85 -29.01
N GLN I 167 -26.94 -15.51 -29.00
CA GLN I 167 -25.80 -14.70 -29.41
C GLN I 167 -25.59 -13.54 -28.45
N GLY I 168 -25.60 -13.82 -27.16
CA GLY I 168 -25.39 -12.79 -26.15
C GLY I 168 -26.65 -12.18 -25.58
N GLU I 169 -27.80 -12.81 -25.78
CA GLU I 169 -29.06 -12.33 -25.24
C GLU I 169 -29.86 -13.54 -24.77
N VAL I 170 -30.68 -13.35 -23.74
CA VAL I 170 -31.47 -14.45 -23.20
C VAL I 170 -32.55 -14.81 -24.20
N ALA I 171 -32.44 -16.01 -24.78
CA ALA I 171 -33.41 -16.46 -25.76
C ALA I 171 -34.55 -17.24 -25.15
N ARG I 172 -34.29 -18.00 -24.08
CA ARG I 172 -35.39 -18.68 -23.38
C ARG I 172 -35.03 -18.97 -21.93
N THR I 173 -35.86 -18.54 -20.99
CA THR I 173 -35.56 -18.68 -19.58
C THR I 173 -36.44 -19.74 -18.93
N TRP I 174 -36.01 -20.17 -17.74
CA TRP I 174 -36.69 -21.21 -16.98
C TRP I 174 -36.60 -20.87 -15.50
N ARG I 175 -37.31 -21.66 -14.70
CA ARG I 175 -37.28 -21.58 -13.24
C ARG I 175 -37.79 -22.90 -12.70
N PHE I 176 -36.99 -23.55 -11.84
CA PHE I 176 -37.36 -24.83 -11.27
C PHE I 176 -37.30 -24.73 -9.75
N ASP I 177 -37.70 -25.82 -9.10
CA ASP I 177 -37.64 -25.94 -7.64
C ASP I 177 -36.94 -27.25 -7.35
N ALA I 178 -35.66 -27.17 -6.98
CA ALA I 178 -34.80 -28.35 -6.97
C ALA I 178 -35.14 -29.31 -5.84
N LEU I 179 -35.78 -28.83 -4.78
CA LEU I 179 -36.16 -29.74 -3.71
C LEU I 179 -37.43 -30.51 -4.05
N ALA I 180 -38.33 -29.89 -4.82
CA ALA I 180 -39.54 -30.57 -5.25
C ALA I 180 -39.23 -31.68 -6.25
N ILE I 181 -38.33 -31.41 -7.19
CA ILE I 181 -37.84 -32.44 -8.08
C ILE I 181 -36.97 -33.40 -7.30
N GLY I 182 -37.24 -34.70 -7.45
CA GLY I 182 -36.49 -35.69 -6.70
C GLY I 182 -35.07 -35.86 -7.19
N LEU I 183 -34.21 -36.28 -6.28
CA LEU I 183 -32.86 -36.69 -6.64
C LEU I 183 -32.78 -38.17 -7.00
N ARG I 184 -33.85 -38.92 -6.75
CA ARG I 184 -33.83 -40.37 -6.92
C ARG I 184 -34.49 -40.82 -8.22
N ASP I 185 -35.76 -40.47 -8.42
CA ASP I 185 -36.52 -40.93 -9.56
C ASP I 185 -36.62 -39.84 -10.62
N PHE I 186 -36.56 -40.24 -11.88
CA PHE I 186 -36.68 -39.33 -13.02
C PHE I 186 -38.13 -39.33 -13.48
N LYS I 187 -38.87 -38.29 -13.11
CA LYS I 187 -40.28 -38.16 -13.46
C LYS I 187 -40.47 -36.82 -14.17
N ALA I 188 -41.14 -36.85 -15.31
CA ALA I 188 -41.11 -35.76 -16.26
C ALA I 188 -42.03 -34.61 -15.87
N ASP I 189 -41.93 -33.53 -16.63
CA ASP I 189 -42.73 -32.31 -16.51
C ASP I 189 -42.60 -31.58 -17.84
N ALA I 190 -43.58 -30.71 -18.13
CA ALA I 190 -43.68 -30.07 -19.45
C ALA I 190 -42.49 -29.16 -19.74
N GLU I 191 -42.08 -28.37 -18.75
CA GLU I 191 -40.90 -27.52 -18.93
C GLU I 191 -39.63 -28.35 -19.01
N LEU I 192 -39.59 -29.48 -18.29
CA LEU I 192 -38.46 -30.39 -18.41
C LEU I 192 -38.38 -30.99 -19.79
N ASP I 193 -39.54 -31.31 -20.40
CA ASP I 193 -39.51 -31.84 -21.77
C ASP I 193 -39.15 -30.76 -22.77
N ALA I 194 -39.53 -29.49 -22.53
CA ALA I 194 -39.11 -28.42 -23.43
C ALA I 194 -37.60 -28.20 -23.35
N LEU I 195 -37.06 -28.22 -22.13
CA LEU I 195 -35.62 -28.10 -21.93
C LEU I 195 -34.88 -29.31 -22.50
N ALA I 196 -35.48 -30.49 -22.41
CA ALA I 196 -34.88 -31.68 -22.99
C ALA I 196 -34.90 -31.63 -24.50
N GLU I 197 -35.94 -31.05 -25.10
CA GLU I 197 -35.94 -30.85 -26.55
C GLU I 197 -34.86 -29.87 -26.97
N LEU I 198 -34.63 -28.84 -26.15
CA LEU I 198 -33.55 -27.90 -26.44
C LEU I 198 -32.18 -28.57 -26.35
N ILE I 199 -31.96 -29.37 -25.30
CA ILE I 199 -30.71 -30.09 -25.12
C ILE I 199 -30.51 -31.14 -26.21
N ALA I 200 -31.59 -31.79 -26.64
CA ALA I 200 -31.49 -32.81 -27.69
C ALA I 200 -31.25 -32.18 -29.05
N SER I 201 -31.82 -31.01 -29.31
CA SER I 201 -31.50 -30.28 -30.53
C SER I 201 -30.06 -29.77 -30.51
N GLY I 202 -29.55 -29.45 -29.32
CA GLY I 202 -28.14 -29.10 -29.21
C GLY I 202 -27.23 -30.28 -29.44
N LEU I 203 -27.65 -31.47 -28.99
CA LEU I 203 -26.83 -32.67 -29.11
C LEU I 203 -26.78 -33.24 -30.52
N SER I 204 -27.70 -32.82 -31.39
CA SER I 204 -27.58 -33.16 -32.80
C SER I 204 -26.45 -32.35 -33.44
N GLY I 205 -26.01 -32.80 -34.62
CA GLY I 205 -24.79 -32.29 -35.22
C GLY I 205 -24.79 -30.89 -35.80
N SER I 206 -25.79 -30.07 -35.45
CA SER I 206 -25.86 -28.71 -35.98
C SER I 206 -24.77 -27.84 -35.39
N GLY I 207 -24.74 -27.71 -34.08
CA GLY I 207 -23.81 -26.81 -33.43
C GLY I 207 -24.16 -26.70 -31.97
N HIS I 208 -23.32 -25.96 -31.24
CA HIS I 208 -23.46 -25.88 -29.80
C HIS I 208 -24.69 -25.06 -29.40
N VAL I 209 -25.37 -25.52 -28.36
CA VAL I 209 -26.39 -24.74 -27.71
C VAL I 209 -25.79 -24.31 -26.37
N LEU I 210 -26.31 -23.22 -25.81
CA LEU I 210 -25.62 -22.55 -24.72
C LEU I 210 -26.58 -22.16 -23.62
N LEU I 211 -26.35 -22.65 -22.42
CA LEU I 211 -27.19 -22.34 -21.27
C LEU I 211 -26.33 -21.69 -20.19
N GLU I 212 -26.90 -20.70 -19.52
CA GLU I 212 -26.34 -20.17 -18.29
C GLU I 212 -27.17 -20.72 -17.15
N VAL I 213 -26.52 -21.38 -16.20
CA VAL I 213 -27.18 -22.09 -15.11
C VAL I 213 -26.82 -21.39 -13.81
N VAL I 214 -27.82 -20.82 -13.14
CA VAL I 214 -27.65 -20.22 -11.82
C VAL I 214 -28.44 -21.08 -10.84
N ALA I 215 -27.91 -21.24 -9.63
CA ALA I 215 -28.61 -22.01 -8.61
C ALA I 215 -28.49 -21.29 -7.28
N PHE I 216 -29.63 -20.94 -6.69
CA PHE I 216 -29.67 -20.29 -5.40
C PHE I 216 -30.12 -21.29 -4.35
N ALA I 217 -29.30 -21.46 -3.31
CA ALA I 217 -29.61 -22.36 -2.21
C ALA I 217 -29.65 -21.55 -0.92
N ARG I 218 -30.79 -21.57 -0.25
CA ARG I 218 -30.97 -20.84 1.01
C ARG I 218 -30.37 -21.65 2.15
N ILE I 219 -29.03 -21.64 2.20
CA ILE I 219 -28.33 -22.59 3.06
C ILE I 219 -28.35 -22.14 4.52
N GLY I 220 -28.39 -20.85 4.79
CA GLY I 220 -28.40 -20.37 6.16
C GLY I 220 -27.63 -19.07 6.26
N ASP I 221 -27.77 -18.46 7.43
CA ASP I 221 -27.30 -17.09 7.66
C ASP I 221 -25.87 -17.14 8.17
N GLY I 222 -24.92 -17.29 7.25
CA GLY I 222 -23.53 -17.33 7.62
C GLY I 222 -22.96 -18.72 7.78
N GLN I 223 -23.57 -19.73 7.17
CA GLN I 223 -23.16 -21.11 7.36
C GLN I 223 -21.93 -21.42 6.50
N GLU I 224 -21.59 -22.70 6.40
CA GLU I 224 -20.43 -23.14 5.65
C GLU I 224 -20.88 -23.64 4.28
N VAL I 225 -20.20 -23.19 3.24
CA VAL I 225 -20.41 -23.70 1.90
C VAL I 225 -19.17 -24.45 1.48
N PHE I 226 -19.35 -25.42 0.59
CA PHE I 226 -18.32 -26.40 0.28
C PHE I 226 -17.97 -26.34 -1.19
N PRO I 227 -16.93 -25.63 -1.58
CA PRO I 227 -16.38 -25.76 -2.93
C PRO I 227 -15.47 -26.98 -2.98
N SER I 228 -15.00 -27.28 -4.18
CA SER I 228 -14.20 -28.49 -4.36
C SER I 228 -12.79 -28.27 -3.83
N GLN I 229 -12.15 -29.35 -3.41
CA GLN I 229 -10.80 -29.30 -2.89
C GLN I 229 -9.83 -29.59 -4.02
N GLU I 230 -8.56 -29.81 -3.67
CA GLU I 230 -7.50 -29.98 -4.67
C GLU I 230 -6.60 -31.13 -4.26
N LEU I 231 -6.05 -31.80 -5.26
CA LEU I 231 -4.94 -32.72 -5.04
C LEU I 231 -3.63 -31.97 -5.23
N ILE I 232 -2.69 -32.17 -4.31
CA ILE I 232 -1.41 -31.51 -4.42
C ILE I 232 -0.33 -32.54 -4.65
N LEU I 233 -0.44 -33.68 -3.94
CA LEU I 233 0.42 -34.87 -3.96
C LEU I 233 1.81 -34.64 -3.39
N ASP I 234 2.14 -33.40 -3.04
CA ASP I 234 3.34 -33.08 -2.29
C ASP I 234 3.03 -31.81 -1.51
N LYS I 235 2.61 -31.97 -0.26
CA LYS I 235 2.21 -30.84 0.56
C LYS I 235 3.39 -30.02 1.05
N GLY I 236 4.61 -30.53 0.93
CA GLY I 236 5.80 -29.82 1.34
C GLY I 236 6.55 -30.51 2.46
N ASP I 237 7.85 -30.23 2.59
CA ASP I 237 8.66 -30.78 3.66
C ASP I 237 9.13 -29.63 4.54
N LYS I 238 8.27 -29.25 5.47
CA LYS I 238 8.52 -28.20 6.44
C LYS I 238 7.53 -28.37 7.58
N LYS I 239 7.36 -27.32 8.39
CA LYS I 239 6.39 -27.34 9.47
C LYS I 239 5.00 -26.95 8.99
N GLY I 240 4.90 -25.93 8.14
CA GLY I 240 3.62 -25.34 7.81
C GLY I 240 2.90 -25.87 6.60
N GLN I 241 2.52 -27.15 6.61
CA GLN I 241 1.70 -27.69 5.54
C GLN I 241 0.23 -27.33 5.79
N LYS I 242 -0.61 -27.65 4.80
CA LYS I 242 -2.03 -27.36 4.87
C LYS I 242 -2.81 -28.56 4.38
N SER I 243 -3.70 -29.08 5.20
CA SER I 243 -4.37 -30.34 4.91
C SER I 243 -5.42 -30.16 3.81
N LYS I 244 -6.45 -29.36 4.09
CA LYS I 244 -7.53 -29.12 3.15
C LYS I 244 -7.31 -27.75 2.52
N THR I 245 -7.20 -27.73 1.20
CA THR I 245 -7.11 -26.49 0.44
C THR I 245 -8.23 -26.44 -0.58
N LEU I 246 -9.03 -25.37 -0.54
CA LEU I 246 -10.17 -25.24 -1.42
C LEU I 246 -9.77 -24.56 -2.72
N TYR I 247 -10.70 -24.55 -3.67
CA TYR I 247 -10.42 -24.13 -5.04
C TYR I 247 -10.93 -22.72 -5.26
N SER I 248 -10.12 -21.89 -5.91
CA SER I 248 -10.46 -20.50 -6.15
C SER I 248 -10.00 -20.09 -7.53
N VAL I 249 -10.80 -19.26 -8.19
CA VAL I 249 -10.50 -18.80 -9.54
C VAL I 249 -9.90 -17.40 -9.54
N ARG I 250 -10.65 -16.41 -9.07
CA ARG I 250 -10.23 -15.02 -8.98
C ARG I 250 -10.57 -14.48 -7.60
N ASP I 251 -10.16 -15.23 -6.57
CA ASP I 251 -10.46 -15.12 -5.13
C ASP I 251 -11.90 -15.47 -4.83
N ALA I 252 -12.62 -16.09 -5.77
CA ALA I 252 -13.97 -16.61 -5.54
C ALA I 252 -13.87 -18.12 -5.40
N ALA I 253 -14.48 -18.66 -4.35
CA ALA I 253 -14.50 -20.11 -4.17
C ALA I 253 -15.38 -20.75 -5.23
N ALA I 254 -14.83 -21.75 -5.92
CA ALA I 254 -15.51 -22.33 -7.07
C ALA I 254 -15.53 -23.84 -6.97
N ILE I 255 -16.48 -24.44 -7.68
CA ILE I 255 -16.57 -25.89 -7.81
C ILE I 255 -15.90 -26.26 -9.13
N HIS I 256 -15.12 -27.34 -9.13
CA HIS I 256 -14.38 -27.78 -10.30
C HIS I 256 -15.32 -28.12 -11.45
N SER I 257 -14.82 -27.95 -12.67
CA SER I 257 -15.64 -28.20 -13.85
C SER I 257 -15.96 -29.67 -14.00
N GLN I 258 -15.01 -30.55 -13.68
CA GLN I 258 -15.28 -31.98 -13.77
C GLN I 258 -16.16 -32.46 -12.63
N LYS I 259 -16.21 -31.73 -11.52
CA LYS I 259 -17.18 -32.03 -10.46
C LYS I 259 -18.59 -31.77 -10.94
N ILE I 260 -18.80 -30.65 -11.64
CA ILE I 260 -20.10 -30.33 -12.23
C ILE I 260 -20.44 -31.32 -13.33
N GLY I 261 -19.46 -31.72 -14.12
CA GLY I 261 -19.70 -32.71 -15.16
C GLY I 261 -20.07 -34.06 -14.61
N ASN I 262 -19.42 -34.48 -13.52
CA ASN I 262 -19.77 -35.74 -12.87
C ASN I 262 -21.13 -35.65 -12.22
N ALA I 263 -21.55 -34.47 -11.76
CA ALA I 263 -22.89 -34.36 -11.24
C ALA I 263 -23.94 -34.35 -12.34
N LEU I 264 -23.58 -33.86 -13.53
CA LEU I 264 -24.51 -33.93 -14.65
C LEU I 264 -24.62 -35.33 -15.22
N ARG I 265 -23.57 -36.14 -15.11
CA ARG I 265 -23.57 -37.43 -15.76
C ARG I 265 -24.20 -38.55 -14.95
N THR I 266 -24.65 -38.31 -13.71
CA THR I 266 -25.27 -39.38 -12.94
C THR I 266 -26.70 -39.60 -13.46
N ILE I 267 -26.80 -40.36 -14.55
CA ILE I 267 -28.10 -40.58 -15.16
C ILE I 267 -28.42 -42.06 -15.24
N ASP I 268 -27.42 -42.94 -15.20
CA ASP I 268 -27.72 -44.33 -15.52
C ASP I 268 -28.16 -45.06 -14.25
N THR I 269 -29.32 -45.71 -14.34
CA THR I 269 -29.88 -46.54 -13.28
C THR I 269 -30.17 -47.93 -13.81
N TRP I 270 -29.30 -48.43 -14.69
CA TRP I 270 -29.47 -49.72 -15.32
C TRP I 270 -28.37 -50.70 -14.92
N TYR I 271 -27.52 -50.33 -13.98
CA TYR I 271 -26.48 -51.23 -13.51
C TYR I 271 -27.12 -52.37 -12.71
N PRO I 272 -26.62 -53.61 -12.88
CA PRO I 272 -27.40 -54.78 -12.45
C PRO I 272 -27.39 -55.07 -10.96
N ASP I 273 -26.37 -54.60 -10.24
CA ASP I 273 -26.13 -55.08 -8.89
C ASP I 273 -27.15 -54.54 -7.89
N GLU I 274 -27.59 -53.31 -8.06
CA GLU I 274 -28.50 -52.68 -7.12
C GLU I 274 -29.74 -52.14 -7.83
N ASP I 275 -30.78 -51.91 -7.04
CA ASP I 275 -32.03 -51.35 -7.54
C ASP I 275 -32.64 -50.30 -6.64
N GLY I 276 -31.96 -49.89 -5.56
CA GLY I 276 -32.49 -48.90 -4.66
C GLY I 276 -31.49 -47.84 -4.24
N LEU I 277 -30.24 -47.99 -4.68
CA LEU I 277 -29.21 -47.00 -4.33
C LEU I 277 -29.45 -45.67 -5.02
N GLY I 278 -29.84 -45.71 -6.29
CA GLY I 278 -29.97 -44.51 -7.08
C GLY I 278 -29.02 -44.52 -8.25
N PRO I 279 -29.07 -43.47 -9.07
CA PRO I 279 -28.20 -43.43 -10.24
C PRO I 279 -26.75 -43.17 -9.87
N ILE I 280 -25.85 -43.77 -10.64
CA ILE I 280 -24.42 -43.52 -10.49
C ILE I 280 -23.99 -42.77 -11.74
N ALA I 281 -22.75 -42.32 -11.79
CA ALA I 281 -22.27 -41.62 -12.98
C ALA I 281 -22.05 -42.59 -14.12
N VAL I 282 -22.19 -42.09 -15.34
CA VAL I 282 -21.96 -42.90 -16.53
C VAL I 282 -20.45 -43.05 -16.71
N GLU I 283 -19.96 -44.28 -16.56
CA GLU I 283 -18.54 -44.52 -16.64
C GLU I 283 -18.35 -45.93 -17.17
N PRO I 284 -17.35 -46.18 -18.01
CA PRO I 284 -17.03 -47.58 -18.37
C PRO I 284 -16.54 -48.33 -17.16
N TYR I 285 -17.11 -49.51 -16.93
CA TYR I 285 -17.05 -50.24 -15.66
C TYR I 285 -17.45 -49.31 -14.52
N GLY I 286 -18.75 -48.97 -14.51
CA GLY I 286 -19.31 -47.91 -13.69
C GLY I 286 -18.98 -48.01 -12.21
N SER I 287 -18.10 -47.12 -11.77
CA SER I 287 -17.39 -47.24 -10.50
C SER I 287 -17.57 -45.94 -9.74
N VAL I 288 -18.45 -45.97 -8.72
CA VAL I 288 -18.62 -44.82 -7.87
C VAL I 288 -17.35 -44.60 -7.05
N THR I 289 -16.84 -43.37 -7.09
CA THR I 289 -15.62 -43.06 -6.36
C THR I 289 -15.89 -42.83 -4.87
N SER I 290 -17.14 -42.55 -4.51
CA SER I 290 -17.49 -42.44 -3.10
C SER I 290 -17.59 -43.81 -2.45
N GLN I 291 -18.26 -44.75 -3.12
CA GLN I 291 -18.40 -46.11 -2.57
C GLN I 291 -17.06 -46.82 -2.54
N GLY I 292 -16.30 -46.76 -3.62
CA GLY I 292 -15.03 -47.43 -3.71
C GLY I 292 -15.06 -48.78 -4.39
N LYS I 293 -16.20 -49.17 -4.94
CA LYS I 293 -16.33 -50.42 -5.69
C LYS I 293 -16.69 -50.08 -7.13
N ALA I 294 -17.02 -51.11 -7.90
CA ALA I 294 -17.30 -50.91 -9.32
C ALA I 294 -18.40 -51.85 -9.77
N TYR I 295 -19.49 -51.28 -10.26
CA TYR I 295 -20.50 -52.06 -10.95
C TYR I 295 -20.07 -52.21 -12.41
N ARG I 296 -20.85 -53.00 -13.17
CA ARG I 296 -20.65 -53.22 -14.60
C ARG I 296 -19.26 -53.77 -14.92
N GLN I 297 -18.83 -54.75 -14.15
CA GLN I 297 -17.50 -55.31 -14.34
C GLN I 297 -17.47 -56.24 -15.55
N PRO I 298 -16.28 -56.54 -16.09
CA PRO I 298 -16.19 -57.53 -17.17
C PRO I 298 -16.46 -58.96 -16.75
N LYS I 299 -16.71 -59.24 -15.48
CA LYS I 299 -17.25 -60.55 -15.09
C LYS I 299 -18.61 -60.78 -15.70
N GLN I 300 -19.52 -59.82 -15.52
CA GLN I 300 -20.74 -59.78 -16.32
C GLN I 300 -20.42 -59.25 -17.71
N LYS I 301 -21.41 -59.29 -18.59
CA LYS I 301 -21.26 -58.77 -19.95
C LYS I 301 -21.93 -57.41 -20.10
N LEU I 302 -21.81 -56.55 -19.09
CA LEU I 302 -22.57 -55.29 -19.07
C LEU I 302 -21.69 -54.06 -18.84
N ASP I 303 -20.43 -54.08 -19.27
CA ASP I 303 -19.60 -52.87 -19.21
C ASP I 303 -19.90 -51.98 -20.40
N PHE I 304 -19.07 -50.98 -20.65
CA PHE I 304 -19.23 -50.23 -21.89
C PHE I 304 -18.49 -50.88 -23.05
N TYR I 305 -17.33 -51.46 -22.78
CA TYR I 305 -16.41 -51.88 -23.84
C TYR I 305 -16.98 -53.07 -24.60
N THR I 306 -17.40 -54.11 -23.88
CA THR I 306 -17.98 -55.28 -24.52
C THR I 306 -19.34 -54.97 -25.12
N LEU I 307 -20.07 -54.02 -24.52
CA LEU I 307 -21.32 -53.55 -25.12
C LEU I 307 -21.10 -52.92 -26.48
N LEU I 308 -20.13 -52.02 -26.58
CA LEU I 308 -19.80 -51.36 -27.84
C LEU I 308 -19.30 -52.37 -28.87
N ASP I 309 -18.46 -53.31 -28.43
CA ASP I 309 -17.92 -54.32 -29.33
C ASP I 309 -19.01 -55.24 -29.87
N ASN I 310 -19.82 -55.82 -28.99
CA ASN I 310 -20.88 -56.69 -29.45
C ASN I 310 -22.06 -55.94 -30.06
N TRP I 311 -22.11 -54.62 -29.98
CA TRP I 311 -23.15 -53.90 -30.69
C TRP I 311 -22.73 -53.53 -32.11
N VAL I 312 -21.55 -52.93 -32.27
CA VAL I 312 -21.24 -52.43 -33.61
C VAL I 312 -20.62 -53.51 -34.49
N LEU I 313 -19.86 -54.45 -33.91
CA LEU I 313 -19.21 -55.45 -34.75
C LEU I 313 -20.18 -56.57 -35.14
N ARG I 314 -20.67 -57.30 -34.16
CA ARG I 314 -21.46 -58.50 -34.40
C ARG I 314 -22.93 -58.20 -34.63
N ASP I 315 -23.30 -56.92 -34.62
CA ASP I 315 -24.68 -56.42 -34.79
C ASP I 315 -25.66 -56.97 -33.77
N GLU I 316 -25.16 -57.47 -32.64
CA GLU I 316 -26.00 -57.97 -31.56
C GLU I 316 -26.51 -56.77 -30.78
N ALA I 317 -27.70 -56.31 -31.15
CA ALA I 317 -28.25 -55.11 -30.53
C ALA I 317 -28.67 -55.42 -29.09
N PRO I 318 -28.24 -54.62 -28.12
CA PRO I 318 -28.55 -54.91 -26.72
C PRO I 318 -29.94 -54.41 -26.35
N ALA I 319 -30.24 -54.49 -25.06
CA ALA I 319 -31.48 -53.93 -24.53
C ALA I 319 -31.46 -52.41 -24.65
N VAL I 320 -32.66 -51.82 -24.61
CA VAL I 320 -32.81 -50.38 -24.82
C VAL I 320 -32.15 -49.58 -23.70
N GLU I 321 -32.12 -50.13 -22.48
CA GLU I 321 -31.43 -49.47 -21.38
C GLU I 321 -29.93 -49.46 -21.60
N GLN I 322 -29.38 -50.58 -22.07
CA GLN I 322 -27.94 -50.64 -22.32
C GLN I 322 -27.55 -49.82 -23.55
N GLN I 323 -28.45 -49.67 -24.52
CA GLN I 323 -28.16 -48.78 -25.63
C GLN I 323 -28.16 -47.33 -25.18
N HIS I 324 -29.08 -46.97 -24.28
CA HIS I 324 -29.06 -45.66 -23.64
C HIS I 324 -27.74 -45.43 -22.90
N TYR I 325 -27.25 -46.46 -22.21
CA TYR I 325 -26.00 -46.35 -21.47
C TYR I 325 -24.80 -46.17 -22.41
N VAL I 326 -24.79 -46.88 -23.53
CA VAL I 326 -23.67 -46.78 -24.47
C VAL I 326 -23.65 -45.40 -25.13
N ILE I 327 -24.80 -44.89 -25.53
CA ILE I 327 -24.80 -43.57 -26.17
C ILE I 327 -24.56 -42.47 -25.14
N ALA I 328 -24.95 -42.67 -23.88
CA ALA I 328 -24.56 -41.71 -22.85
C ALA I 328 -23.06 -41.75 -22.57
N ASN I 329 -22.44 -42.92 -22.70
CA ASN I 329 -20.99 -43.01 -22.57
C ASN I 329 -20.29 -42.38 -23.77
N LEU I 330 -20.91 -42.40 -24.94
CA LEU I 330 -20.34 -41.71 -26.10
C LEU I 330 -20.50 -40.19 -25.96
N ILE I 331 -21.61 -39.76 -25.37
CA ILE I 331 -21.81 -38.34 -25.09
C ILE I 331 -20.79 -37.84 -24.07
N ARG I 332 -20.48 -38.67 -23.06
CA ARG I 332 -19.51 -38.29 -22.04
C ARG I 332 -18.11 -38.16 -22.63
N GLY I 333 -17.73 -39.07 -23.51
CA GLY I 333 -16.40 -39.04 -24.09
C GLY I 333 -15.43 -39.94 -23.33
N GLY I 334 -14.39 -40.35 -24.04
CA GLY I 334 -13.41 -41.22 -23.44
C GLY I 334 -12.25 -41.44 -24.37
N VAL I 335 -11.33 -42.31 -23.93
CA VAL I 335 -10.18 -42.75 -24.71
C VAL I 335 -10.08 -44.26 -24.60
N PHE I 336 -10.16 -44.96 -25.72
CA PHE I 336 -10.11 -46.41 -25.71
C PHE I 336 -9.04 -46.94 -26.66
N MET J 1 51.50 2.58 22.54
CA MET J 1 50.20 2.66 21.89
C MET J 1 49.95 1.38 21.09
N LYS J 2 48.72 0.88 21.12
CA LYS J 2 48.40 -0.48 20.69
C LYS J 2 48.41 -0.59 19.16
N LYS J 3 48.03 -1.78 18.68
CA LYS J 3 48.03 -2.09 17.26
C LYS J 3 46.67 -1.86 16.62
N ILE J 4 45.59 -2.33 17.26
CA ILE J 4 44.25 -2.13 16.72
C ILE J 4 43.87 -0.65 16.75
N GLU J 5 44.45 0.11 17.68
CA GLU J 5 44.33 1.56 17.65
C GLU J 5 44.98 2.13 16.39
N MET J 6 46.12 1.58 15.98
CA MET J 6 46.77 2.02 14.74
C MET J 6 45.91 1.68 13.54
N ILE J 7 45.26 0.51 13.56
CA ILE J 7 44.38 0.10 12.47
C ILE J 7 43.20 1.05 12.33
N GLU J 8 42.53 1.37 13.45
CA GLU J 8 41.35 2.23 13.36
C GLU J 8 41.72 3.67 13.06
N ILE J 9 42.89 4.14 13.52
CA ILE J 9 43.34 5.49 13.18
C ILE J 9 43.70 5.58 11.69
N SER J 10 44.33 4.53 11.14
CA SER J 10 44.63 4.55 9.72
C SER J 10 43.38 4.36 8.86
N GLN J 11 42.34 3.74 9.40
CA GLN J 11 41.17 3.41 8.59
C GLN J 11 40.07 4.46 8.64
N ASN J 12 39.86 5.11 9.79
CA ASN J 12 38.61 5.86 9.98
C ASN J 12 38.64 7.24 9.32
N ARG J 13 39.81 7.86 9.20
CA ARG J 13 39.85 9.21 8.66
C ARG J 13 39.79 9.19 7.14
N GLN J 14 39.66 10.39 6.56
CA GLN J 14 39.49 10.54 5.12
C GLN J 14 40.81 10.37 4.39
N ASN J 15 40.72 10.40 3.05
CA ASN J 15 41.89 10.36 2.18
C ASN J 15 42.26 11.81 1.87
N LEU J 16 43.33 12.28 2.48
CA LEU J 16 43.80 13.65 2.26
C LEU J 16 45.24 13.65 1.76
N THR J 17 45.52 14.60 0.88
CA THR J 17 46.88 14.92 0.44
C THR J 17 47.17 16.35 0.85
N ALA J 18 48.44 16.61 1.21
CA ALA J 18 48.93 17.89 1.70
C ALA J 18 48.16 18.35 2.94
N PHE J 19 48.23 17.52 3.99
CA PHE J 19 47.65 17.82 5.28
C PHE J 19 48.70 18.17 6.32
N LEU J 20 49.98 17.93 6.03
CA LEU J 20 51.06 18.11 7.00
C LEU J 20 51.60 19.53 6.97
N HIS J 21 52.15 19.95 8.11
CA HIS J 21 52.83 21.22 8.22
C HIS J 21 54.28 21.08 7.78
N ILE J 22 54.99 22.22 7.74
CA ILE J 22 56.38 22.21 7.30
C ILE J 22 57.27 21.56 8.35
N SER J 23 57.20 22.04 9.60
CA SER J 23 58.06 21.53 10.66
C SER J 23 57.77 20.07 10.97
N GLU J 24 56.51 19.65 10.81
CA GLU J 24 56.15 18.26 11.05
C GLU J 24 56.79 17.33 10.03
N ILE J 25 56.73 17.67 8.73
CA ILE J 25 57.32 16.79 7.72
C ILE J 25 58.85 16.85 7.77
N LYS J 26 59.41 18.01 8.18
CA LYS J 26 60.87 18.08 8.32
C LYS J 26 61.34 17.28 9.52
N ALA J 27 60.52 17.21 10.57
CA ALA J 27 60.86 16.37 11.71
C ALA J 27 60.73 14.89 11.39
N ILE J 28 59.65 14.50 10.72
CA ILE J 28 59.41 13.07 10.54
C ILE J 28 60.21 12.51 9.36
N ASN J 29 60.71 13.38 8.47
CA ASN J 29 61.58 12.91 7.40
C ASN J 29 62.91 12.40 7.94
N ALA J 30 63.37 12.96 9.07
CA ALA J 30 64.50 12.42 9.80
C ALA J 30 64.10 11.36 10.81
N LYS J 31 62.82 10.98 10.86
CA LYS J 31 62.32 9.99 11.82
C LYS J 31 61.89 8.71 11.13
N LEU J 32 61.27 8.81 9.96
CA LEU J 32 60.83 7.63 9.22
C LEU J 32 62.01 6.86 8.63
N ALA J 33 61.70 5.67 8.13
CA ALA J 33 62.72 4.77 7.61
C ALA J 33 63.21 5.23 6.24
N ASP J 34 64.27 4.57 5.78
CA ASP J 34 64.94 4.96 4.54
C ASP J 34 64.13 4.62 3.30
N GLY J 35 63.14 3.73 3.42
CA GLY J 35 62.41 3.15 2.31
C GLY J 35 61.73 4.10 1.33
N VAL J 36 60.75 4.88 1.81
CA VAL J 36 60.08 5.87 0.99
C VAL J 36 60.07 7.20 1.73
N ASP J 37 60.61 8.24 1.11
CA ASP J 37 60.36 9.60 1.56
C ASP J 37 59.03 10.07 0.99
N VAL J 38 58.16 10.59 1.84
CA VAL J 38 56.80 10.96 1.46
C VAL J 38 56.65 12.47 1.57
N ASP J 39 56.16 13.07 0.50
CA ASP J 39 55.82 14.49 0.46
C ASP J 39 54.73 14.66 -0.57
N LYS J 40 53.62 15.29 -0.16
CA LYS J 40 52.36 15.35 -0.89
C LYS J 40 51.81 13.96 -1.23
N LYS J 41 52.08 12.98 -0.37
CA LYS J 41 51.59 11.63 -0.57
C LYS J 41 50.20 11.46 0.02
N SER J 42 49.53 10.38 -0.37
CA SER J 42 48.20 10.11 0.14
C SER J 42 48.26 9.64 1.59
N PHE J 43 47.12 9.78 2.27
CA PHE J 43 46.94 9.25 3.62
C PHE J 43 47.20 7.75 3.69
N ASP J 44 46.54 7.00 2.80
CA ASP J 44 46.51 5.55 2.90
C ASP J 44 47.86 4.93 2.53
N GLU J 45 48.60 5.55 1.61
CA GLU J 45 49.91 5.03 1.23
C GLU J 45 50.91 5.14 2.38
N ILE J 46 50.90 6.29 3.06
CA ILE J 46 51.77 6.49 4.22
C ILE J 46 51.39 5.54 5.35
N CYS J 47 50.08 5.41 5.62
CA CYS J 47 49.63 4.49 6.67
C CYS J 47 49.95 3.04 6.35
N SER J 48 49.83 2.65 5.08
CA SER J 48 50.11 1.28 4.68
C SER J 48 51.61 0.98 4.80
N ILE J 49 52.46 1.92 4.38
CA ILE J 49 53.89 1.65 4.44
C ILE J 49 54.38 1.64 5.89
N VAL J 50 53.81 2.47 6.77
CA VAL J 50 54.25 2.41 8.17
C VAL J 50 53.66 1.21 8.87
N LEU J 51 52.50 0.72 8.42
CA LEU J 51 51.91 -0.49 8.99
C LEU J 51 52.75 -1.72 8.63
N GLU J 52 53.08 -1.89 7.35
CA GLU J 52 53.87 -3.05 6.97
C GLU J 52 55.33 -2.93 7.36
N GLN J 53 55.85 -1.73 7.63
CA GLN J 53 57.21 -1.66 8.16
C GLN J 53 57.23 -1.74 9.69
N TYR J 54 56.07 -1.59 10.35
CA TYR J 54 56.01 -1.94 11.76
C TYR J 54 55.77 -3.43 11.97
N GLN J 55 55.08 -4.09 11.04
CA GLN J 55 54.82 -5.53 11.15
C GLN J 55 56.12 -6.32 11.09
N ALA J 56 56.81 -6.27 9.96
CA ALA J 56 58.17 -6.80 9.87
C ALA J 56 59.11 -5.76 10.45
N LYS J 57 59.84 -6.12 11.51
CA LYS J 57 60.47 -5.15 12.39
C LYS J 57 61.61 -4.38 11.72
N GLN J 58 61.29 -3.16 11.27
CA GLN J 58 62.26 -2.20 10.79
C GLN J 58 62.35 -0.98 11.68
N ILE J 59 61.34 -0.73 12.50
CA ILE J 59 61.30 0.36 13.47
C ILE J 59 60.88 -0.21 14.82
N SER J 60 60.69 0.68 15.79
CA SER J 60 60.29 0.31 17.13
C SER J 60 58.78 0.51 17.30
N ASN J 61 58.30 0.29 18.52
CA ASN J 61 56.92 0.62 18.87
C ASN J 61 56.79 2.07 19.30
N LYS J 62 57.84 2.63 19.92
CA LYS J 62 57.83 4.02 20.35
C LYS J 62 57.74 4.97 19.16
N GLN J 63 58.63 4.77 18.17
CA GLN J 63 58.68 5.64 17.01
C GLN J 63 57.44 5.50 16.14
N ALA J 64 56.92 4.27 16.00
CA ALA J 64 55.69 4.06 15.25
C ALA J 64 54.50 4.68 15.95
N SER J 65 54.48 4.59 17.29
CA SER J 65 53.44 5.26 18.07
C SER J 65 53.50 6.77 17.90
N GLU J 66 54.70 7.34 17.88
CA GLU J 66 54.82 8.79 17.73
C GLU J 66 54.44 9.26 16.32
N ILE J 67 54.78 8.50 15.28
CA ILE J 67 54.41 8.96 13.94
C ILE J 67 52.91 8.83 13.71
N PHE J 68 52.28 7.76 14.25
CA PHE J 68 50.83 7.70 14.13
C PHE J 68 50.15 8.72 15.04
N GLU J 69 50.79 9.12 16.14
CA GLU J 69 50.25 10.21 16.95
C GLU J 69 50.33 11.55 16.23
N THR J 70 51.43 11.82 15.53
CA THR J 70 51.54 13.06 14.76
C THR J 70 50.57 13.06 13.58
N LEU J 71 50.30 11.88 13.01
CA LEU J 71 49.24 11.77 12.01
C LEU J 71 47.88 12.08 12.63
N ALA J 72 47.65 11.65 13.87
CA ALA J 72 46.40 11.94 14.56
C ALA J 72 46.26 13.43 14.86
N LYS J 73 47.38 14.11 15.16
CA LYS J 73 47.31 15.57 15.27
C LYS J 73 47.16 16.25 13.91
N ALA J 74 47.54 15.56 12.83
CA ALA J 74 47.49 16.19 11.51
C ALA J 74 46.05 16.33 11.00
N ASN J 75 45.36 15.22 10.78
CA ASN J 75 44.06 15.24 10.14
C ASN J 75 42.94 15.45 11.16
N LYS J 76 41.92 16.19 10.75
CA LYS J 76 40.74 16.46 11.56
C LYS J 76 39.43 16.06 10.90
N SER J 77 39.42 15.80 9.59
CA SER J 77 38.20 15.43 8.87
C SER J 77 38.06 13.92 8.89
N PHE J 78 36.98 13.42 9.48
CA PHE J 78 36.71 12.00 9.60
C PHE J 78 35.68 11.56 8.58
N LYS J 79 35.74 10.29 8.22
CA LYS J 79 34.71 9.71 7.39
C LYS J 79 33.45 9.47 8.21
N ILE J 80 32.31 9.53 7.53
CA ILE J 80 31.03 9.39 8.21
C ILE J 80 30.79 7.93 8.57
N GLU J 81 30.32 7.69 9.80
CA GLU J 81 30.31 6.35 10.36
C GLU J 81 29.15 5.51 9.83
N LYS J 82 28.06 6.15 9.41
CA LYS J 82 26.88 5.59 8.74
C LYS J 82 26.01 4.72 9.64
N PHE J 83 26.49 4.36 10.83
CA PHE J 83 25.71 3.52 11.74
C PHE J 83 26.25 3.78 13.14
N ARG J 84 25.54 4.61 13.89
CA ARG J 84 25.93 4.97 15.25
C ARG J 84 24.89 4.44 16.21
N CYS J 85 25.33 3.74 17.25
CA CYS J 85 24.42 3.10 18.18
C CYS J 85 24.47 3.79 19.55
N SER J 86 23.33 3.84 20.21
CA SER J 86 23.23 4.27 21.60
C SER J 86 23.18 3.02 22.47
N HIS J 87 24.16 2.90 23.36
CA HIS J 87 24.43 1.64 24.04
C HIS J 87 23.50 1.44 25.23
N GLY J 88 23.40 2.43 26.10
CA GLY J 88 22.51 2.31 27.24
C GLY J 88 21.05 2.36 26.83
N TYR J 89 20.71 3.27 25.92
CA TYR J 89 19.34 3.45 25.48
C TYR J 89 18.92 2.45 24.42
N ASN J 90 19.86 1.64 23.93
CA ASN J 90 19.64 0.48 23.07
C ASN J 90 18.94 0.87 21.76
N GLU J 91 19.65 1.66 20.95
CA GLU J 91 19.12 2.08 19.67
C GLU J 91 20.24 2.08 18.63
N ILE J 92 19.85 2.08 17.36
CA ILE J 92 20.81 2.09 16.25
C ILE J 92 20.31 3.08 15.21
N TYR J 93 21.14 4.06 14.89
CA TYR J 93 20.83 5.15 13.99
C TYR J 93 21.65 5.01 12.72
N LYS J 94 21.03 5.34 11.59
CA LYS J 94 21.68 5.28 10.29
C LYS J 94 21.77 6.69 9.73
N TYR J 95 22.93 7.05 9.20
CA TYR J 95 23.16 8.41 8.72
C TYR J 95 22.32 8.71 7.50
N SER J 96 21.71 9.89 7.48
CA SER J 96 20.95 10.37 6.34
C SER J 96 21.61 11.64 5.83
N PRO J 97 22.23 11.62 4.65
CA PRO J 97 22.97 12.82 4.18
C PRO J 97 22.07 13.97 3.78
N ASP J 98 20.78 13.75 3.54
CA ASP J 98 19.90 14.86 3.21
C ASP J 98 19.57 15.72 4.42
N HIS J 99 19.57 15.14 5.62
CA HIS J 99 19.45 15.92 6.84
C HIS J 99 20.80 16.23 7.48
N GLU J 100 21.88 15.60 6.99
CA GLU J 100 23.22 15.63 7.58
C GLU J 100 23.22 15.21 9.05
N ALA J 101 22.36 14.27 9.40
CA ALA J 101 22.17 13.85 10.78
C ALA J 101 21.73 12.40 10.80
N TYR J 102 21.87 11.78 11.96
CA TYR J 102 21.52 10.37 12.12
C TYR J 102 20.04 10.24 12.44
N LEU J 103 19.30 9.54 11.58
CA LEU J 103 17.90 9.23 11.85
C LEU J 103 17.79 7.84 12.46
N PHE J 104 16.65 7.58 13.10
CA PHE J 104 16.45 6.31 13.77
C PHE J 104 16.28 5.18 12.76
N TYR J 105 17.02 4.09 12.95
CA TYR J 105 16.97 2.96 12.05
C TYR J 105 16.34 1.72 12.69
N CYS J 106 16.91 1.22 13.79
CA CYS J 106 16.34 0.03 14.39
C CYS J 106 16.74 -0.09 15.85
N LYS J 107 15.88 -0.71 16.64
CA LYS J 107 16.22 -1.03 18.02
C LYS J 107 17.16 -2.24 18.03
N GLY J 108 18.36 -2.06 18.54
CA GLY J 108 19.32 -3.13 18.57
C GLY J 108 20.59 -2.79 19.32
N GLY J 109 21.23 -3.80 19.90
CA GLY J 109 22.42 -3.56 20.69
C GLY J 109 23.69 -3.40 19.88
N GLN J 110 24.77 -4.00 20.37
CA GLN J 110 26.04 -3.96 19.63
C GLN J 110 26.08 -5.02 18.54
N GLY J 111 25.47 -6.18 18.77
CA GLY J 111 25.52 -7.25 17.78
C GLY J 111 24.74 -6.94 16.53
N GLN J 112 23.58 -6.28 16.69
CA GLN J 112 22.82 -5.83 15.53
C GLN J 112 23.58 -4.77 14.75
N LEU J 113 24.33 -3.92 15.46
CA LEU J 113 25.18 -2.93 14.79
C LEU J 113 26.31 -3.60 14.02
N ASN J 114 26.88 -4.66 14.58
CA ASN J 114 27.94 -5.39 13.89
C ASN J 114 27.41 -6.12 12.67
N LYS J 115 26.20 -6.68 12.76
CA LYS J 115 25.61 -7.33 11.60
C LYS J 115 25.25 -6.33 10.51
N LEU J 116 24.74 -5.15 10.89
CA LEU J 116 24.44 -4.13 9.89
C LEU J 116 25.71 -3.54 9.29
N ILE J 117 26.80 -3.51 10.06
CA ILE J 117 28.07 -3.01 9.53
C ILE J 117 28.69 -4.02 8.58
N ALA J 118 28.60 -5.31 8.91
CA ALA J 118 29.11 -6.34 8.02
C ALA J 118 28.27 -6.46 6.76
N GLU J 119 26.97 -6.20 6.85
CA GLU J 119 26.10 -6.32 5.69
C GLU J 119 26.16 -5.10 4.79
N ASN J 120 26.18 -3.89 5.37
CA ASN J 120 26.10 -2.66 4.60
C ASN J 120 27.44 -1.95 4.44
N GLY J 121 28.51 -2.51 4.96
CA GLY J 121 29.75 -1.74 4.95
C GLY J 121 29.85 -0.83 6.15
N ARG J 122 31.08 -0.53 6.55
CA ARG J 122 31.27 0.26 7.77
C ARG J 122 30.95 1.73 7.53
N PHE J 123 31.73 2.39 6.68
CA PHE J 123 31.63 3.83 6.52
C PHE J 123 30.69 4.19 5.36
N MET J 124 30.50 5.49 5.17
CA MET J 124 29.46 6.00 4.28
C MET J 124 29.71 5.69 2.82
N MET K 1 0.11 -62.88 27.46
CA MET K 1 0.63 -61.67 26.84
C MET K 1 1.67 -62.05 25.80
N LYS K 2 1.71 -61.33 24.68
CA LYS K 2 2.57 -61.70 23.56
C LYS K 2 4.03 -61.37 23.87
N LYS K 3 4.91 -61.68 22.91
CA LYS K 3 6.35 -61.60 23.09
C LYS K 3 6.96 -60.35 22.49
N ILE K 4 6.50 -59.94 21.30
CA ILE K 4 6.98 -58.72 20.68
C ILE K 4 6.42 -57.50 21.40
N GLU K 5 5.31 -57.68 22.13
CA GLU K 5 4.79 -56.63 22.99
C GLU K 5 5.80 -56.28 24.08
N MET K 6 6.46 -57.29 24.65
CA MET K 6 7.50 -57.04 25.65
C MET K 6 8.69 -56.32 25.04
N ILE K 7 9.02 -56.64 23.79
CA ILE K 7 10.13 -55.97 23.10
C ILE K 7 9.79 -54.51 22.84
N GLU K 8 8.53 -54.23 22.47
CA GLU K 8 8.15 -52.83 22.23
C GLU K 8 8.03 -52.05 23.53
N ILE K 9 7.64 -52.72 24.63
CA ILE K 9 7.63 -52.06 25.93
C ILE K 9 9.06 -51.76 26.38
N SER K 10 10.00 -52.64 26.05
CA SER K 10 11.41 -52.37 26.27
C SER K 10 11.90 -51.20 25.43
N GLN K 11 11.39 -51.09 24.20
CA GLN K 11 11.94 -50.14 23.24
C GLN K 11 11.36 -48.73 23.40
N ASN K 12 10.11 -48.60 23.84
CA ASN K 12 9.43 -47.31 23.70
C ASN K 12 9.55 -46.40 24.92
N ARG K 13 9.63 -46.96 26.12
CA ARG K 13 9.55 -46.15 27.33
C ARG K 13 10.87 -45.42 27.58
N GLN K 14 10.80 -44.37 28.39
CA GLN K 14 11.97 -43.57 28.70
C GLN K 14 12.91 -44.31 29.65
N ASN K 15 14.20 -44.00 29.52
CA ASN K 15 15.23 -44.61 30.36
C ASN K 15 15.24 -43.88 31.70
N LEU K 16 14.79 -44.56 32.75
CA LEU K 16 14.70 -43.97 34.08
C LEU K 16 15.58 -44.73 35.05
N THR K 17 16.02 -44.02 36.09
CA THR K 17 16.79 -44.61 37.18
C THR K 17 16.04 -44.39 38.49
N ALA K 18 16.15 -45.36 39.40
CA ALA K 18 15.52 -45.35 40.73
C ALA K 18 14.00 -45.22 40.64
N PHE K 19 13.41 -45.89 39.64
CA PHE K 19 11.96 -45.92 39.47
C PHE K 19 11.31 -47.12 40.13
N LEU K 20 12.10 -48.12 40.53
CA LEU K 20 11.56 -49.37 41.07
C LEU K 20 11.35 -49.19 42.57
N HIS K 21 10.10 -49.24 43.01
CA HIS K 21 9.79 -49.18 44.43
C HIS K 21 10.13 -50.52 45.08
N ILE K 22 10.08 -50.54 46.42
CA ILE K 22 10.64 -51.63 47.22
C ILE K 22 9.90 -52.94 46.98
N SER K 23 8.59 -52.87 46.76
CA SER K 23 7.81 -54.08 46.51
C SER K 23 8.17 -54.71 45.17
N GLU K 24 8.47 -53.88 44.17
CA GLU K 24 8.79 -54.39 42.84
C GLU K 24 10.14 -55.12 42.84
N ILE K 25 11.17 -54.52 43.43
CA ILE K 25 12.47 -55.20 43.48
C ILE K 25 12.44 -56.37 44.44
N LYS K 26 11.63 -56.26 45.50
CA LYS K 26 11.45 -57.36 46.45
C LYS K 26 10.83 -58.58 45.77
N ALA K 27 9.86 -58.36 44.89
CA ALA K 27 9.34 -59.46 44.09
C ALA K 27 10.34 -59.89 43.01
N ILE K 28 11.10 -58.94 42.47
CA ILE K 28 11.81 -59.17 41.21
C ILE K 28 13.08 -59.99 41.44
N ASN K 29 13.91 -59.59 42.43
CA ASN K 29 15.20 -60.25 42.61
C ASN K 29 15.05 -61.71 43.04
N ALA K 30 13.98 -62.02 43.77
CA ALA K 30 13.66 -63.41 44.02
C ALA K 30 12.90 -64.03 42.85
N LYS K 31 12.24 -63.22 42.02
CA LYS K 31 11.43 -63.73 40.93
C LYS K 31 12.30 -64.08 39.71
N LEU K 32 13.22 -63.20 39.34
CA LEU K 32 14.09 -63.46 38.20
C LEU K 32 15.18 -64.47 38.58
N ALA K 33 16.11 -64.67 37.65
CA ALA K 33 17.18 -65.64 37.84
C ALA K 33 18.19 -65.15 38.86
N ASP K 34 19.14 -66.03 39.16
CA ASP K 34 20.18 -65.73 40.14
C ASP K 34 21.36 -64.96 39.56
N GLY K 35 21.29 -64.59 38.29
CA GLY K 35 22.39 -63.92 37.62
C GLY K 35 22.67 -62.50 38.08
N VAL K 36 21.75 -61.58 37.79
CA VAL K 36 21.98 -60.16 38.01
C VAL K 36 21.00 -59.64 39.05
N ASP K 37 21.50 -58.78 39.93
CA ASP K 37 20.68 -57.99 40.85
C ASP K 37 20.54 -56.59 40.29
N VAL K 38 19.29 -56.11 40.21
CA VAL K 38 18.98 -54.87 39.52
C VAL K 38 18.68 -53.80 40.57
N ASP K 39 19.73 -53.09 40.99
CA ASP K 39 19.63 -51.97 41.92
C ASP K 39 20.21 -50.75 41.24
N LYS K 40 19.39 -49.70 41.11
CA LYS K 40 19.74 -48.44 40.43
C LYS K 40 20.17 -48.67 38.98
N LYS K 41 19.43 -49.52 38.28
CA LYS K 41 19.70 -49.82 36.88
C LYS K 41 18.70 -49.11 35.97
N SER K 42 19.15 -48.79 34.76
CA SER K 42 18.29 -48.17 33.78
C SER K 42 17.29 -49.17 33.21
N PHE K 43 16.16 -48.64 32.72
CA PHE K 43 15.07 -49.46 32.18
C PHE K 43 15.53 -50.32 31.01
N ASP K 44 16.40 -49.77 30.16
CA ASP K 44 16.87 -50.50 28.99
C ASP K 44 17.74 -51.68 29.38
N GLU K 45 18.57 -51.52 30.41
CA GLU K 45 19.45 -52.60 30.84
C GLU K 45 18.67 -53.75 31.47
N ILE K 46 17.71 -53.41 32.34
CA ILE K 46 16.86 -54.42 32.98
C ILE K 46 16.05 -55.16 31.92
N CYS K 47 15.42 -54.40 31.01
CA CYS K 47 14.58 -55.01 29.98
C CYS K 47 15.40 -55.85 29.01
N SER K 48 16.65 -55.44 28.73
CA SER K 48 17.50 -56.20 27.83
C SER K 48 17.97 -57.52 28.46
N ILE K 49 18.35 -57.49 29.74
CA ILE K 49 18.78 -58.74 30.37
C ILE K 49 17.60 -59.68 30.62
N VAL K 50 16.40 -59.14 30.85
CA VAL K 50 15.23 -60.00 31.03
C VAL K 50 14.78 -60.59 29.69
N LEU K 51 14.87 -59.80 28.61
CA LEU K 51 14.56 -60.33 27.29
C LEU K 51 15.62 -61.32 26.80
N GLU K 52 16.87 -61.18 27.27
CA GLU K 52 17.89 -62.15 26.93
C GLU K 52 17.70 -63.46 27.69
N GLN K 53 17.35 -63.37 28.98
CA GLN K 53 17.01 -64.57 29.73
C GLN K 53 15.71 -65.21 29.26
N TYR K 54 14.85 -64.46 28.59
CA TYR K 54 13.71 -65.05 27.90
C TYR K 54 14.11 -65.68 26.58
N GLN K 55 15.12 -65.14 25.90
CA GLN K 55 15.57 -65.72 24.64
C GLN K 55 16.33 -67.02 24.85
N ALA K 56 17.44 -66.95 25.58
CA ALA K 56 18.14 -68.16 26.03
C ALA K 56 17.30 -68.79 27.12
N LYS K 57 16.57 -69.85 26.77
CA LYS K 57 15.42 -70.32 27.54
C LYS K 57 15.86 -70.93 28.87
N GLN K 58 15.74 -70.15 29.92
CA GLN K 58 15.97 -70.53 31.31
C GLN K 58 14.76 -70.26 32.19
N ILE K 59 14.08 -69.13 31.99
CA ILE K 59 12.91 -68.76 32.77
C ILE K 59 11.68 -68.95 31.88
N SER K 60 10.54 -69.19 32.51
CA SER K 60 9.31 -69.51 31.79
C SER K 60 8.69 -68.26 31.16
N ASN K 61 7.47 -68.44 30.63
CA ASN K 61 6.76 -67.39 29.91
C ASN K 61 5.83 -66.58 30.81
N LYS K 62 5.16 -67.23 31.77
CA LYS K 62 4.24 -66.52 32.65
C LYS K 62 4.97 -65.59 33.60
N GLN K 63 6.16 -66.00 34.04
CA GLN K 63 7.00 -65.14 34.88
C GLN K 63 7.44 -63.91 34.10
N ALA K 64 7.83 -64.09 32.84
CA ALA K 64 8.23 -62.96 32.01
C ALA K 64 7.06 -62.04 31.71
N SER K 65 5.86 -62.62 31.56
CA SER K 65 4.65 -61.82 31.37
C SER K 65 4.36 -60.96 32.59
N GLU K 66 4.46 -61.54 33.79
CA GLU K 66 4.22 -60.79 35.01
C GLU K 66 5.27 -59.70 35.23
N ILE K 67 6.55 -60.01 34.99
CA ILE K 67 7.59 -59.01 35.25
C ILE K 67 7.62 -57.93 34.17
N PHE K 68 7.28 -58.25 32.92
CA PHE K 68 7.19 -57.22 31.90
C PHE K 68 5.95 -56.34 32.09
N GLU K 69 4.84 -56.93 32.56
CA GLU K 69 3.68 -56.10 32.92
C GLU K 69 3.98 -55.25 34.14
N THR K 70 4.85 -55.74 35.04
CA THR K 70 5.26 -54.95 36.21
C THR K 70 6.15 -53.79 35.79
N LEU K 71 7.06 -54.03 34.85
CA LEU K 71 7.85 -52.94 34.26
C LEU K 71 6.99 -51.99 33.43
N ALA K 72 5.84 -52.46 32.94
CA ALA K 72 4.91 -51.58 32.24
C ALA K 72 4.16 -50.68 33.21
N LYS K 73 3.63 -51.23 34.31
CA LYS K 73 2.84 -50.41 35.23
C LYS K 73 3.73 -49.53 36.11
N ALA K 74 5.00 -49.88 36.29
CA ALA K 74 5.88 -49.06 37.11
C ALA K 74 6.35 -47.81 36.40
N ASN K 75 6.25 -47.77 35.07
CA ASN K 75 6.70 -46.63 34.28
C ASN K 75 5.49 -45.94 33.67
N LYS K 76 5.44 -44.61 33.82
CA LYS K 76 4.39 -43.79 33.25
C LYS K 76 4.93 -42.82 32.20
N SER K 77 6.25 -42.81 31.99
CA SER K 77 6.88 -41.85 31.09
C SER K 77 7.18 -42.52 29.75
N PHE K 78 6.69 -41.91 28.67
CA PHE K 78 6.78 -42.48 27.34
C PHE K 78 7.61 -41.56 26.46
N LYS K 79 8.33 -42.15 25.50
CA LYS K 79 8.99 -41.34 24.51
C LYS K 79 8.00 -40.93 23.42
N ILE K 80 8.30 -39.83 22.76
CA ILE K 80 7.42 -39.26 21.75
C ILE K 80 7.72 -39.91 20.41
N GLU K 81 6.66 -40.22 19.66
CA GLU K 81 6.76 -41.10 18.51
C GLU K 81 7.12 -40.39 17.21
N LYS K 82 7.12 -39.06 17.20
CA LYS K 82 7.51 -38.17 16.09
C LYS K 82 6.59 -38.24 14.87
N PHE K 83 5.65 -39.18 14.84
CA PHE K 83 4.86 -39.44 13.65
C PHE K 83 3.60 -40.16 14.08
N ARG K 84 2.46 -39.53 13.92
CA ARG K 84 1.19 -40.11 14.32
C ARG K 84 0.25 -40.02 13.13
N CYS K 85 -0.28 -41.14 12.69
CA CYS K 85 -1.14 -41.16 11.52
C CYS K 85 -2.60 -41.23 11.94
N SER K 86 -3.44 -40.51 11.21
CA SER K 86 -4.88 -40.64 11.32
C SER K 86 -5.32 -41.65 10.28
N HIS K 87 -5.92 -42.75 10.75
CA HIS K 87 -6.04 -43.96 9.95
C HIS K 87 -7.16 -43.86 8.93
N GLY K 88 -8.39 -43.66 9.40
CA GLY K 88 -9.51 -43.55 8.47
C GLY K 88 -9.46 -42.30 7.63
N TYR K 89 -8.86 -41.24 8.16
CA TYR K 89 -8.76 -39.95 7.49
C TYR K 89 -7.55 -39.89 6.58
N ASN K 90 -6.66 -40.87 6.65
CA ASN K 90 -5.50 -41.06 5.77
C ASN K 90 -4.57 -39.84 5.80
N GLU K 91 -4.05 -39.56 6.99
CA GLU K 91 -3.16 -38.42 7.16
C GLU K 91 -2.01 -38.82 8.07
N ILE K 92 -0.97 -38.00 8.07
CA ILE K 92 0.21 -38.24 8.90
C ILE K 92 0.62 -36.89 9.47
N TYR K 93 0.60 -36.79 10.79
CA TYR K 93 1.02 -35.62 11.54
C TYR K 93 2.40 -35.89 12.14
N LYS K 94 3.19 -34.83 12.29
CA LYS K 94 4.55 -34.94 12.79
C LYS K 94 4.71 -34.04 14.00
N TYR K 95 5.32 -34.59 15.06
CA TYR K 95 5.48 -33.86 16.30
C TYR K 95 6.42 -32.67 16.14
N SER K 96 6.00 -31.52 16.64
CA SER K 96 6.83 -30.33 16.68
C SER K 96 6.93 -29.90 18.14
N PRO K 97 8.12 -29.91 18.73
CA PRO K 97 8.20 -29.73 20.19
C PRO K 97 7.90 -28.32 20.67
N ASP K 98 8.17 -27.30 19.86
CA ASP K 98 7.90 -25.93 20.30
C ASP K 98 6.41 -25.63 20.37
N HIS K 99 5.60 -26.35 19.60
CA HIS K 99 4.15 -26.24 19.73
C HIS K 99 3.58 -27.23 20.74
N GLU K 100 4.37 -28.24 21.13
CA GLU K 100 3.94 -29.38 21.96
C GLU K 100 2.73 -30.08 21.34
N ALA K 101 2.75 -30.25 20.02
CA ALA K 101 1.58 -30.73 19.30
C ALA K 101 2.04 -31.37 18.00
N TYR K 102 1.15 -32.12 17.39
CA TYR K 102 1.45 -32.83 16.15
C TYR K 102 0.97 -32.02 14.96
N LEU K 103 1.87 -31.29 14.32
CA LEU K 103 1.50 -30.53 13.14
C LEU K 103 1.39 -31.46 11.95
N PHE K 104 0.61 -31.03 10.95
CA PHE K 104 0.36 -31.85 9.76
C PHE K 104 1.63 -32.04 8.95
N TYR K 105 1.83 -33.25 8.44
CA TYR K 105 3.01 -33.53 7.62
C TYR K 105 2.68 -33.96 6.21
N CYS K 106 1.90 -35.03 6.02
CA CYS K 106 1.67 -35.52 4.66
C CYS K 106 0.46 -36.45 4.62
N LYS K 107 -0.18 -36.49 3.47
CA LYS K 107 -1.22 -37.50 3.24
C LYS K 107 -0.57 -38.85 3.00
N GLY K 108 -1.00 -39.86 3.77
CA GLY K 108 -0.42 -41.17 3.63
C GLY K 108 -0.93 -42.16 4.65
N GLY K 109 -1.03 -43.44 4.26
CA GLY K 109 -1.54 -44.46 5.14
C GLY K 109 -0.50 -45.01 6.09
N GLN K 110 -0.44 -46.34 6.20
CA GLN K 110 0.52 -46.99 7.08
C GLN K 110 1.85 -47.25 6.38
N GLY K 111 1.84 -47.48 5.07
CA GLY K 111 3.08 -47.71 4.35
C GLY K 111 3.94 -46.46 4.25
N GLN K 112 3.31 -45.30 4.01
CA GLN K 112 4.04 -44.04 4.03
C GLN K 112 4.54 -43.71 5.43
N LEU K 113 3.78 -44.10 6.46
CA LEU K 113 4.22 -43.91 7.83
C LEU K 113 5.44 -44.77 8.15
N ASN K 114 5.45 -46.01 7.69
CA ASN K 114 6.61 -46.87 7.90
C ASN K 114 7.81 -46.41 7.09
N LYS K 115 7.57 -45.83 5.91
CA LYS K 115 8.67 -45.25 5.14
C LYS K 115 9.31 -44.08 5.86
N LEU K 116 8.48 -43.16 6.37
CA LEU K 116 8.98 -42.02 7.14
C LEU K 116 9.64 -42.46 8.44
N ILE K 117 9.17 -43.55 9.03
CA ILE K 117 9.75 -44.06 10.27
C ILE K 117 11.12 -44.67 9.99
N ALA K 118 11.24 -45.39 8.87
CA ALA K 118 12.54 -45.95 8.49
C ALA K 118 13.52 -44.86 8.11
N GLU K 119 13.03 -43.75 7.55
CA GLU K 119 13.94 -42.66 7.18
C GLU K 119 14.37 -41.87 8.41
N ASN K 120 13.42 -41.26 9.11
CA ASN K 120 13.72 -40.29 10.17
C ASN K 120 13.88 -40.91 11.55
N GLY K 121 13.64 -42.20 11.70
CA GLY K 121 13.66 -42.74 13.05
C GLY K 121 12.29 -42.74 13.68
N ARG K 122 12.04 -43.76 14.50
CA ARG K 122 10.73 -43.99 15.07
C ARG K 122 10.43 -43.12 16.28
N PHE K 123 11.43 -42.48 16.88
CA PHE K 123 11.20 -41.69 18.08
C PHE K 123 11.91 -40.35 17.98
N MET K 124 11.55 -39.47 18.90
CA MET K 124 12.02 -38.09 18.88
C MET K 124 13.50 -37.97 19.22
#